data_6PFE
#
_entry.id   6PFE
#
_cell.length_a   212.859
_cell.length_b   115.641
_cell.length_c   219.899
_cell.angle_alpha   90.00
_cell.angle_beta   95.00
_cell.angle_gamma   90.00
#
_symmetry.space_group_name_H-M   'C 1 2 1'
#
loop_
_entity.id
_entity.type
_entity.pdbx_description
1 polymer 'Bifunctional dihydrofolate reductase-thymidylate synthase'
2 non-polymer 'NADPH DIHYDRO-NICOTINAMIDE-ADENINE-DINUCLEOTIDE PHOSPHATE'
3 non-polymer "5-FLUORO-2'-DEOXYURIDINE-5'-MONOPHOSPHATE"
4 non-polymer '2-({4-[(2-amino-4-oxo-4,7-dihydro-3H-pyrrolo[2,3-d]pyrimidin-5-yl)methyl]benzene-1-carbonyl}amino)-4-methoxybenzoic acid'
5 non-polymer METHOTREXATE
6 water water
#
_entity_poly.entity_id   1
_entity_poly.type   'polypeptide(L)'
_entity_poly.pdbx_seq_one_letter_code
;MSEKNVSIVVAASVLSSGIGINGQLPWSISEDLKFFSKITNNKCDSNKKNALIMGRKTWDSIGRRPLKNRIIVVISSSLP
QDEADPNVVVFRNLEDSIENLMNDDSIENIFVCGGESIYRDALKDNFVDRIYLTRVALEDIEFDTYFPEIPETFLPVYMS
QTFCTKNISYDFMIFEKQEKKTLQNCDPARGQLKSIDDTVDLLGEIFGIRKMGNRHKFPKEEIYNTPSIRFGREHYEFQY
LDLLSRVLENGAYRENRTGISTYSIFGQMMRFDMRESFPLLTTKKVAIRSIFEELIWFIKGDTNGNHLIEKKVYIWSGNG
SKEYLERIGLGHREENDLGPIYGFQWRHYNGEYKTMHDDYTGVGVDQLAKLIETLKNNPKDRRHILTAWNPSALSQMALP
PCHVLSQYYVTNDNCLSCNLYQRSCDLGLGSPFNIASYAILTMMLAQVCGYEPGELAIFIGDAHIYENHLTQLKEQLSRT
PRPFPQLKFKRKVENIEDFKWEDIELIGYYPYPTIKMDMAV
;
_entity_poly.pdbx_strand_id   A,B,C,D,E
#
loop_
_chem_comp.id
_chem_comp.type
_chem_comp.name
_chem_comp.formula
MTX non-polymer METHOTREXATE 'C20 H22 N8 O5'
NDP non-polymer 'NADPH DIHYDRO-NICOTINAMIDE-ADENINE-DINUCLEOTIDE PHOSPHATE' 'C21 H30 N7 O17 P3'
OEA non-polymer '2-({4-[(2-amino-4-oxo-4,7-dihydro-3H-pyrrolo[2,3-d]pyrimidin-5-yl)methyl]benzene-1-carbonyl}amino)-4-methoxybenzoic acid' 'C22 H19 N5 O5'
UFP DNA linking 5-FLUORO-2'-DEOXYURIDINE-5'-MONOPHOSPHATE 'C9 H12 F N2 O8 P'
#
# COMPACT_ATOMS: atom_id res chain seq x y z
N GLU A 3 26.60 -19.32 -22.04
CA GLU A 3 25.80 -18.57 -23.01
C GLU A 3 24.70 -17.83 -22.27
N LYS A 4 24.47 -16.57 -22.62
CA LYS A 4 23.42 -15.78 -21.99
C LYS A 4 22.70 -14.96 -23.06
N ASN A 5 21.63 -14.30 -22.64
CA ASN A 5 20.75 -13.60 -23.57
C ASN A 5 21.25 -12.18 -23.81
N VAL A 6 21.17 -11.74 -25.06
CA VAL A 6 21.60 -10.41 -25.47
C VAL A 6 20.45 -9.77 -26.24
N SER A 7 19.81 -8.79 -25.63
CA SER A 7 18.66 -8.13 -26.22
C SER A 7 18.99 -6.68 -26.54
N ILE A 8 18.31 -6.15 -27.55
CA ILE A 8 18.44 -4.75 -27.93
C ILE A 8 17.22 -4.01 -27.42
N VAL A 9 17.45 -2.90 -26.73
CA VAL A 9 16.40 -1.96 -26.36
C VAL A 9 16.61 -0.69 -27.17
N VAL A 10 15.57 -0.24 -27.87
CA VAL A 10 15.67 0.92 -28.73
C VAL A 10 14.30 1.55 -28.87
N ALA A 11 14.29 2.89 -28.97
CA ALA A 11 13.10 3.66 -29.30
C ALA A 11 13.39 4.40 -30.60
N ALA A 12 12.74 3.98 -31.69
CA ALA A 12 12.97 4.53 -33.00
C ALA A 12 11.67 5.06 -33.59
N SER A 13 11.81 5.92 -34.59
CA SER A 13 10.65 6.46 -35.30
C SER A 13 9.93 5.35 -36.06
N VAL A 14 8.66 5.61 -36.39
CA VAL A 14 7.79 4.56 -36.92
C VAL A 14 8.12 4.23 -38.39
N LEU A 15 8.50 5.23 -39.19
CA LEU A 15 8.79 5.02 -40.61
C LEU A 15 10.29 4.98 -40.88
N SER A 16 10.98 6.09 -40.65
CA SER A 16 12.40 6.18 -40.95
C SER A 16 13.29 5.63 -39.84
N SER A 17 12.71 5.25 -38.70
CA SER A 17 13.45 4.61 -37.61
C SER A 17 14.55 5.53 -37.08
N GLY A 18 14.19 6.79 -36.82
CA GLY A 18 15.12 7.75 -36.25
C GLY A 18 15.15 7.63 -34.74
N ILE A 19 16.35 7.70 -34.17
CA ILE A 19 16.54 7.53 -32.74
C ILE A 19 17.16 8.72 -32.04
N GLY A 20 17.74 9.67 -32.78
CA GLY A 20 18.41 10.78 -32.12
C GLY A 20 18.62 11.96 -33.03
N ILE A 21 18.99 13.08 -32.42
CA ILE A 21 19.26 14.32 -33.14
C ILE A 21 20.17 15.21 -32.28
N ASN A 22 21.31 15.59 -32.84
CA ASN A 22 22.26 16.49 -32.18
C ASN A 22 22.65 16.00 -30.79
N GLY A 23 22.85 14.69 -30.68
CA GLY A 23 23.31 14.10 -29.43
C GLY A 23 22.24 13.93 -28.38
N GLN A 24 20.97 14.04 -28.72
CA GLN A 24 19.89 13.83 -27.78
C GLN A 24 18.73 13.14 -28.50
N LEU A 25 17.63 12.92 -27.78
CA LEU A 25 16.49 12.24 -28.38
C LEU A 25 15.61 13.22 -29.16
N PRO A 26 14.90 12.72 -30.18
CA PRO A 26 13.93 13.57 -30.90
C PRO A 26 12.64 13.81 -30.14
N TRP A 27 12.50 13.25 -28.94
CA TRP A 27 11.28 13.35 -28.16
C TRP A 27 11.63 13.20 -26.69
N SER A 28 10.65 13.45 -25.83
CA SER A 28 10.78 13.26 -24.39
C SER A 28 9.53 12.54 -23.91
N ILE A 29 9.60 11.21 -23.86
CA ILE A 29 8.49 10.37 -23.45
C ILE A 29 8.88 9.69 -22.13
N SER A 30 8.21 10.09 -21.05
CA SER A 30 8.58 9.60 -19.71
C SER A 30 8.34 8.10 -19.60
N GLU A 31 7.17 7.63 -20.06
CA GLU A 31 6.83 6.22 -19.90
C GLU A 31 7.79 5.30 -20.66
N ASP A 32 8.44 5.80 -21.72
CA ASP A 32 9.41 4.99 -22.45
C ASP A 32 10.68 4.77 -21.63
N LEU A 33 11.16 5.82 -20.96
CA LEU A 33 12.33 5.67 -20.11
C LEU A 33 12.06 4.71 -18.95
N LYS A 34 10.86 4.77 -18.39
CA LYS A 34 10.50 3.81 -17.35
C LYS A 34 10.51 2.38 -17.89
N PHE A 35 10.09 2.21 -19.15
CA PHE A 35 10.16 0.90 -19.79
C PHE A 35 11.60 0.45 -19.92
N PHE A 36 12.48 1.35 -20.38
CA PHE A 36 13.91 1.04 -20.43
C PHE A 36 14.41 0.63 -19.05
N SER A 37 13.94 1.32 -18.01
CA SER A 37 14.38 1.02 -16.65
C SER A 37 13.91 -0.38 -16.22
N LYS A 38 12.64 -0.69 -16.46
CA LYS A 38 12.10 -1.96 -15.98
C LYS A 38 12.60 -3.14 -16.81
N ILE A 39 12.84 -2.93 -18.11
CA ILE A 39 13.28 -4.05 -18.93
C ILE A 39 14.76 -4.36 -18.70
N THR A 40 15.57 -3.35 -18.35
CA THR A 40 17.00 -3.58 -18.12
C THR A 40 17.31 -3.97 -16.68
N ASN A 41 16.38 -3.74 -15.76
CA ASN A 41 16.52 -4.19 -14.38
C ASN A 41 15.87 -5.53 -14.12
N ASN A 42 15.08 -6.04 -15.06
CA ASN A 42 14.38 -7.30 -14.85
C ASN A 42 15.37 -8.45 -14.85
N LYS A 43 15.59 -9.04 -13.68
CA LYS A 43 16.56 -10.13 -13.55
C LYS A 43 15.99 -11.19 -12.62
N CYS A 44 16.59 -12.38 -12.70
CA CYS A 44 16.17 -13.53 -11.90
C CYS A 44 16.98 -13.70 -10.63
N ASP A 45 18.30 -13.53 -10.69
CA ASP A 45 19.18 -13.71 -9.56
C ASP A 45 19.44 -12.36 -8.89
N SER A 46 19.15 -12.26 -7.60
CA SER A 46 19.34 -11.00 -6.89
C SER A 46 20.81 -10.67 -6.67
N ASN A 47 21.69 -11.67 -6.70
CA ASN A 47 23.12 -11.46 -6.54
C ASN A 47 23.84 -11.23 -7.87
N LYS A 48 23.10 -11.00 -8.95
CA LYS A 48 23.67 -10.70 -10.24
C LYS A 48 23.11 -9.36 -10.74
N LYS A 49 23.79 -8.79 -11.73
CA LYS A 49 23.40 -7.52 -12.30
C LYS A 49 23.33 -7.65 -13.82
N ASN A 50 22.61 -6.72 -14.44
CA ASN A 50 22.51 -6.66 -15.89
C ASN A 50 23.52 -5.66 -16.44
N ALA A 51 24.02 -5.95 -17.64
CA ALA A 51 25.01 -5.13 -18.30
C ALA A 51 24.37 -4.37 -19.44
N LEU A 52 24.60 -3.06 -19.49
CA LEU A 52 24.05 -2.20 -20.53
C LEU A 52 25.21 -1.68 -21.37
N ILE A 53 25.30 -2.16 -22.62
CA ILE A 53 26.35 -1.74 -23.53
C ILE A 53 25.87 -0.51 -24.28
N MET A 54 26.74 0.50 -24.39
CA MET A 54 26.41 1.71 -25.13
C MET A 54 27.69 2.33 -25.66
N GLY A 55 27.56 3.08 -26.77
CA GLY A 55 28.69 3.78 -27.33
C GLY A 55 29.02 5.03 -26.55
N ARG A 56 30.16 5.64 -26.91
CA ARG A 56 30.66 6.79 -26.16
C ARG A 56 29.71 7.98 -26.29
N LYS A 57 29.31 8.30 -27.52
CA LYS A 57 28.44 9.45 -27.74
C LYS A 57 27.12 9.31 -27.00
N THR A 58 26.63 8.07 -26.84
CA THR A 58 25.45 7.86 -26.01
C THR A 58 25.78 8.00 -24.53
N TRP A 59 26.96 7.51 -24.13
CA TRP A 59 27.42 7.71 -22.76
C TRP A 59 27.53 9.19 -22.42
N ASP A 60 27.85 10.03 -23.41
CA ASP A 60 27.86 11.47 -23.16
C ASP A 60 26.46 12.02 -23.02
N SER A 61 25.50 11.49 -23.81
CA SER A 61 24.15 12.05 -23.82
C SER A 61 23.41 11.82 -22.52
N ILE A 62 23.81 10.83 -21.72
CA ILE A 62 23.18 10.56 -20.44
C ILE A 62 23.98 11.17 -19.28
N GLY A 63 24.89 12.10 -19.59
CA GLY A 63 25.61 12.82 -18.56
C GLY A 63 26.78 12.09 -17.95
N ARG A 64 27.16 10.93 -18.51
CA ARG A 64 28.27 10.13 -17.98
C ARG A 64 28.08 9.80 -16.51
N ARG A 65 26.85 9.46 -16.15
CA ARG A 65 26.53 9.09 -14.78
C ARG A 65 25.90 7.70 -14.74
N PRO A 66 26.21 6.90 -13.71
CA PRO A 66 25.79 5.50 -13.71
C PRO A 66 24.27 5.37 -13.58
N LEU A 67 23.81 4.16 -13.88
CA LEU A 67 22.41 3.78 -13.72
C LEU A 67 22.29 2.80 -12.57
N LYS A 68 21.31 3.02 -11.70
CA LYS A 68 21.19 2.23 -10.48
C LYS A 68 21.00 0.75 -10.79
N ASN A 69 21.64 -0.09 -9.97
CA ASN A 69 21.50 -1.55 -9.98
C ASN A 69 21.96 -2.19 -11.28
N ARG A 70 22.61 -1.45 -12.17
CA ARG A 70 23.06 -1.97 -13.45
C ARG A 70 24.51 -1.57 -13.69
N ILE A 71 25.11 -2.17 -14.71
CA ILE A 71 26.49 -1.92 -15.07
C ILE A 71 26.54 -1.41 -16.51
N ILE A 72 26.99 -0.18 -16.68
CA ILE A 72 27.12 0.40 -18.02
C ILE A 72 28.45 -0.04 -18.61
N VAL A 73 28.41 -0.52 -19.85
CA VAL A 73 29.60 -0.89 -20.61
C VAL A 73 29.71 0.10 -21.76
N VAL A 74 30.77 0.89 -21.76
CA VAL A 74 31.00 1.92 -22.78
C VAL A 74 31.97 1.37 -23.81
N ILE A 75 31.61 1.53 -25.09
CA ILE A 75 32.47 1.16 -26.20
C ILE A 75 33.12 2.44 -26.70
N SER A 76 34.43 2.57 -26.47
CA SER A 76 35.15 3.77 -26.86
C SER A 76 36.59 3.41 -27.17
N SER A 77 37.15 4.06 -28.18
CA SER A 77 38.55 3.89 -28.53
C SER A 77 39.47 4.84 -27.78
N SER A 78 38.92 5.86 -27.11
CA SER A 78 39.72 6.88 -26.45
C SER A 78 39.51 6.95 -24.95
N LEU A 79 38.37 6.52 -24.43
CA LEU A 79 38.12 6.65 -23.00
C LEU A 79 39.11 5.77 -22.23
N PRO A 80 39.71 6.29 -21.15
CA PRO A 80 40.62 5.46 -20.36
C PRO A 80 39.85 4.39 -19.59
N GLN A 81 40.45 3.20 -19.53
CA GLN A 81 39.85 2.06 -18.84
C GLN A 81 40.14 2.17 -17.34
N ASP A 82 39.50 3.17 -16.73
CA ASP A 82 39.65 3.44 -15.30
C ASP A 82 38.87 2.40 -14.50
N GLU A 83 39.51 1.93 -13.43
CA GLU A 83 38.96 0.96 -12.50
C GLU A 83 38.34 1.61 -11.27
N ALA A 84 38.32 2.94 -11.20
CA ALA A 84 37.78 3.60 -10.02
C ALA A 84 36.27 3.43 -9.92
N ASP A 85 35.57 3.39 -11.05
CA ASP A 85 34.13 3.21 -11.04
C ASP A 85 33.83 1.75 -11.37
N PRO A 86 33.31 0.97 -10.42
CA PRO A 86 32.97 -0.43 -10.71
C PRO A 86 31.68 -0.57 -11.51
N ASN A 87 30.84 0.46 -11.56
CA ASN A 87 29.59 0.43 -12.31
C ASN A 87 29.74 0.92 -13.74
N VAL A 88 30.96 1.24 -14.18
CA VAL A 88 31.22 1.71 -15.54
C VAL A 88 32.52 1.07 -16.02
N VAL A 89 32.45 0.33 -17.13
CA VAL A 89 33.60 -0.33 -17.71
C VAL A 89 33.71 0.04 -19.17
N VAL A 90 34.94 0.16 -19.67
CA VAL A 90 35.21 0.58 -21.04
C VAL A 90 35.89 -0.55 -21.78
N PHE A 91 35.45 -0.79 -23.01
CA PHE A 91 36.07 -1.77 -23.90
C PHE A 91 36.38 -1.12 -25.24
N ARG A 92 37.42 -1.63 -25.90
CA ARG A 92 37.92 -1.01 -27.12
C ARG A 92 37.12 -1.37 -28.36
N ASN A 93 36.36 -2.46 -28.31
CA ASN A 93 35.48 -2.82 -29.41
C ASN A 93 34.29 -3.61 -28.84
N LEU A 94 33.26 -3.75 -29.67
CA LEU A 94 32.05 -4.42 -29.22
C LEU A 94 32.27 -5.91 -28.97
N GLU A 95 33.15 -6.55 -29.74
CA GLU A 95 33.36 -7.99 -29.59
C GLU A 95 34.01 -8.33 -28.26
N ASP A 96 35.05 -7.59 -27.88
CA ASP A 96 35.72 -7.87 -26.61
C ASP A 96 34.87 -7.51 -25.41
N SER A 97 33.70 -6.91 -25.60
CA SER A 97 32.80 -6.53 -24.53
C SER A 97 31.70 -7.56 -24.33
N ILE A 98 31.66 -8.59 -25.16
CA ILE A 98 30.72 -9.70 -25.02
C ILE A 98 31.40 -10.77 -24.16
N GLU A 99 32.50 -10.37 -23.51
CA GLU A 99 33.17 -11.22 -22.55
C GLU A 99 32.29 -11.54 -21.34
N ASN A 100 31.13 -10.91 -21.20
CA ASN A 100 30.29 -11.19 -20.05
C ASN A 100 29.67 -12.58 -20.15
N LEU A 101 29.66 -13.17 -21.34
CA LEU A 101 29.07 -14.48 -21.53
C LEU A 101 29.93 -15.56 -20.87
N MET A 102 31.25 -15.50 -21.12
CA MET A 102 32.24 -16.45 -20.65
C MET A 102 32.72 -16.11 -19.25
N ASN A 103 33.64 -15.15 -19.16
CA ASN A 103 34.34 -14.84 -17.92
C ASN A 103 33.38 -14.41 -16.81
N ASP A 104 32.85 -13.19 -16.93
CA ASP A 104 32.06 -12.55 -15.87
C ASP A 104 30.71 -13.21 -15.61
N ASP A 105 30.73 -14.28 -14.78
CA ASP A 105 29.49 -14.95 -14.39
C ASP A 105 28.57 -14.06 -13.56
N SER A 106 29.09 -12.95 -13.00
CA SER A 106 28.28 -12.03 -12.20
C SER A 106 27.22 -11.30 -13.01
N ILE A 107 27.27 -11.39 -14.34
CA ILE A 107 26.29 -10.75 -15.22
C ILE A 107 25.27 -11.79 -15.64
N GLU A 108 23.98 -11.46 -15.49
CA GLU A 108 22.90 -12.38 -15.83
C GLU A 108 22.39 -12.17 -17.25
N ASN A 109 22.09 -10.93 -17.62
CA ASN A 109 21.60 -10.60 -18.95
C ASN A 109 22.41 -9.44 -19.52
N ILE A 110 22.39 -9.34 -20.84
CA ILE A 110 23.12 -8.30 -21.57
C ILE A 110 22.14 -7.52 -22.42
N PHE A 111 22.29 -6.20 -22.41
CA PHE A 111 21.43 -5.30 -23.17
C PHE A 111 22.28 -4.37 -24.00
N VAL A 112 21.97 -4.30 -25.30
CA VAL A 112 22.62 -3.37 -26.22
C VAL A 112 21.64 -2.25 -26.51
N CYS A 113 22.07 -1.00 -26.32
CA CYS A 113 21.15 0.12 -26.45
C CYS A 113 21.84 1.43 -26.77
N GLY A 114 23.00 1.37 -27.42
CA GLY A 114 23.90 2.50 -27.48
C GLY A 114 24.14 3.19 -28.80
N GLY A 115 23.07 3.57 -29.50
CA GLY A 115 23.19 4.38 -30.69
C GLY A 115 23.43 3.57 -31.95
N GLU A 116 23.40 4.27 -33.08
CA GLU A 116 23.45 3.62 -34.38
C GLU A 116 24.73 2.80 -34.56
N SER A 117 25.88 3.36 -34.19
CA SER A 117 27.14 2.67 -34.43
C SER A 117 27.21 1.35 -33.68
N ILE A 118 26.60 1.27 -32.50
CA ILE A 118 26.58 0.03 -31.74
C ILE A 118 25.44 -0.87 -32.16
N TYR A 119 24.26 -0.31 -32.49
CA TYR A 119 23.17 -1.13 -32.99
C TYR A 119 23.54 -1.82 -34.30
N ARG A 120 24.16 -1.09 -35.21
CA ARG A 120 24.37 -1.61 -36.56
C ARG A 120 25.38 -2.75 -36.58
N ASP A 121 26.52 -2.60 -35.91
CA ASP A 121 27.50 -3.67 -35.95
C ASP A 121 27.17 -4.81 -35.00
N ALA A 122 26.27 -4.58 -34.03
CA ALA A 122 25.83 -5.69 -33.18
C ALA A 122 24.89 -6.61 -33.93
N LEU A 123 24.12 -6.06 -34.89
CA LEU A 123 23.26 -6.89 -35.72
C LEU A 123 24.04 -7.52 -36.87
N LYS A 124 25.01 -6.78 -37.42
CA LYS A 124 25.81 -7.29 -38.53
C LYS A 124 26.64 -8.49 -38.10
N ASP A 125 27.08 -8.52 -36.84
CA ASP A 125 27.89 -9.61 -36.32
C ASP A 125 27.06 -10.66 -35.61
N ASN A 126 25.73 -10.56 -35.67
CA ASN A 126 24.81 -11.60 -35.17
C ASN A 126 25.03 -11.87 -33.68
N PHE A 127 25.02 -10.81 -32.89
CA PHE A 127 25.17 -10.88 -31.44
C PHE A 127 23.86 -10.78 -30.69
N VAL A 128 22.77 -10.45 -31.37
CA VAL A 128 21.52 -10.05 -30.74
C VAL A 128 20.51 -11.19 -30.81
N ASP A 129 19.86 -11.47 -29.68
CA ASP A 129 18.80 -12.47 -29.59
C ASP A 129 17.40 -11.86 -29.63
N ARG A 130 17.18 -10.76 -28.93
CA ARG A 130 15.89 -10.10 -28.89
C ARG A 130 16.05 -8.62 -29.21
N ILE A 131 14.96 -8.02 -29.66
CA ILE A 131 14.89 -6.59 -29.93
C ILE A 131 13.64 -6.06 -29.25
N TYR A 132 13.82 -5.20 -28.25
CA TYR A 132 12.72 -4.48 -27.63
C TYR A 132 12.58 -3.14 -28.33
N LEU A 133 11.54 -2.99 -29.14
CA LEU A 133 11.36 -1.82 -29.99
C LEU A 133 10.20 -0.98 -29.47
N THR A 134 10.45 0.31 -29.32
CA THR A 134 9.42 1.29 -28.97
C THR A 134 9.23 2.15 -30.22
N ARG A 135 8.15 1.89 -30.95
CA ARG A 135 7.89 2.61 -32.19
C ARG A 135 7.18 3.92 -31.88
N VAL A 136 7.86 5.04 -32.14
CA VAL A 136 7.32 6.37 -31.83
C VAL A 136 6.79 7.01 -33.11
N ALA A 137 5.58 7.54 -33.05
CA ALA A 137 4.90 8.11 -34.21
C ALA A 137 5.25 9.59 -34.37
N LEU A 138 6.49 9.83 -34.80
CA LEU A 138 7.00 11.18 -35.06
C LEU A 138 7.92 11.08 -36.28
N GLU A 139 7.51 11.69 -37.40
CA GLU A 139 8.28 11.49 -38.62
C GLU A 139 8.60 12.78 -39.38
N ASP A 140 7.79 13.82 -39.21
CA ASP A 140 8.08 15.06 -39.90
C ASP A 140 9.01 15.97 -39.11
N ILE A 141 10.00 15.39 -38.42
CA ILE A 141 11.01 16.16 -37.71
C ILE A 141 12.38 15.70 -38.23
N GLU A 142 13.45 16.19 -37.61
CA GLU A 142 14.80 15.95 -38.11
C GLU A 142 15.51 14.90 -37.26
N PHE A 143 16.10 13.92 -37.94
CA PHE A 143 16.93 12.91 -37.29
C PHE A 143 18.32 12.95 -37.91
N ASP A 144 19.31 12.48 -37.15
CA ASP A 144 20.66 12.32 -37.66
C ASP A 144 21.28 10.96 -37.36
N THR A 145 20.73 10.21 -36.41
CA THR A 145 21.15 8.83 -36.16
C THR A 145 19.91 7.95 -36.20
N TYR A 146 20.01 6.82 -36.89
CA TYR A 146 18.86 5.96 -37.13
C TYR A 146 19.10 4.56 -36.58
N PHE A 147 18.00 3.84 -36.36
CA PHE A 147 18.09 2.43 -36.00
C PHE A 147 18.08 1.58 -37.26
N PRO A 148 19.00 0.63 -37.40
CA PRO A 148 19.09 -0.12 -38.66
C PRO A 148 17.82 -0.90 -38.94
N GLU A 149 17.63 -1.24 -40.21
CA GLU A 149 16.52 -2.10 -40.58
C GLU A 149 16.68 -3.46 -39.93
N ILE A 150 15.60 -3.97 -39.36
CA ILE A 150 15.67 -5.25 -38.65
C ILE A 150 15.91 -6.37 -39.66
N PRO A 151 16.94 -7.19 -39.47
CA PRO A 151 17.22 -8.26 -40.43
C PRO A 151 16.09 -9.28 -40.49
N GLU A 152 16.04 -10.00 -41.62
CA GLU A 152 14.98 -10.99 -41.81
C GLU A 152 15.08 -12.14 -40.81
N THR A 153 16.25 -12.34 -40.19
CA THR A 153 16.40 -13.39 -39.20
C THR A 153 15.58 -13.13 -37.94
N PHE A 154 15.02 -11.93 -37.80
CA PHE A 154 14.17 -11.59 -36.66
C PHE A 154 12.71 -11.61 -37.08
N LEU A 155 11.85 -12.09 -36.17
CA LEU A 155 10.42 -12.07 -36.39
C LEU A 155 9.74 -11.43 -35.19
N PRO A 156 8.74 -10.58 -35.43
CA PRO A 156 8.00 -9.98 -34.31
C PRO A 156 7.15 -11.02 -33.61
N VAL A 157 7.15 -10.98 -32.28
CA VAL A 157 6.34 -11.88 -31.47
C VAL A 157 5.37 -11.13 -30.56
N TYR A 158 5.43 -9.80 -30.52
CA TYR A 158 4.57 -9.04 -29.63
C TYR A 158 4.44 -7.63 -30.17
N MET A 159 3.23 -7.07 -30.06
CA MET A 159 2.97 -5.68 -30.42
C MET A 159 1.91 -5.15 -29.47
N SER A 160 2.30 -4.23 -28.59
CA SER A 160 1.40 -3.73 -27.56
C SER A 160 0.31 -2.87 -28.17
N GLN A 161 -0.64 -2.47 -27.33
CA GLN A 161 -1.59 -1.45 -27.72
C GLN A 161 -0.86 -0.11 -27.88
N THR A 162 -1.50 0.81 -28.58
CA THR A 162 -0.94 2.13 -28.76
C THR A 162 -1.13 2.94 -27.49
N PHE A 163 -0.05 3.55 -27.02
CA PHE A 163 -0.07 4.40 -25.85
C PHE A 163 0.10 5.86 -26.27
N CYS A 164 -0.17 6.78 -25.33
CA CYS A 164 -0.17 8.20 -25.63
C CYS A 164 0.57 8.98 -24.56
N THR A 165 1.48 9.85 -24.99
CA THR A 165 2.19 10.77 -24.10
C THR A 165 2.35 12.10 -24.81
N LYS A 166 1.70 13.13 -24.30
CA LYS A 166 1.74 14.47 -24.88
C LYS A 166 1.35 14.44 -26.35
N ASN A 167 0.25 13.75 -26.63
CA ASN A 167 -0.31 13.62 -27.98
C ASN A 167 0.65 12.89 -28.93
N ILE A 168 1.55 12.06 -28.39
CA ILE A 168 2.47 11.26 -29.19
C ILE A 168 2.10 9.79 -29.01
N SER A 169 1.84 9.11 -30.12
CA SER A 169 1.50 7.69 -30.10
C SER A 169 2.76 6.84 -30.16
N TYR A 170 2.77 5.72 -29.42
CA TYR A 170 3.89 4.81 -29.49
C TYR A 170 3.45 3.39 -29.15
N ASP A 171 4.21 2.43 -29.67
CA ASP A 171 4.00 1.00 -29.50
C ASP A 171 5.17 0.40 -28.72
N PHE A 172 5.02 -0.87 -28.38
CA PHE A 172 6.11 -1.65 -27.80
C PHE A 172 6.12 -3.02 -28.48
N MET A 173 7.24 -3.37 -29.09
CA MET A 173 7.35 -4.63 -29.81
C MET A 173 8.55 -5.42 -29.34
N ILE A 174 8.44 -6.74 -29.46
CA ILE A 174 9.54 -7.66 -29.20
C ILE A 174 9.82 -8.43 -30.48
N PHE A 175 11.10 -8.53 -30.84
CA PHE A 175 11.54 -9.28 -32.01
C PHE A 175 12.47 -10.40 -31.54
N GLU A 176 12.18 -11.62 -31.96
CA GLU A 176 13.01 -12.77 -31.63
C GLU A 176 13.72 -13.27 -32.88
N LYS A 177 14.92 -13.82 -32.68
CA LYS A 177 15.70 -14.36 -33.79
C LYS A 177 15.36 -15.83 -33.94
N GLN A 178 14.71 -16.19 -35.04
CA GLN A 178 14.26 -17.55 -35.26
C GLN A 178 15.41 -18.43 -35.75
N GLU A 179 15.40 -19.68 -35.30
CA GLU A 179 16.43 -20.66 -35.68
C GLU A 179 15.80 -21.91 -36.28
N LEU A 193 0.21 -28.97 -22.47
CA LEU A 193 0.79 -30.05 -23.26
C LEU A 193 0.01 -30.22 -24.56
N LYS A 194 0.65 -30.84 -25.57
CA LYS A 194 0.02 -31.09 -26.86
C LYS A 194 -0.89 -32.32 -26.85
N SER A 195 -1.28 -32.81 -25.67
CA SER A 195 -2.26 -33.88 -25.61
C SER A 195 -3.68 -33.36 -25.87
N ILE A 196 -3.94 -32.10 -25.50
CA ILE A 196 -5.24 -31.50 -25.78
C ILE A 196 -5.42 -31.26 -27.27
N ASP A 197 -4.38 -30.73 -27.93
CA ASP A 197 -4.49 -30.44 -29.36
C ASP A 197 -4.75 -31.70 -30.18
N ASP A 198 -4.18 -32.84 -29.77
CA ASP A 198 -4.46 -34.08 -30.48
C ASP A 198 -5.91 -34.52 -30.25
N THR A 199 -6.41 -34.41 -29.02
CA THR A 199 -7.78 -34.81 -28.74
C THR A 199 -8.78 -33.91 -29.47
N VAL A 200 -8.50 -32.61 -29.54
CA VAL A 200 -9.40 -31.70 -30.25
C VAL A 200 -9.38 -31.98 -31.74
N ASP A 201 -8.21 -32.29 -32.30
CA ASP A 201 -8.13 -32.63 -33.72
C ASP A 201 -8.92 -33.89 -34.03
N LEU A 202 -8.79 -34.92 -33.19
CA LEU A 202 -9.51 -36.17 -33.42
C LEU A 202 -11.02 -35.97 -33.33
N LEU A 203 -11.47 -35.17 -32.36
CA LEU A 203 -12.90 -34.88 -32.27
C LEU A 203 -13.40 -34.14 -33.50
N GLY A 204 -12.53 -33.35 -34.13
CA GLY A 204 -12.90 -32.68 -35.36
C GLY A 204 -12.97 -33.60 -36.56
N GLU A 205 -12.30 -34.75 -36.48
CA GLU A 205 -12.39 -35.73 -37.56
C GLU A 205 -13.66 -36.55 -37.44
N ILE A 206 -14.02 -36.92 -36.22
CA ILE A 206 -15.24 -37.70 -35.96
C ILE A 206 -16.45 -36.87 -36.36
N PHE A 207 -16.73 -35.81 -35.60
CA PHE A 207 -17.79 -34.88 -35.94
C PHE A 207 -17.30 -33.91 -37.00
N GLY A 208 -18.07 -33.73 -38.05
CA GLY A 208 -17.66 -32.80 -39.08
C GLY A 208 -17.91 -31.36 -38.65
N ILE A 209 -18.90 -30.73 -39.28
CA ILE A 209 -19.31 -29.39 -38.86
C ILE A 209 -20.10 -29.44 -37.57
N ARG A 210 -20.39 -30.63 -37.05
CA ARG A 210 -21.12 -30.76 -35.81
C ARG A 210 -20.34 -30.18 -34.64
N LYS A 211 -19.01 -30.25 -34.68
CA LYS A 211 -18.19 -29.63 -33.67
C LYS A 211 -18.05 -28.15 -34.00
N MET A 212 -18.51 -27.28 -33.09
CA MET A 212 -18.56 -25.85 -33.37
C MET A 212 -17.18 -25.28 -33.67
N GLY A 213 -16.12 -25.90 -33.13
CA GLY A 213 -14.78 -25.46 -33.46
C GLY A 213 -14.47 -25.55 -34.94
N ASN A 214 -15.03 -26.55 -35.63
CA ASN A 214 -14.80 -26.69 -37.06
C ASN A 214 -15.50 -25.60 -37.86
N ARG A 215 -16.59 -25.04 -37.34
CA ARG A 215 -17.23 -23.89 -37.96
C ARG A 215 -16.53 -22.57 -37.64
N HIS A 216 -15.57 -22.58 -36.70
CA HIS A 216 -14.79 -21.39 -36.35
C HIS A 216 -13.29 -21.75 -36.40
N LYS A 217 -12.85 -22.24 -37.55
CA LYS A 217 -11.46 -22.66 -37.69
C LYS A 217 -10.51 -21.48 -37.54
N PHE A 218 -9.39 -21.72 -36.87
CA PHE A 218 -8.36 -20.70 -36.76
C PHE A 218 -7.77 -20.41 -38.15
N PRO A 219 -7.58 -19.14 -38.50
CA PRO A 219 -7.11 -18.83 -39.86
C PRO A 219 -5.73 -19.43 -40.13
N LYS A 220 -5.54 -19.87 -41.37
CA LYS A 220 -4.26 -20.41 -41.79
C LYS A 220 -3.22 -19.30 -41.86
N GLU A 221 -1.95 -19.69 -41.83
CA GLU A 221 -0.87 -18.72 -41.83
C GLU A 221 -0.89 -17.84 -43.08
N GLU A 222 -1.34 -18.40 -44.21
CA GLU A 222 -1.31 -17.65 -45.47
C GLU A 222 -2.24 -16.44 -45.45
N ILE A 223 -3.22 -16.40 -44.55
CA ILE A 223 -4.15 -15.28 -44.47
C ILE A 223 -4.12 -14.61 -43.10
N TYR A 224 -3.13 -14.93 -42.27
CA TYR A 224 -3.03 -14.36 -40.92
C TYR A 224 -2.01 -13.23 -40.95
N ASN A 225 -2.45 -12.04 -40.53
CA ASN A 225 -1.59 -10.86 -40.56
C ASN A 225 -0.49 -10.97 -39.52
N THR A 226 0.76 -10.83 -39.98
CA THR A 226 1.96 -10.94 -39.17
C THR A 226 1.87 -12.20 -38.31
N PRO A 227 1.87 -13.39 -38.93
CA PRO A 227 1.55 -14.61 -38.18
C PRO A 227 2.57 -14.98 -37.12
N SER A 228 3.77 -14.38 -37.16
CA SER A 228 4.78 -14.70 -36.14
C SER A 228 4.39 -14.16 -34.77
N ILE A 229 3.51 -13.18 -34.71
CA ILE A 229 3.01 -12.66 -33.43
C ILE A 229 1.82 -13.54 -33.05
N ARG A 230 2.11 -14.62 -32.33
CA ARG A 230 1.08 -15.59 -31.96
C ARG A 230 0.38 -15.21 -30.65
N PHE A 231 1.14 -14.93 -29.60
CA PHE A 231 0.59 -14.69 -28.28
C PHE A 231 0.61 -13.22 -27.89
N GLY A 232 1.12 -12.33 -28.75
CA GLY A 232 1.23 -10.93 -28.39
C GLY A 232 0.45 -10.01 -29.28
N ARG A 233 -0.77 -10.39 -29.65
CA ARG A 233 -1.60 -9.59 -30.54
C ARG A 233 -2.42 -8.57 -29.75
N GLU A 234 -1.70 -7.74 -29.01
CA GLU A 234 -2.36 -6.78 -28.14
C GLU A 234 -2.86 -5.56 -28.90
N HIS A 235 -2.13 -5.13 -29.93
CA HIS A 235 -2.57 -4.00 -30.74
C HIS A 235 -3.97 -4.25 -31.26
N TYR A 236 -4.88 -3.31 -30.99
CA TYR A 236 -6.29 -3.52 -31.25
C TYR A 236 -6.66 -3.35 -32.71
N GLU A 237 -5.72 -3.02 -33.59
CA GLU A 237 -5.99 -3.16 -35.02
C GLU A 237 -6.08 -4.62 -35.41
N PHE A 238 -5.45 -5.51 -34.66
CA PHE A 238 -5.59 -6.94 -34.89
C PHE A 238 -7.04 -7.40 -34.68
N GLN A 239 -7.82 -6.68 -33.89
CA GLN A 239 -9.22 -7.02 -33.72
C GLN A 239 -9.99 -6.90 -35.03
N TYR A 240 -9.51 -6.07 -35.95
CA TYR A 240 -10.10 -5.96 -37.28
C TYR A 240 -9.38 -6.85 -38.30
N LEU A 241 -8.05 -6.90 -38.25
CA LEU A 241 -7.31 -7.71 -39.21
C LEU A 241 -7.56 -9.20 -39.00
N ASP A 242 -7.72 -9.63 -37.74
CA ASP A 242 -8.00 -11.03 -37.49
C ASP A 242 -9.43 -11.37 -37.87
N LEU A 243 -10.35 -10.40 -37.81
CA LEU A 243 -11.70 -10.63 -38.30
C LEU A 243 -11.71 -10.83 -39.81
N LEU A 244 -10.85 -10.12 -40.53
CA LEU A 244 -10.67 -10.38 -41.96
C LEU A 244 -10.21 -11.82 -42.17
N SER A 245 -9.17 -12.23 -41.44
CA SER A 245 -8.65 -13.59 -41.58
C SER A 245 -9.70 -14.62 -41.17
N ARG A 246 -10.47 -14.32 -40.12
CA ARG A 246 -11.50 -15.23 -39.69
C ARG A 246 -12.58 -15.39 -40.76
N VAL A 247 -12.82 -14.34 -41.55
CA VAL A 247 -13.80 -14.43 -42.63
C VAL A 247 -13.24 -15.21 -43.81
N LEU A 248 -11.99 -14.93 -44.20
CA LEU A 248 -11.38 -15.65 -45.31
C LEU A 248 -11.23 -17.15 -45.04
N GLU A 249 -11.28 -17.56 -43.76
CA GLU A 249 -11.11 -18.96 -43.41
C GLU A 249 -12.43 -19.70 -43.32
N ASN A 250 -13.48 -19.06 -42.80
CA ASN A 250 -14.75 -19.71 -42.54
C ASN A 250 -15.91 -19.10 -43.31
N GLY A 251 -15.66 -18.10 -44.15
CA GLY A 251 -16.75 -17.38 -44.78
C GLY A 251 -17.50 -18.24 -45.78
N ALA A 252 -18.82 -18.31 -45.61
CA ALA A 252 -19.68 -19.02 -46.53
C ALA A 252 -19.98 -18.14 -47.74
N TYR A 253 -19.76 -18.68 -48.93
CA TYR A 253 -20.08 -17.95 -50.16
C TYR A 253 -21.59 -17.84 -50.29
N ARG A 254 -22.10 -16.62 -50.28
CA ARG A 254 -23.54 -16.37 -50.24
C ARG A 254 -23.90 -15.24 -51.19
N GLU A 255 -25.07 -15.35 -51.82
CA GLU A 255 -25.62 -14.26 -52.59
C GLU A 255 -26.25 -13.22 -51.68
N ASN A 256 -26.40 -12.00 -52.20
CA ASN A 256 -27.04 -10.93 -51.45
C ASN A 256 -27.81 -10.04 -52.43
N ARG A 257 -28.38 -8.97 -51.89
CA ARG A 257 -29.25 -8.09 -52.68
C ARG A 257 -28.52 -7.46 -53.86
N THR A 258 -27.19 -7.31 -53.76
CA THR A 258 -26.42 -6.77 -54.87
C THR A 258 -25.98 -7.89 -55.79
N GLY A 259 -25.39 -7.51 -56.92
CA GLY A 259 -24.88 -8.55 -57.80
C GLY A 259 -23.56 -9.15 -57.40
N ILE A 260 -23.02 -8.75 -56.25
CA ILE A 260 -21.68 -9.15 -55.82
C ILE A 260 -21.84 -10.01 -54.57
N SER A 261 -21.49 -11.29 -54.70
CA SER A 261 -21.59 -12.21 -53.58
C SER A 261 -20.51 -11.93 -52.54
N THR A 262 -20.71 -12.46 -51.34
CA THR A 262 -19.80 -12.24 -50.23
C THR A 262 -19.42 -13.56 -49.58
N TYR A 263 -18.31 -13.51 -48.83
CA TYR A 263 -17.93 -14.58 -47.91
C TYR A 263 -18.33 -14.13 -46.52
N SER A 264 -19.29 -14.84 -45.92
CA SER A 264 -20.00 -14.35 -44.74
C SER A 264 -19.87 -15.33 -43.58
N ILE A 265 -19.66 -14.76 -42.37
CA ILE A 265 -19.80 -15.48 -41.12
C ILE A 265 -20.77 -14.68 -40.26
N PHE A 266 -21.21 -15.30 -39.16
CA PHE A 266 -22.21 -14.68 -38.29
C PHE A 266 -21.72 -14.68 -36.85
N GLY A 267 -21.90 -13.55 -36.17
CA GLY A 267 -21.56 -13.41 -34.77
C GLY A 267 -20.08 -13.17 -34.49
N GLN A 268 -19.64 -11.94 -34.68
CA GLN A 268 -18.25 -11.56 -34.42
C GLN A 268 -18.22 -10.24 -33.67
N MET A 269 -17.09 -9.97 -33.02
CA MET A 269 -16.95 -8.74 -32.24
C MET A 269 -15.55 -8.18 -32.38
N MET A 270 -15.46 -6.86 -32.27
CA MET A 270 -14.19 -6.14 -32.21
C MET A 270 -14.28 -5.13 -31.09
N ARG A 271 -13.23 -5.03 -30.28
CA ARG A 271 -13.17 -4.00 -29.25
C ARG A 271 -11.89 -3.20 -29.40
N PHE A 272 -11.99 -1.90 -29.15
CA PHE A 272 -10.89 -0.98 -29.35
C PHE A 272 -10.74 -0.09 -28.13
N ASP A 273 -9.50 0.33 -27.89
CA ASP A 273 -9.21 1.31 -26.86
C ASP A 273 -9.36 2.70 -27.46
N MET A 274 -9.88 3.64 -26.67
CA MET A 274 -9.96 5.03 -27.08
C MET A 274 -9.32 5.98 -26.08
N ARG A 275 -8.81 5.47 -24.95
CA ARG A 275 -8.16 6.34 -23.98
C ARG A 275 -6.80 6.82 -24.50
N GLU A 276 -5.96 5.89 -24.94
CA GLU A 276 -4.59 6.20 -25.31
C GLU A 276 -4.39 6.30 -26.82
N SER A 277 -5.44 6.16 -27.62
CA SER A 277 -5.31 6.23 -29.07
C SER A 277 -6.69 6.38 -29.69
N PHE A 278 -6.71 6.52 -31.02
CA PHE A 278 -7.93 6.63 -31.80
C PHE A 278 -7.95 5.50 -32.83
N PRO A 279 -8.99 4.66 -32.87
CA PRO A 279 -8.94 3.47 -33.73
C PRO A 279 -9.10 3.76 -35.21
N LEU A 280 -8.10 4.39 -35.83
CA LEU A 280 -8.07 4.62 -37.27
C LEU A 280 -7.05 3.67 -37.87
N LEU A 281 -7.50 2.82 -38.79
CA LEU A 281 -6.66 1.75 -39.31
C LEU A 281 -5.41 2.30 -39.97
N THR A 282 -4.27 1.68 -39.67
CA THR A 282 -3.00 2.07 -40.25
C THR A 282 -2.58 1.22 -41.44
N THR A 283 -3.16 0.04 -41.62
CA THR A 283 -2.81 -0.81 -42.76
C THR A 283 -3.33 -0.28 -44.08
N LYS A 284 -4.01 0.87 -44.10
CA LYS A 284 -4.49 1.51 -45.31
C LYS A 284 -4.85 2.94 -44.96
N LYS A 285 -4.54 3.87 -45.85
CA LYS A 285 -4.87 5.27 -45.63
C LYS A 285 -6.39 5.42 -45.67
N VAL A 286 -7.00 5.54 -44.50
CA VAL A 286 -8.45 5.66 -44.38
C VAL A 286 -8.85 7.13 -44.52
N ALA A 287 -9.83 7.39 -45.39
CA ALA A 287 -10.31 8.75 -45.62
C ALA A 287 -11.04 9.24 -44.37
N ILE A 288 -10.25 9.77 -43.44
CA ILE A 288 -10.80 10.19 -42.15
C ILE A 288 -11.76 11.36 -42.32
N ARG A 289 -11.49 12.25 -43.27
CA ARG A 289 -12.34 13.43 -43.43
C ARG A 289 -13.75 13.05 -43.83
N SER A 290 -13.87 12.10 -44.77
CA SER A 290 -15.20 11.66 -45.20
C SER A 290 -15.96 10.99 -44.06
N ILE A 291 -15.26 10.28 -43.18
CA ILE A 291 -15.92 9.65 -42.04
C ILE A 291 -16.56 10.73 -41.16
N PHE A 292 -15.83 11.80 -40.89
CA PHE A 292 -16.37 12.87 -40.05
C PHE A 292 -17.56 13.54 -40.72
N GLU A 293 -17.40 13.93 -41.98
CA GLU A 293 -18.45 14.68 -42.67
C GLU A 293 -19.74 13.88 -42.74
N GLU A 294 -19.66 12.55 -42.77
CA GLU A 294 -20.85 11.71 -42.70
C GLU A 294 -21.42 11.69 -41.28
N LEU A 295 -20.56 11.69 -40.27
CA LEU A 295 -21.02 11.60 -38.89
C LEU A 295 -21.73 12.88 -38.47
N ILE A 296 -21.15 14.04 -38.79
CA ILE A 296 -21.81 15.31 -38.47
C ILE A 296 -23.07 15.44 -39.31
N TRP A 297 -23.10 14.83 -40.49
CA TRP A 297 -24.31 14.76 -41.29
C TRP A 297 -25.40 13.95 -40.59
N PHE A 298 -25.01 12.88 -39.89
CA PHE A 298 -25.97 12.14 -39.08
C PHE A 298 -26.46 12.97 -37.89
N ILE A 299 -25.52 13.63 -37.19
CA ILE A 299 -25.88 14.33 -35.95
C ILE A 299 -26.87 15.45 -36.23
N LYS A 300 -26.66 16.19 -37.31
CA LYS A 300 -27.59 17.26 -37.67
C LYS A 300 -28.96 16.75 -38.11
N GLY A 301 -29.18 15.44 -38.13
CA GLY A 301 -30.45 14.90 -38.56
C GLY A 301 -30.70 15.01 -40.05
N ASP A 302 -29.64 15.18 -40.84
CA ASP A 302 -29.76 15.48 -42.25
C ASP A 302 -29.78 14.19 -43.06
N THR A 303 -30.73 14.09 -43.99
CA THR A 303 -30.82 12.96 -44.91
C THR A 303 -30.63 13.38 -46.37
N ASN A 304 -30.28 14.63 -46.62
CA ASN A 304 -30.04 15.11 -47.98
C ASN A 304 -28.65 14.67 -48.42
N GLY A 305 -28.60 13.74 -49.37
CA GLY A 305 -27.33 13.22 -49.84
C GLY A 305 -26.49 14.22 -50.60
N ASN A 306 -27.08 15.33 -51.06
CA ASN A 306 -26.30 16.31 -51.79
C ASN A 306 -25.35 17.07 -50.88
N HIS A 307 -25.74 17.26 -49.62
CA HIS A 307 -24.88 17.99 -48.68
C HIS A 307 -23.55 17.29 -48.46
N LEU A 308 -23.49 15.97 -48.69
CA LEU A 308 -22.22 15.26 -48.67
C LEU A 308 -21.49 15.39 -50.00
N ILE A 309 -22.23 15.31 -51.12
CA ILE A 309 -21.60 15.49 -52.42
C ILE A 309 -21.11 16.93 -52.60
N GLU A 310 -21.83 17.91 -52.02
CA GLU A 310 -21.36 19.28 -52.07
C GLU A 310 -20.08 19.49 -51.26
N LYS A 311 -19.79 18.59 -50.32
CA LYS A 311 -18.55 18.62 -49.56
C LYS A 311 -17.55 17.58 -50.05
N LYS A 312 -17.69 17.13 -51.31
CA LYS A 312 -16.77 16.17 -51.93
C LYS A 312 -16.72 14.85 -51.16
N VAL A 313 -17.87 14.39 -50.69
CA VAL A 313 -18.01 13.11 -50.01
C VAL A 313 -19.04 12.30 -50.78
N TYR A 314 -18.60 11.23 -51.44
CA TYR A 314 -19.42 10.49 -52.38
C TYR A 314 -19.73 9.07 -51.90
N ILE A 315 -19.73 8.84 -50.59
CA ILE A 315 -19.96 7.48 -50.09
C ILE A 315 -21.42 7.08 -50.21
N TRP A 316 -22.34 8.04 -50.33
CA TRP A 316 -23.75 7.74 -50.48
C TRP A 316 -24.25 8.02 -51.90
N SER A 317 -23.35 8.05 -52.88
CA SER A 317 -23.75 8.27 -54.26
C SER A 317 -24.35 7.00 -54.89
N GLY A 318 -23.79 5.85 -54.55
CA GLY A 318 -24.29 4.61 -55.14
C GLY A 318 -25.70 4.29 -54.70
N ASN A 319 -25.95 4.33 -53.40
CA ASN A 319 -27.29 4.11 -52.85
C ASN A 319 -28.17 5.34 -52.98
N GLY A 320 -27.75 6.32 -53.78
CA GLY A 320 -28.50 7.55 -53.94
C GLY A 320 -28.62 7.96 -55.39
N SER A 321 -28.44 7.03 -56.31
CA SER A 321 -28.62 7.34 -57.72
C SER A 321 -30.09 7.20 -58.09
N LYS A 322 -30.48 7.89 -59.16
CA LYS A 322 -31.86 7.80 -59.63
C LYS A 322 -32.20 6.37 -60.03
N GLU A 323 -31.23 5.65 -60.60
CA GLU A 323 -31.47 4.29 -61.08
C GLU A 323 -31.62 3.31 -59.91
N TYR A 324 -30.84 3.51 -58.85
CA TYR A 324 -30.95 2.62 -57.70
C TYR A 324 -32.24 2.85 -56.92
N LEU A 325 -32.67 4.11 -56.82
CA LEU A 325 -33.89 4.41 -56.08
C LEU A 325 -35.11 3.83 -56.78
N GLU A 326 -35.16 3.90 -58.11
CA GLU A 326 -36.24 3.26 -58.85
C GLU A 326 -36.18 1.75 -58.76
N ARG A 327 -34.97 1.20 -58.62
CA ARG A 327 -34.82 -0.25 -58.56
C ARG A 327 -35.46 -0.82 -57.30
N ILE A 328 -35.37 -0.09 -56.19
CA ILE A 328 -35.93 -0.53 -54.92
C ILE A 328 -37.31 0.06 -54.67
N GLY A 329 -37.93 0.65 -55.69
CA GLY A 329 -39.29 1.14 -55.56
C GLY A 329 -39.43 2.52 -54.95
N LEU A 330 -38.40 3.35 -55.02
CA LEU A 330 -38.44 4.71 -54.52
C LEU A 330 -38.19 5.72 -55.65
N GLY A 331 -38.78 5.45 -56.82
CA GLY A 331 -38.60 6.34 -57.95
C GLY A 331 -39.25 7.70 -57.79
N HIS A 332 -40.10 7.86 -56.78
CA HIS A 332 -40.74 9.14 -56.50
C HIS A 332 -39.81 10.11 -55.78
N ARG A 333 -38.66 9.65 -55.30
CA ARG A 333 -37.75 10.50 -54.56
C ARG A 333 -36.91 11.35 -55.50
N GLU A 334 -36.31 12.40 -54.94
CA GLU A 334 -35.38 13.21 -55.70
C GLU A 334 -34.11 12.42 -55.97
N GLU A 335 -33.14 13.07 -56.63
CA GLU A 335 -31.94 12.36 -57.04
C GLU A 335 -31.25 11.70 -55.86
N ASN A 336 -31.14 12.41 -54.72
CA ASN A 336 -30.41 11.88 -53.58
C ASN A 336 -31.22 11.92 -52.29
N ASP A 337 -32.55 11.84 -52.39
CA ASP A 337 -33.40 11.83 -51.19
C ASP A 337 -33.34 10.44 -50.57
N LEU A 338 -32.36 10.25 -49.67
CA LEU A 338 -32.12 8.93 -49.08
C LEU A 338 -33.23 8.47 -48.14
N GLY A 339 -34.16 9.34 -47.77
CA GLY A 339 -35.24 8.96 -46.90
C GLY A 339 -34.84 8.99 -45.44
N PRO A 340 -35.76 8.57 -44.56
CA PRO A 340 -35.46 8.63 -43.12
C PRO A 340 -34.43 7.59 -42.71
N ILE A 341 -33.20 8.00 -42.45
CA ILE A 341 -32.15 7.05 -42.15
C ILE A 341 -31.46 7.51 -40.87
N TYR A 342 -30.23 7.03 -40.66
CA TYR A 342 -29.46 7.28 -39.45
C TYR A 342 -29.71 8.66 -38.85
N GLY A 343 -29.59 9.70 -39.67
CA GLY A 343 -29.75 11.05 -39.16
C GLY A 343 -31.17 11.35 -38.73
N PHE A 344 -32.15 10.84 -39.48
CA PHE A 344 -33.54 11.16 -39.16
C PHE A 344 -33.99 10.41 -37.91
N GLN A 345 -33.57 9.15 -37.75
CA GLN A 345 -34.02 8.38 -36.60
C GLN A 345 -33.34 8.85 -35.32
N TRP A 346 -32.14 9.43 -35.42
CA TRP A 346 -31.44 9.92 -34.23
C TRP A 346 -32.13 11.16 -33.68
N ARG A 347 -32.63 12.03 -34.56
CA ARG A 347 -33.18 13.30 -34.15
C ARG A 347 -34.70 13.39 -34.24
N HIS A 348 -35.33 12.57 -35.08
CA HIS A 348 -36.78 12.62 -35.27
C HIS A 348 -37.32 11.19 -35.39
N TYR A 349 -37.21 10.43 -34.30
CA TYR A 349 -37.68 9.05 -34.33
C TYR A 349 -39.20 9.01 -34.43
N ASN A 350 -39.71 8.10 -35.25
CA ASN A 350 -41.15 7.97 -35.53
C ASN A 350 -41.73 9.22 -36.17
N GLY A 351 -40.94 9.98 -36.90
CA GLY A 351 -41.42 11.19 -37.56
C GLY A 351 -41.93 10.88 -38.95
N GLU A 352 -43.10 11.42 -39.27
CA GLU A 352 -43.70 11.24 -40.60
C GLU A 352 -42.83 11.92 -41.64
N TYR A 353 -42.00 11.13 -42.32
CA TYR A 353 -41.08 11.65 -43.31
C TYR A 353 -41.82 12.01 -44.60
N LYS A 354 -41.51 13.19 -45.15
CA LYS A 354 -42.03 13.59 -46.44
C LYS A 354 -40.88 13.59 -47.43
N THR A 355 -40.10 14.66 -47.54
CA THR A 355 -38.92 14.71 -48.39
C THR A 355 -37.73 15.21 -47.58
N MET A 356 -36.60 15.38 -48.27
CA MET A 356 -35.38 15.88 -47.64
C MET A 356 -35.35 17.41 -47.58
N HIS A 357 -36.36 18.08 -48.12
CA HIS A 357 -36.41 19.54 -48.13
C HIS A 357 -37.33 20.10 -47.05
N ASP A 358 -38.07 19.26 -46.36
CA ASP A 358 -39.04 19.72 -45.36
C ASP A 358 -38.34 20.06 -44.05
N ASP A 359 -39.06 20.79 -43.21
CA ASP A 359 -38.54 21.26 -41.92
C ASP A 359 -39.04 20.30 -40.85
N TYR A 360 -38.16 19.43 -40.36
CA TYR A 360 -38.51 18.44 -39.35
C TYR A 360 -38.17 18.90 -37.94
N THR A 361 -38.07 20.20 -37.72
CA THR A 361 -37.73 20.71 -36.40
C THR A 361 -38.88 20.46 -35.44
N GLY A 362 -38.61 19.72 -34.36
CA GLY A 362 -39.60 19.45 -33.34
C GLY A 362 -40.36 18.14 -33.50
N VAL A 363 -40.48 17.64 -34.73
CA VAL A 363 -41.21 16.40 -34.96
C VAL A 363 -40.31 15.21 -34.63
N GLY A 364 -40.93 14.13 -34.15
CA GLY A 364 -40.20 12.94 -33.80
C GLY A 364 -39.62 13.01 -32.40
N VAL A 365 -38.91 11.94 -32.05
CA VAL A 365 -38.26 11.79 -30.75
C VAL A 365 -36.78 12.02 -30.93
N ASP A 366 -36.25 13.09 -30.33
CA ASP A 366 -34.84 13.41 -30.41
C ASP A 366 -34.09 12.52 -29.43
N GLN A 367 -33.63 11.37 -29.92
CA GLN A 367 -32.88 10.45 -29.07
C GLN A 367 -31.56 11.06 -28.64
N LEU A 368 -30.87 11.72 -29.59
CA LEU A 368 -29.55 12.26 -29.31
C LEU A 368 -29.59 13.32 -28.21
N ALA A 369 -30.61 14.19 -28.25
CA ALA A 369 -30.77 15.18 -27.18
C ALA A 369 -31.05 14.48 -25.85
N LYS A 370 -31.98 13.54 -25.84
CA LYS A 370 -32.25 12.79 -24.63
C LYS A 370 -31.02 12.00 -24.19
N LEU A 371 -30.23 11.50 -25.15
CA LEU A 371 -29.02 10.77 -24.81
C LEU A 371 -28.01 11.67 -24.10
N ILE A 372 -27.75 12.86 -24.67
CA ILE A 372 -26.83 13.78 -24.03
C ILE A 372 -27.38 14.23 -22.69
N GLU A 373 -28.69 14.44 -22.61
CA GLU A 373 -29.31 14.86 -21.35
C GLU A 373 -29.16 13.78 -20.28
N THR A 374 -29.42 12.52 -20.64
CA THR A 374 -29.33 11.46 -19.64
C THR A 374 -27.88 11.09 -19.33
N LEU A 375 -26.96 11.28 -20.27
CA LEU A 375 -25.58 10.87 -20.05
C LEU A 375 -24.93 11.64 -18.90
N LYS A 376 -25.26 12.93 -18.77
CA LYS A 376 -24.64 13.73 -17.74
C LYS A 376 -25.52 13.92 -16.50
N ASN A 377 -26.82 13.69 -16.62
CA ASN A 377 -27.70 13.79 -15.46
C ASN A 377 -27.87 12.47 -14.72
N ASN A 378 -27.89 11.35 -15.43
CA ASN A 378 -27.97 10.02 -14.84
C ASN A 378 -26.89 9.16 -15.47
N PRO A 379 -25.64 9.29 -15.02
CA PRO A 379 -24.55 8.61 -15.72
C PRO A 379 -24.58 7.09 -15.59
N LYS A 380 -24.94 6.57 -14.42
CA LYS A 380 -24.95 5.13 -14.21
C LYS A 380 -26.22 4.46 -14.72
N ASP A 381 -27.13 5.21 -15.34
CA ASP A 381 -28.32 4.62 -15.94
C ASP A 381 -27.90 3.76 -17.12
N ARG A 382 -28.24 2.47 -17.07
CA ARG A 382 -27.86 1.53 -18.12
C ARG A 382 -28.88 1.46 -19.24
N ARG A 383 -29.40 2.62 -19.66
CA ARG A 383 -30.36 2.71 -20.76
C ARG A 383 -29.93 3.74 -21.79
N HIS A 384 -28.68 4.18 -21.76
CA HIS A 384 -28.18 5.18 -22.71
C HIS A 384 -28.07 4.54 -24.09
N ILE A 385 -29.21 4.47 -24.77
CA ILE A 385 -29.32 3.72 -26.02
C ILE A 385 -29.78 4.65 -27.14
N LEU A 386 -29.09 4.58 -28.27
CA LEU A 386 -29.43 5.31 -29.48
C LEU A 386 -29.68 4.28 -30.59
N THR A 387 -30.94 4.12 -30.97
CA THR A 387 -31.31 3.14 -31.98
C THR A 387 -31.66 3.83 -33.30
N ALA A 388 -31.52 3.07 -34.38
CA ALA A 388 -31.87 3.53 -35.71
C ALA A 388 -32.76 2.54 -36.45
N TRP A 389 -33.17 1.46 -35.81
CA TRP A 389 -34.00 0.44 -36.45
C TRP A 389 -35.46 0.74 -36.15
N ASN A 390 -36.14 1.34 -37.12
CA ASN A 390 -37.57 1.65 -37.00
C ASN A 390 -38.32 0.87 -38.07
N PRO A 391 -38.97 -0.25 -37.72
CA PRO A 391 -39.66 -1.05 -38.73
C PRO A 391 -40.78 -0.30 -39.45
N SER A 392 -41.35 0.73 -38.83
CA SER A 392 -42.40 1.48 -39.49
C SER A 392 -41.89 2.35 -40.62
N ALA A 393 -40.57 2.53 -40.72
CA ALA A 393 -39.97 3.40 -41.72
C ALA A 393 -38.95 2.69 -42.60
N LEU A 394 -38.72 1.39 -42.42
CA LEU A 394 -37.70 0.70 -43.21
C LEU A 394 -38.01 0.76 -44.70
N SER A 395 -39.30 0.61 -45.06
CA SER A 395 -39.67 0.61 -46.47
C SER A 395 -39.41 1.96 -47.13
N GLN A 396 -39.37 3.05 -46.36
CA GLN A 396 -39.10 4.36 -46.91
C GLN A 396 -37.61 4.67 -46.99
N MET A 397 -36.75 3.85 -46.38
CA MET A 397 -35.32 4.14 -46.37
C MET A 397 -34.69 3.68 -47.66
N ALA A 398 -33.74 4.49 -48.16
CA ALA A 398 -32.94 4.05 -49.30
C ALA A 398 -32.10 2.83 -48.96
N LEU A 399 -31.80 2.62 -47.68
CA LEU A 399 -31.05 1.47 -47.21
C LEU A 399 -31.33 1.31 -45.72
N PRO A 400 -31.70 0.12 -45.26
CA PRO A 400 -31.91 -0.07 -43.82
C PRO A 400 -30.63 0.18 -43.06
N PRO A 401 -30.73 0.60 -41.80
CA PRO A 401 -29.52 0.92 -41.04
C PRO A 401 -28.65 -0.31 -40.82
N CYS A 402 -27.35 -0.14 -41.08
CA CYS A 402 -26.40 -1.21 -40.82
C CYS A 402 -25.95 -1.21 -39.37
N HIS A 403 -25.55 -0.05 -38.84
CA HIS A 403 -25.31 0.09 -37.40
C HIS A 403 -26.64 0.47 -36.76
N VAL A 404 -27.32 -0.54 -36.20
CA VAL A 404 -28.72 -0.39 -35.81
C VAL A 404 -28.90 0.19 -34.41
N LEU A 405 -28.00 -0.12 -33.48
CA LEU A 405 -28.23 0.24 -32.09
C LEU A 405 -26.90 0.42 -31.37
N SER A 406 -26.78 1.52 -30.63
CA SER A 406 -25.59 1.80 -29.84
C SER A 406 -25.99 2.07 -28.39
N GLN A 407 -25.14 1.64 -27.45
CA GLN A 407 -25.35 1.85 -26.04
C GLN A 407 -24.10 2.49 -25.44
N TYR A 408 -24.30 3.36 -24.44
CA TYR A 408 -23.22 4.12 -23.86
C TYR A 408 -23.21 3.94 -22.35
N TYR A 409 -22.02 4.05 -21.77
CA TYR A 409 -21.76 3.61 -20.40
C TYR A 409 -20.71 4.53 -19.80
N VAL A 410 -21.00 5.06 -18.60
CA VAL A 410 -20.10 5.96 -17.90
C VAL A 410 -19.38 5.16 -16.82
N THR A 411 -18.05 5.08 -16.94
CA THR A 411 -17.29 4.31 -15.97
C THR A 411 -17.13 5.12 -14.68
N ASN A 412 -16.63 4.45 -13.64
CA ASN A 412 -16.45 5.11 -12.35
C ASN A 412 -15.36 6.18 -12.40
N ASP A 413 -14.45 6.11 -13.38
CA ASP A 413 -13.44 7.15 -13.59
C ASP A 413 -13.83 8.12 -14.69
N ASN A 414 -15.13 8.34 -14.89
CA ASN A 414 -15.66 9.40 -15.78
C ASN A 414 -15.17 9.21 -17.21
N CYS A 415 -15.24 7.97 -17.70
CA CYS A 415 -14.97 7.66 -19.09
C CYS A 415 -16.23 7.18 -19.78
N LEU A 416 -16.30 7.39 -21.09
CA LEU A 416 -17.48 7.07 -21.88
C LEU A 416 -17.14 5.91 -22.83
N SER A 417 -17.66 4.73 -22.52
CA SER A 417 -17.51 3.58 -23.41
C SER A 417 -18.72 3.45 -24.33
N CYS A 418 -18.52 2.75 -25.45
CA CYS A 418 -19.56 2.65 -26.47
C CYS A 418 -19.65 1.22 -27.00
N ASN A 419 -20.87 0.71 -27.08
CA ASN A 419 -21.17 -0.57 -27.71
C ASN A 419 -22.08 -0.34 -28.89
N LEU A 420 -21.72 -0.92 -30.03
CA LEU A 420 -22.52 -0.82 -31.25
C LEU A 420 -22.85 -2.21 -31.74
N TYR A 421 -24.10 -2.43 -32.12
CA TYR A 421 -24.49 -3.65 -32.82
C TYR A 421 -24.66 -3.32 -34.30
N GLN A 422 -23.97 -4.09 -35.15
CA GLN A 422 -23.97 -3.88 -36.59
C GLN A 422 -24.51 -5.16 -37.23
N ARG A 423 -25.68 -5.04 -37.89
CA ARG A 423 -26.33 -6.21 -38.46
C ARG A 423 -25.56 -6.74 -39.66
N SER A 424 -25.00 -5.85 -40.46
CA SER A 424 -24.31 -6.20 -41.69
C SER A 424 -23.07 -5.34 -41.79
N CYS A 425 -21.92 -5.98 -42.00
CA CYS A 425 -20.63 -5.31 -41.93
C CYS A 425 -19.83 -5.59 -43.19
N ASP A 426 -19.66 -4.56 -44.01
CA ASP A 426 -18.81 -4.62 -45.19
C ASP A 426 -17.36 -4.39 -44.77
N LEU A 427 -16.68 -5.46 -44.40
CA LEU A 427 -15.25 -5.40 -44.14
C LEU A 427 -14.53 -4.95 -45.41
N GLY A 428 -13.72 -3.90 -45.29
CA GLY A 428 -13.05 -3.36 -46.46
C GLY A 428 -13.50 -1.96 -46.80
N LEU A 429 -14.80 -1.69 -46.69
CA LEU A 429 -15.32 -0.34 -46.90
C LEU A 429 -16.05 0.16 -45.66
N GLY A 430 -17.19 -0.44 -45.29
CA GLY A 430 -17.98 0.11 -44.20
C GLY A 430 -17.32 -0.03 -42.84
N SER A 431 -16.66 -1.17 -42.60
CA SER A 431 -16.13 -1.45 -41.27
C SER A 431 -15.05 -0.47 -40.84
N PRO A 432 -14.03 -0.15 -41.63
CA PRO A 432 -13.10 0.90 -41.19
C PRO A 432 -13.79 2.23 -40.93
N PHE A 433 -14.86 2.51 -41.66
CA PHE A 433 -15.64 3.72 -41.41
C PHE A 433 -16.40 3.60 -40.10
N ASN A 434 -17.07 2.46 -39.88
CA ASN A 434 -17.88 2.30 -38.68
C ASN A 434 -17.02 2.34 -37.42
N ILE A 435 -15.77 1.88 -37.49
CA ILE A 435 -14.89 1.90 -36.34
C ILE A 435 -14.56 3.33 -35.93
N ALA A 436 -14.13 4.16 -36.90
CA ALA A 436 -13.77 5.53 -36.59
C ALA A 436 -14.99 6.42 -36.38
N SER A 437 -16.10 6.13 -37.07
CA SER A 437 -17.29 6.96 -36.94
C SER A 437 -17.80 6.95 -35.50
N TYR A 438 -18.03 5.76 -34.95
CA TYR A 438 -18.52 5.67 -33.58
C TYR A 438 -17.43 5.99 -32.56
N ALA A 439 -16.17 5.98 -32.95
CA ALA A 439 -15.12 6.48 -32.06
C ALA A 439 -15.20 8.00 -31.94
N ILE A 440 -15.35 8.70 -33.06
CA ILE A 440 -15.53 10.15 -33.01
C ILE A 440 -16.82 10.50 -32.28
N LEU A 441 -17.90 9.77 -32.56
CA LEU A 441 -19.17 10.05 -31.92
C LEU A 441 -19.07 9.92 -30.41
N THR A 442 -18.37 8.89 -29.94
CA THR A 442 -18.20 8.72 -28.50
C THR A 442 -17.34 9.83 -27.92
N MET A 443 -16.32 10.27 -28.67
CA MET A 443 -15.49 11.38 -28.22
C MET A 443 -16.28 12.69 -28.18
N MET A 444 -17.13 12.91 -29.19
CA MET A 444 -17.99 14.10 -29.18
C MET A 444 -18.92 14.08 -27.98
N LEU A 445 -19.58 12.94 -27.74
CA LEU A 445 -20.46 12.82 -26.59
C LEU A 445 -19.70 12.97 -25.29
N ALA A 446 -18.43 12.56 -25.27
CA ALA A 446 -17.65 12.67 -24.04
C ALA A 446 -17.34 14.12 -23.71
N GLN A 447 -17.08 14.94 -24.72
CA GLN A 447 -16.76 16.35 -24.46
C GLN A 447 -18.01 17.12 -24.07
N VAL A 448 -19.11 16.92 -24.80
CA VAL A 448 -20.34 17.65 -24.50
C VAL A 448 -20.86 17.29 -23.11
N CYS A 449 -20.64 16.05 -22.68
CA CYS A 449 -21.06 15.61 -21.36
C CYS A 449 -19.98 15.77 -20.29
N GLY A 450 -18.77 16.13 -20.69
CA GLY A 450 -17.69 16.34 -19.73
C GLY A 450 -16.98 15.08 -19.30
N TYR A 451 -16.82 14.11 -20.18
CA TYR A 451 -16.11 12.87 -19.88
C TYR A 451 -14.91 12.71 -20.81
N GLU A 452 -14.17 11.64 -20.60
CA GLU A 452 -13.04 11.25 -21.42
C GLU A 452 -13.38 10.02 -22.24
N PRO A 453 -12.68 9.80 -23.36
CA PRO A 453 -12.93 8.58 -24.15
C PRO A 453 -12.61 7.33 -23.35
N GLY A 454 -13.40 6.29 -23.57
CA GLY A 454 -13.19 5.01 -22.91
C GLY A 454 -12.85 3.91 -23.89
N GLU A 455 -13.75 2.93 -24.04
CA GLU A 455 -13.54 1.82 -24.95
C GLU A 455 -14.66 1.77 -25.98
N LEU A 456 -14.36 1.14 -27.12
CA LEU A 456 -15.32 0.95 -28.20
C LEU A 456 -15.39 -0.53 -28.54
N ALA A 457 -16.57 -1.12 -28.42
CA ALA A 457 -16.80 -2.51 -28.79
C ALA A 457 -17.88 -2.56 -29.86
N ILE A 458 -17.59 -3.27 -30.95
CA ILE A 458 -18.50 -3.41 -32.08
C ILE A 458 -18.88 -4.88 -32.22
N PHE A 459 -20.15 -5.19 -31.95
CA PHE A 459 -20.69 -6.53 -32.11
C PHE A 459 -21.37 -6.63 -33.47
N ILE A 460 -21.00 -7.65 -34.25
CA ILE A 460 -21.36 -7.74 -35.65
C ILE A 460 -22.22 -8.97 -35.91
N GLY A 461 -23.27 -8.80 -36.70
CA GLY A 461 -24.03 -9.92 -37.18
C GLY A 461 -23.42 -10.56 -38.41
N ASP A 462 -23.77 -10.05 -39.60
CA ASP A 462 -23.28 -10.61 -40.85
C ASP A 462 -21.95 -9.94 -41.21
N ALA A 463 -20.86 -10.52 -40.73
CA ALA A 463 -19.52 -10.06 -41.07
C ALA A 463 -19.08 -10.72 -42.37
N HIS A 464 -18.88 -9.93 -43.42
CA HIS A 464 -18.66 -10.48 -44.75
C HIS A 464 -17.60 -9.69 -45.50
N ILE A 465 -17.13 -10.29 -46.60
CA ILE A 465 -16.17 -9.69 -47.51
C ILE A 465 -16.70 -9.88 -48.92
N TYR A 466 -16.88 -8.77 -49.64
CA TYR A 466 -17.33 -8.86 -51.02
C TYR A 466 -16.24 -9.47 -51.89
N GLU A 467 -16.65 -10.30 -52.85
CA GLU A 467 -15.68 -11.10 -53.60
C GLU A 467 -14.76 -10.24 -54.46
N ASN A 468 -15.15 -9.00 -54.77
CA ASN A 468 -14.28 -8.07 -55.46
C ASN A 468 -13.34 -7.32 -54.53
N HIS A 469 -13.32 -7.65 -53.24
CA HIS A 469 -12.38 -7.09 -52.28
C HIS A 469 -11.32 -8.09 -51.85
N LEU A 470 -11.28 -9.27 -52.47
CA LEU A 470 -10.42 -10.35 -51.98
C LEU A 470 -8.94 -10.02 -52.18
N THR A 471 -8.56 -9.68 -53.40
CA THR A 471 -7.16 -9.36 -53.66
C THR A 471 -6.72 -8.11 -52.91
N GLN A 472 -7.63 -7.18 -52.66
CA GLN A 472 -7.28 -5.96 -51.93
C GLN A 472 -7.08 -6.26 -50.44
N LEU A 473 -8.01 -6.99 -49.83
CA LEU A 473 -7.93 -7.26 -48.40
C LEU A 473 -6.78 -8.21 -48.08
N LYS A 474 -6.44 -9.12 -48.99
CA LYS A 474 -5.25 -9.93 -48.80
C LYS A 474 -4.00 -9.07 -48.89
N GLU A 475 -4.02 -8.03 -49.71
CA GLU A 475 -2.91 -7.07 -49.74
C GLU A 475 -2.83 -6.30 -48.42
N GLN A 476 -3.98 -5.94 -47.86
CA GLN A 476 -4.00 -5.22 -46.59
C GLN A 476 -3.48 -6.10 -45.45
N LEU A 477 -3.73 -7.40 -45.52
CA LEU A 477 -3.27 -8.32 -44.48
C LEU A 477 -1.77 -8.54 -44.52
N SER A 478 -1.11 -8.19 -45.64
CA SER A 478 0.34 -8.34 -45.75
C SER A 478 1.10 -7.22 -45.08
N ARG A 479 0.41 -6.24 -44.48
CA ARG A 479 1.04 -5.05 -43.92
C ARG A 479 1.00 -5.12 -42.40
N THR A 480 2.17 -5.12 -41.78
CA THR A 480 2.22 -5.15 -40.32
C THR A 480 1.70 -3.82 -39.76
N PRO A 481 0.77 -3.84 -38.81
CA PRO A 481 0.15 -2.60 -38.34
C PRO A 481 1.18 -1.66 -37.71
N ARG A 482 0.86 -0.38 -37.75
CA ARG A 482 1.60 0.68 -37.11
C ARG A 482 0.77 1.26 -35.96
N PRO A 483 1.40 1.96 -35.01
CA PRO A 483 0.64 2.47 -33.87
C PRO A 483 -0.50 3.40 -34.30
N PHE A 484 -1.61 3.30 -33.59
CA PHE A 484 -2.77 4.14 -33.87
C PHE A 484 -2.42 5.61 -33.72
N PRO A 485 -3.10 6.50 -34.44
CA PRO A 485 -2.86 7.94 -34.26
C PRO A 485 -3.55 8.49 -33.02
N GLN A 486 -3.56 9.81 -32.87
CA GLN A 486 -4.33 10.50 -31.85
C GLN A 486 -5.31 11.44 -32.52
N LEU A 487 -6.49 11.58 -31.92
CA LEU A 487 -7.53 12.48 -32.41
C LEU A 487 -7.92 13.40 -31.26
N LYS A 488 -7.62 14.69 -31.38
CA LYS A 488 -7.99 15.67 -30.38
C LYS A 488 -8.83 16.78 -31.02
N PHE A 489 -9.68 17.39 -30.21
CA PHE A 489 -10.53 18.48 -30.66
C PHE A 489 -9.87 19.82 -30.33
N LYS A 490 -9.96 20.77 -31.27
CA LYS A 490 -9.31 22.06 -31.08
C LYS A 490 -10.03 22.95 -30.08
N ARG A 491 -11.35 22.80 -29.94
CA ARG A 491 -12.12 23.67 -29.07
C ARG A 491 -13.26 22.87 -28.43
N LYS A 492 -13.75 23.40 -27.32
CA LYS A 492 -14.94 22.84 -26.67
C LYS A 492 -16.18 23.50 -27.26
N VAL A 493 -17.18 22.69 -27.60
CA VAL A 493 -18.35 23.17 -28.33
C VAL A 493 -19.50 23.37 -27.36
N GLU A 494 -20.42 24.26 -27.72
CA GLU A 494 -21.62 24.46 -26.91
C GLU A 494 -22.63 23.36 -27.18
N ASN A 495 -23.04 23.21 -28.42
CA ASN A 495 -23.93 22.15 -28.86
C ASN A 495 -23.14 21.15 -29.72
N ILE A 496 -23.52 19.87 -29.63
CA ILE A 496 -22.82 18.83 -30.36
C ILE A 496 -22.90 19.01 -31.87
N GLU A 497 -23.92 19.74 -32.34
CA GLU A 497 -24.07 19.96 -33.78
C GLU A 497 -23.04 20.92 -34.35
N ASP A 498 -22.35 21.68 -33.49
CA ASP A 498 -21.47 22.75 -33.95
C ASP A 498 -20.08 22.27 -34.35
N PHE A 499 -19.81 20.98 -34.27
CA PHE A 499 -18.48 20.48 -34.64
C PHE A 499 -18.23 20.72 -36.13
N LYS A 500 -17.00 21.12 -36.45
CA LYS A 500 -16.57 21.33 -37.82
C LYS A 500 -15.29 20.56 -38.07
N TRP A 501 -15.00 20.30 -39.35
CA TRP A 501 -13.82 19.52 -39.69
C TRP A 501 -12.54 20.22 -39.26
N GLU A 502 -12.54 21.56 -39.27
CA GLU A 502 -11.37 22.31 -38.83
C GLU A 502 -11.15 22.20 -37.33
N ASP A 503 -12.18 21.79 -36.58
CA ASP A 503 -12.06 21.63 -35.13
C ASP A 503 -11.41 20.31 -34.73
N ILE A 504 -10.96 19.51 -35.69
CA ILE A 504 -10.43 18.17 -35.42
C ILE A 504 -8.96 18.14 -35.82
N GLU A 505 -8.11 17.66 -34.90
CA GLU A 505 -6.68 17.51 -35.14
C GLU A 505 -6.32 16.03 -35.09
N LEU A 506 -5.81 15.52 -36.21
CA LEU A 506 -5.35 14.13 -36.32
C LEU A 506 -3.84 14.12 -36.20
N ILE A 507 -3.34 13.59 -35.08
CA ILE A 507 -1.94 13.70 -34.71
C ILE A 507 -1.28 12.34 -34.86
N GLY A 508 -0.22 12.28 -35.67
CA GLY A 508 0.58 11.08 -35.75
C GLY A 508 -0.02 9.92 -36.53
N TYR A 509 -0.66 10.20 -37.65
CA TYR A 509 -1.27 9.17 -38.49
C TYR A 509 -0.35 8.91 -39.69
N TYR A 510 0.37 7.79 -39.66
CA TYR A 510 1.28 7.40 -40.73
C TYR A 510 0.87 6.04 -41.29
N PRO A 511 -0.17 6.00 -42.11
CA PRO A 511 -0.70 4.72 -42.59
C PRO A 511 0.01 4.20 -43.85
N TYR A 512 -0.32 2.97 -44.20
CA TYR A 512 0.08 2.40 -45.47
C TYR A 512 -0.76 3.01 -46.60
N PRO A 513 -0.28 2.93 -47.85
CA PRO A 513 -1.01 3.58 -48.94
C PRO A 513 -2.45 3.11 -49.03
N THR A 514 -3.29 3.99 -49.57
CA THR A 514 -4.71 3.68 -49.68
C THR A 514 -4.93 2.49 -50.60
N ILE A 515 -6.05 1.80 -50.40
CA ILE A 515 -6.41 0.62 -51.18
C ILE A 515 -7.78 0.86 -51.79
N LYS A 516 -7.85 0.91 -53.12
CA LYS A 516 -9.11 1.19 -53.79
C LYS A 516 -9.98 -0.05 -53.80
N MET A 517 -11.24 0.11 -53.39
CA MET A 517 -12.20 -0.98 -53.35
C MET A 517 -13.56 -0.45 -53.78
N ASP A 518 -14.16 -1.11 -54.78
CA ASP A 518 -15.44 -0.66 -55.30
C ASP A 518 -16.58 -1.05 -54.36
N MET A 519 -17.56 -0.16 -54.23
CA MET A 519 -18.71 -0.42 -53.39
C MET A 519 -19.78 -1.15 -54.16
N ALA A 520 -20.40 -2.13 -53.52
CA ALA A 520 -21.50 -2.88 -54.11
C ALA A 520 -22.80 -2.13 -53.87
N VAL A 521 -23.44 -1.71 -54.97
CA VAL A 521 -24.68 -0.95 -54.87
C VAL A 521 -25.87 -1.88 -54.66
N GLU B 3 10.59 -45.31 -20.13
CA GLU B 3 9.33 -44.79 -19.61
C GLU B 3 8.38 -44.47 -20.76
N LYS B 4 7.11 -44.84 -20.62
CA LYS B 4 6.11 -44.54 -21.62
C LYS B 4 4.82 -44.09 -20.94
N ASN B 5 3.87 -43.64 -21.75
CA ASN B 5 2.63 -43.06 -21.25
C ASN B 5 1.58 -44.14 -21.07
N VAL B 6 0.80 -44.03 -19.99
CA VAL B 6 -0.27 -44.98 -19.69
C VAL B 6 -1.53 -44.17 -19.44
N SER B 7 -2.48 -44.24 -20.37
CA SER B 7 -3.72 -43.47 -20.29
C SER B 7 -4.90 -44.41 -20.12
N ILE B 8 -5.95 -43.91 -19.46
CA ILE B 8 -7.20 -44.64 -19.31
C ILE B 8 -8.21 -44.06 -20.28
N VAL B 9 -8.86 -44.92 -21.05
CA VAL B 9 -9.99 -44.56 -21.90
C VAL B 9 -11.23 -45.20 -21.31
N VAL B 10 -12.26 -44.39 -21.07
CA VAL B 10 -13.48 -44.87 -20.44
C VAL B 10 -14.63 -43.98 -20.85
N ALA B 11 -15.81 -44.59 -21.00
CA ALA B 11 -17.07 -43.87 -21.20
C ALA B 11 -17.95 -44.20 -20.01
N ALA B 12 -18.16 -43.23 -19.13
CA ALA B 12 -18.91 -43.44 -17.90
C ALA B 12 -20.08 -42.49 -17.80
N SER B 13 -21.03 -42.84 -16.94
CA SER B 13 -22.18 -42.00 -16.69
C SER B 13 -21.76 -40.68 -16.05
N VAL B 14 -22.64 -39.68 -16.15
CA VAL B 14 -22.27 -38.34 -15.73
C VAL B 14 -22.28 -38.21 -14.20
N LEU B 15 -23.19 -38.91 -13.52
CA LEU B 15 -23.32 -38.81 -12.07
C LEU B 15 -22.69 -40.00 -11.34
N SER B 16 -23.22 -41.20 -11.56
CA SER B 16 -22.77 -42.40 -10.85
C SER B 16 -21.56 -43.07 -11.49
N SER B 17 -21.12 -42.61 -12.66
CA SER B 17 -19.95 -43.16 -13.34
C SER B 17 -20.13 -44.63 -13.69
N GLY B 18 -21.28 -44.95 -14.29
CA GLY B 18 -21.56 -46.30 -14.72
C GLY B 18 -21.02 -46.58 -16.12
N ILE B 19 -20.44 -47.76 -16.28
CA ILE B 19 -19.77 -48.12 -17.53
C ILE B 19 -20.35 -49.36 -18.20
N GLY B 20 -21.14 -50.16 -17.50
CA GLY B 20 -21.62 -51.39 -18.10
C GLY B 20 -22.81 -51.97 -17.38
N ILE B 21 -23.44 -52.95 -18.03
CA ILE B 21 -24.60 -53.65 -17.50
C ILE B 21 -24.73 -55.01 -18.18
N ASN B 22 -24.72 -56.06 -17.38
CA ASN B 22 -24.91 -57.44 -17.86
C ASN B 22 -23.91 -57.78 -18.96
N GLY B 23 -22.66 -57.35 -18.76
CA GLY B 23 -21.60 -57.68 -19.69
C GLY B 23 -21.58 -56.89 -20.97
N GLN B 24 -22.32 -55.78 -21.05
CA GLN B 24 -22.31 -54.93 -22.22
C GLN B 24 -22.44 -53.48 -21.78
N LEU B 25 -22.49 -52.57 -22.76
CA LEU B 25 -22.58 -51.15 -22.46
C LEU B 25 -24.03 -50.75 -22.17
N PRO B 26 -24.24 -49.72 -21.36
CA PRO B 26 -25.59 -49.21 -21.12
C PRO B 26 -26.14 -48.38 -22.26
N TRP B 27 -25.37 -48.18 -23.33
CA TRP B 27 -25.75 -47.29 -24.40
C TRP B 27 -25.09 -47.76 -25.69
N SER B 28 -25.49 -47.15 -26.80
CA SER B 28 -24.89 -47.41 -28.11
C SER B 28 -24.65 -46.06 -28.77
N ILE B 29 -23.44 -45.53 -28.58
CA ILE B 29 -23.04 -44.25 -29.16
C ILE B 29 -21.95 -44.53 -30.18
N SER B 30 -22.27 -44.33 -31.45
CA SER B 30 -21.32 -44.67 -32.52
C SER B 30 -20.07 -43.80 -32.44
N GLU B 31 -20.25 -42.49 -32.28
CA GLU B 31 -19.10 -41.57 -32.27
C GLU B 31 -18.16 -41.82 -31.09
N ASP B 32 -18.66 -42.40 -30.00
CA ASP B 32 -17.79 -42.65 -28.86
C ASP B 32 -16.81 -43.78 -29.15
N LEU B 33 -17.28 -44.85 -29.81
CA LEU B 33 -16.37 -45.91 -30.21
C LEU B 33 -15.34 -45.40 -31.21
N LYS B 34 -15.76 -44.50 -32.11
CA LYS B 34 -14.80 -43.90 -33.03
C LYS B 34 -13.73 -43.12 -32.28
N PHE B 35 -14.10 -42.46 -31.19
CA PHE B 35 -13.11 -41.79 -30.36
C PHE B 35 -12.14 -42.79 -29.75
N PHE B 36 -12.67 -43.89 -29.20
CA PHE B 36 -11.81 -44.95 -28.68
C PHE B 36 -10.84 -45.43 -29.75
N SER B 37 -11.31 -45.56 -30.99
CA SER B 37 -10.44 -46.03 -32.07
C SER B 37 -9.35 -45.00 -32.38
N LYS B 38 -9.73 -43.73 -32.51
CA LYS B 38 -8.75 -42.72 -32.91
C LYS B 38 -7.77 -42.40 -31.80
N ILE B 39 -8.21 -42.46 -30.54
CA ILE B 39 -7.30 -42.11 -29.45
C ILE B 39 -6.31 -43.26 -29.18
N THR B 40 -6.71 -44.50 -29.43
CA THR B 40 -5.83 -45.64 -29.19
C THR B 40 -4.94 -45.97 -30.37
N ASN B 41 -5.25 -45.44 -31.56
CA ASN B 41 -4.38 -45.58 -32.72
C ASN B 41 -3.41 -44.42 -32.87
N ASN B 42 -3.57 -43.37 -32.08
CA ASN B 42 -2.73 -42.19 -32.20
C ASN B 42 -1.31 -42.50 -31.75
N LYS B 43 -0.38 -42.58 -32.71
CA LYS B 43 1.01 -42.90 -32.44
C LYS B 43 1.89 -42.07 -33.36
N CYS B 44 3.17 -41.95 -33.00
CA CYS B 44 4.13 -41.22 -33.79
C CYS B 44 4.95 -42.10 -34.74
N ASP B 45 5.40 -43.26 -34.26
CA ASP B 45 6.24 -44.14 -35.05
C ASP B 45 5.39 -45.20 -35.74
N SER B 46 5.52 -45.29 -37.06
CA SER B 46 4.74 -46.26 -37.82
C SER B 46 5.18 -47.69 -37.58
N ASN B 47 6.42 -47.89 -37.11
CA ASN B 47 6.93 -49.23 -36.80
C ASN B 47 6.63 -49.63 -35.36
N LYS B 48 5.78 -48.89 -34.65
CA LYS B 48 5.36 -49.23 -33.32
C LYS B 48 3.84 -49.33 -33.27
N LYS B 49 3.33 -49.98 -32.22
CA LYS B 49 1.91 -50.16 -32.02
C LYS B 49 1.56 -49.77 -30.60
N ASN B 50 0.28 -49.48 -30.37
CA ASN B 50 -0.23 -49.19 -29.05
C ASN B 50 -0.84 -50.45 -28.42
N ALA B 51 -0.74 -50.54 -27.10
CA ALA B 51 -1.21 -51.69 -26.35
C ALA B 51 -2.48 -51.31 -25.60
N LEU B 52 -3.52 -52.13 -25.74
CA LEU B 52 -4.80 -51.90 -25.07
C LEU B 52 -5.00 -52.99 -24.04
N ILE B 53 -4.92 -52.61 -22.76
CA ILE B 53 -5.10 -53.56 -21.66
C ILE B 53 -6.57 -53.64 -21.31
N MET B 54 -7.06 -54.85 -21.09
CA MET B 54 -8.45 -55.05 -20.71
C MET B 54 -8.60 -56.33 -19.92
N GLY B 55 -9.63 -56.37 -19.06
CA GLY B 55 -9.93 -57.57 -18.31
C GLY B 55 -10.61 -58.62 -19.19
N ARG B 56 -10.74 -59.83 -18.63
CA ARG B 56 -11.29 -60.92 -19.42
C ARG B 56 -12.75 -60.67 -19.77
N LYS B 57 -13.57 -60.28 -18.79
CA LYS B 57 -14.98 -60.05 -19.05
C LYS B 57 -15.19 -58.97 -20.11
N THR B 58 -14.30 -57.98 -20.16
CA THR B 58 -14.36 -57.00 -21.24
C THR B 58 -13.87 -57.60 -22.55
N TRP B 59 -12.83 -58.44 -22.49
CA TRP B 59 -12.37 -59.15 -23.67
C TRP B 59 -13.48 -60.03 -24.25
N ASP B 60 -14.36 -60.56 -23.41
CA ASP B 60 -15.50 -61.33 -23.92
C ASP B 60 -16.53 -60.42 -24.59
N SER B 61 -16.72 -59.21 -24.04
CA SER B 61 -17.76 -58.33 -24.54
C SER B 61 -17.49 -57.83 -25.95
N ILE B 62 -16.23 -57.81 -26.38
CA ILE B 62 -15.88 -57.36 -27.73
C ILE B 62 -15.68 -58.55 -28.68
N GLY B 63 -16.19 -59.72 -28.31
CA GLY B 63 -16.18 -60.87 -29.19
C GLY B 63 -14.89 -61.65 -29.27
N ARG B 64 -13.90 -61.34 -28.43
CA ARG B 64 -12.61 -62.02 -28.43
C ARG B 64 -11.95 -61.97 -29.81
N ARG B 65 -12.08 -60.82 -30.48
CA ARG B 65 -11.45 -60.63 -31.76
C ARG B 65 -10.55 -59.40 -31.72
N PRO B 66 -9.40 -59.42 -32.40
CA PRO B 66 -8.43 -58.34 -32.26
C PRO B 66 -8.95 -57.02 -32.84
N LEU B 67 -8.24 -55.96 -32.47
CA LEU B 67 -8.50 -54.63 -32.99
C LEU B 67 -7.36 -54.25 -33.92
N LYS B 68 -7.69 -53.73 -35.10
CA LYS B 68 -6.71 -53.50 -36.13
C LYS B 68 -5.63 -52.53 -35.65
N ASN B 69 -4.38 -52.79 -36.06
CA ASN B 69 -3.22 -51.94 -35.83
C ASN B 69 -2.87 -51.78 -34.35
N ARG B 70 -3.48 -52.57 -33.47
CA ARG B 70 -3.22 -52.47 -32.04
C ARG B 70 -2.98 -53.86 -31.47
N ILE B 71 -2.48 -53.89 -30.24
CA ILE B 71 -2.17 -55.13 -29.54
C ILE B 71 -3.01 -55.17 -28.27
N ILE B 72 -3.90 -56.15 -28.19
CA ILE B 72 -4.76 -56.31 -27.02
C ILE B 72 -4.00 -57.08 -25.95
N VAL B 73 -4.02 -56.56 -24.72
CA VAL B 73 -3.44 -57.24 -23.58
C VAL B 73 -4.58 -57.60 -22.65
N VAL B 74 -4.82 -58.90 -22.47
CA VAL B 74 -5.92 -59.40 -21.65
C VAL B 74 -5.36 -59.79 -20.29
N ILE B 75 -6.02 -59.32 -19.23
CA ILE B 75 -5.65 -59.68 -17.88
C ILE B 75 -6.62 -60.76 -17.42
N SER B 76 -6.10 -61.98 -17.26
CA SER B 76 -6.94 -63.10 -16.87
C SER B 76 -6.09 -64.09 -16.08
N SER B 77 -6.72 -64.71 -15.09
CA SER B 77 -6.06 -65.75 -14.31
C SER B 77 -6.25 -67.14 -14.89
N SER B 78 -7.16 -67.29 -15.88
CA SER B 78 -7.48 -68.60 -16.45
C SER B 78 -7.19 -68.72 -17.93
N LEU B 79 -7.16 -67.62 -18.68
CA LEU B 79 -6.98 -67.69 -20.12
C LEU B 79 -5.62 -68.30 -20.46
N PRO B 80 -5.55 -69.18 -21.45
CA PRO B 80 -4.26 -69.77 -21.84
C PRO B 80 -3.38 -68.74 -22.51
N GLN B 81 -2.08 -68.79 -22.21
CA GLN B 81 -1.10 -67.86 -22.78
C GLN B 81 -0.71 -68.36 -24.17
N ASP B 82 -1.66 -68.24 -25.10
CA ASP B 82 -1.43 -68.66 -26.47
C ASP B 82 -0.49 -67.68 -27.16
N GLU B 83 0.50 -68.22 -27.86
CA GLU B 83 1.45 -67.40 -28.63
C GLU B 83 1.12 -67.37 -30.11
N ALA B 84 0.04 -68.02 -30.54
CA ALA B 84 -0.29 -68.07 -31.96
C ALA B 84 -0.76 -66.72 -32.47
N ASP B 85 -1.47 -65.96 -31.64
CA ASP B 85 -1.97 -64.66 -32.04
C ASP B 85 -1.04 -63.58 -31.50
N PRO B 86 -0.30 -62.86 -32.35
CA PRO B 86 0.57 -61.79 -31.84
C PRO B 86 -0.17 -60.53 -31.45
N ASN B 87 -1.42 -60.36 -31.90
CA ASN B 87 -2.20 -59.18 -31.56
C ASN B 87 -3.01 -59.34 -30.28
N VAL B 88 -2.86 -60.47 -29.59
CA VAL B 88 -3.55 -60.72 -28.32
C VAL B 88 -2.58 -61.45 -27.40
N VAL B 89 -2.29 -60.86 -26.24
CA VAL B 89 -1.39 -61.44 -25.25
C VAL B 89 -2.08 -61.45 -23.90
N VAL B 90 -1.80 -62.47 -23.10
CA VAL B 90 -2.46 -62.67 -21.81
C VAL B 90 -1.42 -62.57 -20.70
N PHE B 91 -1.78 -61.83 -19.64
CA PHE B 91 -0.95 -61.72 -18.45
C PHE B 91 -1.79 -62.03 -17.22
N ARG B 92 -1.12 -62.53 -16.17
CA ARG B 92 -1.83 -63.04 -15.00
C ARG B 92 -2.25 -61.94 -14.04
N ASN B 93 -1.65 -60.76 -14.11
CA ASN B 93 -2.08 -59.63 -13.29
C ASN B 93 -1.73 -58.34 -14.03
N LEU B 94 -2.30 -57.23 -13.56
CA LEU B 94 -2.07 -55.96 -14.22
C LEU B 94 -0.63 -55.49 -14.07
N GLU B 95 0.02 -55.82 -12.95
CA GLU B 95 1.37 -55.32 -12.73
C GLU B 95 2.34 -55.93 -13.74
N ASP B 96 2.26 -57.23 -13.99
CA ASP B 96 3.18 -57.82 -14.95
C ASP B 96 2.86 -57.40 -16.38
N SER B 97 1.77 -56.67 -16.60
CA SER B 97 1.45 -56.19 -17.93
C SER B 97 1.84 -54.74 -18.13
N ILE B 98 2.25 -54.03 -17.08
CA ILE B 98 2.81 -52.70 -17.20
C ILE B 98 4.33 -52.76 -17.27
N GLU B 99 4.93 -53.65 -16.47
CA GLU B 99 6.36 -53.88 -16.55
C GLU B 99 6.77 -54.48 -17.89
N ASN B 100 5.91 -55.31 -18.50
CA ASN B 100 6.29 -55.90 -19.77
C ASN B 100 6.05 -54.97 -20.95
N LEU B 101 5.03 -54.11 -20.86
CA LEU B 101 4.76 -53.21 -21.98
C LEU B 101 5.84 -52.13 -22.06
N MET B 102 6.21 -51.58 -20.91
CA MET B 102 7.29 -50.60 -20.86
C MET B 102 8.59 -51.38 -20.81
N ASN B 103 9.55 -50.94 -21.61
CA ASN B 103 10.86 -51.56 -21.93
C ASN B 103 10.67 -52.44 -23.17
N ASP B 104 9.48 -52.45 -23.76
CA ASP B 104 9.15 -53.20 -24.98
C ASP B 104 9.13 -52.15 -26.08
N ASP B 105 10.29 -51.93 -26.69
CA ASP B 105 10.46 -50.85 -27.65
C ASP B 105 9.50 -50.93 -28.84
N SER B 106 8.92 -52.09 -29.13
CA SER B 106 7.95 -52.17 -30.21
C SER B 106 6.64 -51.46 -29.86
N ILE B 107 6.41 -51.18 -28.58
CA ILE B 107 5.20 -50.51 -28.11
C ILE B 107 5.50 -49.06 -27.79
N GLU B 108 4.66 -48.14 -28.29
CA GLU B 108 4.84 -46.71 -28.07
C GLU B 108 4.01 -46.16 -26.91
N ASN B 109 2.72 -46.47 -26.88
CA ASN B 109 1.84 -45.98 -25.83
C ASN B 109 1.02 -47.14 -25.25
N ILE B 110 0.52 -46.92 -24.03
CA ILE B 110 -0.25 -47.92 -23.30
C ILE B 110 -1.61 -47.34 -22.95
N PHE B 111 -2.66 -48.14 -23.13
CA PHE B 111 -4.02 -47.73 -22.84
C PHE B 111 -4.70 -48.76 -21.95
N VAL B 112 -5.31 -48.27 -20.87
CA VAL B 112 -6.09 -49.10 -19.96
C VAL B 112 -7.56 -48.81 -20.22
N CYS B 113 -8.34 -49.86 -20.47
CA CYS B 113 -9.73 -49.67 -20.87
C CYS B 113 -10.59 -50.87 -20.57
N GLY B 114 -10.23 -51.65 -19.54
CA GLY B 114 -10.80 -52.97 -19.41
C GLY B 114 -11.69 -53.24 -18.22
N GLY B 115 -12.69 -52.40 -17.98
CA GLY B 115 -13.68 -52.68 -16.97
C GLY B 115 -13.26 -52.26 -15.58
N GLU B 116 -14.21 -52.37 -14.65
CA GLU B 116 -14.02 -51.84 -13.30
C GLU B 116 -12.82 -52.46 -12.61
N SER B 117 -12.66 -53.79 -12.71
CA SER B 117 -11.57 -54.44 -12.00
C SER B 117 -10.22 -53.94 -12.46
N ILE B 118 -10.10 -53.57 -13.73
CA ILE B 118 -8.84 -53.05 -14.25
C ILE B 118 -8.72 -51.54 -14.01
N TYR B 119 -9.82 -50.81 -14.14
CA TYR B 119 -9.81 -49.38 -13.83
C TYR B 119 -9.45 -49.15 -12.36
N ARG B 120 -10.07 -49.91 -11.47
CA ARG B 120 -9.90 -49.67 -10.05
C ARG B 120 -8.49 -49.99 -9.59
N ASP B 121 -7.93 -51.11 -10.06
CA ASP B 121 -6.58 -51.50 -9.65
C ASP B 121 -5.50 -50.71 -10.38
N ALA B 122 -5.81 -50.11 -11.53
CA ALA B 122 -4.81 -49.28 -12.18
C ALA B 122 -4.63 -47.94 -11.49
N LEU B 123 -5.70 -47.41 -10.89
CA LEU B 123 -5.58 -46.14 -10.17
C LEU B 123 -5.05 -46.34 -8.75
N LYS B 124 -5.45 -47.43 -8.09
CA LYS B 124 -4.99 -47.69 -6.73
C LYS B 124 -3.49 -47.92 -6.67
N ASP B 125 -2.92 -48.51 -7.71
CA ASP B 125 -1.49 -48.78 -7.77
C ASP B 125 -0.71 -47.68 -8.48
N ASN B 126 -1.36 -46.57 -8.84
CA ASN B 126 -0.72 -45.38 -9.39
C ASN B 126 0.03 -45.69 -10.68
N PHE B 127 -0.66 -46.32 -11.63
CA PHE B 127 -0.08 -46.65 -12.92
C PHE B 127 -0.50 -45.70 -14.04
N VAL B 128 -1.47 -44.83 -13.81
CA VAL B 128 -2.14 -44.09 -14.87
C VAL B 128 -1.65 -42.65 -14.89
N ASP B 129 -1.33 -42.16 -16.09
CA ASP B 129 -0.90 -40.78 -16.31
C ASP B 129 -2.03 -39.87 -16.77
N ARG B 130 -2.87 -40.34 -17.70
CA ARG B 130 -3.98 -39.55 -18.23
C ARG B 130 -5.26 -40.35 -18.16
N ILE B 131 -6.38 -39.64 -18.16
CA ILE B 131 -7.70 -40.26 -18.16
C ILE B 131 -8.54 -39.60 -19.25
N TYR B 132 -8.90 -40.36 -20.26
CA TYR B 132 -9.83 -39.89 -21.29
C TYR B 132 -11.24 -40.30 -20.89
N LEU B 133 -12.04 -39.34 -20.44
CA LEU B 133 -13.37 -39.61 -19.90
C LEU B 133 -14.44 -39.12 -20.86
N THR B 134 -15.39 -39.98 -21.19
CA THR B 134 -16.55 -39.63 -21.99
C THR B 134 -17.75 -39.66 -21.03
N ARG B 135 -18.22 -38.48 -20.63
CA ARG B 135 -19.33 -38.37 -19.69
C ARG B 135 -20.63 -38.47 -20.46
N VAL B 136 -21.38 -39.54 -20.23
CA VAL B 136 -22.64 -39.79 -20.93
C VAL B 136 -23.80 -39.41 -20.01
N ALA B 137 -24.74 -38.62 -20.52
CA ALA B 137 -25.84 -38.10 -19.71
C ALA B 137 -27.01 -39.09 -19.71
N LEU B 138 -26.79 -40.19 -19.00
CA LEU B 138 -27.80 -41.24 -18.83
C LEU B 138 -27.66 -41.79 -17.42
N GLU B 139 -28.69 -41.57 -16.59
CA GLU B 139 -28.61 -41.94 -15.19
C GLU B 139 -29.82 -42.67 -14.64
N ASP B 140 -31.00 -42.51 -15.22
CA ASP B 140 -32.16 -43.22 -14.71
C ASP B 140 -32.30 -44.60 -15.35
N ILE B 141 -31.17 -45.26 -15.57
CA ILE B 141 -31.15 -46.65 -16.03
C ILE B 141 -30.33 -47.46 -15.03
N GLU B 142 -30.09 -48.73 -15.33
CA GLU B 142 -29.45 -49.65 -14.39
C GLU B 142 -28.03 -49.96 -14.82
N PHE B 143 -27.10 -49.88 -13.86
CA PHE B 143 -25.70 -50.26 -14.05
C PHE B 143 -25.34 -51.37 -13.08
N ASP B 144 -24.31 -52.13 -13.44
CA ASP B 144 -23.72 -53.12 -12.54
C ASP B 144 -22.21 -53.02 -12.44
N THR B 145 -21.54 -52.34 -13.37
CA THR B 145 -20.11 -52.08 -13.27
C THR B 145 -19.90 -50.58 -13.42
N TYR B 146 -19.08 -50.00 -12.55
CA TYR B 146 -18.90 -48.57 -12.47
C TYR B 146 -17.44 -48.20 -12.71
N PHE B 147 -17.23 -46.93 -13.07
CA PHE B 147 -15.88 -46.38 -13.13
C PHE B 147 -15.53 -45.75 -11.78
N PRO B 148 -14.37 -46.08 -11.20
CA PRO B 148 -14.06 -45.58 -9.86
C PRO B 148 -14.00 -44.06 -9.83
N GLU B 149 -14.18 -43.52 -8.63
CA GLU B 149 -14.05 -42.08 -8.44
C GLU B 149 -12.63 -41.66 -8.78
N ILE B 150 -12.52 -40.55 -9.50
CA ILE B 150 -11.20 -40.09 -9.94
C ILE B 150 -10.41 -39.60 -8.73
N PRO B 151 -9.19 -40.11 -8.50
CA PRO B 151 -8.42 -39.68 -7.34
C PRO B 151 -8.08 -38.20 -7.41
N GLU B 152 -7.80 -37.62 -6.23
CA GLU B 152 -7.48 -36.20 -6.15
C GLU B 152 -6.17 -35.86 -6.85
N THR B 153 -5.30 -36.84 -7.10
CA THR B 153 -4.06 -36.58 -7.82
C THR B 153 -4.28 -36.21 -9.27
N PHE B 154 -5.50 -36.36 -9.80
CA PHE B 154 -5.82 -36.01 -11.17
C PHE B 154 -6.56 -34.68 -11.21
N LEU B 155 -6.24 -33.87 -12.21
CA LEU B 155 -6.94 -32.61 -12.45
C LEU B 155 -7.42 -32.55 -13.89
N PRO B 156 -8.64 -32.07 -14.13
CA PRO B 156 -9.11 -31.95 -15.51
C PRO B 156 -8.36 -30.85 -16.25
N VAL B 157 -8.00 -31.14 -17.49
CA VAL B 157 -7.33 -30.16 -18.34
C VAL B 157 -8.09 -29.87 -19.62
N TYR B 158 -9.19 -30.56 -19.88
CA TYR B 158 -9.97 -30.33 -21.10
C TYR B 158 -11.39 -30.83 -20.90
N MET B 159 -12.35 -30.10 -21.44
CA MET B 159 -13.75 -30.52 -21.42
C MET B 159 -14.40 -30.02 -22.71
N SER B 160 -14.75 -30.97 -23.59
CA SER B 160 -15.26 -30.63 -24.91
C SER B 160 -16.65 -30.02 -24.83
N GLN B 161 -17.14 -29.57 -25.98
CA GLN B 161 -18.53 -29.18 -26.10
C GLN B 161 -19.43 -30.42 -25.96
N THR B 162 -20.69 -30.19 -25.63
CA THR B 162 -21.65 -31.28 -25.52
C THR B 162 -22.07 -31.74 -26.90
N PHE B 163 -21.98 -33.05 -27.14
CA PHE B 163 -22.39 -33.66 -28.39
C PHE B 163 -23.68 -34.44 -28.19
N CYS B 164 -24.31 -34.80 -29.31
CA CYS B 164 -25.61 -35.45 -29.29
C CYS B 164 -25.64 -36.63 -30.24
N THR B 165 -26.09 -37.78 -29.75
CA THR B 165 -26.31 -38.97 -30.57
C THR B 165 -27.58 -39.64 -30.09
N LYS B 166 -28.59 -39.68 -30.95
CA LYS B 166 -29.89 -40.26 -30.63
C LYS B 166 -30.46 -39.61 -29.35
N ASN B 167 -30.41 -38.29 -29.31
CA ASN B 167 -30.91 -37.48 -28.20
C ASN B 167 -30.17 -37.75 -26.90
N ILE B 168 -28.94 -38.24 -26.96
CA ILE B 168 -28.13 -38.52 -25.78
C ILE B 168 -26.96 -37.54 -25.76
N SER B 169 -26.85 -36.79 -24.68
CA SER B 169 -25.78 -35.80 -24.53
C SER B 169 -24.54 -36.45 -23.93
N TYR B 170 -23.36 -36.06 -24.43
CA TYR B 170 -22.11 -36.56 -23.86
C TYR B 170 -20.99 -35.56 -24.09
N ASP B 171 -20.00 -35.62 -23.21
CA ASP B 171 -18.82 -34.77 -23.20
C ASP B 171 -17.57 -35.59 -23.49
N PHE B 172 -16.44 -34.89 -23.61
CA PHE B 172 -15.14 -35.53 -23.67
C PHE B 172 -14.19 -34.75 -22.77
N MET B 173 -13.58 -35.44 -21.81
CA MET B 173 -12.70 -34.77 -20.86
C MET B 173 -11.35 -35.48 -20.83
N ILE B 174 -10.33 -34.70 -20.50
CA ILE B 174 -8.98 -35.21 -20.28
C ILE B 174 -8.59 -34.89 -18.85
N PHE B 175 -8.06 -35.88 -18.14
CA PHE B 175 -7.56 -35.71 -16.79
C PHE B 175 -6.09 -36.04 -16.76
N GLU B 176 -5.28 -35.11 -16.23
CA GLU B 176 -3.85 -35.32 -16.05
C GLU B 176 -3.53 -35.45 -14.57
N LYS B 177 -2.50 -36.22 -14.27
CA LYS B 177 -2.04 -36.41 -12.91
C LYS B 177 -0.96 -35.38 -12.63
N GLN B 178 -1.24 -34.44 -11.75
CA GLN B 178 -0.31 -33.35 -11.47
C GLN B 178 0.78 -33.82 -10.52
N GLU B 179 2.02 -33.74 -10.96
CA GLU B 179 3.17 -34.15 -10.17
C GLU B 179 3.31 -33.30 -8.91
N LEU B 193 8.59 -17.38 -24.87
CA LEU B 193 7.19 -17.06 -24.61
C LEU B 193 7.02 -16.32 -23.29
N LYS B 194 7.89 -16.64 -22.32
CA LYS B 194 7.79 -15.98 -21.03
C LYS B 194 8.37 -14.58 -21.04
N SER B 195 9.13 -14.21 -22.08
CA SER B 195 9.59 -12.84 -22.21
C SER B 195 8.46 -11.91 -22.62
N ILE B 196 7.45 -12.44 -23.33
CA ILE B 196 6.27 -11.64 -23.64
C ILE B 196 5.47 -11.37 -22.39
N ASP B 197 5.26 -12.40 -21.56
CA ASP B 197 4.51 -12.22 -20.33
C ASP B 197 5.20 -11.23 -19.39
N ASP B 198 6.53 -11.22 -19.39
CA ASP B 198 7.26 -10.28 -18.56
C ASP B 198 7.09 -8.85 -19.05
N THR B 199 7.18 -8.65 -20.37
CA THR B 199 7.04 -7.31 -20.92
C THR B 199 5.63 -6.76 -20.73
N VAL B 200 4.61 -7.61 -20.84
CA VAL B 200 3.25 -7.16 -20.62
C VAL B 200 3.04 -6.79 -19.17
N ASP B 201 3.64 -7.54 -18.25
CA ASP B 201 3.56 -7.20 -16.83
C ASP B 201 4.22 -5.87 -16.54
N LEU B 202 5.39 -5.63 -17.14
CA LEU B 202 6.09 -4.36 -16.93
C LEU B 202 5.30 -3.20 -17.50
N LEU B 203 4.72 -3.35 -18.69
CA LEU B 203 3.87 -2.31 -19.23
C LEU B 203 2.66 -2.06 -18.36
N GLY B 204 2.16 -3.09 -17.68
CA GLY B 204 1.05 -2.90 -16.77
C GLY B 204 1.42 -2.17 -15.49
N GLU B 205 2.70 -2.17 -15.13
CA GLU B 205 3.14 -1.42 -13.95
C GLU B 205 3.33 0.06 -14.27
N ILE B 206 3.87 0.36 -15.44
CA ILE B 206 4.10 1.74 -15.89
C ILE B 206 2.75 2.43 -16.02
N PHE B 207 1.97 1.99 -17.00
CA PHE B 207 0.62 2.52 -17.18
C PHE B 207 -0.34 1.83 -16.22
N GLY B 208 -1.15 2.62 -15.52
CA GLY B 208 -2.10 2.03 -14.61
C GLY B 208 -3.29 1.45 -15.35
N ILE B 209 -4.45 2.10 -15.21
CA ILE B 209 -5.65 1.71 -15.94
C ILE B 209 -5.51 2.17 -17.39
N ARG B 210 -4.43 2.89 -17.69
CA ARG B 210 -4.22 3.36 -19.06
C ARG B 210 -4.02 2.21 -20.03
N LYS B 211 -3.40 1.12 -19.58
CA LYS B 211 -3.27 -0.07 -20.41
C LYS B 211 -4.57 -0.87 -20.30
N MET B 212 -5.25 -1.05 -21.44
CA MET B 212 -6.57 -1.66 -21.43
C MET B 212 -6.57 -3.06 -20.84
N GLY B 213 -5.43 -3.76 -20.94
CA GLY B 213 -5.34 -5.08 -20.32
C GLY B 213 -5.60 -5.05 -18.83
N ASN B 214 -5.19 -3.98 -18.14
CA ASN B 214 -5.45 -3.86 -16.72
C ASN B 214 -6.92 -3.59 -16.41
N ARG B 215 -7.66 -3.03 -17.37
CA ARG B 215 -9.11 -2.89 -17.21
C ARG B 215 -9.85 -4.18 -17.48
N HIS B 216 -9.19 -5.18 -18.04
CA HIS B 216 -9.77 -6.50 -18.30
C HIS B 216 -8.83 -7.57 -17.73
N LYS B 217 -8.54 -7.47 -16.44
CA LYS B 217 -7.62 -8.41 -15.80
C LYS B 217 -8.16 -9.83 -15.87
N PHE B 218 -7.26 -10.78 -16.10
CA PHE B 218 -7.65 -12.18 -16.11
C PHE B 218 -8.12 -12.58 -14.71
N PRO B 219 -9.25 -13.27 -14.58
CA PRO B 219 -9.77 -13.59 -13.24
C PRO B 219 -8.79 -14.46 -12.46
N LYS B 220 -8.71 -14.21 -11.16
CA LYS B 220 -7.84 -14.98 -10.30
C LYS B 220 -8.36 -16.40 -10.15
N GLU B 221 -7.47 -17.30 -9.73
CA GLU B 221 -7.83 -18.71 -9.62
C GLU B 221 -8.97 -18.92 -8.62
N GLU B 222 -9.05 -18.08 -7.59
CA GLU B 222 -10.06 -18.25 -6.55
C GLU B 222 -11.47 -18.02 -7.06
N ILE B 223 -11.64 -17.36 -8.21
CA ILE B 223 -12.94 -17.09 -8.78
C ILE B 223 -13.08 -17.69 -10.19
N TYR B 224 -12.14 -18.55 -10.58
CA TYR B 224 -12.15 -19.19 -11.89
C TYR B 224 -12.72 -20.59 -11.75
N ASN B 225 -13.80 -20.88 -12.48
CA ASN B 225 -14.47 -22.17 -12.36
C ASN B 225 -13.60 -23.27 -12.96
N THR B 226 -13.31 -24.29 -12.16
CA THR B 226 -12.44 -25.39 -12.55
C THR B 226 -11.15 -24.84 -13.14
N PRO B 227 -10.32 -24.16 -12.33
CA PRO B 227 -9.18 -23.42 -12.88
C PRO B 227 -8.11 -24.29 -13.50
N SER B 228 -8.12 -25.61 -13.24
CA SER B 228 -7.12 -26.49 -13.83
C SER B 228 -7.31 -26.67 -15.33
N ILE B 229 -8.51 -26.39 -15.85
CA ILE B 229 -8.77 -26.44 -17.30
C ILE B 229 -8.37 -25.08 -17.85
N ARG B 230 -7.10 -24.96 -18.25
CA ARG B 230 -6.56 -23.71 -18.75
C ARG B 230 -6.80 -23.53 -20.24
N PHE B 231 -6.42 -24.52 -21.05
CA PHE B 231 -6.48 -24.42 -22.50
C PHE B 231 -7.62 -25.21 -23.13
N GLY B 232 -8.41 -25.91 -22.33
CA GLY B 232 -9.46 -26.76 -22.88
C GLY B 232 -10.87 -26.39 -22.44
N ARG B 233 -11.15 -25.09 -22.40
CA ARG B 233 -12.46 -24.62 -21.97
C ARG B 233 -13.43 -24.59 -23.16
N GLU B 234 -13.60 -25.76 -23.78
CA GLU B 234 -14.43 -25.86 -24.97
C GLU B 234 -15.92 -25.91 -24.63
N HIS B 235 -16.29 -26.52 -23.51
CA HIS B 235 -17.69 -26.55 -23.09
C HIS B 235 -18.22 -25.13 -23.00
N TYR B 236 -19.31 -24.87 -23.70
CA TYR B 236 -19.82 -23.52 -23.86
C TYR B 236 -20.57 -22.99 -22.65
N GLU B 237 -20.72 -23.79 -21.58
CA GLU B 237 -21.17 -23.20 -20.32
C GLU B 237 -20.10 -22.31 -19.71
N PHE B 238 -18.83 -22.54 -20.05
CA PHE B 238 -17.76 -21.65 -19.62
C PHE B 238 -17.93 -20.25 -20.16
N GLN B 239 -18.65 -20.07 -21.28
CA GLN B 239 -18.93 -18.74 -21.77
C GLN B 239 -19.76 -17.93 -20.78
N TYR B 240 -20.52 -18.60 -19.93
CA TYR B 240 -21.26 -17.95 -18.86
C TYR B 240 -20.48 -17.92 -17.55
N LEU B 241 -19.80 -19.03 -17.23
CA LEU B 241 -19.06 -19.10 -15.98
C LEU B 241 -17.85 -18.17 -15.99
N ASP B 242 -17.19 -18.03 -17.15
CA ASP B 242 -16.04 -17.13 -17.21
C ASP B 242 -16.47 -15.67 -17.23
N LEU B 243 -17.67 -15.37 -17.74
CA LEU B 243 -18.17 -14.01 -17.65
C LEU B 243 -18.43 -13.62 -16.19
N LEU B 244 -18.90 -14.56 -15.39
CA LEU B 244 -19.01 -14.33 -13.96
C LEU B 244 -17.64 -14.02 -13.35
N SER B 245 -16.63 -14.82 -13.69
CA SER B 245 -15.30 -14.60 -13.15
C SER B 245 -14.73 -13.25 -13.57
N ARG B 246 -14.96 -12.85 -14.83
CA ARG B 246 -14.48 -11.56 -15.27
C ARG B 246 -15.16 -10.41 -14.57
N VAL B 247 -16.43 -10.59 -14.15
CA VAL B 247 -17.12 -9.53 -13.42
C VAL B 247 -16.60 -9.46 -11.99
N LEU B 248 -16.43 -10.61 -11.34
CA LEU B 248 -15.92 -10.61 -9.98
C LEU B 248 -14.50 -10.04 -9.91
N GLU B 249 -13.77 -10.03 -11.03
CA GLU B 249 -12.41 -9.51 -11.05
C GLU B 249 -12.32 -8.05 -11.45
N ASN B 250 -13.16 -7.60 -12.39
CA ASN B 250 -13.07 -6.26 -12.92
C ASN B 250 -14.31 -5.41 -12.67
N GLY B 251 -15.32 -5.95 -11.99
CA GLY B 251 -16.60 -5.26 -11.88
C GLY B 251 -16.48 -4.02 -11.00
N ALA B 252 -16.90 -2.88 -11.55
CA ALA B 252 -16.93 -1.63 -10.79
C ALA B 252 -18.18 -1.58 -9.93
N TYR B 253 -18.00 -1.29 -8.64
CA TYR B 253 -19.13 -1.16 -7.74
C TYR B 253 -19.93 0.08 -8.08
N ARG B 254 -21.19 -0.10 -8.50
CA ARG B 254 -22.00 1.00 -9.00
C ARG B 254 -23.41 0.91 -8.45
N GLU B 255 -23.99 2.07 -8.17
CA GLU B 255 -25.39 2.15 -7.81
C GLU B 255 -26.26 2.10 -9.08
N ASN B 256 -27.52 1.73 -8.89
CA ASN B 256 -28.47 1.68 -10.00
C ASN B 256 -29.84 2.07 -9.47
N ARG B 257 -30.85 1.97 -10.34
CA ARG B 257 -32.20 2.43 -10.00
C ARG B 257 -32.77 1.70 -8.78
N THR B 258 -32.31 0.48 -8.51
CA THR B 258 -32.77 -0.24 -7.34
C THR B 258 -31.88 0.07 -6.14
N GLY B 259 -32.29 -0.42 -4.98
CA GLY B 259 -31.50 -0.24 -3.78
C GLY B 259 -30.33 -1.19 -3.64
N ILE B 260 -30.07 -2.03 -4.63
CA ILE B 260 -29.04 -3.06 -4.56
C ILE B 260 -27.98 -2.73 -5.59
N SER B 261 -26.78 -2.42 -5.11
CA SER B 261 -25.70 -2.08 -6.03
C SER B 261 -25.20 -3.32 -6.76
N THR B 262 -24.48 -3.09 -7.85
CA THR B 262 -23.96 -4.16 -8.69
C THR B 262 -22.47 -3.97 -8.92
N TYR B 263 -21.81 -5.06 -9.31
CA TYR B 263 -20.46 -5.03 -9.86
C TYR B 263 -20.60 -5.19 -11.37
N SER B 264 -20.25 -4.15 -12.11
CA SER B 264 -20.61 -4.04 -13.52
C SER B 264 -19.37 -3.85 -14.40
N ILE B 265 -19.36 -4.54 -15.54
CA ILE B 265 -18.42 -4.27 -16.63
C ILE B 265 -19.24 -4.04 -17.89
N PHE B 266 -18.57 -3.53 -18.93
CA PHE B 266 -19.25 -3.12 -20.15
C PHE B 266 -18.61 -3.79 -21.35
N GLY B 267 -19.45 -4.30 -22.25
CA GLY B 267 -18.98 -4.91 -23.47
C GLY B 267 -18.51 -6.33 -23.26
N GLN B 268 -19.46 -7.26 -23.18
CA GLN B 268 -19.14 -8.67 -23.02
C GLN B 268 -20.03 -9.49 -23.96
N MET B 269 -19.58 -10.71 -24.24
CA MET B 269 -20.27 -11.58 -25.18
C MET B 269 -20.21 -13.03 -24.72
N MET B 270 -21.24 -13.78 -25.06
CA MET B 270 -21.31 -15.22 -24.85
C MET B 270 -21.84 -15.86 -26.12
N ARG B 271 -21.23 -16.97 -26.53
CA ARG B 271 -21.72 -17.73 -27.67
C ARG B 271 -21.91 -19.18 -27.27
N PHE B 272 -22.98 -19.78 -27.80
CA PHE B 272 -23.37 -21.14 -27.46
C PHE B 272 -23.72 -21.90 -28.72
N ASP B 273 -23.50 -23.22 -28.68
CA ASP B 273 -23.94 -24.10 -29.74
C ASP B 273 -25.36 -24.55 -29.46
N MET B 274 -26.16 -24.68 -30.53
CA MET B 274 -27.50 -25.22 -30.43
C MET B 274 -27.73 -26.41 -31.34
N ARG B 275 -26.75 -26.79 -32.15
CA ARG B 275 -26.90 -27.96 -33.01
C ARG B 275 -26.87 -29.25 -32.21
N GLU B 276 -25.84 -29.43 -31.39
CA GLU B 276 -25.59 -30.67 -30.67
C GLU B 276 -26.02 -30.62 -29.22
N SER B 277 -26.59 -29.52 -28.75
CA SER B 277 -27.01 -29.41 -27.35
C SER B 277 -27.92 -28.18 -27.21
N PHE B 278 -28.43 -28.00 -26.00
CA PHE B 278 -29.29 -26.87 -25.65
C PHE B 278 -28.63 -26.09 -24.51
N PRO B 279 -28.39 -24.79 -24.67
CA PRO B 279 -27.61 -24.05 -23.66
C PRO B 279 -28.36 -23.80 -22.36
N LEU B 280 -28.64 -24.87 -21.62
CA LEU B 280 -29.24 -24.78 -20.30
C LEU B 280 -28.17 -25.08 -19.26
N LEU B 281 -27.92 -24.13 -18.36
CA LEU B 281 -26.82 -24.26 -17.42
C LEU B 281 -26.97 -25.52 -16.57
N THR B 282 -25.86 -26.23 -16.38
CA THR B 282 -25.85 -27.42 -15.55
C THR B 282 -25.34 -27.15 -14.14
N THR B 283 -24.63 -26.05 -13.92
CA THR B 283 -24.14 -25.71 -12.59
C THR B 283 -25.25 -25.24 -11.66
N LYS B 284 -26.50 -25.20 -12.12
CA LYS B 284 -27.61 -24.79 -11.30
C LYS B 284 -28.90 -25.23 -11.99
N LYS B 285 -29.86 -25.73 -11.20
CA LYS B 285 -31.14 -26.14 -11.75
C LYS B 285 -31.89 -24.91 -12.22
N VAL B 286 -31.91 -24.68 -13.54
CA VAL B 286 -32.55 -23.51 -14.12
C VAL B 286 -34.03 -23.81 -14.34
N ALA B 287 -34.90 -22.91 -13.88
CA ALA B 287 -36.34 -23.07 -14.03
C ALA B 287 -36.71 -22.97 -15.50
N ILE B 288 -36.56 -24.09 -16.21
CA ILE B 288 -36.80 -24.11 -17.64
C ILE B 288 -38.28 -23.88 -17.96
N ARG B 289 -39.18 -24.35 -17.10
CA ARG B 289 -40.61 -24.21 -17.38
C ARG B 289 -41.03 -22.74 -17.40
N SER B 290 -40.54 -21.95 -16.44
CA SER B 290 -40.86 -20.54 -16.39
C SER B 290 -40.28 -19.79 -17.59
N ILE B 291 -39.10 -20.20 -18.06
CA ILE B 291 -38.48 -19.58 -19.22
C ILE B 291 -39.39 -19.71 -20.44
N PHE B 292 -39.92 -20.92 -20.65
CA PHE B 292 -40.78 -21.15 -21.80
C PHE B 292 -42.07 -20.33 -21.71
N GLU B 293 -42.75 -20.40 -20.57
CA GLU B 293 -44.03 -19.73 -20.42
C GLU B 293 -43.90 -18.22 -20.60
N GLU B 294 -42.73 -17.66 -20.27
CA GLU B 294 -42.49 -16.25 -20.57
C GLU B 294 -42.27 -16.03 -22.05
N LEU B 295 -41.61 -16.97 -22.72
CA LEU B 295 -41.31 -16.80 -24.14
C LEU B 295 -42.57 -16.87 -24.99
N ILE B 296 -43.42 -17.87 -24.73
CA ILE B 296 -44.68 -17.95 -25.47
C ILE B 296 -45.57 -16.78 -25.10
N TRP B 297 -45.42 -16.25 -23.89
CA TRP B 297 -46.13 -15.04 -23.49
C TRP B 297 -45.70 -13.85 -24.34
N PHE B 298 -44.41 -13.77 -24.67
CA PHE B 298 -43.93 -12.73 -25.58
C PHE B 298 -44.46 -12.96 -27.00
N ILE B 299 -44.41 -14.20 -27.47
CA ILE B 299 -44.77 -14.50 -28.85
C ILE B 299 -46.24 -14.17 -29.12
N LYS B 300 -47.11 -14.51 -28.18
CA LYS B 300 -48.53 -14.22 -28.31
C LYS B 300 -48.85 -12.72 -28.26
N GLY B 301 -47.85 -11.86 -28.09
CA GLY B 301 -48.11 -10.45 -28.00
C GLY B 301 -48.76 -10.02 -26.70
N ASP B 302 -48.68 -10.85 -25.66
CA ASP B 302 -49.42 -10.62 -24.43
C ASP B 302 -48.58 -9.79 -23.47
N THR B 303 -49.20 -8.76 -22.89
CA THR B 303 -48.57 -7.95 -21.85
C THR B 303 -49.32 -8.05 -20.52
N ASN B 304 -50.31 -8.93 -20.43
CA ASN B 304 -51.05 -9.11 -19.19
C ASN B 304 -50.21 -9.96 -18.24
N GLY B 305 -49.70 -9.32 -17.17
CA GLY B 305 -48.84 -10.02 -16.23
C GLY B 305 -49.54 -11.08 -15.41
N ASN B 306 -50.88 -11.07 -15.38
CA ASN B 306 -51.59 -12.09 -14.63
C ASN B 306 -51.55 -13.43 -15.34
N HIS B 307 -51.50 -13.43 -16.68
CA HIS B 307 -51.46 -14.69 -17.43
C HIS B 307 -50.22 -15.52 -17.11
N LEU B 308 -49.14 -14.90 -16.63
CA LEU B 308 -48.01 -15.66 -16.12
C LEU B 308 -48.25 -16.12 -14.69
N ILE B 309 -48.85 -15.25 -13.86
CA ILE B 309 -49.13 -15.63 -12.48
C ILE B 309 -50.19 -16.73 -12.43
N GLU B 310 -51.14 -16.71 -13.37
CA GLU B 310 -52.14 -17.77 -13.45
C GLU B 310 -51.53 -19.11 -13.82
N LYS B 311 -50.35 -19.10 -14.42
CA LYS B 311 -49.61 -20.32 -14.74
C LYS B 311 -48.46 -20.57 -13.77
N LYS B 312 -48.53 -20.02 -12.56
CA LYS B 312 -47.52 -20.22 -11.51
C LYS B 312 -46.15 -19.75 -11.97
N VAL B 313 -46.10 -18.61 -12.66
CA VAL B 313 -44.86 -17.99 -13.09
C VAL B 313 -44.84 -16.57 -12.52
N TYR B 314 -43.93 -16.31 -11.59
CA TYR B 314 -43.93 -15.07 -10.83
C TYR B 314 -42.71 -14.20 -11.11
N ILE B 315 -42.13 -14.33 -12.30
CA ILE B 315 -40.93 -13.54 -12.60
C ILE B 315 -41.23 -12.08 -12.89
N TRP B 316 -42.47 -11.75 -13.26
CA TRP B 316 -42.86 -10.37 -13.53
C TRP B 316 -43.78 -9.81 -12.45
N SER B 317 -43.79 -10.40 -11.26
CA SER B 317 -44.60 -9.86 -10.17
C SER B 317 -43.92 -8.65 -9.53
N GLY B 318 -42.60 -8.68 -9.40
CA GLY B 318 -41.91 -7.59 -8.73
C GLY B 318 -41.97 -6.29 -9.51
N ASN B 319 -41.63 -6.34 -10.80
CA ASN B 319 -41.70 -5.16 -11.65
C ASN B 319 -43.12 -4.88 -12.12
N GLY B 320 -44.11 -5.54 -11.53
CA GLY B 320 -45.49 -5.36 -11.95
C GLY B 320 -46.48 -5.22 -10.82
N SER B 321 -46.01 -4.86 -9.62
CA SER B 321 -46.92 -4.65 -8.51
C SER B 321 -47.47 -3.22 -8.54
N LYS B 322 -48.63 -3.03 -7.91
CA LYS B 322 -49.23 -1.69 -7.86
C LYS B 322 -48.31 -0.69 -7.20
N GLU B 323 -47.54 -1.13 -6.20
CA GLU B 323 -46.63 -0.23 -5.50
C GLU B 323 -45.46 0.19 -6.38
N TYR B 324 -44.96 -0.74 -7.21
CA TYR B 324 -43.86 -0.40 -8.10
C TYR B 324 -44.33 0.50 -9.24
N LEU B 325 -45.52 0.25 -9.77
CA LEU B 325 -46.01 1.06 -10.88
C LEU B 325 -46.29 2.50 -10.45
N GLU B 326 -46.84 2.68 -9.24
CA GLU B 326 -47.04 4.03 -8.73
C GLU B 326 -45.71 4.72 -8.48
N ARG B 327 -44.67 3.96 -8.14
CA ARG B 327 -43.35 4.54 -7.88
C ARG B 327 -42.76 5.15 -9.16
N ILE B 328 -43.01 4.51 -10.31
CA ILE B 328 -42.49 4.99 -11.58
C ILE B 328 -43.53 5.82 -12.34
N GLY B 329 -44.62 6.20 -11.67
CA GLY B 329 -45.58 7.09 -12.30
C GLY B 329 -46.60 6.41 -13.19
N LEU B 330 -46.88 5.13 -12.99
CA LEU B 330 -47.87 4.40 -13.75
C LEU B 330 -48.96 3.85 -12.83
N GLY B 331 -49.40 4.66 -11.87
CA GLY B 331 -50.43 4.25 -10.93
C GLY B 331 -51.80 4.08 -11.55
N HIS B 332 -52.01 4.54 -12.78
CA HIS B 332 -53.29 4.38 -13.47
C HIS B 332 -53.49 2.97 -14.04
N ARG B 333 -52.46 2.13 -14.03
CA ARG B 333 -52.54 0.79 -14.59
C ARG B 333 -53.19 -0.18 -13.62
N GLU B 334 -53.62 -1.33 -14.16
CA GLU B 334 -54.17 -2.41 -13.34
C GLU B 334 -53.06 -3.04 -12.51
N GLU B 335 -53.44 -4.08 -11.75
CA GLU B 335 -52.50 -4.68 -10.81
C GLU B 335 -51.24 -5.17 -11.50
N ASN B 336 -51.36 -5.79 -12.68
CA ASN B 336 -50.21 -6.35 -13.37
C ASN B 336 -50.15 -5.89 -14.82
N ASP B 337 -50.67 -4.70 -15.11
CA ASP B 337 -50.64 -4.17 -16.48
C ASP B 337 -49.24 -3.65 -16.77
N LEU B 338 -48.39 -4.53 -17.30
CA LEU B 338 -46.99 -4.18 -17.54
C LEU B 338 -46.82 -3.17 -18.67
N GLY B 339 -47.85 -2.92 -19.47
CA GLY B 339 -47.75 -1.97 -20.55
C GLY B 339 -47.12 -2.57 -21.79
N PRO B 340 -46.89 -1.75 -22.81
CA PRO B 340 -46.32 -2.27 -24.05
C PRO B 340 -44.85 -2.65 -23.91
N ILE B 341 -44.56 -3.96 -23.88
CA ILE B 341 -43.20 -4.43 -23.66
C ILE B 341 -42.91 -5.49 -24.72
N TYR B 342 -41.92 -6.35 -24.45
CA TYR B 342 -41.45 -7.38 -25.35
C TYR B 342 -42.56 -7.97 -26.21
N GLY B 343 -43.65 -8.39 -25.58
CA GLY B 343 -44.74 -8.99 -26.34
C GLY B 343 -45.44 -8.00 -27.25
N PHE B 344 -45.62 -6.77 -26.78
CA PHE B 344 -46.33 -5.79 -27.60
C PHE B 344 -45.45 -5.30 -28.76
N GLN B 345 -44.16 -5.11 -28.51
CA GLN B 345 -43.30 -4.58 -29.56
C GLN B 345 -43.01 -5.62 -30.63
N TRP B 346 -43.04 -6.91 -30.28
CA TRP B 346 -42.79 -7.96 -31.26
C TRP B 346 -43.94 -8.08 -32.25
N ARG B 347 -45.18 -7.94 -31.77
CA ARG B 347 -46.36 -8.18 -32.59
C ARG B 347 -47.10 -6.91 -32.98
N HIS B 348 -46.95 -5.81 -32.23
CA HIS B 348 -47.65 -4.57 -32.52
C HIS B 348 -46.71 -3.38 -32.29
N TYR B 349 -45.66 -3.31 -33.10
CA TYR B 349 -44.69 -2.22 -32.95
C TYR B 349 -45.32 -0.89 -33.36
N ASN B 350 -45.04 0.15 -32.58
CA ASN B 350 -45.62 1.49 -32.77
C ASN B 350 -47.13 1.47 -32.65
N GLY B 351 -47.67 0.54 -31.87
CA GLY B 351 -49.11 0.42 -31.70
C GLY B 351 -49.61 1.27 -30.55
N GLU B 352 -50.72 1.96 -30.79
CA GLU B 352 -51.31 2.80 -29.76
C GLU B 352 -51.77 1.94 -28.59
N TYR B 353 -50.95 1.85 -27.54
CA TYR B 353 -51.29 1.04 -26.38
C TYR B 353 -52.31 1.77 -25.50
N LYS B 354 -53.34 1.04 -25.09
CA LYS B 354 -54.32 1.55 -24.13
C LYS B 354 -54.14 0.82 -22.80
N THR B 355 -54.76 -0.35 -22.69
CA THR B 355 -54.58 -1.23 -21.54
C THR B 355 -54.23 -2.63 -22.03
N MET B 356 -54.09 -3.56 -21.10
CA MET B 356 -53.79 -4.95 -21.42
C MET B 356 -55.02 -5.77 -21.75
N HIS B 357 -56.21 -5.18 -21.66
CA HIS B 357 -57.45 -5.88 -21.95
C HIS B 357 -58.01 -5.55 -23.33
N ASP B 358 -57.42 -4.59 -24.03
CA ASP B 358 -57.93 -4.18 -25.33
C ASP B 358 -57.49 -5.16 -26.42
N ASP B 359 -58.17 -5.08 -27.55
CA ASP B 359 -57.93 -5.97 -28.68
C ASP B 359 -57.01 -5.25 -29.67
N TYR B 360 -55.75 -5.65 -29.71
CA TYR B 360 -54.75 -5.03 -30.57
C TYR B 360 -54.52 -5.79 -31.87
N THR B 361 -55.49 -6.58 -32.31
CA THR B 361 -55.31 -7.37 -33.53
C THR B 361 -55.27 -6.44 -34.75
N GLY B 362 -54.18 -6.52 -35.50
CA GLY B 362 -54.02 -5.73 -36.71
C GLY B 362 -53.28 -4.42 -36.53
N VAL B 363 -53.31 -3.85 -35.33
CA VAL B 363 -52.65 -2.58 -35.08
C VAL B 363 -51.15 -2.83 -34.86
N GLY B 364 -50.34 -1.86 -35.27
CA GLY B 364 -48.91 -1.98 -35.12
C GLY B 364 -48.28 -2.75 -36.25
N VAL B 365 -46.96 -2.94 -36.14
CA VAL B 365 -46.17 -3.67 -37.13
C VAL B 365 -45.82 -5.02 -36.52
N ASP B 366 -46.35 -6.09 -37.12
CA ASP B 366 -46.09 -7.45 -36.63
C ASP B 366 -44.70 -7.86 -37.12
N GLN B 367 -43.70 -7.57 -36.28
CA GLN B 367 -42.32 -7.91 -36.63
C GLN B 367 -42.11 -9.40 -36.71
N LEU B 368 -42.66 -10.14 -35.74
CA LEU B 368 -42.43 -11.58 -35.69
C LEU B 368 -43.00 -12.28 -36.91
N ALA B 369 -44.19 -11.88 -37.35
CA ALA B 369 -44.77 -12.46 -38.55
C ALA B 369 -43.91 -12.17 -39.78
N LYS B 370 -43.50 -10.91 -39.95
CA LYS B 370 -42.61 -10.58 -41.06
C LYS B 370 -41.29 -11.31 -40.97
N LEU B 371 -40.81 -11.55 -39.75
CA LEU B 371 -39.56 -12.29 -39.57
C LEU B 371 -39.70 -13.72 -40.06
N ILE B 372 -40.77 -14.41 -39.66
CA ILE B 372 -40.98 -15.78 -40.09
C ILE B 372 -41.17 -15.83 -41.61
N GLU B 373 -41.91 -14.86 -42.16
CA GLU B 373 -42.11 -14.84 -43.60
C GLU B 373 -40.79 -14.60 -44.33
N THR B 374 -39.97 -13.69 -43.81
CA THR B 374 -38.72 -13.36 -44.48
C THR B 374 -37.68 -14.47 -44.29
N LEU B 375 -37.75 -15.20 -43.18
CA LEU B 375 -36.72 -16.20 -42.91
C LEU B 375 -36.76 -17.32 -43.95
N LYS B 376 -37.95 -17.68 -44.43
CA LYS B 376 -38.05 -18.77 -45.39
C LYS B 376 -38.19 -18.29 -46.83
N ASN B 377 -38.57 -17.03 -47.06
CA ASN B 377 -38.68 -16.53 -48.42
C ASN B 377 -37.38 -15.89 -48.91
N ASN B 378 -36.66 -15.21 -48.03
CA ASN B 378 -35.35 -14.62 -48.36
C ASN B 378 -34.38 -14.99 -47.25
N PRO B 379 -33.84 -16.21 -47.28
CA PRO B 379 -33.03 -16.66 -46.14
C PRO B 379 -31.71 -15.93 -46.01
N LYS B 380 -31.05 -15.61 -47.12
CA LYS B 380 -29.76 -14.93 -47.06
C LYS B 380 -29.90 -13.43 -46.88
N ASP B 381 -31.13 -12.92 -46.72
CA ASP B 381 -31.34 -11.51 -46.43
C ASP B 381 -30.78 -11.20 -45.04
N ARG B 382 -29.83 -10.28 -44.98
CA ARG B 382 -29.18 -9.92 -43.73
C ARG B 382 -29.90 -8.80 -42.98
N ARG B 383 -31.24 -8.84 -42.96
CA ARG B 383 -32.04 -7.86 -42.23
C ARG B 383 -33.07 -8.53 -41.32
N HIS B 384 -32.90 -9.83 -41.03
CA HIS B 384 -33.81 -10.56 -40.16
C HIS B 384 -33.64 -10.05 -38.73
N ILE B 385 -34.30 -8.93 -38.44
CA ILE B 385 -34.10 -8.21 -37.19
C ILE B 385 -35.43 -8.11 -36.45
N LEU B 386 -35.40 -8.44 -35.16
CA LEU B 386 -36.56 -8.30 -34.28
C LEU B 386 -36.14 -7.36 -33.14
N THR B 387 -36.69 -6.14 -33.15
CA THR B 387 -36.33 -5.15 -32.16
C THR B 387 -37.45 -4.93 -31.16
N ALA B 388 -37.07 -4.47 -29.97
CA ALA B 388 -38.02 -4.14 -28.93
C ALA B 388 -37.77 -2.76 -28.31
N TRP B 389 -36.82 -2.00 -28.84
CA TRP B 389 -36.49 -0.68 -28.31
C TRP B 389 -37.26 0.35 -29.12
N ASN B 390 -38.37 0.84 -28.56
CA ASN B 390 -39.19 1.87 -29.18
C ASN B 390 -39.18 3.11 -28.29
N PRO B 391 -38.40 4.14 -28.64
CA PRO B 391 -38.32 5.32 -27.77
C PRO B 391 -39.66 6.01 -27.54
N SER B 392 -40.62 5.87 -28.46
CA SER B 392 -41.91 6.52 -28.27
C SER B 392 -42.76 5.85 -27.20
N ALA B 393 -42.37 4.66 -26.73
CA ALA B 393 -43.17 3.93 -25.76
C ALA B 393 -42.42 3.56 -24.49
N LEU B 394 -41.15 4.00 -24.35
CA LEU B 394 -40.37 3.62 -23.17
C LEU B 394 -41.03 4.11 -21.88
N SER B 395 -41.58 5.32 -21.91
CA SER B 395 -42.21 5.90 -20.72
C SER B 395 -43.44 5.12 -20.27
N GLN B 396 -44.09 4.40 -21.19
CA GLN B 396 -45.27 3.61 -20.85
C GLN B 396 -44.94 2.21 -20.38
N MET B 397 -43.69 1.78 -20.51
CA MET B 397 -43.29 0.44 -20.10
C MET B 397 -43.03 0.38 -18.60
N ALA B 398 -43.44 -0.74 -17.98
CA ALA B 398 -43.06 -0.98 -16.59
C ALA B 398 -41.56 -1.15 -16.44
N LEU B 399 -40.87 -1.55 -17.50
CA LEU B 399 -39.43 -1.71 -17.51
C LEU B 399 -38.96 -1.71 -18.97
N PRO B 400 -37.96 -0.90 -19.31
CA PRO B 400 -37.46 -0.93 -20.69
C PRO B 400 -36.92 -2.29 -21.03
N PRO B 401 -36.92 -2.67 -22.31
CA PRO B 401 -36.46 -4.00 -22.69
C PRO B 401 -34.97 -4.18 -22.40
N CYS B 402 -34.64 -5.31 -21.77
CA CYS B 402 -33.24 -5.62 -21.53
C CYS B 402 -32.60 -6.27 -22.75
N HIS B 403 -33.24 -7.28 -23.32
CA HIS B 403 -32.83 -7.82 -24.61
C HIS B 403 -33.52 -6.97 -25.68
N VAL B 404 -32.79 -6.01 -26.21
CA VAL B 404 -33.39 -4.95 -27.02
C VAL B 404 -33.52 -5.35 -28.49
N LEU B 405 -32.57 -6.11 -29.02
CA LEU B 405 -32.52 -6.35 -30.45
C LEU B 405 -31.88 -7.70 -30.73
N SER B 406 -32.52 -8.50 -31.58
CA SER B 406 -32.01 -9.78 -32.00
C SER B 406 -31.98 -9.85 -33.52
N GLN B 407 -30.96 -10.52 -34.06
CA GLN B 407 -30.82 -10.72 -35.49
C GLN B 407 -30.65 -12.21 -35.78
N TYR B 408 -31.18 -12.65 -36.91
CA TYR B 408 -31.21 -14.06 -37.26
C TYR B 408 -30.58 -14.26 -38.63
N TYR B 409 -30.02 -15.46 -38.82
CA TYR B 409 -29.12 -15.73 -39.94
C TYR B 409 -29.29 -17.18 -40.36
N VAL B 410 -29.50 -17.41 -41.65
CA VAL B 410 -29.68 -18.75 -42.21
C VAL B 410 -28.37 -19.16 -42.88
N THR B 411 -27.75 -20.20 -42.37
CA THR B 411 -26.49 -20.67 -42.92
C THR B 411 -26.73 -21.46 -44.20
N ASN B 412 -25.64 -21.74 -44.93
CA ASN B 412 -25.74 -22.47 -46.18
C ASN B 412 -26.20 -23.92 -45.99
N ASP B 413 -26.05 -24.48 -44.78
CA ASP B 413 -26.57 -25.80 -44.47
C ASP B 413 -27.90 -25.74 -43.72
N ASN B 414 -28.68 -24.68 -43.97
CA ASN B 414 -30.05 -24.58 -43.49
C ASN B 414 -30.14 -24.64 -41.97
N CYS B 415 -29.27 -23.88 -41.30
CA CYS B 415 -29.32 -23.71 -39.87
C CYS B 415 -29.63 -22.26 -39.53
N LEU B 416 -30.27 -22.05 -38.39
CA LEU B 416 -30.73 -20.73 -37.96
C LEU B 416 -29.93 -20.30 -36.74
N SER B 417 -29.02 -19.37 -36.93
CA SER B 417 -28.26 -18.79 -35.84
C SER B 417 -28.95 -17.52 -35.35
N CYS B 418 -28.60 -17.12 -34.13
CA CYS B 418 -29.25 -16.00 -33.46
C CYS B 418 -28.21 -15.13 -32.78
N ASN B 419 -28.31 -13.82 -32.99
CA ASN B 419 -27.51 -12.83 -32.29
C ASN B 419 -28.44 -11.93 -31.50
N LEU B 420 -28.11 -11.73 -30.22
CA LEU B 420 -28.89 -10.87 -29.33
C LEU B 420 -28.00 -9.81 -28.72
N TYR B 421 -28.48 -8.56 -28.71
CA TYR B 421 -27.84 -7.50 -27.94
C TYR B 421 -28.67 -7.22 -26.69
N GLN B 422 -28.01 -7.28 -25.54
CA GLN B 422 -28.66 -7.10 -24.25
C GLN B 422 -28.02 -5.90 -23.56
N ARG B 423 -28.82 -4.85 -23.34
CA ARG B 423 -28.27 -3.62 -22.77
C ARG B 423 -27.84 -3.81 -21.33
N SER B 424 -28.61 -4.58 -20.56
CA SER B 424 -28.34 -4.80 -19.14
C SER B 424 -28.59 -6.27 -18.84
N CYS B 425 -27.62 -6.92 -18.20
CA CYS B 425 -27.66 -8.36 -17.99
C CYS B 425 -27.44 -8.67 -16.51
N ASP B 426 -28.49 -9.12 -15.85
CA ASP B 426 -28.42 -9.57 -14.46
C ASP B 426 -27.90 -11.00 -14.48
N LEU B 427 -26.57 -11.14 -14.43
CA LEU B 427 -25.97 -12.47 -14.30
C LEU B 427 -26.42 -13.10 -12.99
N GLY B 428 -26.96 -14.31 -13.07
CA GLY B 428 -27.48 -14.96 -11.89
C GLY B 428 -28.97 -15.18 -11.97
N LEU B 429 -29.71 -14.19 -12.48
CA LEU B 429 -31.16 -14.32 -12.67
C LEU B 429 -31.53 -14.14 -14.13
N GLY B 430 -31.36 -12.96 -14.71
CA GLY B 430 -31.83 -12.73 -16.06
C GLY B 430 -31.04 -13.48 -17.10
N SER B 431 -29.72 -13.58 -16.92
CA SER B 431 -28.86 -14.18 -17.93
C SER B 431 -29.16 -15.66 -18.17
N PRO B 432 -29.24 -16.52 -17.14
CA PRO B 432 -29.60 -17.92 -17.43
C PRO B 432 -30.93 -18.04 -18.15
N PHE B 433 -31.86 -17.12 -17.90
CA PHE B 433 -33.12 -17.12 -18.62
C PHE B 433 -32.92 -16.68 -20.07
N ASN B 434 -32.19 -15.57 -20.27
CA ASN B 434 -32.01 -15.06 -21.63
C ASN B 434 -31.24 -16.04 -22.50
N ILE B 435 -30.33 -16.80 -21.92
CA ILE B 435 -29.59 -17.80 -22.69
C ILE B 435 -30.53 -18.87 -23.21
N ALA B 436 -31.36 -19.42 -22.33
CA ALA B 436 -32.29 -20.46 -22.72
C ALA B 436 -33.51 -19.91 -23.47
N SER B 437 -33.96 -18.70 -23.12
CA SER B 437 -35.15 -18.15 -23.76
C SER B 437 -34.93 -17.97 -25.26
N TYR B 438 -33.87 -17.26 -25.64
CA TYR B 438 -33.59 -17.06 -27.05
C TYR B 438 -33.09 -18.33 -27.73
N ALA B 439 -32.65 -19.32 -26.95
CA ALA B 439 -32.33 -20.62 -27.54
C ALA B 439 -33.60 -21.34 -27.96
N ILE B 440 -34.63 -21.33 -27.10
CA ILE B 440 -35.91 -21.92 -27.46
C ILE B 440 -36.52 -21.17 -28.64
N LEU B 441 -36.46 -19.83 -28.60
CA LEU B 441 -37.06 -19.04 -29.66
C LEU B 441 -36.45 -19.37 -31.01
N THR B 442 -35.13 -19.53 -31.07
CA THR B 442 -34.49 -19.85 -32.33
C THR B 442 -34.91 -21.24 -32.82
N MET B 443 -35.05 -22.18 -31.88
CA MET B 443 -35.52 -23.51 -32.25
C MET B 443 -36.96 -23.47 -32.75
N MET B 444 -37.80 -22.65 -32.11
CA MET B 444 -39.17 -22.47 -32.60
C MET B 444 -39.17 -21.88 -33.99
N LEU B 445 -38.37 -20.82 -34.20
CA LEU B 445 -38.26 -20.22 -35.52
C LEU B 445 -37.65 -21.19 -36.53
N ALA B 446 -36.75 -22.08 -36.09
CA ALA B 446 -36.13 -23.01 -37.01
C ALA B 446 -37.12 -24.06 -37.50
N GLN B 447 -38.01 -24.54 -36.62
CA GLN B 447 -38.96 -25.56 -37.02
C GLN B 447 -40.06 -24.98 -37.91
N VAL B 448 -40.59 -23.81 -37.54
CA VAL B 448 -41.66 -23.20 -38.32
C VAL B 448 -41.16 -22.81 -39.71
N CYS B 449 -39.89 -22.45 -39.83
CA CYS B 449 -39.31 -22.09 -41.12
C CYS B 449 -38.65 -23.26 -41.84
N GLY B 450 -38.55 -24.42 -41.21
CA GLY B 450 -37.97 -25.58 -41.85
C GLY B 450 -36.46 -25.64 -41.84
N TYR B 451 -35.82 -25.16 -40.78
CA TYR B 451 -34.38 -25.20 -40.63
C TYR B 451 -34.01 -26.00 -39.37
N GLU B 452 -32.72 -26.10 -39.12
CA GLU B 452 -32.18 -26.70 -37.93
C GLU B 452 -31.60 -25.63 -37.02
N PRO B 453 -31.49 -25.88 -35.72
CA PRO B 453 -30.85 -24.90 -34.83
C PRO B 453 -29.39 -24.70 -35.19
N GLY B 454 -28.93 -23.46 -35.01
CA GLY B 454 -27.54 -23.13 -35.30
C GLY B 454 -26.75 -22.70 -34.07
N GLU B 455 -26.35 -21.43 -34.02
CA GLU B 455 -25.59 -20.90 -32.91
C GLU B 455 -26.34 -19.75 -32.24
N LEU B 456 -26.01 -19.50 -30.99
CA LEU B 456 -26.58 -18.40 -30.23
C LEU B 456 -25.44 -17.57 -29.66
N ALA B 457 -25.38 -16.30 -30.03
CA ALA B 457 -24.41 -15.36 -29.49
C ALA B 457 -25.14 -14.22 -28.81
N ILE B 458 -24.78 -13.93 -27.57
CA ILE B 458 -25.41 -12.89 -26.79
C ILE B 458 -24.38 -11.79 -26.52
N PHE B 459 -24.58 -10.62 -27.11
CA PHE B 459 -23.73 -9.46 -26.89
C PHE B 459 -24.33 -8.60 -25.79
N ILE B 460 -23.53 -8.25 -24.79
CA ILE B 460 -24.02 -7.64 -23.55
C ILE B 460 -23.40 -6.27 -23.37
N GLY B 461 -24.24 -5.31 -22.99
CA GLY B 461 -23.75 -4.02 -22.57
C GLY B 461 -23.33 -4.03 -21.11
N ASP B 462 -24.29 -3.76 -20.22
CA ASP B 462 -24.02 -3.69 -18.78
C ASP B 462 -24.16 -5.09 -18.19
N ALA B 463 -23.06 -5.84 -18.21
CA ALA B 463 -23.00 -7.15 -17.57
C ALA B 463 -22.65 -6.96 -16.09
N HIS B 464 -23.57 -7.31 -15.20
CA HIS B 464 -23.40 -6.97 -13.79
C HIS B 464 -23.89 -8.10 -12.89
N ILE B 465 -23.47 -8.02 -11.63
CA ILE B 465 -23.85 -8.96 -10.58
C ILE B 465 -24.33 -8.16 -9.38
N TYR B 466 -25.56 -8.42 -8.94
CA TYR B 466 -26.07 -7.74 -7.76
C TYR B 466 -25.34 -8.24 -6.52
N GLU B 467 -25.08 -7.32 -5.58
CA GLU B 467 -24.22 -7.64 -4.45
C GLU B 467 -24.82 -8.70 -3.53
N ASN B 468 -26.14 -8.89 -3.56
CA ASN B 468 -26.76 -9.97 -2.79
C ASN B 468 -26.74 -11.32 -3.51
N HIS B 469 -26.05 -11.41 -4.65
CA HIS B 469 -25.86 -12.67 -5.36
C HIS B 469 -24.43 -13.19 -5.25
N LEU B 470 -23.59 -12.54 -4.45
CA LEU B 470 -22.16 -12.87 -4.46
C LEU B 470 -21.90 -14.25 -3.88
N THR B 471 -22.40 -14.52 -2.67
CA THR B 471 -22.16 -15.83 -2.08
C THR B 471 -22.87 -16.92 -2.87
N GLN B 472 -23.97 -16.58 -3.54
CA GLN B 472 -24.69 -17.57 -4.34
C GLN B 472 -23.91 -17.90 -5.61
N LEU B 473 -23.48 -16.86 -6.34
CA LEU B 473 -22.78 -17.07 -7.60
C LEU B 473 -21.38 -17.64 -7.40
N LYS B 474 -20.72 -17.30 -6.29
CA LYS B 474 -19.44 -17.92 -5.98
C LYS B 474 -19.61 -19.40 -5.65
N GLU B 475 -20.75 -19.77 -5.08
CA GLU B 475 -21.06 -21.19 -4.89
C GLU B 475 -21.22 -21.89 -6.23
N GLN B 476 -21.85 -21.22 -7.20
CA GLN B 476 -22.04 -21.83 -8.51
C GLN B 476 -20.72 -22.03 -9.24
N LEU B 477 -19.73 -21.17 -8.99
CA LEU B 477 -18.45 -21.30 -9.65
C LEU B 477 -17.64 -22.48 -9.12
N SER B 478 -18.00 -23.01 -7.95
CA SER B 478 -17.29 -24.16 -7.39
C SER B 478 -17.73 -25.48 -8.01
N ARG B 479 -18.66 -25.45 -8.97
CA ARG B 479 -19.25 -26.66 -9.53
C ARG B 479 -18.71 -26.87 -10.93
N THR B 480 -18.03 -27.99 -11.15
CA THR B 480 -17.54 -28.30 -12.48
C THR B 480 -18.72 -28.60 -13.40
N PRO B 481 -18.79 -27.99 -14.58
CA PRO B 481 -19.98 -28.16 -15.43
C PRO B 481 -20.18 -29.61 -15.88
N ARG B 482 -21.43 -29.92 -16.16
CA ARG B 482 -21.86 -31.20 -16.71
C ARG B 482 -22.37 -31.00 -18.14
N PRO B 483 -22.47 -32.07 -18.93
CA PRO B 483 -22.91 -31.90 -20.32
C PRO B 483 -24.27 -31.25 -20.42
N PHE B 484 -24.43 -30.41 -21.44
CA PHE B 484 -25.70 -29.75 -21.70
C PHE B 484 -26.79 -30.78 -21.93
N PRO B 485 -28.05 -30.45 -21.63
CA PRO B 485 -29.15 -31.36 -21.96
C PRO B 485 -29.50 -31.29 -23.43
N GLN B 486 -30.60 -31.93 -23.81
CA GLN B 486 -31.17 -31.82 -25.15
C GLN B 486 -32.59 -31.30 -25.05
N LEU B 487 -32.99 -30.51 -26.05
CA LEU B 487 -34.35 -30.00 -26.14
C LEU B 487 -34.92 -30.37 -27.50
N LYS B 488 -35.92 -31.24 -27.50
CA LYS B 488 -36.61 -31.63 -28.72
C LYS B 488 -38.09 -31.34 -28.59
N PHE B 489 -38.73 -31.10 -29.74
CA PHE B 489 -40.15 -30.83 -29.80
C PHE B 489 -40.92 -32.11 -30.09
N LYS B 490 -42.07 -32.27 -29.43
CA LYS B 490 -42.87 -33.48 -29.60
C LYS B 490 -43.63 -33.48 -30.93
N ARG B 491 -43.96 -32.30 -31.45
CA ARG B 491 -44.75 -32.23 -32.67
C ARG B 491 -44.33 -31.01 -33.49
N LYS B 492 -44.64 -31.05 -34.77
CA LYS B 492 -44.43 -29.93 -35.68
C LYS B 492 -45.67 -29.03 -35.63
N VAL B 493 -45.45 -27.72 -35.51
CA VAL B 493 -46.54 -26.78 -35.27
C VAL B 493 -46.89 -26.08 -36.58
N GLU B 494 -48.14 -25.65 -36.69
CA GLU B 494 -48.55 -24.87 -37.86
C GLU B 494 -48.15 -23.41 -37.70
N ASN B 495 -48.61 -22.78 -36.64
CA ASN B 495 -48.24 -21.42 -36.29
C ASN B 495 -47.37 -21.42 -35.04
N ILE B 496 -46.43 -20.47 -34.97
CA ILE B 496 -45.50 -20.39 -33.87
C ILE B 496 -46.20 -20.14 -32.53
N GLU B 497 -47.41 -19.57 -32.57
CA GLU B 497 -48.15 -19.30 -31.34
C GLU B 497 -48.69 -20.56 -30.69
N ASP B 498 -48.73 -21.67 -31.42
CA ASP B 498 -49.39 -22.88 -30.95
C ASP B 498 -48.53 -23.75 -30.05
N PHE B 499 -47.29 -23.34 -29.76
CA PHE B 499 -46.44 -24.14 -28.88
C PHE B 499 -47.00 -24.19 -27.47
N LYS B 500 -46.93 -25.37 -26.86
CA LYS B 500 -47.34 -25.57 -25.49
C LYS B 500 -46.23 -26.26 -24.73
N TRP B 501 -46.26 -26.12 -23.40
CA TRP B 501 -45.20 -26.69 -22.57
C TRP B 501 -45.17 -28.21 -22.66
N GLU B 502 -46.32 -28.84 -22.88
CA GLU B 502 -46.36 -30.29 -23.03
C GLU B 502 -45.70 -30.75 -24.32
N ASP B 503 -45.52 -29.85 -25.30
CA ASP B 503 -44.88 -30.17 -26.57
C ASP B 503 -43.36 -30.15 -26.48
N ILE B 504 -42.79 -30.00 -25.29
CA ILE B 504 -41.36 -29.83 -25.11
C ILE B 504 -40.83 -31.03 -24.32
N GLU B 505 -39.78 -31.66 -24.84
CA GLU B 505 -39.12 -32.78 -24.20
C GLU B 505 -37.71 -32.36 -23.84
N LEU B 506 -37.40 -32.33 -22.55
CA LEU B 506 -36.08 -31.98 -22.04
C LEU B 506 -35.35 -33.27 -21.68
N ILE B 507 -34.34 -33.63 -22.45
CA ILE B 507 -33.70 -34.94 -22.37
C ILE B 507 -32.30 -34.78 -21.79
N GLY B 508 -32.02 -35.51 -20.71
CA GLY B 508 -30.69 -35.60 -20.18
C GLY B 508 -30.19 -34.38 -19.42
N TYR B 509 -31.04 -33.78 -18.59
CA TYR B 509 -30.68 -32.61 -17.80
C TYR B 509 -30.41 -33.06 -16.36
N TYR B 510 -29.13 -33.12 -15.99
CA TYR B 510 -28.70 -33.52 -14.65
C TYR B 510 -27.91 -32.37 -14.02
N PRO B 511 -28.59 -31.33 -13.56
CA PRO B 511 -27.90 -30.14 -13.04
C PRO B 511 -27.56 -30.28 -11.56
N TYR B 512 -26.77 -29.32 -11.08
CA TYR B 512 -26.51 -29.17 -9.67
C TYR B 512 -27.75 -28.58 -8.99
N PRO B 513 -27.84 -28.70 -7.65
CA PRO B 513 -29.04 -28.22 -6.95
C PRO B 513 -29.30 -26.75 -7.20
N THR B 514 -30.58 -26.37 -7.10
CA THR B 514 -30.99 -25.01 -7.37
C THR B 514 -30.35 -24.05 -6.37
N ILE B 515 -30.19 -22.79 -6.80
CA ILE B 515 -29.59 -21.74 -6.00
C ILE B 515 -30.55 -20.56 -5.92
N LYS B 516 -31.03 -20.27 -4.71
CA LYS B 516 -32.01 -19.21 -4.52
C LYS B 516 -31.32 -17.84 -4.56
N MET B 517 -31.88 -16.92 -5.34
CA MET B 517 -31.36 -15.56 -5.48
C MET B 517 -32.51 -14.58 -5.57
N ASP B 518 -32.49 -13.55 -4.73
CA ASP B 518 -33.55 -12.55 -4.69
C ASP B 518 -33.42 -11.58 -5.86
N MET B 519 -34.55 -11.19 -6.42
CA MET B 519 -34.58 -10.23 -7.53
C MET B 519 -34.65 -8.81 -7.01
N ALA B 520 -33.86 -7.92 -7.62
CA ALA B 520 -33.86 -6.51 -7.28
C ALA B 520 -34.95 -5.81 -8.09
N VAL B 521 -35.93 -5.23 -7.40
CA VAL B 521 -37.05 -4.57 -8.06
C VAL B 521 -36.67 -3.17 -8.50
N GLU C 3 28.95 9.35 34.37
CA GLU C 3 29.93 9.95 33.47
C GLU C 3 29.46 11.37 33.11
N LYS C 4 30.39 12.32 33.04
CA LYS C 4 30.09 13.69 32.68
C LYS C 4 31.13 14.13 31.64
N ASN C 5 30.98 15.35 31.14
CA ASN C 5 31.73 15.77 29.96
C ASN C 5 33.13 16.25 30.30
N VAL C 6 34.08 15.87 29.45
CA VAL C 6 35.50 16.25 29.57
C VAL C 6 35.94 16.77 28.21
N SER C 7 36.18 18.07 28.10
CA SER C 7 36.59 18.69 26.85
C SER C 7 37.99 19.26 26.95
N ILE C 8 38.68 19.33 25.81
CA ILE C 8 39.99 19.93 25.71
C ILE C 8 39.86 21.31 25.07
N VAL C 9 40.46 22.32 25.71
CA VAL C 9 40.60 23.65 25.13
C VAL C 9 42.08 23.87 24.84
N VAL C 10 42.40 24.26 23.60
CA VAL C 10 43.79 24.43 23.20
C VAL C 10 43.86 25.41 22.05
N ALA C 11 44.94 26.20 22.01
CA ALA C 11 45.27 27.06 20.89
C ALA C 11 46.62 26.62 20.34
N ALA C 12 46.62 26.01 19.16
CA ALA C 12 47.83 25.46 18.57
C ALA C 12 48.07 26.08 17.20
N SER C 13 49.31 25.97 16.74
CA SER C 13 49.66 26.44 15.42
C SER C 13 48.93 25.64 14.34
N VAL C 14 48.83 26.22 13.15
CA VAL C 14 47.98 25.63 12.11
C VAL C 14 48.66 24.41 11.48
N LEU C 15 49.97 24.42 11.34
CA LEU C 15 50.70 23.32 10.69
C LEU C 15 51.37 22.41 11.71
N SER C 16 52.34 22.92 12.46
CA SER C 16 53.10 22.11 13.41
C SER C 16 52.43 21.95 14.77
N SER C 17 51.33 22.66 15.01
CA SER C 17 50.56 22.54 16.26
C SER C 17 51.40 22.94 17.48
N GLY C 18 52.05 24.10 17.39
CA GLY C 18 52.82 24.63 18.49
C GLY C 18 51.95 25.43 19.45
N ILE C 19 52.19 25.23 20.74
CA ILE C 19 51.35 25.84 21.77
C ILE C 19 52.12 26.76 22.71
N GLY C 20 53.45 26.70 22.74
CA GLY C 20 54.17 27.51 23.69
C GLY C 20 55.63 27.66 23.31
N ILE C 21 56.29 28.59 24.01
CA ILE C 21 57.70 28.88 23.80
C ILE C 21 58.26 29.58 25.04
N ASN C 22 59.31 29.00 25.63
CA ASN C 22 60.00 29.57 26.78
C ASN C 22 59.05 29.86 27.93
N GLY C 23 58.11 28.95 28.18
CA GLY C 23 57.21 29.08 29.30
C GLY C 23 56.10 30.09 29.13
N GLN C 24 55.86 30.57 27.91
CA GLN C 24 54.78 31.50 27.63
C GLN C 24 54.19 31.16 26.27
N LEU C 25 53.21 31.96 25.83
CA LEU C 25 52.57 31.70 24.56
C LEU C 25 53.40 32.27 23.41
N PRO C 26 53.30 31.67 22.21
CA PRO C 26 53.99 32.23 21.04
C PRO C 26 53.28 33.43 20.46
N TRP C 27 52.14 33.85 21.02
CA TRP C 27 51.33 34.92 20.47
C TRP C 27 50.56 35.57 21.62
N SER C 28 49.91 36.69 21.31
CA SER C 28 49.06 37.39 22.27
C SER C 28 47.76 37.76 21.55
N ILE C 29 46.75 36.90 21.65
CA ILE C 29 45.46 37.13 21.03
C ILE C 29 44.42 37.31 22.15
N SER C 30 43.90 38.52 22.27
CA SER C 30 42.98 38.84 23.36
C SER C 30 41.69 38.03 23.24
N GLU C 31 41.12 37.98 22.04
CA GLU C 31 39.84 37.30 21.85
C GLU C 31 39.93 35.81 22.10
N ASP C 32 41.13 35.22 21.95
CA ASP C 32 41.28 33.80 22.24
C ASP C 32 41.21 33.54 23.75
N LEU C 33 41.83 34.39 24.56
CA LEU C 33 41.71 34.25 26.00
C LEU C 33 40.27 34.48 26.44
N LYS C 34 39.57 35.43 25.81
CA LYS C 34 38.16 35.62 26.10
C LYS C 34 37.35 34.38 25.72
N PHE C 35 37.76 33.70 24.64
CA PHE C 35 37.11 32.45 24.27
C PHE C 35 37.33 31.38 25.34
N PHE C 36 38.58 31.25 25.81
CA PHE C 36 38.86 30.31 26.90
C PHE C 36 38.00 30.61 28.12
N SER C 37 37.80 31.90 28.43
CA SER C 37 37.03 32.26 29.61
C SER C 37 35.56 31.86 29.47
N LYS C 38 34.95 32.16 28.31
CA LYS C 38 33.53 31.90 28.15
C LYS C 38 33.24 30.41 27.97
N ILE C 39 34.15 29.66 27.35
CA ILE C 39 33.90 28.25 27.13
C ILE C 39 34.10 27.44 28.41
N THR C 40 34.98 27.88 29.30
CA THR C 40 35.22 27.17 30.55
C THR C 40 34.29 27.61 31.67
N ASN C 41 33.64 28.77 31.53
CA ASN C 41 32.63 29.22 32.48
C ASN C 41 31.22 28.82 32.10
N ASN C 42 31.03 28.27 30.90
CA ASN C 42 29.70 27.90 30.42
C ASN C 42 29.16 26.72 31.22
N LYS C 43 28.14 26.97 32.04
CA LYS C 43 27.57 25.95 32.88
C LYS C 43 26.05 26.09 32.87
N CYS C 44 25.38 25.02 33.27
CA CYS C 44 23.92 24.98 33.36
C CYS C 44 23.41 25.28 34.75
N ASP C 45 24.05 24.70 35.78
CA ASP C 45 23.65 24.88 37.16
C ASP C 45 24.47 26.01 37.79
N SER C 46 23.79 27.00 38.34
CA SER C 46 24.49 28.14 38.92
C SER C 46 25.21 27.80 40.23
N ASN C 47 24.79 26.74 40.91
CA ASN C 47 25.42 26.30 42.14
C ASN C 47 26.55 25.30 41.91
N LYS C 48 27.02 25.14 40.67
CA LYS C 48 28.12 24.26 40.35
C LYS C 48 29.24 25.06 39.68
N LYS C 49 30.43 24.46 39.64
CA LYS C 49 31.61 25.08 39.04
C LYS C 49 32.26 24.12 38.06
N ASN C 50 33.04 24.67 37.15
CA ASN C 50 33.80 23.89 36.19
C ASN C 50 35.23 23.72 36.65
N ALA C 51 35.82 22.57 36.30
CA ALA C 51 37.18 22.22 36.70
C ALA C 51 38.11 22.35 35.51
N LEU C 52 39.22 23.06 35.70
CA LEU C 52 40.22 23.26 34.66
C LEU C 52 41.51 22.55 35.07
N ILE C 53 41.83 21.48 34.36
CA ILE C 53 43.02 20.69 34.66
C ILE C 53 44.21 21.28 33.89
N MET C 54 45.34 21.42 34.57
CA MET C 54 46.53 21.93 33.92
C MET C 54 47.78 21.41 34.62
N GLY C 55 48.88 21.32 33.87
CA GLY C 55 50.16 20.94 34.44
C GLY C 55 50.79 22.06 35.22
N ARG C 56 51.88 21.73 35.93
CA ARG C 56 52.53 22.72 36.79
C ARG C 56 53.17 23.83 35.97
N LYS C 57 53.93 23.47 34.93
CA LYS C 57 54.61 24.48 34.13
C LYS C 57 53.63 25.46 33.50
N THR C 58 52.42 24.98 33.18
CA THR C 58 51.36 25.89 32.73
C THR C 58 50.81 26.70 33.89
N TRP C 59 50.68 26.06 35.07
CA TRP C 59 50.25 26.78 36.26
C TRP C 59 51.21 27.92 36.60
N ASP C 60 52.49 27.77 36.28
CA ASP C 60 53.44 28.86 36.47
C ASP C 60 53.19 29.96 35.45
N SER C 61 52.82 29.59 34.22
CA SER C 61 52.66 30.55 33.14
C SER C 61 51.49 31.51 33.37
N ILE C 62 50.50 31.12 34.16
CA ILE C 62 49.36 31.98 34.44
C ILE C 62 49.51 32.67 35.80
N GLY C 63 50.74 32.73 36.34
CA GLY C 63 51.01 33.47 37.55
C GLY C 63 50.65 32.78 38.84
N ARG C 64 50.26 31.51 38.78
CA ARG C 64 49.85 30.74 39.96
C ARG C 64 48.72 31.44 40.72
N ARG C 65 47.79 32.03 39.97
CA ARG C 65 46.65 32.71 40.57
C ARG C 65 45.35 32.14 40.02
N PRO C 66 44.32 32.03 40.84
CA PRO C 66 43.09 31.35 40.42
C PRO C 66 42.36 32.11 39.34
N LEU C 67 41.41 31.41 38.72
CA LEU C 67 40.52 31.97 37.72
C LEU C 67 39.11 32.09 38.31
N LYS C 68 38.48 33.24 38.08
CA LYS C 68 37.21 33.52 38.72
C LYS C 68 36.16 32.47 38.36
N ASN C 69 35.34 32.10 39.35
CA ASN C 69 34.19 31.22 39.19
C ASN C 69 34.55 29.81 38.75
N ARG C 70 35.83 29.45 38.74
CA ARG C 70 36.29 28.14 38.31
C ARG C 70 37.25 27.55 39.33
N ILE C 71 37.54 26.26 39.17
CA ILE C 71 38.42 25.52 40.07
C ILE C 71 39.58 24.98 39.25
N ILE C 72 40.78 25.43 39.54
CA ILE C 72 41.98 24.97 38.84
C ILE C 72 42.48 23.68 39.47
N VAL C 73 42.76 22.69 38.64
CA VAL C 73 43.34 21.43 39.08
C VAL C 73 44.73 21.33 38.50
N VAL C 74 45.75 21.35 39.35
CA VAL C 74 47.15 21.30 38.91
C VAL C 74 47.67 19.88 39.07
N ILE C 75 48.33 19.37 38.03
CA ILE C 75 48.95 18.05 38.06
C ILE C 75 50.44 18.24 38.31
N SER C 76 50.89 17.88 39.50
CA SER C 76 52.30 18.04 39.85
C SER C 76 52.68 16.95 40.84
N SER C 77 53.90 16.44 40.71
CA SER C 77 54.43 15.45 41.63
C SER C 77 55.14 16.07 42.83
N SER C 78 55.41 17.37 42.78
CA SER C 78 56.16 18.05 43.84
C SER C 78 55.39 19.16 44.53
N LEU C 79 54.38 19.75 43.89
CA LEU C 79 53.66 20.86 44.49
C LEU C 79 52.92 20.38 45.75
N PRO C 80 52.94 21.17 46.82
CA PRO C 80 52.23 20.75 48.04
C PRO C 80 50.72 20.83 47.86
N GLN C 81 50.03 19.83 48.41
CA GLN C 81 48.56 19.76 48.34
C GLN C 81 47.96 20.64 49.44
N ASP C 82 48.05 21.94 49.22
CA ASP C 82 47.52 22.90 50.18
C ASP C 82 45.99 22.89 50.13
N GLU C 83 45.36 22.85 51.31
CA GLU C 83 43.91 22.88 51.41
C GLU C 83 43.38 24.27 51.76
N ALA C 84 44.25 25.27 51.88
CA ALA C 84 43.79 26.60 52.24
C ALA C 84 43.01 27.26 51.11
N ASP C 85 43.39 26.99 49.86
CA ASP C 85 42.72 27.58 48.71
C ASP C 85 41.75 26.56 48.14
N PRO C 86 40.43 26.78 48.22
CA PRO C 86 39.48 25.82 47.64
C PRO C 86 39.37 25.93 46.13
N ASN C 87 39.83 27.02 45.53
CA ASN C 87 39.76 27.21 44.09
C ASN C 87 40.99 26.67 43.37
N VAL C 88 41.92 26.06 44.10
CA VAL C 88 43.13 25.45 43.51
C VAL C 88 43.41 24.16 44.26
N VAL C 89 43.41 23.03 43.55
CA VAL C 89 43.67 21.73 44.13
C VAL C 89 44.74 21.04 43.29
N VAL C 90 45.58 20.25 43.95
CA VAL C 90 46.72 19.57 43.32
C VAL C 90 46.52 18.07 43.41
N PHE C 91 46.82 17.38 42.30
CA PHE C 91 46.77 15.92 42.25
C PHE C 91 48.10 15.39 41.75
N ARG C 92 48.42 14.16 42.15
CA ARG C 92 49.75 13.60 41.90
C ARG C 92 49.92 13.04 40.49
N ASN C 93 48.83 12.68 39.81
CA ASN C 93 48.93 12.27 38.41
C ASN C 93 47.58 12.53 37.75
N LEU C 94 47.58 12.45 36.42
CA LEU C 94 46.36 12.76 35.66
C LEU C 94 45.27 11.73 35.92
N GLU C 95 45.63 10.47 36.17
CA GLU C 95 44.61 9.45 36.40
C GLU C 95 43.82 9.72 37.67
N ASP C 96 44.52 10.04 38.77
CA ASP C 96 43.85 10.36 40.03
C ASP C 96 43.17 11.72 40.03
N SER C 97 43.27 12.48 38.94
CA SER C 97 42.65 13.79 38.87
C SER C 97 41.30 13.77 38.16
N ILE C 98 40.89 12.62 37.63
CA ILE C 98 39.57 12.47 37.03
C ILE C 98 38.57 11.87 38.03
N GLU C 99 38.98 11.70 39.29
CA GLU C 99 38.12 11.24 40.37
C GLU C 99 37.06 12.28 40.77
N ASN C 100 37.15 13.50 40.23
CA ASN C 100 36.17 14.58 40.49
C ASN C 100 34.86 14.29 39.78
N LEU C 101 34.89 13.28 38.90
CA LEU C 101 33.74 12.81 38.15
C LEU C 101 32.72 12.13 39.07
N MET C 102 33.22 11.34 40.04
CA MET C 102 32.43 10.50 40.92
C MET C 102 31.72 11.25 42.05
N ASN C 103 32.43 11.52 43.14
CA ASN C 103 31.80 12.08 44.33
C ASN C 103 31.70 13.60 44.33
N ASP C 104 32.33 14.28 43.38
CA ASP C 104 32.33 15.75 43.40
C ASP C 104 31.23 16.26 42.47
N ASP C 105 30.00 16.11 42.95
CA ASP C 105 28.83 16.51 42.19
C ASP C 105 28.75 18.03 42.01
N SER C 106 29.48 18.80 42.81
CA SER C 106 29.51 20.25 42.66
C SER C 106 30.20 20.67 41.37
N ILE C 107 30.87 19.74 40.69
CA ILE C 107 31.53 20.01 39.42
C ILE C 107 30.62 19.52 38.30
N GLU C 108 30.34 20.39 37.33
CA GLU C 108 29.46 20.08 36.22
C GLU C 108 30.21 19.62 34.98
N ASN C 109 31.25 20.35 34.57
CA ASN C 109 32.03 20.02 33.40
C ASN C 109 33.51 20.07 33.74
N ILE C 110 34.31 19.36 32.94
CA ILE C 110 35.75 19.27 33.13
C ILE C 110 36.44 19.73 31.85
N PHE C 111 37.49 20.52 31.99
CA PHE C 111 38.23 21.04 30.86
C PHE C 111 39.71 20.75 31.04
N VAL C 112 40.34 20.16 30.03
CA VAL C 112 41.77 19.87 30.03
C VAL C 112 42.45 20.88 29.11
N CYS C 113 43.47 21.56 29.64
CA CYS C 113 44.10 22.66 28.91
C CYS C 113 45.53 22.93 29.37
N GLY C 114 46.21 21.89 29.87
CA GLY C 114 47.43 22.12 30.62
C GLY C 114 48.74 21.64 30.03
N GLY C 115 49.03 22.02 28.78
CA GLY C 115 50.33 21.78 28.20
C GLY C 115 50.47 20.41 27.57
N GLU C 116 51.61 20.22 26.90
CA GLU C 116 51.83 19.02 26.11
C GLU C 116 51.74 17.75 26.95
N SER C 117 52.38 17.75 28.13
CA SER C 117 52.41 16.55 28.96
C SER C 117 51.01 16.13 29.40
N ILE C 118 50.12 17.09 29.63
CA ILE C 118 48.76 16.75 30.04
C ILE C 118 47.89 16.47 28.82
N TYR C 119 48.09 17.21 27.73
CA TYR C 119 47.39 16.92 26.49
C TYR C 119 47.70 15.49 26.02
N ARG C 120 48.97 15.10 26.06
CA ARG C 120 49.38 13.82 25.51
C ARG C 120 48.80 12.66 26.33
N ASP C 121 48.85 12.77 27.66
CA ASP C 121 48.33 11.69 28.50
C ASP C 121 46.81 11.69 28.59
N ALA C 122 46.16 12.81 28.29
CA ALA C 122 44.70 12.81 28.27
C ALA C 122 44.16 12.12 27.02
N LEU C 123 44.88 12.21 25.90
CA LEU C 123 44.45 11.52 24.68
C LEU C 123 44.91 10.07 24.68
N LYS C 124 46.12 9.79 25.20
CA LYS C 124 46.61 8.42 25.23
C LYS C 124 45.78 7.53 26.14
N ASP C 125 45.23 8.09 27.22
CA ASP C 125 44.42 7.34 28.16
C ASP C 125 42.92 7.47 27.86
N ASN C 126 42.56 8.10 26.73
CA ASN C 126 41.19 8.13 26.24
C ASN C 126 40.23 8.73 27.26
N PHE C 127 40.58 9.91 27.76
CA PHE C 127 39.75 10.63 28.74
C PHE C 127 38.94 11.76 28.13
N VAL C 128 39.16 12.09 26.86
CA VAL C 128 38.67 13.31 26.25
C VAL C 128 37.45 13.02 25.40
N ASP C 129 36.41 13.84 25.56
CA ASP C 129 35.20 13.77 24.75
C ASP C 129 35.15 14.80 23.63
N ARG C 130 35.55 16.05 23.91
CA ARG C 130 35.54 17.11 22.92
C ARG C 130 36.89 17.81 22.90
N ILE C 131 37.19 18.46 21.78
CA ILE C 131 38.40 19.25 21.62
C ILE C 131 38.02 20.60 21.03
N TYR C 132 38.24 21.67 21.80
CA TYR C 132 38.07 23.03 21.31
C TYR C 132 39.43 23.53 20.83
N LEU C 133 39.61 23.63 19.51
CA LEU C 133 40.89 23.97 18.91
C LEU C 133 40.84 25.36 18.32
N THR C 134 41.84 26.18 18.65
CA THR C 134 42.02 27.50 18.06
C THR C 134 43.26 27.43 17.17
N ARG C 135 43.06 27.36 15.86
CA ARG C 135 44.16 27.25 14.91
C ARG C 135 44.70 28.63 14.61
N VAL C 136 45.94 28.89 15.01
CA VAL C 136 46.58 30.19 14.85
C VAL C 136 47.53 30.13 13.67
N ALA C 137 47.46 31.14 12.79
CA ALA C 137 48.25 31.16 11.56
C ALA C 137 49.61 31.82 11.81
N LEU C 138 50.45 31.08 12.53
CA LEU C 138 51.82 31.52 12.83
C LEU C 138 52.72 30.29 12.82
N GLU C 139 53.64 30.22 11.87
CA GLU C 139 54.46 29.04 11.70
C GLU C 139 55.96 29.29 11.52
N ASP C 140 56.37 30.46 11.05
CA ASP C 140 57.79 30.73 10.88
C ASP C 140 58.42 31.30 12.14
N ILE C 141 58.02 30.79 13.30
CA ILE C 141 58.61 31.16 14.58
C ILE C 141 59.11 29.90 15.27
N GLU C 142 59.57 30.03 16.50
CA GLU C 142 60.18 28.93 17.24
C GLU C 142 59.23 28.45 18.33
N PHE C 143 59.05 27.13 18.41
CA PHE C 143 58.26 26.49 19.46
C PHE C 143 59.12 25.52 20.24
N ASP C 144 58.69 25.25 21.48
CA ASP C 144 59.32 24.20 22.29
C ASP C 144 58.34 23.22 22.90
N THR C 145 57.04 23.54 22.98
CA THR C 145 56.01 22.59 23.38
C THR C 145 54.90 22.61 22.33
N TYR C 146 54.46 21.42 21.93
CA TYR C 146 53.49 21.25 20.85
C TYR C 146 52.25 20.52 21.33
N PHE C 147 51.17 20.65 20.57
CA PHE C 147 49.93 19.89 20.80
C PHE C 147 49.99 18.58 20.04
N PRO C 148 49.70 17.44 20.69
CA PRO C 148 49.82 16.15 20.02
C PRO C 148 48.86 16.03 18.84
N GLU C 149 49.19 15.13 17.92
CA GLU C 149 48.31 14.87 16.79
C GLU C 149 46.96 14.36 17.28
N ILE C 150 45.89 14.89 16.70
CA ILE C 150 44.55 14.50 17.13
C ILE C 150 44.29 13.06 16.72
N PRO C 151 43.87 12.19 17.65
CA PRO C 151 43.64 10.79 17.28
C PRO C 151 42.55 10.65 16.24
N GLU C 152 42.61 9.53 15.51
CA GLU C 152 41.63 9.27 14.47
C GLU C 152 40.23 9.07 15.02
N THR C 153 40.10 8.79 16.32
CA THR C 153 38.81 8.63 16.95
C THR C 153 38.02 9.92 17.02
N PHE C 154 38.65 11.06 16.74
CA PHE C 154 37.99 12.36 16.75
C PHE C 154 37.68 12.81 15.34
N LEU C 155 36.51 13.43 15.17
CA LEU C 155 36.11 14.00 13.89
C LEU C 155 35.70 15.45 14.08
N PRO C 156 36.15 16.34 13.19
CA PRO C 156 35.74 17.75 13.29
C PRO C 156 34.27 17.90 12.95
N VAL C 157 33.57 18.71 13.75
CA VAL C 157 32.15 18.98 13.53
C VAL C 157 31.87 20.46 13.35
N TYR C 158 32.87 21.33 13.49
CA TYR C 158 32.65 22.76 13.37
C TYR C 158 33.95 23.45 12.99
N MET C 159 33.84 24.49 12.15
CA MET C 159 35.00 25.31 11.80
C MET C 159 34.49 26.73 11.57
N SER C 160 34.86 27.64 12.47
CA SER C 160 34.35 29.00 12.43
C SER C 160 34.94 29.77 11.24
N GLN C 161 34.43 30.99 11.06
CA GLN C 161 35.06 31.89 10.11
C GLN C 161 36.43 32.33 10.64
N THR C 162 37.27 32.79 9.72
CA THR C 162 38.59 33.26 10.09
C THR C 162 38.48 34.65 10.72
N PHE C 163 39.10 34.81 11.88
CA PHE C 163 39.14 36.08 12.59
C PHE C 163 40.55 36.68 12.53
N CYS C 164 40.65 37.94 12.91
CA CYS C 164 41.91 38.68 12.82
C CYS C 164 42.16 39.47 14.10
N THR C 165 43.38 39.36 14.62
CA THR C 165 43.85 40.16 15.75
C THR C 165 45.30 40.52 15.48
N LYS C 166 45.57 41.80 15.29
CA LYS C 166 46.92 42.30 14.99
C LYS C 166 47.51 41.59 13.77
N ASN C 167 46.68 41.49 12.73
CA ASN C 167 47.05 40.87 11.45
C ASN C 167 47.39 39.39 11.59
N ILE C 168 46.85 38.74 12.61
CA ILE C 168 47.04 37.31 12.82
C ILE C 168 45.71 36.61 12.62
N SER C 169 45.68 35.64 11.70
CA SER C 169 44.47 34.88 11.40
C SER C 169 44.36 33.69 12.33
N TYR C 170 43.13 33.39 12.76
CA TYR C 170 42.89 32.22 13.59
C TYR C 170 41.47 31.74 13.40
N ASP C 171 41.28 30.43 13.63
CA ASP C 171 40.01 29.74 13.50
C ASP C 171 39.55 29.24 14.86
N PHE C 172 38.32 28.72 14.88
CA PHE C 172 37.81 28.02 16.06
C PHE C 172 37.12 26.75 15.57
N MET C 173 37.58 25.61 16.06
CA MET C 173 37.05 24.32 15.65
C MET C 173 36.66 23.50 16.87
N ILE C 174 35.68 22.63 16.67
CA ILE C 174 35.24 21.67 17.68
C ILE C 174 35.44 20.27 17.11
N PHE C 175 36.00 19.38 17.91
CA PHE C 175 36.20 17.98 17.54
C PHE C 175 35.43 17.10 18.50
N GLU C 176 34.59 16.22 17.96
CA GLU C 176 33.83 15.27 18.75
C GLU C 176 34.39 13.87 18.52
N LYS C 177 34.28 13.02 19.55
CA LYS C 177 34.76 11.65 19.46
C LYS C 177 33.59 10.76 19.03
N GLN C 178 33.67 10.22 17.81
CA GLN C 178 32.60 9.40 17.28
C GLN C 178 32.70 7.99 17.83
N GLU C 179 31.58 7.46 18.32
CA GLU C 179 31.56 6.14 18.95
C GLU C 179 30.82 5.12 18.11
N LYS C 180 29.72 4.59 18.64
CA LYS C 180 28.97 3.53 18.00
C LYS C 180 27.72 4.08 17.30
N LYS C 181 27.00 3.18 16.63
CA LYS C 181 25.77 3.52 15.91
C LYS C 181 25.97 4.67 14.92
N LEU C 193 10.89 15.61 13.49
CA LEU C 193 11.38 14.25 13.29
C LEU C 193 11.64 14.02 11.80
N LYS C 194 12.08 12.80 11.46
CA LYS C 194 12.36 12.43 10.07
C LYS C 194 11.10 12.07 9.29
N SER C 195 9.92 12.50 9.74
CA SER C 195 8.74 12.32 8.92
C SER C 195 8.74 13.28 7.74
N ILE C 196 9.38 14.45 7.90
CA ILE C 196 9.57 15.36 6.79
C ILE C 196 10.54 14.77 5.79
N ASP C 197 11.66 14.23 6.28
CA ASP C 197 12.66 13.65 5.40
C ASP C 197 12.09 12.48 4.60
N ASP C 198 11.19 11.69 5.22
CA ASP C 198 10.54 10.61 4.51
C ASP C 198 9.57 11.12 3.46
N THR C 199 8.78 12.14 3.81
CA THR C 199 7.81 12.69 2.87
C THR C 199 8.50 13.33 1.67
N VAL C 200 9.61 14.03 1.90
CA VAL C 200 10.35 14.63 0.79
C VAL C 200 10.94 13.54 -0.10
N ASP C 201 11.40 12.45 0.50
CA ASP C 201 11.90 11.32 -0.30
C ASP C 201 10.78 10.73 -1.15
N LEU C 202 9.58 10.56 -0.56
CA LEU C 202 8.47 9.98 -1.32
C LEU C 202 8.06 10.87 -2.47
N LEU C 203 7.97 12.19 -2.24
CA LEU C 203 7.67 13.09 -3.34
C LEU C 203 8.78 13.09 -4.39
N GLY C 204 10.02 12.84 -3.98
CA GLY C 204 11.10 12.71 -4.94
C GLY C 204 11.05 11.44 -5.76
N GLU C 205 10.36 10.41 -5.26
CA GLU C 205 10.18 9.19 -6.03
C GLU C 205 9.03 9.33 -7.03
N ILE C 206 7.95 9.98 -6.61
CA ILE C 206 6.79 10.22 -7.46
C ILE C 206 7.19 11.11 -8.64
N PHE C 207 7.49 12.37 -8.34
CA PHE C 207 7.97 13.29 -9.36
C PHE C 207 9.45 13.07 -9.59
N GLY C 208 9.84 12.97 -10.85
CA GLY C 208 11.24 12.79 -11.16
C GLY C 208 12.00 14.09 -11.00
N ILE C 209 12.43 14.66 -12.14
CA ILE C 209 13.10 15.96 -12.11
C ILE C 209 12.05 17.05 -11.91
N ARG C 210 10.77 16.65 -11.89
CA ARG C 210 9.71 17.63 -11.71
C ARG C 210 9.80 18.31 -10.34
N LYS C 211 10.25 17.58 -9.33
CA LYS C 211 10.52 18.18 -8.02
C LYS C 211 11.89 18.85 -8.06
N MET C 212 11.90 20.17 -7.84
CA MET C 212 13.14 20.94 -7.99
C MET C 212 14.23 20.47 -7.03
N GLY C 213 13.84 19.91 -5.89
CA GLY C 213 14.85 19.39 -4.97
C GLY C 213 15.73 18.33 -5.59
N ASN C 214 15.16 17.52 -6.49
CA ASN C 214 15.95 16.50 -7.17
C ASN C 214 16.91 17.09 -8.19
N ARG C 215 16.61 18.29 -8.69
CA ARG C 215 17.56 19.01 -9.55
C ARG C 215 18.66 19.69 -8.75
N HIS C 216 18.52 19.77 -7.43
CA HIS C 216 19.54 20.34 -6.55
C HIS C 216 19.82 19.35 -5.41
N LYS C 217 20.19 18.12 -5.80
CA LYS C 217 20.42 17.07 -4.81
C LYS C 217 21.61 17.42 -3.93
N PHE C 218 21.50 17.10 -2.65
CA PHE C 218 22.59 17.32 -1.71
C PHE C 218 23.77 16.42 -2.09
N PRO C 219 24.99 16.96 -2.13
CA PRO C 219 26.13 16.13 -2.56
C PRO C 219 26.37 14.97 -1.61
N LYS C 220 26.79 13.84 -2.18
CA LYS C 220 27.08 12.66 -1.39
C LYS C 220 28.34 12.88 -0.56
N GLU C 221 28.48 12.06 0.48
CA GLU C 221 29.60 12.20 1.41
C GLU C 221 30.95 12.03 0.70
N GLU C 222 30.99 11.20 -0.34
CA GLU C 222 32.26 10.91 -1.01
C GLU C 222 32.85 12.12 -1.71
N ILE C 223 32.05 13.15 -1.99
CA ILE C 223 32.51 14.36 -2.67
C ILE C 223 32.33 15.60 -1.80
N TYR C 224 32.03 15.42 -0.52
CA TYR C 224 31.82 16.51 0.42
C TYR C 224 33.10 16.71 1.22
N ASN C 225 33.63 17.94 1.21
CA ASN C 225 34.87 18.24 1.91
C ASN C 225 34.65 18.25 3.41
N THR C 226 35.43 17.43 4.14
CA THR C 226 35.33 17.27 5.58
C THR C 226 33.88 17.01 5.96
N PRO C 227 33.31 15.86 5.55
CA PRO C 227 31.86 15.65 5.69
C PRO C 227 31.38 15.54 7.13
N SER C 228 32.26 15.35 8.11
CA SER C 228 31.80 15.26 9.49
C SER C 228 31.30 16.60 10.01
N ILE C 229 31.70 17.70 9.38
CA ILE C 229 31.21 19.04 9.75
C ILE C 229 29.89 19.23 9.00
N ARG C 230 28.80 18.83 9.64
CA ARG C 230 27.47 18.90 9.05
C ARG C 230 26.80 20.25 9.31
N PHE C 231 26.77 20.69 10.56
CA PHE C 231 26.06 21.88 10.96
C PHE C 231 26.97 23.06 11.27
N GLY C 232 28.29 22.88 11.18
CA GLY C 232 29.19 23.95 11.55
C GLY C 232 30.09 24.42 10.43
N ARG C 233 29.54 24.55 9.23
CA ARG C 233 30.31 24.98 8.06
C ARG C 233 30.34 26.50 7.95
N GLU C 234 30.85 27.13 9.02
CA GLU C 234 30.89 28.58 9.09
C GLU C 234 32.03 29.17 8.27
N HIS C 235 33.17 28.48 8.20
CA HIS C 235 34.29 28.94 7.40
C HIS C 235 33.85 29.17 5.96
N TYR C 236 34.10 30.39 5.45
CA TYR C 236 33.57 30.79 4.17
C TYR C 236 34.35 30.22 2.99
N GLU C 237 35.42 29.46 3.22
CA GLU C 237 36.00 28.70 2.12
C GLU C 237 35.09 27.55 1.71
N PHE C 238 34.22 27.08 2.62
CA PHE C 238 33.23 26.08 2.26
C PHE C 238 32.26 26.59 1.20
N GLN C 239 32.08 27.91 1.09
CA GLN C 239 31.22 28.45 0.04
C GLN C 239 31.74 28.12 -1.35
N TYR C 240 33.05 27.89 -1.47
CA TYR C 240 33.66 27.46 -2.72
C TYR C 240 33.76 25.95 -2.81
N LEU C 241 34.13 25.29 -1.71
CA LEU C 241 34.28 23.84 -1.75
C LEU C 241 32.93 23.16 -1.90
N ASP C 242 31.88 23.71 -1.28
CA ASP C 242 30.56 23.13 -1.45
C ASP C 242 29.98 23.43 -2.83
N LEU C 243 30.40 24.52 -3.46
CA LEU C 243 29.99 24.75 -4.84
C LEU C 243 30.62 23.72 -5.77
N LEU C 244 31.87 23.33 -5.51
CA LEU C 244 32.48 22.22 -6.23
C LEU C 244 31.67 20.94 -6.03
N SER C 245 31.38 20.61 -4.77
CA SER C 245 30.62 19.40 -4.47
C SER C 245 29.23 19.47 -5.07
N ARG C 246 28.60 20.65 -5.03
CA ARG C 246 27.26 20.81 -5.59
C ARG C 246 27.27 20.61 -7.09
N VAL C 247 28.39 20.92 -7.77
CA VAL C 247 28.49 20.71 -9.21
C VAL C 247 28.68 19.23 -9.53
N LEU C 248 29.58 18.55 -8.81
CA LEU C 248 29.82 17.14 -9.05
C LEU C 248 28.58 16.28 -8.81
N GLU C 249 27.59 16.80 -8.08
CA GLU C 249 26.40 16.02 -7.79
C GLU C 249 25.30 16.23 -8.82
N ASN C 250 25.14 17.46 -9.32
CA ASN C 250 24.05 17.80 -10.22
C ASN C 250 24.51 18.29 -11.59
N GLY C 251 25.82 18.31 -11.84
CA GLY C 251 26.32 18.94 -13.05
C GLY C 251 25.96 18.14 -14.29
N ALA C 252 25.32 18.82 -15.26
CA ALA C 252 25.00 18.20 -16.53
C ALA C 252 26.22 18.22 -17.44
N TYR C 253 26.56 17.06 -17.99
CA TYR C 253 27.67 16.97 -18.92
C TYR C 253 27.31 17.69 -20.21
N ARG C 254 28.06 18.75 -20.52
CA ARG C 254 27.72 19.62 -21.65
C ARG C 254 28.97 19.98 -22.43
N GLU C 255 28.82 20.07 -23.74
CA GLU C 255 29.87 20.57 -24.61
C GLU C 255 29.90 22.09 -24.58
N ASN C 256 31.03 22.66 -24.97
CA ASN C 256 31.18 24.11 -25.06
C ASN C 256 32.10 24.44 -26.22
N ARG C 257 32.40 25.73 -26.38
CA ARG C 257 33.17 26.19 -27.53
C ARG C 257 34.56 25.55 -27.60
N THR C 258 35.09 25.10 -26.46
CA THR C 258 36.38 24.41 -26.45
C THR C 258 36.18 22.92 -26.65
N GLY C 259 37.29 22.20 -26.80
CA GLY C 259 37.22 20.76 -26.93
C GLY C 259 37.04 20.01 -25.63
N ILE C 260 36.89 20.71 -24.51
CA ILE C 260 36.83 20.10 -23.18
C ILE C 260 35.43 20.34 -22.62
N SER C 261 34.68 19.25 -22.44
CA SER C 261 33.33 19.34 -21.91
C SER C 261 33.37 19.67 -20.42
N THR C 262 32.23 20.13 -19.90
CA THR C 262 32.12 20.50 -18.50
C THR C 262 30.91 19.83 -17.88
N TYR C 263 30.92 19.75 -16.56
CA TYR C 263 29.74 19.40 -15.77
C TYR C 263 29.20 20.70 -15.21
N SER C 264 28.01 21.09 -15.67
CA SER C 264 27.52 22.44 -15.49
C SER C 264 26.18 22.47 -14.76
N ILE C 265 26.03 23.41 -13.84
CA ILE C 265 24.75 23.78 -13.25
C ILE C 265 24.58 25.28 -13.41
N PHE C 266 23.36 25.76 -13.15
CA PHE C 266 23.00 27.15 -13.38
C PHE C 266 22.42 27.76 -12.11
N GLY C 267 22.88 28.97 -11.79
CA GLY C 267 22.35 29.68 -10.63
C GLY C 267 22.96 29.27 -9.31
N GLN C 268 24.16 29.76 -9.00
CA GLN C 268 24.84 29.44 -7.76
C GLN C 268 25.41 30.72 -7.14
N MET C 269 25.72 30.64 -5.85
CA MET C 269 26.15 31.80 -5.09
C MET C 269 27.26 31.44 -4.11
N MET C 270 28.17 32.39 -3.92
CA MET C 270 29.19 32.32 -2.89
C MET C 270 29.31 33.67 -2.22
N ARG C 271 29.40 33.68 -0.89
CA ARG C 271 29.65 34.92 -0.17
C ARG C 271 30.83 34.72 0.77
N PHE C 272 31.65 35.76 0.91
CA PHE C 272 32.86 35.69 1.71
C PHE C 272 32.94 36.92 2.60
N ASP C 273 33.60 36.76 3.74
CA ASP C 273 33.92 37.87 4.62
C ASP C 273 35.25 38.47 4.20
N MET C 274 35.34 39.80 4.30
CA MET C 274 36.59 40.51 4.05
C MET C 274 37.01 41.40 5.20
N ARG C 275 36.23 41.48 6.27
CA ARG C 275 36.61 42.31 7.42
C ARG C 275 37.76 41.66 8.19
N GLU C 276 37.62 40.39 8.55
CA GLU C 276 38.57 39.71 9.40
C GLU C 276 39.54 38.80 8.66
N SER C 277 39.45 38.73 7.34
CA SER C 277 40.31 37.84 6.57
C SER C 277 40.21 38.20 5.09
N PHE C 278 41.02 37.53 4.29
CA PHE C 278 41.05 37.71 2.84
C PHE C 278 40.72 36.38 2.16
N PRO C 279 39.70 36.33 1.30
CA PRO C 279 39.25 35.03 0.77
C PRO C 279 40.20 34.43 -0.25
N LEU C 280 41.38 34.01 0.20
CA LEU C 280 42.33 33.31 -0.66
C LEU C 280 42.32 31.85 -0.24
N LEU C 281 42.02 30.97 -1.19
CA LEU C 281 41.80 29.56 -0.89
C LEU C 281 43.03 28.93 -0.26
N THR C 282 42.80 28.15 0.80
CA THR C 282 43.88 27.44 1.48
C THR C 282 44.02 26.01 1.02
N THR C 283 42.99 25.44 0.41
CA THR C 283 43.06 24.07 -0.10
C THR C 283 43.93 23.94 -1.34
N LYS C 284 44.55 25.03 -1.79
CA LYS C 284 45.45 25.01 -2.93
C LYS C 284 46.25 26.30 -2.93
N LYS C 285 47.54 26.20 -3.22
CA LYS C 285 48.39 27.39 -3.27
C LYS C 285 47.97 28.23 -4.48
N VAL C 286 47.23 29.30 -4.22
CA VAL C 286 46.71 30.18 -5.27
C VAL C 286 47.76 31.23 -5.60
N ALA C 287 48.04 31.40 -6.89
CA ALA C 287 49.01 32.38 -7.36
C ALA C 287 48.46 33.78 -7.13
N ILE C 288 48.67 34.29 -5.91
CA ILE C 288 48.12 35.58 -5.53
C ILE C 288 48.76 36.70 -6.34
N ARG C 289 50.04 36.57 -6.68
CA ARG C 289 50.73 37.63 -7.43
C ARG C 289 50.11 37.79 -8.81
N SER C 290 49.82 36.67 -9.49
CA SER C 290 49.21 36.75 -10.81
C SER C 290 47.80 37.34 -10.73
N ILE C 291 47.07 37.06 -9.65
CA ILE C 291 45.74 37.64 -9.47
C ILE C 291 45.83 39.16 -9.44
N PHE C 292 46.77 39.69 -8.67
CA PHE C 292 46.93 41.14 -8.56
C PHE C 292 47.35 41.75 -9.89
N GLU C 293 48.38 41.19 -10.52
CA GLU C 293 48.92 41.78 -11.74
C GLU C 293 47.88 41.82 -12.85
N GLU C 294 46.93 40.89 -12.84
CA GLU C 294 45.81 40.95 -13.78
C GLU C 294 44.82 42.05 -13.38
N LEU C 295 44.61 42.22 -12.07
CA LEU C 295 43.63 43.21 -11.61
C LEU C 295 44.11 44.63 -11.86
N ILE C 296 45.37 44.92 -11.51
CA ILE C 296 45.92 46.24 -11.79
C ILE C 296 46.01 46.46 -13.30
N TRP C 297 46.15 45.38 -14.06
CA TRP C 297 46.11 45.47 -15.52
C TRP C 297 44.74 45.93 -15.98
N PHE C 298 43.69 45.47 -15.31
CA PHE C 298 42.33 45.96 -15.61
C PHE C 298 42.17 47.42 -15.23
N ILE C 299 42.64 47.79 -14.03
CA ILE C 299 42.41 49.12 -13.50
C ILE C 299 43.07 50.17 -14.40
N LYS C 300 44.28 49.90 -14.86
CA LYS C 300 44.98 50.83 -15.75
C LYS C 300 44.35 50.91 -17.13
N GLY C 301 43.27 50.17 -17.41
CA GLY C 301 42.64 50.19 -18.71
C GLY C 301 43.42 49.50 -19.80
N ASP C 302 44.35 48.62 -19.43
CA ASP C 302 45.28 48.02 -20.39
C ASP C 302 44.69 46.74 -20.96
N THR C 303 44.74 46.62 -22.28
CA THR C 303 44.33 45.40 -22.98
C THR C 303 45.50 44.75 -23.71
N ASN C 304 46.72 45.24 -23.51
CA ASN C 304 47.90 44.66 -24.13
C ASN C 304 48.27 43.39 -23.37
N GLY C 305 48.07 42.23 -24.01
CA GLY C 305 48.36 40.97 -23.36
C GLY C 305 49.83 40.72 -23.11
N ASN C 306 50.72 41.47 -23.77
CA ASN C 306 52.15 41.28 -23.54
C ASN C 306 52.57 41.83 -22.18
N HIS C 307 51.90 42.88 -21.71
CA HIS C 307 52.27 43.49 -20.44
C HIS C 307 52.11 42.53 -19.26
N LEU C 308 51.24 41.51 -19.40
CA LEU C 308 51.19 40.45 -18.40
C LEU C 308 52.29 39.42 -18.62
N ILE C 309 52.55 39.08 -19.88
CA ILE C 309 53.60 38.13 -20.19
C ILE C 309 54.97 38.71 -19.85
N GLU C 310 55.13 40.03 -20.02
CA GLU C 310 56.38 40.68 -19.63
C GLU C 310 56.59 40.65 -18.12
N LYS C 311 55.54 40.44 -17.34
CA LYS C 311 55.64 40.28 -15.89
C LYS C 311 55.52 38.83 -15.45
N LYS C 312 55.81 37.89 -16.35
CA LYS C 312 55.76 36.45 -16.05
C LYS C 312 54.38 36.01 -15.59
N VAL C 313 53.35 36.55 -16.24
CA VAL C 313 51.95 36.18 -15.98
C VAL C 313 51.36 35.74 -17.30
N TYR C 314 51.04 34.44 -17.43
CA TYR C 314 50.65 33.85 -18.69
C TYR C 314 49.20 33.39 -18.72
N ILE C 315 48.33 33.99 -17.89
CA ILE C 315 46.96 33.52 -17.83
C ILE C 315 46.15 33.96 -19.04
N TRP C 316 46.60 35.00 -19.75
CA TRP C 316 45.91 35.47 -20.96
C TRP C 316 46.72 35.17 -22.23
N SER C 317 47.65 34.21 -22.16
CA SER C 317 48.39 33.84 -23.37
C SER C 317 47.57 32.92 -24.27
N GLY C 318 46.76 32.04 -23.66
CA GLY C 318 45.97 31.11 -24.45
C GLY C 318 44.92 31.80 -25.29
N ASN C 319 44.14 32.69 -24.67
CA ASN C 319 43.14 33.46 -25.40
C ASN C 319 43.77 34.61 -26.19
N GLY C 320 45.09 34.62 -26.31
CA GLY C 320 45.79 35.68 -26.99
C GLY C 320 46.86 35.17 -27.94
N SER C 321 46.78 33.92 -28.36
CA SER C 321 47.75 33.41 -29.32
C SER C 321 47.29 33.75 -30.74
N LYS C 322 48.26 33.78 -31.66
CA LYS C 322 47.92 34.05 -33.05
C LYS C 322 46.99 32.99 -33.62
N GLU C 323 47.17 31.74 -33.19
CA GLU C 323 46.33 30.65 -33.70
C GLU C 323 44.91 30.73 -33.16
N TYR C 324 44.76 31.13 -31.89
CA TYR C 324 43.42 31.27 -31.31
C TYR C 324 42.70 32.48 -31.88
N LEU C 325 43.43 33.57 -32.12
CA LEU C 325 42.81 34.78 -32.63
C LEU C 325 42.28 34.59 -34.05
N GLU C 326 43.03 33.86 -34.88
CA GLU C 326 42.53 33.54 -36.22
C GLU C 326 41.34 32.60 -36.18
N ARG C 327 41.26 31.73 -35.15
CA ARG C 327 40.16 30.78 -35.06
C ARG C 327 38.82 31.49 -34.84
N ILE C 328 38.81 32.57 -34.05
CA ILE C 328 37.59 33.29 -33.77
C ILE C 328 37.41 34.50 -34.69
N GLY C 329 38.19 34.59 -35.76
CA GLY C 329 38.01 35.65 -36.73
C GLY C 329 38.69 36.96 -36.40
N LEU C 330 39.73 36.94 -35.59
CA LEU C 330 40.49 38.14 -35.23
C LEU C 330 41.95 38.01 -35.67
N GLY C 331 42.17 37.45 -36.85
CA GLY C 331 43.52 37.29 -37.37
C GLY C 331 44.21 38.60 -37.69
N HIS C 332 43.46 39.69 -37.75
CA HIS C 332 44.02 41.01 -38.01
C HIS C 332 44.69 41.61 -36.78
N ARG C 333 44.52 41.01 -35.62
CA ARG C 333 45.10 41.56 -34.41
C ARG C 333 46.58 41.18 -34.30
N GLU C 334 47.29 41.92 -33.46
CA GLU C 334 48.69 41.61 -33.18
C GLU C 334 48.76 40.31 -32.37
N GLU C 335 49.98 39.92 -32.01
CA GLU C 335 50.18 38.64 -31.35
C GLU C 335 49.30 38.49 -30.10
N ASN C 336 49.21 39.55 -29.29
CA ASN C 336 48.45 39.46 -28.04
C ASN C 336 47.45 40.61 -27.90
N ASP C 337 46.95 41.14 -29.01
CA ASP C 337 45.99 42.24 -28.96
C ASP C 337 44.62 41.68 -28.59
N LEU C 338 44.35 41.61 -27.29
CA LEU C 338 43.11 41.00 -26.80
C LEU C 338 41.87 41.80 -27.12
N GLY C 339 42.00 43.04 -27.58
CA GLY C 339 40.86 43.84 -27.93
C GLY C 339 40.21 44.49 -26.72
N PRO C 340 39.08 45.17 -26.92
CA PRO C 340 38.45 45.89 -25.80
C PRO C 340 37.80 44.95 -24.81
N ILE C 341 38.42 44.76 -23.65
CA ILE C 341 37.89 43.81 -22.66
C ILE C 341 37.87 44.53 -21.32
N TYR C 342 37.83 43.76 -20.24
CA TYR C 342 37.69 44.26 -18.87
C TYR C 342 38.36 45.61 -18.64
N GLY C 343 39.62 45.74 -19.04
CA GLY C 343 40.32 46.99 -18.82
C GLY C 343 39.76 48.13 -19.65
N PHE C 344 39.37 47.84 -20.89
CA PHE C 344 38.90 48.91 -21.78
C PHE C 344 37.50 49.37 -21.37
N GLN C 345 36.62 48.44 -20.99
CA GLN C 345 35.25 48.83 -20.66
C GLN C 345 35.17 49.53 -19.31
N TRP C 346 36.11 49.25 -18.40
CA TRP C 346 36.09 49.93 -17.11
C TRP C 346 36.48 51.40 -17.26
N ARG C 347 37.44 51.68 -18.14
CA ARG C 347 37.99 53.03 -18.26
C ARG C 347 37.56 53.76 -19.51
N HIS C 348 37.15 53.04 -20.56
CA HIS C 348 36.75 53.65 -21.83
C HIS C 348 35.53 52.92 -22.39
N TYR C 349 34.41 53.00 -21.66
CA TYR C 349 33.21 52.32 -22.10
C TYR C 349 32.67 52.96 -23.38
N ASN C 350 32.23 52.11 -24.31
CA ASN C 350 31.75 52.53 -25.63
C ASN C 350 32.83 53.26 -26.42
N GLY C 351 34.09 52.91 -26.17
CA GLY C 351 35.20 53.57 -26.85
C GLY C 351 35.53 52.87 -28.14
N GLU C 352 35.73 53.66 -29.20
CA GLU C 352 36.07 53.12 -30.51
C GLU C 352 37.44 52.44 -30.45
N TYR C 353 37.46 51.12 -30.30
CA TYR C 353 38.72 50.40 -30.19
C TYR C 353 39.37 50.30 -31.56
N LYS C 354 40.67 50.61 -31.61
CA LYS C 354 41.45 50.42 -32.83
C LYS C 354 42.42 49.26 -32.59
N THR C 355 43.55 49.55 -31.97
CA THR C 355 44.51 48.53 -31.57
C THR C 355 44.87 48.75 -30.10
N MET C 356 45.77 47.92 -29.59
CA MET C 356 46.22 48.04 -28.22
C MET C 356 47.33 49.07 -28.06
N HIS C 357 47.78 49.68 -29.15
CA HIS C 357 48.85 50.67 -29.11
C HIS C 357 48.35 52.11 -29.21
N ASP C 358 47.07 52.32 -29.46
CA ASP C 358 46.54 53.66 -29.61
C ASP C 358 46.31 54.30 -28.25
N ASP C 359 46.14 55.62 -28.26
CA ASP C 359 45.97 56.41 -27.04
C ASP C 359 44.48 56.63 -26.81
N TYR C 360 43.92 55.92 -25.83
CA TYR C 360 42.50 56.02 -25.52
C TYR C 360 42.24 56.96 -24.36
N THR C 361 43.15 57.89 -24.09
CA THR C 361 42.97 58.83 -22.98
C THR C 361 41.82 59.79 -23.30
N GLY C 362 40.81 59.79 -22.44
CA GLY C 362 39.69 60.70 -22.59
C GLY C 362 38.51 60.12 -23.35
N VAL C 363 38.75 59.14 -24.22
CA VAL C 363 37.68 58.54 -25.00
C VAL C 363 36.97 57.49 -24.14
N GLY C 364 35.67 57.34 -24.36
CA GLY C 364 34.88 56.40 -23.60
C GLY C 364 34.42 56.99 -22.28
N VAL C 365 33.71 56.16 -21.52
CA VAL C 365 33.18 56.54 -20.21
C VAL C 365 34.03 55.86 -19.15
N ASP C 366 34.73 56.65 -18.35
CA ASP C 366 35.56 56.13 -17.27
C ASP C 366 34.65 55.76 -16.11
N GLN C 367 34.20 54.50 -16.11
CA GLN C 367 33.30 54.04 -15.05
C GLN C 367 34.00 54.00 -13.70
N LEU C 368 35.24 53.49 -13.69
CA LEU C 368 35.95 53.33 -12.42
C LEU C 368 36.16 54.67 -11.73
N ALA C 369 36.51 55.71 -12.51
CA ALA C 369 36.64 57.04 -11.93
C ALA C 369 35.31 57.53 -11.39
N LYS C 370 34.25 57.43 -12.19
CA LYS C 370 32.93 57.84 -11.74
C LYS C 370 32.46 57.00 -10.55
N LEU C 371 32.84 55.73 -10.51
CA LEU C 371 32.49 54.87 -9.38
C LEU C 371 33.16 55.37 -8.10
N ILE C 372 34.46 55.66 -8.17
CA ILE C 372 35.17 56.17 -7.01
C ILE C 372 34.61 57.54 -6.61
N GLU C 373 34.25 58.36 -7.60
CA GLU C 373 33.69 59.67 -7.31
C GLU C 373 32.37 59.56 -6.57
N THR C 374 31.49 58.66 -7.02
CA THR C 374 30.20 58.50 -6.37
C THR C 374 30.31 57.75 -5.04
N LEU C 375 31.32 56.90 -4.89
CA LEU C 375 31.42 56.09 -3.68
C LEU C 375 31.62 56.97 -2.44
N LYS C 376 32.41 58.04 -2.57
CA LYS C 376 32.69 58.89 -1.43
C LYS C 376 31.85 60.16 -1.40
N ASN C 377 31.25 60.57 -2.51
CA ASN C 377 30.39 61.74 -2.50
C ASN C 377 28.93 61.39 -2.23
N ASN C 378 28.47 60.24 -2.73
CA ASN C 378 27.11 59.75 -2.48
C ASN C 378 27.21 58.29 -2.06
N PRO C 379 27.54 58.03 -0.79
CA PRO C 379 27.83 56.64 -0.39
C PRO C 379 26.61 55.73 -0.40
N LYS C 380 25.44 56.22 0.01
CA LYS C 380 24.23 55.41 0.04
C LYS C 380 23.54 55.31 -1.31
N ASP C 381 24.13 55.87 -2.36
CA ASP C 381 23.58 55.73 -3.70
C ASP C 381 23.67 54.27 -4.14
N ARG C 382 22.53 53.67 -4.45
CA ARG C 382 22.47 52.26 -4.83
C ARG C 382 22.65 52.06 -6.33
N ARG C 383 23.58 52.81 -6.94
CA ARG C 383 23.89 52.69 -8.36
C ARG C 383 25.39 52.52 -8.58
N HIS C 384 26.15 52.19 -7.54
CA HIS C 384 27.60 51.99 -7.65
C HIS C 384 27.85 50.72 -8.44
N ILE C 385 27.76 50.83 -9.76
CA ILE C 385 27.83 49.67 -10.65
C ILE C 385 28.97 49.86 -11.63
N LEU C 386 29.78 48.82 -11.78
CA LEU C 386 30.87 48.76 -12.76
C LEU C 386 30.59 47.59 -13.68
N THR C 387 30.21 47.87 -14.92
CA THR C 387 29.86 46.84 -15.88
C THR C 387 30.95 46.68 -16.93
N ALA C 388 30.99 45.48 -17.52
CA ALA C 388 31.91 45.18 -18.59
C ALA C 388 31.21 44.53 -19.78
N TRP C 389 29.88 44.40 -19.75
CA TRP C 389 29.14 43.77 -20.83
C TRP C 389 28.65 44.88 -21.76
N ASN C 390 29.38 45.06 -22.85
CA ASN C 390 29.02 46.03 -23.88
C ASN C 390 28.73 45.28 -25.17
N PRO C 391 27.46 45.05 -25.52
CA PRO C 391 27.14 44.27 -26.73
C PRO C 391 27.72 44.85 -28.01
N SER C 392 28.00 46.15 -28.06
CA SER C 392 28.56 46.74 -29.27
C SER C 392 30.01 46.34 -29.50
N ALA C 393 30.67 45.75 -28.51
CA ALA C 393 32.09 45.42 -28.61
C ALA C 393 32.38 43.94 -28.38
N LEU C 394 31.36 43.11 -28.17
CA LEU C 394 31.60 41.70 -27.90
C LEU C 394 32.34 41.02 -29.05
N SER C 395 31.98 41.36 -30.29
CA SER C 395 32.62 40.74 -31.45
C SER C 395 34.10 41.09 -31.56
N GLN C 396 34.52 42.23 -31.00
CA GLN C 396 35.92 42.63 -31.04
C GLN C 396 36.74 42.06 -29.90
N MET C 397 36.12 41.47 -28.89
CA MET C 397 36.84 40.96 -27.74
C MET C 397 37.41 39.58 -28.04
N ALA C 398 38.64 39.34 -27.55
CA ALA C 398 39.20 38.01 -27.62
C ALA C 398 38.39 37.01 -26.78
N LEU C 399 37.64 37.51 -25.79
CA LEU C 399 36.78 36.70 -24.96
C LEU C 399 35.74 37.60 -24.31
N PRO C 400 34.46 37.28 -24.38
CA PRO C 400 33.46 38.09 -23.70
C PRO C 400 33.72 38.08 -22.21
N PRO C 401 33.30 39.13 -21.50
CA PRO C 401 33.60 39.18 -20.06
C PRO C 401 32.90 38.06 -19.31
N CYS C 402 33.66 37.40 -18.42
CA CYS C 402 33.09 36.38 -17.56
C CYS C 402 32.44 36.99 -16.33
N HIS C 403 33.18 37.88 -15.63
CA HIS C 403 32.58 38.70 -14.57
C HIS C 403 32.03 39.95 -15.25
N VAL C 404 30.73 39.94 -15.51
CA VAL C 404 30.14 40.94 -16.39
C VAL C 404 29.78 42.24 -15.66
N LEU C 405 29.34 42.15 -14.42
CA LEU C 405 28.80 43.32 -13.74
C LEU C 405 29.01 43.19 -12.24
N SER C 406 29.52 44.25 -11.62
CA SER C 406 29.73 44.28 -10.17
C SER C 406 29.07 45.50 -9.57
N GLN C 407 28.53 45.35 -8.36
CA GLN C 407 27.89 46.44 -7.64
C GLN C 407 28.53 46.60 -6.28
N TYR C 408 28.61 47.84 -5.82
CA TYR C 408 29.28 48.16 -4.57
C TYR C 408 28.35 48.94 -3.66
N TYR C 409 28.58 48.79 -2.35
CA TYR C 409 27.60 49.18 -1.34
C TYR C 409 28.35 49.65 -0.11
N VAL C 410 28.00 50.84 0.38
CA VAL C 410 28.60 51.42 1.58
C VAL C 410 27.64 51.20 2.73
N THR C 411 28.08 50.44 3.74
CA THR C 411 27.24 50.17 4.89
C THR C 411 27.21 51.36 5.83
N ASN C 412 26.33 51.29 6.82
CA ASN C 412 26.22 52.38 7.79
C ASN C 412 27.46 52.50 8.68
N ASP C 413 28.26 51.44 8.80
CA ASP C 413 29.52 51.50 9.54
C ASP C 413 30.72 51.66 8.60
N ASN C 414 30.51 52.31 7.46
CA ASN C 414 31.60 52.70 6.55
C ASN C 414 32.41 51.50 6.08
N CYS C 415 31.71 50.46 5.67
CA CYS C 415 32.32 49.30 5.05
C CYS C 415 31.84 49.18 3.61
N LEU C 416 32.70 48.61 2.76
CA LEU C 416 32.43 48.52 1.32
C LEU C 416 32.21 47.06 0.96
N SER C 417 30.96 46.70 0.71
CA SER C 417 30.62 45.36 0.24
C SER C 417 30.57 45.34 -1.28
N CYS C 418 30.69 44.14 -1.85
CA CYS C 418 30.77 43.96 -3.29
C CYS C 418 29.91 42.79 -3.71
N ASN C 419 29.10 43.01 -4.75
CA ASN C 419 28.34 41.96 -5.41
C ASN C 419 28.83 41.86 -6.84
N LEU C 420 29.15 40.65 -7.27
CA LEU C 420 29.61 40.39 -8.63
C LEU C 420 28.70 39.37 -9.28
N TYR C 421 28.28 39.62 -10.51
CA TYR C 421 27.59 38.62 -11.31
C TYR C 421 28.56 38.06 -12.34
N GLN C 422 28.69 36.74 -12.36
CA GLN C 422 29.60 36.03 -13.25
C GLN C 422 28.79 35.10 -14.13
N ARG C 423 28.81 35.35 -15.45
CA ARG C 423 28.00 34.55 -16.37
C ARG C 423 28.54 33.13 -16.51
N SER C 424 29.87 32.98 -16.51
CA SER C 424 30.52 31.70 -16.72
C SER C 424 31.69 31.60 -15.75
N CYS C 425 31.73 30.49 -15.00
CA CYS C 425 32.70 30.34 -13.91
C CYS C 425 33.43 29.02 -14.06
N ASP C 426 34.71 29.10 -14.41
CA ASP C 426 35.58 27.93 -14.47
C ASP C 426 36.07 27.64 -13.05
N LEU C 427 35.30 26.86 -12.32
CA LEU C 427 35.75 26.38 -11.01
C LEU C 427 37.02 25.56 -11.20
N GLY C 428 38.06 25.91 -10.46
CA GLY C 428 39.34 25.23 -10.61
C GLY C 428 40.42 26.17 -11.09
N LEU C 429 40.10 27.05 -12.03
CA LEU C 429 41.05 28.07 -12.50
C LEU C 429 40.51 29.47 -12.28
N GLY C 430 39.44 29.86 -12.99
CA GLY C 430 39.00 31.24 -12.92
C GLY C 430 38.42 31.62 -11.57
N SER C 431 37.67 30.71 -10.95
CA SER C 431 36.97 31.03 -9.71
C SER C 431 37.92 31.37 -8.57
N PRO C 432 38.97 30.59 -8.27
CA PRO C 432 39.90 31.03 -7.23
C PRO C 432 40.51 32.39 -7.53
N PHE C 433 40.69 32.72 -8.82
CA PHE C 433 41.17 34.04 -9.18
C PHE C 433 40.10 35.09 -8.98
N ASN C 434 38.87 34.84 -9.46
CA ASN C 434 37.82 35.84 -9.35
C ASN C 434 37.45 36.13 -7.90
N ILE C 435 37.59 35.14 -7.01
CA ILE C 435 37.28 35.37 -5.61
C ILE C 435 38.26 36.37 -5.01
N ALA C 436 39.56 36.15 -5.21
CA ALA C 436 40.56 37.05 -4.64
C ALA C 436 40.68 38.35 -5.44
N SER C 437 40.48 38.30 -6.76
CA SER C 437 40.64 39.50 -7.57
C SER C 437 39.65 40.58 -7.15
N TYR C 438 38.36 40.25 -7.10
CA TYR C 438 37.38 41.24 -6.69
C TYR C 438 37.45 41.52 -5.20
N ALA C 439 38.10 40.67 -4.42
CA ALA C 439 38.38 41.00 -3.03
C ALA C 439 39.43 42.10 -2.95
N ILE C 440 40.51 41.98 -3.73
CA ILE C 440 41.53 43.02 -3.76
C ILE C 440 40.94 44.31 -4.31
N LEU C 441 40.15 44.22 -5.38
CA LEU C 441 39.56 45.41 -5.98
C LEU C 441 38.67 46.15 -5.00
N THR C 442 37.89 45.41 -4.21
CA THR C 442 37.05 46.05 -3.21
C THR C 442 37.87 46.71 -2.11
N MET C 443 38.98 46.08 -1.70
CA MET C 443 39.84 46.67 -0.70
C MET C 443 40.52 47.94 -1.24
N MET C 444 40.95 47.91 -2.50
CA MET C 444 41.52 49.09 -3.12
C MET C 444 40.51 50.22 -3.18
N LEU C 445 39.29 49.93 -3.62
CA LEU C 445 38.24 50.94 -3.65
C LEU C 445 37.91 51.41 -2.24
N ALA C 446 38.04 50.55 -1.24
CA ALA C 446 37.75 50.94 0.12
C ALA C 446 38.78 51.92 0.66
N GLN C 447 40.06 51.73 0.30
CA GLN C 447 41.10 52.61 0.81
C GLN C 447 41.07 53.97 0.11
N VAL C 448 40.91 53.98 -1.21
CA VAL C 448 40.89 55.24 -1.95
C VAL C 448 39.69 56.08 -1.56
N CYS C 449 38.58 55.43 -1.20
CA CYS C 449 37.38 56.13 -0.78
C CYS C 449 37.29 56.33 0.73
N GLY C 450 38.21 55.73 1.49
CA GLY C 450 38.22 55.91 2.93
C GLY C 450 37.28 55.03 3.71
N TYR C 451 37.06 53.79 3.26
CA TYR C 451 36.21 52.82 3.95
C TYR C 451 37.04 51.59 4.32
N GLU C 452 36.38 50.65 4.97
CA GLU C 452 36.96 49.38 5.33
C GLU C 452 36.33 48.27 4.50
N PRO C 453 37.02 47.13 4.34
CA PRO C 453 36.43 46.03 3.59
C PRO C 453 35.17 45.51 4.27
N GLY C 454 34.21 45.08 3.45
CA GLY C 454 32.96 44.53 3.96
C GLY C 454 32.78 43.07 3.58
N GLU C 455 31.81 42.80 2.73
CA GLU C 455 31.51 41.45 2.29
C GLU C 455 31.68 41.35 0.78
N LEU C 456 31.91 40.12 0.32
CA LEU C 456 32.02 39.83 -1.11
C LEU C 456 31.05 38.70 -1.43
N ALA C 457 30.11 38.98 -2.32
CA ALA C 457 29.17 37.97 -2.80
C ALA C 457 29.33 37.84 -4.31
N ILE C 458 29.50 36.60 -4.78
CA ILE C 458 29.71 36.31 -6.18
C ILE C 458 28.52 35.48 -6.65
N PHE C 459 27.70 36.06 -7.52
CA PHE C 459 26.56 35.36 -8.10
C PHE C 459 26.97 34.77 -9.45
N ILE C 460 26.73 33.48 -9.65
CA ILE C 460 27.28 32.74 -10.78
C ILE C 460 26.15 32.18 -11.63
N GLY C 461 26.28 32.32 -12.95
CA GLY C 461 25.38 31.68 -13.87
C GLY C 461 25.76 30.24 -14.17
N ASP C 462 26.62 30.04 -15.15
CA ASP C 462 27.04 28.71 -15.56
C ASP C 462 28.24 28.32 -14.71
N ALA C 463 27.98 27.72 -13.55
CA ALA C 463 29.02 27.20 -12.67
C ALA C 463 29.38 25.80 -13.13
N HIS C 464 30.62 25.61 -13.58
CA HIS C 464 30.99 24.37 -14.24
C HIS C 464 32.39 23.93 -13.83
N ILE C 465 32.69 22.67 -14.14
CA ILE C 465 34.00 22.06 -13.90
C ILE C 465 34.43 21.38 -15.20
N TYR C 466 35.59 21.76 -15.72
CA TYR C 466 36.10 21.10 -16.91
C TYR C 466 36.51 19.67 -16.59
N GLU C 467 36.23 18.74 -17.52
CA GLU C 467 36.39 17.33 -17.22
C GLU C 467 37.83 16.93 -16.97
N ASN C 468 38.80 17.73 -17.45
CA ASN C 468 40.20 17.49 -17.16
C ASN C 468 40.63 18.09 -15.82
N HIS C 469 39.66 18.59 -15.04
CA HIS C 469 39.89 19.06 -13.68
C HIS C 469 39.30 18.13 -12.64
N LEU C 470 38.79 16.97 -13.04
CA LEU C 470 38.05 16.11 -12.11
C LEU C 470 38.98 15.51 -11.07
N THR C 471 40.04 14.84 -11.50
CA THR C 471 40.96 14.23 -10.53
C THR C 471 41.67 15.29 -9.70
N GLN C 472 41.88 16.49 -10.26
CA GLN C 472 42.54 17.55 -9.50
C GLN C 472 41.61 18.12 -8.43
N LEU C 473 40.37 18.47 -8.82
CA LEU C 473 39.47 19.08 -7.85
C LEU C 473 39.01 18.09 -6.80
N LYS C 474 38.92 16.81 -7.16
CA LYS C 474 38.63 15.78 -6.15
C LYS C 474 39.79 15.67 -5.15
N GLU C 475 41.02 15.89 -5.60
CA GLU C 475 42.15 15.97 -4.69
C GLU C 475 42.03 17.16 -3.75
N GLN C 476 41.55 18.30 -4.28
CA GLN C 476 41.39 19.48 -3.45
C GLN C 476 40.30 19.29 -2.39
N LEU C 477 39.26 18.51 -2.69
CA LEU C 477 38.19 18.30 -1.73
C LEU C 477 38.59 17.40 -0.58
N SER C 478 39.69 16.65 -0.71
CA SER C 478 40.16 15.81 0.39
C SER C 478 40.94 16.59 1.43
N ARG C 479 41.07 17.90 1.25
CA ARG C 479 41.89 18.76 2.10
C ARG C 479 40.99 19.60 2.99
N THR C 480 41.13 19.44 4.30
CA THR C 480 40.38 20.25 5.25
C THR C 480 40.88 21.69 5.17
N PRO C 481 40.00 22.68 5.04
CA PRO C 481 40.45 24.06 4.87
C PRO C 481 41.21 24.57 6.09
N ARG C 482 42.09 25.53 5.85
CA ARG C 482 42.85 26.23 6.87
C ARG C 482 42.38 27.68 6.94
N PRO C 483 42.67 28.39 8.03
CA PRO C 483 42.17 29.77 8.16
C PRO C 483 42.67 30.66 7.02
N PHE C 484 41.79 31.56 6.58
CA PHE C 484 42.13 32.49 5.53
C PHE C 484 43.33 33.35 5.95
N PRO C 485 44.12 33.84 5.00
CA PRO C 485 45.21 34.75 5.35
C PRO C 485 44.69 36.16 5.63
N GLN C 486 45.60 37.11 5.79
CA GLN C 486 45.26 38.52 5.90
C GLN C 486 45.94 39.26 4.76
N LEU C 487 45.25 40.27 4.22
CA LEU C 487 45.80 41.10 3.16
C LEU C 487 45.71 42.55 3.61
N LYS C 488 46.86 43.17 3.83
CA LYS C 488 46.93 44.58 4.21
C LYS C 488 47.80 45.32 3.20
N PHE C 489 47.53 46.59 3.03
CA PHE C 489 48.30 47.43 2.13
C PHE C 489 49.41 48.14 2.91
N LYS C 490 50.59 48.21 2.29
CA LYS C 490 51.73 48.83 2.97
C LYS C 490 51.64 50.34 3.00
N ARG C 491 50.97 50.96 2.03
CA ARG C 491 50.91 52.42 1.96
C ARG C 491 49.56 52.84 1.42
N LYS C 492 49.20 54.09 1.72
CA LYS C 492 48.00 54.71 1.18
C LYS C 492 48.33 55.40 -0.14
N VAL C 493 47.50 55.18 -1.15
CA VAL C 493 47.79 55.63 -2.50
C VAL C 493 46.96 56.88 -2.79
N GLU C 494 47.44 57.70 -3.72
CA GLU C 494 46.68 58.86 -4.16
C GLU C 494 45.60 58.46 -5.18
N ASN C 495 46.03 57.85 -6.27
CA ASN C 495 45.13 57.32 -7.29
C ASN C 495 45.18 55.80 -7.26
N ILE C 496 44.04 55.17 -7.57
CA ILE C 496 43.93 53.72 -7.51
C ILE C 496 44.88 53.02 -8.47
N GLU C 497 45.29 53.70 -9.54
CA GLU C 497 46.21 53.09 -10.51
C GLU C 497 47.62 52.92 -9.98
N ASP C 498 47.97 53.59 -8.88
CA ASP C 498 49.36 53.62 -8.42
C ASP C 498 49.74 52.39 -7.61
N PHE C 499 48.83 51.44 -7.41
CA PHE C 499 49.15 50.24 -6.64
C PHE C 499 50.21 49.41 -7.34
N LYS C 500 51.14 48.88 -6.54
CA LYS C 500 52.19 47.99 -7.03
C LYS C 500 52.20 46.72 -6.18
N TRP C 501 52.79 45.66 -6.73
CA TRP C 501 52.83 44.38 -6.03
C TRP C 501 53.62 44.47 -4.74
N GLU C 502 54.63 45.34 -4.69
CA GLU C 502 55.40 45.52 -3.47
C GLU C 502 54.59 46.19 -2.37
N ASP C 503 53.49 46.86 -2.72
CA ASP C 503 52.64 47.54 -1.75
C ASP C 503 51.66 46.60 -1.05
N ILE C 504 51.73 45.30 -1.32
CA ILE C 504 50.78 44.33 -0.81
C ILE C 504 51.50 43.37 0.11
N GLU C 505 50.98 43.19 1.32
CA GLU C 505 51.53 42.26 2.28
C GLU C 505 50.52 41.14 2.54
N LEU C 506 50.90 39.91 2.20
CA LEU C 506 50.06 38.73 2.41
C LEU C 506 50.56 38.02 3.67
N ILE C 507 49.75 38.06 4.72
CA ILE C 507 50.16 37.64 6.06
C ILE C 507 49.43 36.35 6.42
N GLY C 508 50.20 35.33 6.78
CA GLY C 508 49.63 34.12 7.33
C GLY C 508 48.95 33.22 6.32
N TYR C 509 49.54 33.06 5.14
CA TYR C 509 48.99 32.20 4.10
C TYR C 509 49.80 30.91 4.11
N TYR C 510 49.21 29.84 4.66
CA TYR C 510 49.83 28.53 4.76
C TYR C 510 48.94 27.53 4.03
N PRO C 511 48.96 27.53 2.71
CA PRO C 511 48.02 26.68 1.95
C PRO C 511 48.57 25.28 1.73
N TYR C 512 47.71 24.43 1.19
CA TYR C 512 48.13 23.12 0.71
C TYR C 512 48.88 23.31 -0.60
N PRO C 513 49.68 22.32 -1.01
CA PRO C 513 50.49 22.49 -2.23
C PRO C 513 49.63 22.80 -3.45
N THR C 514 50.24 23.48 -4.41
CA THR C 514 49.53 23.86 -5.62
C THR C 514 49.11 22.62 -6.40
N ILE C 515 48.05 22.79 -7.20
CA ILE C 515 47.48 21.72 -8.01
C ILE C 515 47.44 22.22 -9.45
N LYS C 516 48.17 21.54 -10.34
CA LYS C 516 48.27 21.97 -11.72
C LYS C 516 47.00 21.60 -12.48
N MET C 517 46.44 22.58 -13.19
CA MET C 517 45.23 22.38 -13.99
C MET C 517 45.36 23.15 -15.29
N ASP C 518 45.17 22.45 -16.41
CA ASP C 518 45.31 23.04 -17.73
C ASP C 518 44.09 23.87 -18.07
N MET C 519 44.32 25.00 -18.76
CA MET C 519 43.25 25.89 -19.16
C MET C 519 42.69 25.48 -20.51
N ALA C 520 41.36 25.52 -20.63
CA ALA C 520 40.70 25.20 -21.88
C ALA C 520 40.66 26.44 -22.76
N VAL C 521 41.31 26.36 -23.92
CA VAL C 521 41.40 27.49 -24.82
C VAL C 521 40.14 27.61 -25.67
N GLU D 3 -51.90 -37.02 69.79
CA GLU D 3 -50.73 -36.47 69.12
C GLU D 3 -49.66 -37.53 68.81
N LYS D 4 -49.14 -37.50 67.59
CA LYS D 4 -48.11 -38.44 67.17
C LYS D 4 -47.06 -37.71 66.33
N ASN D 5 -46.01 -38.44 65.99
CA ASN D 5 -44.83 -37.86 65.34
C ASN D 5 -45.01 -37.80 63.83
N VAL D 6 -44.52 -36.72 63.24
CA VAL D 6 -44.58 -36.49 61.80
C VAL D 6 -43.17 -36.14 61.34
N SER D 7 -42.53 -37.06 60.62
CA SER D 7 -41.15 -36.87 60.19
C SER D 7 -41.06 -36.75 58.68
N ILE D 8 -40.05 -36.02 58.23
CA ILE D 8 -39.75 -35.87 56.81
C ILE D 8 -38.57 -36.77 56.47
N VAL D 9 -38.74 -37.58 55.43
CA VAL D 9 -37.66 -38.35 54.84
C VAL D 9 -37.38 -37.77 53.46
N VAL D 10 -36.12 -37.41 53.21
CA VAL D 10 -35.76 -36.78 51.94
C VAL D 10 -34.30 -37.04 51.66
N ALA D 11 -33.97 -37.19 50.38
CA ALA D 11 -32.59 -37.27 49.89
C ALA D 11 -32.37 -36.11 48.94
N ALA D 12 -31.58 -35.13 49.37
CA ALA D 12 -31.35 -33.92 48.61
C ALA D 12 -29.87 -33.72 48.34
N SER D 13 -29.57 -32.88 47.36
CA SER D 13 -28.20 -32.55 47.03
C SER D 13 -27.55 -31.80 48.19
N VAL D 14 -26.21 -31.79 48.19
CA VAL D 14 -25.49 -31.28 49.35
C VAL D 14 -25.55 -29.76 49.41
N LEU D 15 -25.55 -29.08 48.25
CA LEU D 15 -25.53 -27.63 48.21
C LEU D 15 -26.90 -27.03 47.91
N SER D 16 -27.43 -27.28 46.71
CA SER D 16 -28.69 -26.68 46.28
C SER D 16 -29.92 -27.45 46.73
N SER D 17 -29.74 -28.62 47.36
CA SER D 17 -30.84 -29.42 47.89
C SER D 17 -31.78 -29.89 46.76
N GLY D 18 -31.20 -30.45 45.71
CA GLY D 18 -31.98 -30.99 44.61
C GLY D 18 -32.39 -32.42 44.88
N ILE D 19 -33.65 -32.73 44.56
CA ILE D 19 -34.22 -34.03 44.88
C ILE D 19 -34.74 -34.79 43.65
N GLY D 20 -34.87 -34.14 42.50
CA GLY D 20 -35.44 -34.85 41.37
C GLY D 20 -35.13 -34.17 40.06
N ILE D 21 -35.38 -34.90 38.97
CA ILE D 21 -35.16 -34.42 37.62
C ILE D 21 -35.99 -35.23 36.63
N ASN D 22 -36.82 -34.55 35.85
CA ASN D 22 -37.63 -35.19 34.81
C ASN D 22 -38.50 -36.31 35.37
N GLY D 23 -39.06 -36.10 36.57
CA GLY D 23 -39.96 -37.06 37.15
C GLY D 23 -39.31 -38.28 37.77
N GLN D 24 -37.98 -38.26 37.98
CA GLN D 24 -37.27 -39.36 38.61
C GLN D 24 -36.16 -38.80 39.48
N LEU D 25 -35.38 -39.70 40.09
CA LEU D 25 -34.32 -39.25 40.98
C LEU D 25 -33.08 -38.86 40.17
N PRO D 26 -32.26 -37.94 40.69
CA PRO D 26 -30.99 -37.59 40.03
C PRO D 26 -29.89 -38.62 40.25
N TRP D 27 -30.17 -39.69 40.99
CA TRP D 27 -29.15 -40.67 41.34
C TRP D 27 -29.82 -42.01 41.59
N SER D 28 -29.00 -43.04 41.72
CA SER D 28 -29.46 -44.39 42.06
C SER D 28 -28.54 -44.94 43.16
N ILE D 29 -28.95 -44.75 44.41
CA ILE D 29 -28.22 -45.23 45.56
C ILE D 29 -29.08 -46.29 46.24
N SER D 30 -28.63 -47.55 46.16
CA SER D 30 -29.41 -48.66 46.66
C SER D 30 -29.59 -48.58 48.18
N GLU D 31 -28.50 -48.29 48.90
CA GLU D 31 -28.56 -48.27 50.35
C GLU D 31 -29.47 -47.17 50.88
N ASP D 32 -29.68 -46.10 50.10
CA ASP D 32 -30.58 -45.03 50.54
C ASP D 32 -32.03 -45.48 50.51
N LEU D 33 -32.42 -46.23 49.47
CA LEU D 33 -33.79 -46.75 49.43
C LEU D 33 -34.04 -47.73 50.58
N LYS D 34 -33.02 -48.53 50.92
CA LYS D 34 -33.15 -49.41 52.08
C LYS D 34 -33.33 -48.60 53.36
N PHE D 35 -32.67 -47.43 53.46
CA PHE D 35 -32.88 -46.56 54.61
C PHE D 35 -34.31 -46.06 54.66
N PHE D 36 -34.84 -45.59 53.52
CA PHE D 36 -36.23 -45.19 53.46
C PHE D 36 -37.15 -46.33 53.88
N SER D 37 -36.85 -47.56 53.47
CA SER D 37 -37.68 -48.69 53.80
C SER D 37 -37.65 -48.97 55.30
N LYS D 38 -36.45 -49.00 55.88
CA LYS D 38 -36.33 -49.35 57.29
C LYS D 38 -36.80 -48.21 58.19
N ILE D 39 -36.62 -46.96 57.76
CA ILE D 39 -37.03 -45.84 58.61
C ILE D 39 -38.54 -45.66 58.58
N THR D 40 -39.19 -46.01 57.48
CA THR D 40 -40.64 -45.87 57.38
C THR D 40 -41.38 -47.10 57.89
N ASN D 41 -40.67 -48.23 58.03
CA ASN D 41 -41.23 -49.43 58.66
C ASN D 41 -40.92 -49.51 60.14
N ASN D 42 -40.09 -48.61 60.66
CA ASN D 42 -39.71 -48.65 62.08
C ASN D 42 -40.94 -48.31 62.90
N LYS D 43 -41.47 -49.31 63.60
CA LYS D 43 -42.72 -49.17 64.31
C LYS D 43 -42.63 -49.92 65.65
N CYS D 44 -43.51 -49.53 66.57
CA CYS D 44 -43.58 -50.14 67.89
C CYS D 44 -44.69 -51.19 68.00
N ASP D 45 -45.88 -50.88 67.52
CA ASP D 45 -47.05 -51.75 67.63
C ASP D 45 -47.22 -52.55 66.34
N SER D 46 -47.27 -53.89 66.47
CA SER D 46 -47.42 -54.74 65.30
C SER D 46 -48.82 -54.70 64.69
N ASN D 47 -49.82 -54.29 65.47
CA ASN D 47 -51.20 -54.20 64.97
C ASN D 47 -51.51 -52.82 64.40
N LYS D 48 -50.51 -51.98 64.18
CA LYS D 48 -50.66 -50.66 63.59
C LYS D 48 -49.78 -50.56 62.36
N LYS D 49 -50.02 -49.52 61.55
CA LYS D 49 -49.25 -49.29 60.34
C LYS D 49 -48.80 -47.83 60.29
N ASN D 50 -47.76 -47.57 59.50
CA ASN D 50 -47.26 -46.22 59.29
C ASN D 50 -47.83 -45.62 58.01
N ALA D 51 -48.00 -44.31 58.02
CA ALA D 51 -48.58 -43.57 56.90
C ALA D 51 -47.49 -42.79 56.18
N LEU D 52 -47.41 -42.93 54.86
CA LEU D 52 -46.44 -42.23 54.03
C LEU D 52 -47.19 -41.26 53.13
N ILE D 53 -47.05 -39.95 53.41
CA ILE D 53 -47.71 -38.92 52.63
C ILE D 53 -46.81 -38.53 51.46
N MET D 54 -47.40 -38.41 50.27
CA MET D 54 -46.66 -38.01 49.08
C MET D 54 -47.60 -37.34 48.08
N GLY D 55 -47.03 -36.49 47.24
CA GLY D 55 -47.79 -35.86 46.18
C GLY D 55 -48.06 -36.78 45.01
N ARG D 56 -48.90 -36.32 44.08
CA ARG D 56 -49.31 -37.16 42.96
C ARG D 56 -48.13 -37.46 42.05
N LYS D 57 -47.37 -36.43 41.66
CA LYS D 57 -46.25 -36.62 40.76
C LYS D 57 -45.20 -37.57 41.33
N THR D 58 -45.05 -37.59 42.66
CA THR D 58 -44.16 -38.57 43.28
C THR D 58 -44.79 -39.96 43.25
N TRP D 59 -46.11 -40.02 43.45
CA TRP D 59 -46.83 -41.29 43.34
C TRP D 59 -46.68 -41.90 41.95
N ASP D 60 -46.52 -41.06 40.93
CA ASP D 60 -46.25 -41.58 39.60
C ASP D 60 -44.84 -42.15 39.50
N SER D 61 -43.87 -41.53 40.19
CA SER D 61 -42.48 -41.94 40.08
C SER D 61 -42.22 -43.32 40.65
N ILE D 62 -43.07 -43.80 41.56
CA ILE D 62 -42.91 -45.12 42.15
C ILE D 62 -43.83 -46.15 41.49
N GLY D 63 -44.36 -45.84 40.30
CA GLY D 63 -45.14 -46.80 39.55
C GLY D 63 -46.58 -46.94 39.98
N ARG D 64 -47.06 -46.09 40.89
CA ARG D 64 -48.42 -46.16 41.40
C ARG D 64 -48.73 -47.53 41.99
N ARG D 65 -47.75 -48.10 42.70
CA ARG D 65 -47.96 -49.39 43.33
C ARG D 65 -47.66 -49.30 44.83
N PRO D 66 -48.44 -49.99 45.66
CA PRO D 66 -48.31 -49.81 47.11
C PRO D 66 -46.99 -50.35 47.64
N LEU D 67 -46.67 -49.95 48.87
CA LEU D 67 -45.49 -50.41 49.58
C LEU D 67 -45.91 -51.32 50.73
N LYS D 68 -45.22 -52.45 50.87
CA LYS D 68 -45.61 -53.47 51.84
C LYS D 68 -45.55 -52.90 53.26
N ASN D 69 -46.51 -53.32 54.08
CA ASN D 69 -46.59 -53.02 55.51
C ASN D 69 -46.77 -51.53 55.81
N ARG D 70 -47.03 -50.72 54.79
CA ARG D 70 -47.22 -49.28 54.96
C ARG D 70 -48.46 -48.84 54.19
N ILE D 71 -48.89 -47.61 54.47
CA ILE D 71 -50.08 -47.02 53.84
C ILE D 71 -49.65 -45.74 53.15
N ILE D 72 -49.77 -45.71 51.82
CA ILE D 72 -49.43 -44.53 51.04
C ILE D 72 -50.60 -43.57 51.03
N VAL D 73 -50.33 -42.30 51.33
CA VAL D 73 -51.33 -41.24 51.28
C VAL D 73 -50.94 -40.30 50.15
N VAL D 74 -51.78 -40.20 49.13
CA VAL D 74 -51.52 -39.36 47.97
C VAL D 74 -52.30 -38.06 48.11
N ILE D 75 -51.62 -36.94 47.91
CA ILE D 75 -52.25 -35.63 47.91
C ILE D 75 -52.39 -35.20 46.45
N SER D 76 -53.63 -35.21 45.95
CA SER D 76 -53.87 -34.87 44.55
C SER D 76 -55.26 -34.26 44.43
N SER D 77 -55.39 -33.27 43.56
CA SER D 77 -56.68 -32.64 43.29
C SER D 77 -57.46 -33.32 42.18
N SER D 78 -56.84 -34.26 41.46
CA SER D 78 -57.49 -34.92 40.34
C SER D 78 -57.65 -36.42 40.50
N LEU D 79 -56.83 -37.08 41.33
CA LEU D 79 -56.93 -38.51 41.50
C LEU D 79 -58.27 -38.87 42.14
N PRO D 80 -58.96 -39.90 41.65
CA PRO D 80 -60.23 -40.30 42.25
C PRO D 80 -60.01 -40.95 43.61
N GLN D 81 -60.88 -40.63 44.56
CA GLN D 81 -60.79 -41.16 45.92
C GLN D 81 -61.45 -42.55 45.97
N ASP D 82 -60.77 -43.50 45.34
CA ASP D 82 -61.27 -44.87 45.32
C ASP D 82 -61.09 -45.54 46.69
N GLU D 83 -62.11 -46.25 47.12
CA GLU D 83 -62.08 -46.98 48.39
C GLU D 83 -61.70 -48.44 48.20
N ALA D 84 -61.39 -48.85 46.98
CA ALA D 84 -61.07 -50.25 46.71
C ALA D 84 -59.73 -50.66 47.30
N ASP D 85 -58.75 -49.75 47.34
CA ASP D 85 -57.44 -50.08 47.86
C ASP D 85 -57.30 -49.58 49.29
N PRO D 86 -57.20 -50.45 50.29
CA PRO D 86 -57.01 -49.97 51.68
C PRO D 86 -55.60 -49.51 51.97
N ASN D 87 -54.61 -49.89 51.16
CA ASN D 87 -53.24 -49.48 51.36
C ASN D 87 -52.89 -48.20 50.62
N VAL D 88 -53.85 -47.57 49.94
CA VAL D 88 -53.64 -46.32 49.21
C VAL D 88 -54.88 -45.46 49.41
N VAL D 89 -54.71 -44.25 49.95
CA VAL D 89 -55.81 -43.33 50.16
C VAL D 89 -55.43 -41.97 49.59
N VAL D 90 -56.43 -41.26 49.05
CA VAL D 90 -56.23 -39.99 48.38
C VAL D 90 -56.94 -38.89 49.18
N PHE D 91 -56.25 -37.76 49.35
CA PHE D 91 -56.81 -36.59 50.03
C PHE D 91 -56.64 -35.36 49.15
N ARG D 92 -57.56 -34.40 49.32
CA ARG D 92 -57.61 -33.24 48.44
C ARG D 92 -56.61 -32.15 48.81
N ASN D 93 -56.13 -32.12 50.06
CA ASN D 93 -55.11 -31.17 50.46
C ASN D 93 -54.32 -31.76 51.62
N LEU D 94 -53.17 -31.14 51.90
CA LEU D 94 -52.29 -31.66 52.94
C LEU D 94 -52.89 -31.49 54.32
N GLU D 95 -53.68 -30.44 54.54
CA GLU D 95 -54.25 -30.20 55.87
C GLU D 95 -55.26 -31.27 56.25
N ASP D 96 -56.15 -31.63 55.32
CA ASP D 96 -57.15 -32.66 55.60
C ASP D 96 -56.57 -34.06 55.65
N SER D 97 -55.28 -34.25 55.40
CA SER D 97 -54.69 -35.58 55.44
C SER D 97 -53.97 -35.88 56.74
N ILE D 98 -53.82 -34.90 57.62
CA ILE D 98 -53.24 -35.13 58.93
C ILE D 98 -54.39 -35.32 59.92
N GLU D 99 -55.49 -35.89 59.44
CA GLU D 99 -56.63 -36.26 60.26
C GLU D 99 -56.31 -37.37 61.27
N ASN D 100 -55.15 -37.99 61.16
CA ASN D 100 -54.77 -39.09 62.03
C ASN D 100 -54.37 -38.64 63.43
N LEU D 101 -54.15 -37.34 63.64
CA LEU D 101 -53.73 -36.86 64.95
C LEU D 101 -54.86 -36.97 65.97
N MET D 102 -56.07 -36.54 65.58
CA MET D 102 -57.21 -36.54 66.50
C MET D 102 -57.90 -37.89 66.55
N ASN D 103 -57.95 -38.62 65.42
CA ASN D 103 -58.67 -39.88 65.33
C ASN D 103 -57.82 -40.85 64.51
N ASP D 104 -58.41 -42.01 64.18
CA ASP D 104 -57.73 -43.10 63.49
C ASP D 104 -56.51 -43.56 64.26
N ASP D 105 -56.75 -44.32 65.33
CA ASP D 105 -55.68 -44.83 66.19
C ASP D 105 -54.81 -45.88 65.49
N SER D 106 -55.28 -46.46 64.39
CA SER D 106 -54.54 -47.50 63.70
C SER D 106 -53.23 -47.01 63.08
N ILE D 107 -53.00 -45.71 63.00
CA ILE D 107 -51.77 -45.15 62.46
C ILE D 107 -50.86 -44.78 63.61
N GLU D 108 -49.62 -45.26 63.58
CA GLU D 108 -48.66 -45.02 64.65
C GLU D 108 -47.75 -43.83 64.35
N ASN D 109 -47.14 -43.79 63.16
CA ASN D 109 -46.26 -42.71 62.78
C ASN D 109 -46.65 -42.22 61.39
N ILE D 110 -46.26 -40.98 61.11
CA ILE D 110 -46.55 -40.33 59.83
C ILE D 110 -45.23 -39.87 59.22
N PHE D 111 -45.08 -40.09 57.93
CA PHE D 111 -43.87 -39.71 57.20
C PHE D 111 -44.25 -38.89 55.99
N VAL D 112 -43.60 -37.74 55.82
CA VAL D 112 -43.78 -36.88 54.65
C VAL D 112 -42.57 -37.05 53.76
N CYS D 113 -42.80 -37.36 52.48
CA CYS D 113 -41.70 -37.69 51.57
C CYS D 113 -42.06 -37.46 50.12
N GLY D 114 -42.98 -36.52 49.86
CA GLY D 114 -43.61 -36.46 48.55
C GLY D 114 -43.35 -35.25 47.68
N GLY D 115 -42.08 -34.88 47.48
CA GLY D 115 -41.72 -33.86 46.52
C GLY D 115 -41.80 -32.45 47.07
N GLU D 116 -41.34 -31.51 46.23
CA GLU D 116 -41.17 -30.13 46.66
C GLU D 116 -42.49 -29.51 47.12
N SER D 117 -43.56 -29.70 46.35
CA SER D 117 -44.83 -29.06 46.69
C SER D 117 -45.36 -29.53 48.03
N ILE D 118 -45.11 -30.79 48.38
CA ILE D 118 -45.57 -31.32 49.67
C ILE D 118 -44.57 -31.00 50.78
N TYR D 119 -43.27 -31.05 50.46
CA TYR D 119 -42.27 -30.65 51.44
C TYR D 119 -42.45 -29.19 51.85
N ARG D 120 -42.70 -28.31 50.86
CA ARG D 120 -42.77 -26.88 51.14
C ARG D 120 -43.99 -26.55 52.00
N ASP D 121 -45.14 -27.16 51.68
CA ASP D 121 -46.35 -26.88 52.43
C ASP D 121 -46.38 -27.58 53.77
N ALA D 122 -45.57 -28.62 53.97
CA ALA D 122 -45.50 -29.25 55.29
C ALA D 122 -44.67 -28.43 56.27
N LEU D 123 -43.65 -27.72 55.78
CA LEU D 123 -42.84 -26.87 56.65
C LEU D 123 -43.48 -25.50 56.84
N LYS D 124 -44.14 -24.96 55.81
CA LYS D 124 -44.77 -23.66 55.92
C LYS D 124 -45.92 -23.68 56.92
N ASP D 125 -46.63 -24.81 57.02
CA ASP D 125 -47.74 -24.94 57.95
C ASP D 125 -47.33 -25.57 59.27
N ASN D 126 -46.02 -25.79 59.48
CA ASN D 126 -45.49 -26.24 60.77
C ASN D 126 -46.10 -27.56 61.21
N PHE D 127 -46.06 -28.54 60.32
CA PHE D 127 -46.60 -29.87 60.58
C PHE D 127 -45.53 -30.90 60.93
N VAL D 128 -44.25 -30.54 60.79
CA VAL D 128 -43.15 -31.50 60.80
C VAL D 128 -42.44 -31.45 62.14
N ASP D 129 -42.17 -32.62 62.71
CA ASP D 129 -41.43 -32.76 63.96
C ASP D 129 -39.96 -33.12 63.73
N ARG D 130 -39.68 -34.05 62.81
CA ARG D 130 -38.32 -34.48 62.53
C ARG D 130 -38.04 -34.42 61.04
N ILE D 131 -36.76 -34.37 60.69
CA ILE D 131 -36.31 -34.37 59.31
C ILE D 131 -35.19 -35.40 59.20
N TYR D 132 -35.43 -36.47 58.44
CA TYR D 132 -34.39 -37.44 58.11
C TYR D 132 -33.81 -37.04 56.76
N LEU D 133 -32.62 -36.47 56.76
CA LEU D 133 -32.01 -35.92 55.56
C LEU D 133 -30.86 -36.80 55.10
N THR D 134 -30.86 -37.16 53.83
CA THR D 134 -29.78 -37.90 53.19
C THR D 134 -29.08 -36.94 52.24
N ARG D 135 -27.92 -36.43 52.66
CA ARG D 135 -27.17 -35.46 51.86
C ARG D 135 -26.32 -36.21 50.85
N VAL D 136 -26.63 -36.04 49.56
CA VAL D 136 -25.92 -36.71 48.48
C VAL D 136 -24.94 -35.73 47.84
N ALA D 137 -23.70 -36.16 47.64
CA ALA D 137 -22.64 -35.29 47.12
C ALA D 137 -22.63 -35.33 45.60
N LEU D 138 -23.65 -34.71 45.01
CA LEU D 138 -23.81 -34.57 43.56
C LEU D 138 -24.43 -33.22 43.30
N GLU D 139 -23.68 -32.32 42.66
CA GLU D 139 -24.17 -30.95 42.53
C GLU D 139 -24.04 -30.38 41.12
N ASP D 140 -23.08 -30.88 40.34
CA ASP D 140 -22.90 -30.38 38.97
C ASP D 140 -23.74 -31.14 37.95
N ILE D 141 -24.98 -31.47 38.31
CA ILE D 141 -25.93 -32.08 37.39
C ILE D 141 -27.17 -31.20 37.35
N GLU D 142 -28.22 -31.66 36.68
CA GLU D 142 -29.40 -30.84 36.44
C GLU D 142 -30.54 -31.29 37.35
N PHE D 143 -31.17 -30.31 38.02
CA PHE D 143 -32.34 -30.55 38.85
C PHE D 143 -33.50 -29.69 38.36
N ASP D 144 -34.71 -30.14 38.67
CA ASP D 144 -35.91 -29.35 38.42
C ASP D 144 -36.84 -29.24 39.61
N THR D 145 -36.70 -30.10 40.62
CA THR D 145 -37.42 -29.98 41.88
C THR D 145 -36.40 -30.05 43.03
N TYR D 146 -36.53 -29.13 43.99
CA TYR D 146 -35.57 -29.00 45.07
C TYR D 146 -36.24 -29.20 46.41
N PHE D 147 -35.43 -29.48 47.43
CA PHE D 147 -35.90 -29.54 48.81
C PHE D 147 -35.80 -28.16 49.45
N PRO D 148 -36.86 -27.64 50.07
CA PRO D 148 -36.81 -26.28 50.60
C PRO D 148 -35.76 -26.12 51.68
N GLU D 149 -35.34 -24.87 51.89
CA GLU D 149 -34.39 -24.57 52.96
C GLU D 149 -35.00 -24.95 54.30
N ILE D 150 -34.19 -25.59 55.13
CA ILE D 150 -34.68 -26.06 56.45
C ILE D 150 -34.96 -24.85 57.33
N PRO D 151 -36.15 -24.74 57.92
CA PRO D 151 -36.46 -23.58 58.76
C PRO D 151 -35.54 -23.50 59.97
N GLU D 152 -35.40 -22.29 60.51
CA GLU D 152 -34.54 -22.06 61.66
C GLU D 152 -35.04 -22.78 62.91
N THR D 153 -36.33 -23.16 62.94
CA THR D 153 -36.87 -23.90 64.08
C THR D 153 -36.32 -25.31 64.20
N PHE D 154 -35.59 -25.80 63.20
CA PHE D 154 -35.00 -27.12 63.23
C PHE D 154 -33.51 -27.04 63.54
N LEU D 155 -33.03 -27.97 64.36
CA LEU D 155 -31.61 -28.07 64.68
C LEU D 155 -31.13 -29.50 64.43
N PRO D 156 -29.96 -29.67 63.83
CA PRO D 156 -29.43 -31.02 63.62
C PRO D 156 -29.00 -31.66 64.93
N VAL D 157 -29.36 -32.94 65.09
CA VAL D 157 -29.01 -33.70 66.29
C VAL D 157 -28.19 -34.94 65.98
N TYR D 158 -27.95 -35.24 64.70
CA TYR D 158 -27.19 -36.42 64.32
C TYR D 158 -26.62 -36.22 62.93
N MET D 159 -25.41 -36.71 62.71
CA MET D 159 -24.80 -36.69 61.37
C MET D 159 -23.95 -37.93 61.24
N SER D 160 -24.37 -38.86 60.39
CA SER D 160 -23.71 -40.14 60.24
C SER D 160 -22.34 -39.97 59.58
N GLN D 161 -21.60 -41.08 59.53
CA GLN D 161 -20.37 -41.12 58.75
C GLN D 161 -20.70 -41.03 57.26
N THR D 162 -19.70 -40.65 56.48
CA THR D 162 -19.85 -40.59 55.03
C THR D 162 -19.80 -41.99 54.45
N PHE D 163 -20.79 -42.33 53.62
CA PHE D 163 -20.86 -43.62 52.94
C PHE D 163 -20.57 -43.45 51.46
N CYS D 164 -20.34 -44.58 50.78
CA CYS D 164 -19.98 -44.59 49.38
C CYS D 164 -20.78 -45.64 48.63
N THR D 165 -21.37 -45.24 47.51
CA THR D 165 -22.05 -46.16 46.59
C THR D 165 -21.74 -45.70 45.17
N LYS D 166 -20.99 -46.52 44.43
CA LYS D 166 -20.59 -46.19 43.07
C LYS D 166 -19.88 -44.84 43.01
N ASN D 167 -18.94 -44.66 43.94
CA ASN D 167 -18.12 -43.44 44.04
C ASN D 167 -18.96 -42.20 44.34
N ILE D 168 -20.11 -42.38 44.97
CA ILE D 168 -20.97 -41.26 45.36
C ILE D 168 -20.98 -41.19 46.87
N SER D 169 -20.61 -40.03 47.42
CA SER D 169 -20.57 -39.82 48.86
C SER D 169 -21.92 -39.34 49.35
N TYR D 170 -22.35 -39.84 50.51
CA TYR D 170 -23.60 -39.38 51.09
C TYR D 170 -23.58 -39.57 52.61
N ASP D 171 -24.34 -38.72 53.30
CA ASP D 171 -24.46 -38.70 54.75
C ASP D 171 -25.90 -39.04 55.14
N PHE D 172 -26.12 -39.14 56.45
CA PHE D 172 -27.46 -39.29 57.02
C PHE D 172 -27.55 -38.36 58.23
N MET D 173 -28.53 -37.46 58.21
CA MET D 173 -28.69 -36.49 59.28
C MET D 173 -30.11 -36.55 59.83
N ILE D 174 -30.24 -36.19 61.11
CA ILE D 174 -31.53 -36.04 61.77
C ILE D 174 -31.65 -34.62 62.26
N PHE D 175 -32.80 -33.99 62.00
CA PHE D 175 -33.09 -32.65 62.44
C PHE D 175 -34.32 -32.69 63.35
N GLU D 176 -34.19 -32.13 64.55
CA GLU D 176 -35.28 -32.05 65.50
C GLU D 176 -35.74 -30.61 65.65
N LYS D 177 -37.04 -30.45 65.93
CA LYS D 177 -37.63 -29.14 66.12
C LYS D 177 -37.68 -28.81 67.61
N GLN D 178 -36.87 -27.82 68.03
CA GLN D 178 -36.87 -27.41 69.43
C GLN D 178 -38.02 -26.44 69.68
N GLU D 179 -38.50 -26.42 70.92
CA GLU D 179 -39.63 -25.55 71.26
C GLU D 179 -39.66 -25.22 72.75
N LYS D 180 -40.08 -26.18 73.57
CA LYS D 180 -40.31 -25.94 74.99
C LYS D 180 -38.97 -25.79 75.73
N LYS D 181 -38.78 -24.64 76.37
CA LYS D 181 -37.59 -24.36 77.17
C LYS D 181 -36.31 -24.53 76.36
N LEU D 193 -31.87 -39.58 86.85
CA LEU D 193 -31.52 -38.20 87.17
C LEU D 193 -30.00 -38.01 87.12
N LYS D 194 -29.58 -36.80 86.78
CA LYS D 194 -28.16 -36.45 86.69
C LYS D 194 -27.59 -36.12 88.08
N SER D 195 -27.71 -37.09 88.98
CA SER D 195 -27.06 -36.96 90.29
C SER D 195 -25.55 -37.15 90.17
N ILE D 196 -25.12 -37.86 89.14
CA ILE D 196 -23.68 -38.03 88.90
C ILE D 196 -23.05 -36.71 88.49
N ASP D 197 -23.72 -35.95 87.60
CA ASP D 197 -23.17 -34.68 87.15
C ASP D 197 -22.99 -33.69 88.30
N ASP D 198 -23.88 -33.72 89.29
CA ASP D 198 -23.73 -32.83 90.44
C ASP D 198 -22.53 -33.21 91.28
N THR D 199 -22.34 -34.52 91.52
CA THR D 199 -21.20 -34.96 92.32
C THR D 199 -19.88 -34.68 91.61
N VAL D 200 -19.86 -34.82 90.28
CA VAL D 200 -18.64 -34.50 89.53
C VAL D 200 -18.36 -33.01 89.58
N ASP D 201 -19.41 -32.18 89.58
CA ASP D 201 -19.22 -30.74 89.73
C ASP D 201 -18.62 -30.41 91.10
N LEU D 202 -19.13 -31.06 92.15
CA LEU D 202 -18.63 -30.78 93.50
C LEU D 202 -17.18 -31.17 93.65
N LEU D 203 -16.79 -32.33 93.11
CA LEU D 203 -15.38 -32.73 93.15
C LEU D 203 -14.52 -31.77 92.35
N GLY D 204 -15.08 -31.15 91.30
CA GLY D 204 -14.34 -30.14 90.55
C GLY D 204 -14.16 -28.84 91.29
N GLU D 205 -15.01 -28.56 92.28
CA GLU D 205 -14.83 -27.37 93.10
C GLU D 205 -13.79 -27.57 94.19
N ILE D 206 -13.80 -28.76 94.81
CA ILE D 206 -12.84 -29.09 95.85
C ILE D 206 -11.44 -29.14 95.26
N PHE D 207 -11.17 -30.13 94.42
CA PHE D 207 -9.90 -30.21 93.72
C PHE D 207 -9.92 -29.28 92.52
N GLY D 208 -8.89 -28.43 92.40
CA GLY D 208 -8.81 -27.55 91.27
C GLY D 208 -8.35 -28.29 90.04
N ILE D 209 -7.12 -28.02 89.60
CA ILE D 209 -6.54 -28.78 88.50
C ILE D 209 -6.12 -30.17 88.94
N ARG D 210 -6.25 -30.48 90.24
CA ARG D 210 -5.86 -31.79 90.74
C ARG D 210 -6.75 -32.89 90.18
N LYS D 211 -8.02 -32.59 89.91
CA LYS D 211 -8.91 -33.54 89.26
C LYS D 211 -8.68 -33.48 87.75
N MET D 212 -8.28 -34.62 87.17
CA MET D 212 -7.92 -34.65 85.76
C MET D 212 -9.06 -34.21 84.86
N GLY D 213 -10.30 -34.40 85.31
CA GLY D 213 -11.44 -33.92 84.53
C GLY D 213 -11.41 -32.43 84.27
N ASN D 214 -10.94 -31.65 85.25
CA ASN D 214 -10.83 -30.21 85.07
C ASN D 214 -9.71 -29.82 84.10
N ARG D 215 -8.71 -30.68 83.93
CA ARG D 215 -7.66 -30.44 82.93
C ARG D 215 -8.12 -30.82 81.52
N HIS D 216 -9.26 -31.49 81.39
CA HIS D 216 -9.83 -31.87 80.11
C HIS D 216 -11.29 -31.41 80.07
N LYS D 217 -11.49 -30.11 80.28
CA LYS D 217 -12.84 -29.56 80.35
C LYS D 217 -13.55 -29.70 79.00
N PHE D 218 -14.84 -29.99 79.07
CA PHE D 218 -15.65 -30.07 77.86
C PHE D 218 -15.71 -28.70 77.21
N PRO D 219 -15.46 -28.56 75.91
CA PRO D 219 -15.47 -27.24 75.30
C PRO D 219 -16.84 -26.58 75.39
N LYS D 220 -16.84 -25.27 75.57
CA LYS D 220 -18.08 -24.51 75.68
C LYS D 220 -18.81 -24.48 74.35
N GLU D 221 -20.11 -24.16 74.43
CA GLU D 221 -20.95 -24.15 73.23
C GLU D 221 -20.46 -23.12 72.21
N GLU D 222 -19.87 -22.03 72.67
CA GLU D 222 -19.43 -20.97 71.76
C GLU D 222 -18.29 -21.40 70.85
N ILE D 223 -17.56 -22.47 71.20
CA ILE D 223 -16.45 -22.96 70.40
C ILE D 223 -16.67 -24.39 69.93
N TYR D 224 -17.89 -24.92 70.07
CA TYR D 224 -18.23 -26.27 69.66
C TYR D 224 -18.92 -26.22 68.30
N ASN D 225 -18.37 -26.95 67.33
CA ASN D 225 -18.93 -26.94 65.99
C ASN D 225 -20.26 -27.68 65.98
N THR D 226 -21.31 -26.99 65.51
CA THR D 226 -22.67 -27.52 65.45
C THR D 226 -23.06 -28.11 66.81
N PRO D 227 -23.19 -27.29 67.86
CA PRO D 227 -23.35 -27.84 69.21
C PRO D 227 -24.65 -28.58 69.43
N SER D 228 -25.64 -28.43 68.55
CA SER D 228 -26.90 -29.14 68.73
C SER D 228 -26.76 -30.63 68.50
N ILE D 229 -25.72 -31.06 67.79
CA ILE D 229 -25.46 -32.49 67.59
C ILE D 229 -24.64 -32.94 68.80
N ARG D 230 -25.34 -33.36 69.85
CA ARG D 230 -24.68 -33.76 71.08
C ARG D 230 -24.29 -35.24 71.07
N PHE D 231 -25.23 -36.11 70.74
CA PHE D 231 -25.03 -37.55 70.82
C PHE D 231 -24.82 -38.21 69.46
N GLY D 232 -24.88 -37.43 68.38
CA GLY D 232 -24.79 -38.01 67.05
C GLY D 232 -23.59 -37.52 66.26
N ARG D 233 -22.45 -37.41 66.91
CA ARG D 233 -21.24 -36.92 66.25
C ARG D 233 -20.48 -38.09 65.61
N GLU D 234 -21.20 -38.78 64.73
CA GLU D 234 -20.64 -39.96 64.07
C GLU D 234 -19.73 -39.58 62.90
N HIS D 235 -20.05 -38.50 62.19
CA HIS D 235 -19.20 -38.05 61.10
C HIS D 235 -17.78 -37.83 61.61
N TYR D 236 -16.81 -38.47 60.95
CA TYR D 236 -15.45 -38.50 61.44
C TYR D 236 -14.68 -37.21 61.18
N GLU D 237 -15.29 -36.22 60.53
CA GLU D 237 -14.67 -34.89 60.50
C GLU D 237 -14.74 -34.23 61.87
N PHE D 238 -15.72 -34.61 62.70
CA PHE D 238 -15.78 -34.11 64.07
C PHE D 238 -14.57 -34.53 64.90
N GLN D 239 -13.88 -35.60 64.50
CA GLN D 239 -12.67 -35.98 65.21
C GLN D 239 -11.62 -34.88 65.13
N TYR D 240 -11.69 -34.05 64.09
CA TYR D 240 -10.79 -32.90 63.96
C TYR D 240 -11.41 -31.62 64.51
N LEU D 241 -12.70 -31.39 64.25
CA LEU D 241 -13.34 -30.16 64.71
C LEU D 241 -13.48 -30.13 66.23
N ASP D 242 -13.72 -31.30 66.85
CA ASP D 242 -13.80 -31.34 68.30
C ASP D 242 -12.41 -31.23 68.94
N LEU D 243 -11.37 -31.69 68.24
CA LEU D 243 -10.01 -31.48 68.73
C LEU D 243 -9.65 -30.00 68.74
N LEU D 244 -10.14 -29.25 67.76
CA LEU D 244 -10.01 -27.80 67.78
C LEU D 244 -10.69 -27.23 69.02
N SER D 245 -11.92 -27.66 69.29
CA SER D 245 -12.66 -27.15 70.44
C SER D 245 -11.94 -27.49 71.75
N ARG D 246 -11.37 -28.69 71.85
CA ARG D 246 -10.67 -29.06 73.08
C ARG D 246 -9.41 -28.21 73.30
N VAL D 247 -8.77 -27.75 72.22
CA VAL D 247 -7.60 -26.90 72.39
C VAL D 247 -8.02 -25.49 72.80
N LEU D 248 -9.04 -24.94 72.13
CA LEU D 248 -9.52 -23.61 72.48
C LEU D 248 -10.05 -23.55 73.91
N GLU D 249 -10.41 -24.70 74.50
CA GLU D 249 -10.93 -24.71 75.86
C GLU D 249 -9.85 -24.96 76.91
N ASN D 250 -8.88 -25.83 76.62
CA ASN D 250 -7.89 -26.23 77.60
C ASN D 250 -6.45 -25.89 77.21
N GLY D 251 -6.24 -25.26 76.06
CA GLY D 251 -4.88 -25.05 75.57
C GLY D 251 -4.13 -24.05 76.43
N ALA D 252 -2.96 -24.44 76.91
CA ALA D 252 -2.11 -23.55 77.68
C ALA D 252 -1.31 -22.66 76.74
N TYR D 253 -1.35 -21.35 77.00
CA TYR D 253 -0.58 -20.40 76.20
C TYR D 253 0.91 -20.61 76.45
N ARG D 254 1.64 -21.01 75.41
CA ARG D 254 3.04 -21.40 75.56
C ARG D 254 3.87 -20.80 74.43
N GLU D 255 5.11 -20.42 74.76
CA GLU D 255 6.06 -20.02 73.75
C GLU D 255 6.65 -21.24 73.05
N ASN D 256 7.20 -21.02 71.87
CA ASN D 256 7.83 -22.11 71.11
C ASN D 256 9.00 -21.52 70.33
N ARG D 257 9.62 -22.38 69.51
CA ARG D 257 10.84 -21.99 68.80
C ARG D 257 10.60 -20.81 67.87
N THR D 258 9.38 -20.64 67.39
CA THR D 258 9.04 -19.50 66.54
C THR D 258 8.60 -18.32 67.40
N GLY D 259 8.41 -17.18 66.75
CA GLY D 259 7.92 -16.01 67.45
C GLY D 259 6.43 -15.99 67.70
N ILE D 260 5.72 -17.05 67.35
CA ILE D 260 4.27 -17.11 67.44
C ILE D 260 3.92 -18.16 68.49
N SER D 261 3.31 -17.71 69.59
CA SER D 261 2.94 -18.62 70.65
C SER D 261 1.73 -19.47 70.23
N THR D 262 1.53 -20.56 70.95
CA THR D 262 0.45 -21.50 70.67
C THR D 262 -0.34 -21.79 71.94
N TYR D 263 -1.56 -22.27 71.74
CA TYR D 263 -2.36 -22.87 72.81
C TYR D 263 -2.26 -24.38 72.65
N SER D 264 -1.61 -25.04 73.61
CA SER D 264 -1.20 -26.42 73.45
C SER D 264 -1.77 -27.31 74.54
N ILE D 265 -2.21 -28.51 74.15
CA ILE D 265 -2.54 -29.60 75.06
C ILE D 265 -1.73 -30.82 74.63
N PHE D 266 -1.74 -31.84 75.50
CA PHE D 266 -0.91 -33.02 75.28
C PHE D 266 -1.76 -34.28 75.35
N GLY D 267 -1.53 -35.19 74.41
CA GLY D 267 -2.21 -36.46 74.39
C GLY D 267 -3.60 -36.43 73.79
N GLN D 268 -3.68 -36.41 72.46
CA GLN D 268 -4.95 -36.42 71.75
C GLN D 268 -4.87 -37.39 70.59
N MET D 269 -6.04 -37.84 70.12
CA MET D 269 -6.09 -38.78 69.01
C MET D 269 -7.29 -38.48 68.13
N MET D 270 -7.14 -38.81 66.85
CA MET D 270 -8.20 -38.73 65.86
C MET D 270 -8.21 -40.01 65.06
N ARG D 271 -9.40 -40.54 64.81
CA ARG D 271 -9.54 -41.73 63.96
C ARG D 271 -10.53 -41.43 62.84
N PHE D 272 -10.23 -41.97 61.66
CA PHE D 272 -11.03 -41.72 60.47
C PHE D 272 -11.31 -43.02 59.74
N ASP D 273 -12.44 -43.08 59.06
CA ASP D 273 -12.75 -44.19 58.18
C ASP D 273 -12.21 -43.90 56.79
N MET D 274 -11.69 -44.93 56.13
CA MET D 274 -11.21 -44.82 54.76
C MET D 274 -11.85 -45.82 53.82
N ARG D 275 -12.72 -46.71 54.31
CA ARG D 275 -13.38 -47.67 53.43
C ARG D 275 -14.43 -46.98 52.57
N GLU D 276 -15.33 -46.22 53.20
CA GLU D 276 -16.48 -45.63 52.53
C GLU D 276 -16.30 -44.15 52.19
N SER D 277 -15.13 -43.57 52.47
CA SER D 277 -14.91 -42.15 52.21
C SER D 277 -13.42 -41.86 52.31
N PHE D 278 -13.06 -40.62 52.02
CA PHE D 278 -11.69 -40.15 52.12
C PHE D 278 -11.62 -38.98 53.09
N PRO D 279 -10.80 -39.05 54.14
CA PRO D 279 -10.84 -38.02 55.18
C PRO D 279 -10.23 -36.70 54.76
N LEU D 280 -10.87 -36.00 53.82
CA LEU D 280 -10.45 -34.66 53.42
C LEU D 280 -11.45 -33.67 53.97
N LEU D 281 -10.97 -32.70 54.76
CA LEU D 281 -11.86 -31.80 55.48
C LEU D 281 -12.75 -31.02 54.51
N THR D 282 -14.04 -30.95 54.86
CA THR D 282 -15.00 -30.20 54.07
C THR D 282 -15.27 -28.80 54.59
N THR D 283 -14.93 -28.53 55.86
CA THR D 283 -15.11 -27.21 56.44
C THR D 283 -14.11 -26.19 55.91
N LYS D 284 -13.22 -26.59 55.01
CA LYS D 284 -12.24 -25.69 54.41
C LYS D 284 -11.69 -26.37 53.16
N LYS D 285 -11.52 -25.61 52.09
CA LYS D 285 -10.96 -26.14 50.85
C LYS D 285 -9.48 -26.44 51.08
N VAL D 286 -9.16 -27.73 51.25
CA VAL D 286 -7.80 -28.17 51.50
C VAL D 286 -7.07 -28.35 50.17
N ALA D 287 -5.87 -27.79 50.07
CA ALA D 287 -5.06 -27.90 48.85
C ALA D 287 -4.63 -29.36 48.70
N ILE D 288 -5.52 -30.16 48.11
CA ILE D 288 -5.29 -31.59 47.97
C ILE D 288 -4.12 -31.87 47.03
N ARG D 289 -3.92 -31.05 46.01
CA ARG D 289 -2.84 -31.29 45.07
C ARG D 289 -1.47 -31.16 45.75
N SER D 290 -1.32 -30.15 46.60
CA SER D 290 -0.05 -29.96 47.31
C SER D 290 0.22 -31.11 48.28
N ILE D 291 -0.82 -31.69 48.88
CA ILE D 291 -0.65 -32.82 49.78
C ILE D 291 -0.02 -34.00 49.04
N PHE D 292 -0.52 -34.31 47.84
CA PHE D 292 0.02 -35.43 47.08
C PHE D 292 1.47 -35.20 46.69
N GLU D 293 1.77 -34.03 46.12
CA GLU D 293 3.11 -33.77 45.64
C GLU D 293 4.13 -33.85 46.77
N GLU D 294 3.72 -33.56 48.00
CA GLU D 294 4.59 -33.75 49.15
C GLU D 294 4.75 -35.22 49.49
N LEU D 295 3.67 -35.99 49.37
CA LEU D 295 3.73 -37.40 49.76
C LEU D 295 4.57 -38.20 48.77
N ILE D 296 4.36 -38.01 47.47
CA ILE D 296 5.19 -38.69 46.49
C ILE D 296 6.64 -38.20 46.56
N TRP D 297 6.83 -36.95 46.99
CA TRP D 297 8.18 -36.44 47.22
C TRP D 297 8.87 -37.20 48.34
N PHE D 298 8.11 -37.60 49.37
CA PHE D 298 8.66 -38.44 50.42
C PHE D 298 8.97 -39.83 49.90
N ILE D 299 8.03 -40.42 49.15
CA ILE D 299 8.17 -41.81 48.73
C ILE D 299 9.38 -41.99 47.83
N LYS D 300 9.62 -41.05 46.92
CA LYS D 300 10.78 -41.12 46.04
C LYS D 300 12.10 -40.93 46.77
N GLY D 301 12.08 -40.71 48.09
CA GLY D 301 13.30 -40.48 48.83
C GLY D 301 13.95 -39.14 48.58
N ASP D 302 13.19 -38.19 48.05
CA ASP D 302 13.74 -36.90 47.62
C ASP D 302 13.72 -35.91 48.77
N THR D 303 14.84 -35.24 48.98
CA THR D 303 14.94 -34.18 49.97
C THR D 303 15.23 -32.82 49.33
N ASN D 304 15.18 -32.72 48.01
CA ASN D 304 15.40 -31.47 47.30
C ASN D 304 14.14 -30.63 47.38
N GLY D 305 14.19 -29.53 48.14
CA GLY D 305 13.02 -28.67 48.30
C GLY D 305 12.60 -27.92 47.06
N ASN D 306 13.49 -27.83 46.05
CA ASN D 306 13.13 -27.12 44.82
C ASN D 306 12.16 -27.93 43.97
N HIS D 307 12.25 -29.27 44.03
CA HIS D 307 11.36 -30.11 43.23
C HIS D 307 9.90 -29.89 43.59
N LEU D 308 9.61 -29.43 44.81
CA LEU D 308 8.25 -29.03 45.16
C LEU D 308 7.96 -27.61 44.68
N ILE D 309 8.94 -26.70 44.80
CA ILE D 309 8.76 -25.34 44.31
C ILE D 309 8.65 -25.34 42.79
N GLU D 310 9.37 -26.24 42.11
CA GLU D 310 9.24 -26.36 40.67
C GLU D 310 7.87 -26.87 40.25
N LYS D 311 7.14 -27.52 41.16
CA LYS D 311 5.78 -27.99 40.91
C LYS D 311 4.74 -27.08 41.55
N LYS D 312 5.09 -25.82 41.82
CA LYS D 312 4.17 -24.84 42.40
C LYS D 312 3.62 -25.29 43.75
N VAL D 313 4.49 -25.90 44.56
CA VAL D 313 4.17 -26.32 45.91
C VAL D 313 5.16 -25.65 46.85
N TYR D 314 4.66 -24.71 47.67
CA TYR D 314 5.52 -23.84 48.47
C TYR D 314 5.40 -24.11 49.97
N ILE D 315 5.02 -25.33 50.36
CA ILE D 315 4.84 -25.62 51.77
C ILE D 315 6.17 -25.78 52.50
N TRP D 316 7.25 -26.08 51.77
CA TRP D 316 8.58 -26.22 52.36
C TRP D 316 9.50 -25.06 51.98
N SER D 317 8.93 -23.94 51.53
CA SER D 317 9.75 -22.78 51.18
C SER D 317 10.17 -22.02 52.43
N GLY D 318 9.29 -21.95 53.44
CA GLY D 318 9.62 -21.21 54.65
C GLY D 318 10.75 -21.86 55.42
N ASN D 319 10.66 -23.16 55.67
CA ASN D 319 11.71 -23.90 56.36
C ASN D 319 12.87 -24.25 55.44
N GLY D 320 12.92 -23.67 54.24
CA GLY D 320 13.97 -23.95 53.29
C GLY D 320 14.52 -22.71 52.62
N SER D 321 14.86 -21.69 53.42
CA SER D 321 15.43 -20.45 52.91
C SER D 321 16.85 -20.30 53.47
N LYS D 322 17.66 -19.51 52.75
CA LYS D 322 19.03 -19.27 53.20
C LYS D 322 19.05 -18.60 54.57
N GLU D 323 18.08 -17.73 54.85
CA GLU D 323 18.04 -17.04 56.14
C GLU D 323 17.64 -17.99 57.26
N TYR D 324 16.72 -18.92 56.98
CA TYR D 324 16.31 -19.88 57.99
C TYR D 324 17.38 -20.94 58.22
N LEU D 325 18.03 -21.41 57.15
CA LEU D 325 19.06 -22.43 57.30
C LEU D 325 20.28 -21.88 58.04
N GLU D 326 20.66 -20.64 57.75
CA GLU D 326 21.75 -20.02 58.50
C GLU D 326 21.36 -19.78 59.96
N ARG D 327 20.07 -19.54 60.22
CA ARG D 327 19.62 -19.27 61.58
C ARG D 327 19.79 -20.50 62.47
N ILE D 328 19.57 -21.70 61.92
CA ILE D 328 19.70 -22.93 62.68
C ILE D 328 21.07 -23.57 62.51
N GLY D 329 22.03 -22.84 61.93
CA GLY D 329 23.39 -23.33 61.83
C GLY D 329 23.69 -24.24 60.66
N LEU D 330 22.90 -24.18 59.59
CA LEU D 330 23.11 -24.97 58.39
C LEU D 330 23.32 -24.07 57.18
N GLY D 331 24.10 -23.01 57.36
CA GLY D 331 24.38 -22.07 56.29
C GLY D 331 25.23 -22.64 55.16
N HIS D 332 25.85 -23.80 55.37
CA HIS D 332 26.65 -24.43 54.32
C HIS D 332 25.80 -25.13 53.26
N ARG D 333 24.50 -25.29 53.51
CA ARG D 333 23.62 -25.98 52.60
C ARG D 333 23.16 -25.05 51.47
N GLU D 334 22.62 -25.65 50.42
CA GLU D 334 22.05 -24.89 49.33
C GLU D 334 20.75 -24.21 49.78
N GLU D 335 20.11 -23.48 48.87
CA GLU D 335 18.93 -22.69 49.21
C GLU D 335 17.83 -23.57 49.82
N ASN D 336 17.62 -24.76 49.27
CA ASN D 336 16.52 -25.62 49.71
C ASN D 336 17.01 -27.02 50.05
N ASP D 337 18.26 -27.16 50.48
CA ASP D 337 18.79 -28.46 50.89
C ASP D 337 18.25 -28.75 52.28
N LEU D 338 17.06 -29.35 52.34
CA LEU D 338 16.39 -29.61 53.61
C LEU D 338 17.10 -30.67 54.44
N GLY D 339 18.04 -31.41 53.87
CA GLY D 339 18.77 -32.42 54.60
C GLY D 339 17.99 -33.71 54.70
N PRO D 340 18.53 -34.68 55.44
CA PRO D 340 17.86 -35.98 55.56
C PRO D 340 16.60 -35.89 56.39
N ILE D 341 15.44 -35.97 55.74
CA ILE D 341 14.17 -35.82 56.45
C ILE D 341 13.25 -36.97 56.04
N TYR D 342 11.94 -36.79 56.23
CA TYR D 342 10.92 -37.80 55.98
C TYR D 342 11.27 -38.71 54.80
N GLY D 343 11.60 -38.11 53.66
CA GLY D 343 11.89 -38.91 52.48
C GLY D 343 13.19 -39.70 52.60
N PHE D 344 14.21 -39.11 53.22
CA PHE D 344 15.50 -39.78 53.31
C PHE D 344 15.46 -40.92 54.30
N GLN D 345 14.77 -40.75 55.44
CA GLN D 345 14.75 -41.80 56.44
C GLN D 345 13.87 -42.97 56.02
N TRP D 346 12.89 -42.73 55.15
CA TRP D 346 12.03 -43.80 54.66
C TRP D 346 12.79 -44.73 53.73
N ARG D 347 13.67 -44.18 52.89
CA ARG D 347 14.34 -44.97 51.86
C ARG D 347 15.82 -45.22 52.13
N HIS D 348 16.47 -44.39 52.93
CA HIS D 348 17.90 -44.51 53.21
C HIS D 348 18.17 -44.21 54.68
N TYR D 349 17.62 -45.03 55.56
CA TYR D 349 17.80 -44.84 57.00
C TYR D 349 19.24 -45.09 57.41
N ASN D 350 19.74 -44.23 58.30
CA ASN D 350 21.12 -44.27 58.79
C ASN D 350 22.14 -44.10 57.65
N GLY D 351 21.75 -43.38 56.61
CA GLY D 351 22.63 -43.14 55.48
C GLY D 351 23.45 -41.86 55.67
N GLU D 352 24.74 -41.95 55.38
CA GLU D 352 25.61 -40.79 55.51
C GLU D 352 25.19 -39.71 54.51
N TYR D 353 24.43 -38.73 54.98
CA TYR D 353 23.92 -37.67 54.11
C TYR D 353 25.04 -36.69 53.78
N LYS D 354 25.14 -36.34 52.49
CA LYS D 354 26.07 -35.32 52.05
C LYS D 354 25.26 -34.12 51.62
N THR D 355 24.76 -34.06 50.38
CA THR D 355 23.89 -33.00 49.92
C THR D 355 22.65 -33.61 49.27
N MET D 356 21.79 -32.76 48.74
CA MET D 356 20.56 -33.21 48.07
C MET D 356 20.78 -33.59 46.62
N HIS D 357 22.00 -33.43 46.09
CA HIS D 357 22.31 -33.77 44.71
C HIS D 357 23.03 -35.09 44.56
N ASP D 358 23.44 -35.71 45.67
CA ASP D 358 24.18 -36.97 45.58
C ASP D 358 23.23 -38.13 45.32
N ASP D 359 23.81 -39.25 44.89
CA ASP D 359 23.04 -40.45 44.55
C ASP D 359 23.09 -41.40 45.73
N TYR D 360 21.98 -41.50 46.46
CA TYR D 360 21.88 -42.34 47.64
C TYR D 360 21.24 -43.69 47.35
N THR D 361 21.29 -44.15 46.10
CA THR D 361 20.71 -45.44 45.74
C THR D 361 21.52 -46.57 46.37
N GLY D 362 20.83 -47.40 47.17
CA GLY D 362 21.45 -48.55 47.80
C GLY D 362 21.95 -48.30 49.22
N VAL D 363 22.30 -47.07 49.55
CA VAL D 363 22.79 -46.76 50.89
C VAL D 363 21.61 -46.60 51.84
N GLY D 364 21.81 -46.97 53.10
CA GLY D 364 20.76 -46.87 54.08
C GLY D 364 19.84 -48.07 54.07
N VAL D 365 18.82 -48.00 54.92
CA VAL D 365 17.82 -49.06 55.06
C VAL D 365 16.54 -48.57 54.40
N ASP D 366 16.14 -49.24 53.32
CA ASP D 366 14.91 -48.89 52.61
C ASP D 366 13.75 -49.47 53.41
N GLN D 367 13.20 -48.67 54.32
CA GLN D 367 12.09 -49.11 55.13
C GLN D 367 10.84 -49.35 54.30
N LEU D 368 10.54 -48.45 53.37
CA LEU D 368 9.30 -48.56 52.60
C LEU D 368 9.28 -49.83 51.77
N ALA D 369 10.43 -50.20 51.18
CA ALA D 369 10.50 -51.45 50.44
C ALA D 369 10.29 -52.64 51.38
N LYS D 370 10.97 -52.65 52.53
CA LYS D 370 10.76 -53.72 53.49
C LYS D 370 9.33 -53.71 54.02
N LEU D 371 8.72 -52.53 54.14
CA LEU D 371 7.34 -52.45 54.58
C LEU D 371 6.39 -53.09 53.57
N ILE D 372 6.55 -52.75 52.29
CA ILE D 372 5.71 -53.33 51.24
C ILE D 372 5.96 -54.82 51.14
N GLU D 373 7.21 -55.25 51.26
CA GLU D 373 7.52 -56.67 51.20
C GLU D 373 6.87 -57.44 52.34
N THR D 374 6.90 -56.87 53.54
CA THR D 374 6.33 -57.54 54.71
C THR D 374 4.80 -57.48 54.71
N LEU D 375 4.22 -56.45 54.10
CA LEU D 375 2.77 -56.28 54.15
C LEU D 375 2.05 -57.41 53.40
N LYS D 376 2.62 -57.88 52.30
CA LYS D 376 1.97 -58.92 51.51
C LYS D 376 2.52 -60.32 51.77
N ASN D 377 3.72 -60.43 52.32
CA ASN D 377 4.29 -61.75 52.61
C ASN D 377 3.94 -62.23 54.02
N ASN D 378 3.88 -61.33 55.00
CA ASN D 378 3.51 -61.64 56.37
C ASN D 378 2.47 -60.62 56.82
N PRO D 379 1.20 -60.80 56.41
CA PRO D 379 0.21 -59.75 56.70
C PRO D 379 -0.12 -59.61 58.17
N LYS D 380 -0.19 -60.72 58.90
CA LYS D 380 -0.53 -60.66 60.32
C LYS D 380 0.65 -60.28 61.21
N ASP D 381 1.81 -60.01 60.62
CA ASP D 381 2.97 -59.53 61.38
C ASP D 381 2.69 -58.14 61.91
N ARG D 382 2.75 -58.00 63.24
CA ARG D 382 2.47 -56.72 63.90
C ARG D 382 3.73 -55.86 64.06
N ARG D 383 4.57 -55.80 63.02
CA ARG D 383 5.77 -54.99 63.03
C ARG D 383 5.86 -54.09 61.80
N HIS D 384 4.75 -53.91 61.09
CA HIS D 384 4.71 -53.07 59.89
C HIS D 384 4.83 -51.61 60.32
N ILE D 385 6.07 -51.18 60.54
CA ILE D 385 6.35 -49.86 61.11
C ILE D 385 7.24 -49.08 60.16
N LEU D 386 6.87 -47.83 59.92
CA LEU D 386 7.66 -46.88 59.13
C LEU D 386 7.98 -45.69 60.03
N THR D 387 9.24 -45.58 60.44
CA THR D 387 9.67 -44.53 61.35
C THR D 387 10.51 -43.48 60.62
N ALA D 388 10.53 -42.28 61.19
CA ALA D 388 11.32 -41.19 60.66
C ALA D 388 12.17 -40.48 61.72
N TRP D 389 12.17 -40.98 62.95
CA TRP D 389 12.92 -40.35 64.05
C TRP D 389 14.28 -41.01 64.16
N ASN D 390 15.31 -40.35 63.64
CA ASN D 390 16.69 -40.82 63.71
C ASN D 390 17.52 -39.84 64.52
N PRO D 391 17.81 -40.12 65.79
CA PRO D 391 18.59 -39.16 66.60
C PRO D 391 19.97 -38.85 66.05
N SER D 392 20.56 -39.75 65.27
CA SER D 392 21.88 -39.52 64.71
C SER D 392 21.86 -38.50 63.58
N ALA D 393 20.69 -38.13 63.06
CA ALA D 393 20.60 -37.22 61.94
C ALA D 393 19.74 -35.99 62.23
N LEU D 394 19.20 -35.86 63.45
CA LEU D 394 18.35 -34.72 63.77
C LEU D 394 19.10 -33.39 63.61
N SER D 395 20.37 -33.36 64.00
CA SER D 395 21.14 -32.13 63.91
C SER D 395 21.34 -31.68 62.48
N GLN D 396 21.28 -32.61 61.52
CA GLN D 396 21.42 -32.29 60.11
C GLN D 396 20.10 -31.92 59.43
N MET D 397 18.97 -32.15 60.09
CA MET D 397 17.68 -31.87 59.47
C MET D 397 17.33 -30.39 59.57
N ALA D 398 16.74 -29.86 58.50
CA ALA D 398 16.20 -28.51 58.56
C ALA D 398 15.03 -28.42 59.53
N LEU D 399 14.38 -29.53 59.82
CA LEU D 399 13.28 -29.61 60.77
C LEU D 399 13.10 -31.06 61.20
N PRO D 400 13.07 -31.34 62.50
CA PRO D 400 12.86 -32.72 62.94
C PRO D 400 11.52 -33.23 62.47
N PRO D 401 11.38 -34.54 62.30
CA PRO D 401 10.11 -35.09 61.78
C PRO D 401 8.97 -34.85 62.74
N CYS D 402 7.84 -34.37 62.20
CA CYS D 402 6.64 -34.17 63.01
C CYS D 402 5.84 -35.46 63.14
N HIS D 403 5.55 -36.12 62.03
CA HIS D 403 4.98 -37.46 62.06
C HIS D 403 6.14 -38.44 62.13
N VAL D 404 6.44 -38.90 63.35
CA VAL D 404 7.69 -39.60 63.60
C VAL D 404 7.61 -41.09 63.30
N LEU D 405 6.46 -41.72 63.54
CA LEU D 405 6.38 -43.18 63.44
C LEU D 405 4.97 -43.58 63.08
N SER D 406 4.84 -44.46 62.09
CA SER D 406 3.56 -44.99 61.66
C SER D 406 3.61 -46.52 61.68
N GLN D 407 2.47 -47.12 62.02
CA GLN D 407 2.32 -48.57 62.02
C GLN D 407 1.12 -48.96 61.18
N TYR D 408 1.23 -50.10 60.51
CA TYR D 408 0.21 -50.56 59.58
C TYR D 408 -0.22 -51.97 59.95
N TYR D 409 -1.47 -52.30 59.62
CA TYR D 409 -2.14 -53.47 60.15
C TYR D 409 -3.09 -54.01 59.10
N VAL D 410 -2.98 -55.32 58.84
CA VAL D 410 -3.82 -56.00 57.87
C VAL D 410 -4.90 -56.76 58.63
N THR D 411 -6.15 -56.37 58.41
CA THR D 411 -7.28 -57.00 59.08
C THR D 411 -7.61 -58.34 58.44
N ASN D 412 -8.49 -59.10 59.09
CA ASN D 412 -8.88 -60.41 58.60
C ASN D 412 -9.68 -60.32 57.30
N ASP D 413 -10.29 -59.17 57.00
CA ASP D 413 -10.99 -58.96 55.74
C ASP D 413 -10.14 -58.20 54.74
N ASN D 414 -8.81 -58.35 54.82
CA ASN D 414 -7.88 -57.84 53.80
C ASN D 414 -8.00 -56.32 53.63
N CYS D 415 -8.03 -55.61 54.75
CA CYS D 415 -7.97 -54.16 54.79
C CYS D 415 -6.69 -53.71 55.47
N LEU D 416 -6.23 -52.52 55.09
CA LEU D 416 -4.98 -51.96 55.59
C LEU D 416 -5.30 -50.75 56.47
N SER D 417 -5.16 -50.90 57.78
CA SER D 417 -5.32 -49.80 58.71
C SER D 417 -3.97 -49.15 59.01
N CYS D 418 -4.02 -47.92 59.49
CA CYS D 418 -2.81 -47.14 59.72
C CYS D 418 -2.91 -46.39 61.05
N ASN D 419 -1.85 -46.46 61.85
CA ASN D 419 -1.70 -45.67 63.05
C ASN D 419 -0.48 -44.77 62.90
N LEU D 420 -0.67 -43.48 63.19
CA LEU D 420 0.40 -42.50 63.11
C LEU D 420 0.55 -41.79 64.45
N TYR D 421 1.78 -41.66 64.92
CA TYR D 421 2.07 -40.81 66.07
C TYR D 421 2.71 -39.51 65.59
N GLN D 422 2.14 -38.39 66.01
CA GLN D 422 2.60 -37.06 65.62
C GLN D 422 3.03 -36.32 66.88
N ARG D 423 4.33 -36.01 66.96
CA ARG D 423 4.86 -35.37 68.16
C ARG D 423 4.40 -33.92 68.29
N SER D 424 4.28 -33.22 67.17
CA SER D 424 3.87 -31.82 67.17
C SER D 424 2.90 -31.62 66.01
N CYS D 425 1.74 -31.04 66.31
CA CYS D 425 0.63 -30.95 65.35
C CYS D 425 0.14 -29.52 65.26
N ASP D 426 0.42 -28.88 64.13
CA ASP D 426 -0.09 -27.53 63.84
C ASP D 426 -1.50 -27.66 63.32
N LEU D 427 -2.47 -27.65 64.23
CA LEU D 427 -3.87 -27.63 63.82
C LEU D 427 -4.14 -26.36 63.02
N GLY D 428 -4.70 -26.52 61.83
CA GLY D 428 -4.93 -25.38 60.96
C GLY D 428 -4.12 -25.45 59.68
N LEU D 429 -2.85 -25.88 59.79
CA LEU D 429 -2.01 -26.06 58.60
C LEU D 429 -1.54 -27.50 58.48
N GLY D 430 -0.70 -27.99 59.40
CA GLY D 430 -0.12 -29.31 59.23
C GLY D 430 -1.13 -30.44 59.38
N SER D 431 -2.08 -30.29 60.31
CA SER D 431 -3.00 -31.38 60.61
C SER D 431 -3.89 -31.77 59.42
N PRO D 432 -4.57 -30.84 58.74
CA PRO D 432 -5.34 -31.25 57.56
C PRO D 432 -4.48 -31.92 56.51
N PHE D 433 -3.20 -31.53 56.40
CA PHE D 433 -2.30 -32.19 55.47
C PHE D 433 -1.96 -33.59 55.96
N ASN D 434 -1.61 -33.73 57.24
CA ASN D 434 -1.24 -35.05 57.76
C ASN D 434 -2.40 -36.02 57.72
N ILE D 435 -3.63 -35.54 57.84
CA ILE D 435 -4.79 -36.42 57.76
C ILE D 435 -4.90 -37.01 56.36
N ALA D 436 -4.85 -36.16 55.34
CA ALA D 436 -4.98 -36.65 53.97
C ALA D 436 -3.71 -37.32 53.47
N SER D 437 -2.54 -36.85 53.91
CA SER D 437 -1.28 -37.43 53.42
C SER D 437 -1.18 -38.91 53.80
N TYR D 438 -1.35 -39.22 55.08
CA TYR D 438 -1.28 -40.61 55.50
C TYR D 438 -2.51 -41.42 55.08
N ALA D 439 -3.61 -40.76 54.72
CA ALA D 439 -4.72 -41.47 54.11
C ALA D 439 -4.38 -41.90 52.70
N ILE D 440 -3.80 -40.99 51.90
CA ILE D 440 -3.36 -41.34 50.56
C ILE D 440 -2.28 -42.41 50.61
N LEU D 441 -1.33 -42.27 51.54
CA LEU D 441 -0.24 -43.23 51.66
C LEU D 441 -0.76 -44.62 51.97
N THR D 442 -1.77 -44.72 52.85
CA THR D 442 -2.34 -46.02 53.16
C THR D 442 -3.05 -46.61 51.95
N MET D 443 -3.76 -45.77 51.19
CA MET D 443 -4.43 -46.25 49.99
C MET D 443 -3.42 -46.72 48.95
N MET D 444 -2.32 -46.00 48.80
CA MET D 444 -1.27 -46.43 47.88
C MET D 444 -0.69 -47.78 48.31
N LEU D 445 -0.38 -47.92 49.60
CA LEU D 445 0.11 -49.19 50.11
C LEU D 445 -0.93 -50.30 49.97
N ALA D 446 -2.21 -49.94 50.04
CA ALA D 446 -3.26 -50.95 49.90
C ALA D 446 -3.32 -51.48 48.46
N GLN D 447 -3.11 -50.60 47.48
CA GLN D 447 -3.16 -51.03 46.09
C GLN D 447 -1.95 -51.85 45.71
N VAL D 448 -0.75 -51.39 46.10
CA VAL D 448 0.48 -52.11 45.74
C VAL D 448 0.53 -53.47 46.40
N CYS D 449 -0.04 -53.60 47.60
CA CYS D 449 -0.06 -54.87 48.32
C CYS D 449 -1.32 -55.69 48.05
N GLY D 450 -2.30 -55.13 47.37
CA GLY D 450 -3.50 -55.88 47.06
C GLY D 450 -4.53 -55.91 48.16
N TYR D 451 -4.65 -54.83 48.93
CA TYR D 451 -5.65 -54.72 49.99
C TYR D 451 -6.57 -53.55 49.72
N GLU D 452 -7.54 -53.36 50.60
CA GLU D 452 -8.45 -52.23 50.58
C GLU D 452 -8.14 -51.29 51.73
N PRO D 453 -8.52 -50.02 51.61
CA PRO D 453 -8.30 -49.09 52.74
C PRO D 453 -9.10 -49.51 53.96
N GLY D 454 -8.51 -49.26 55.13
CA GLY D 454 -9.15 -49.61 56.39
C GLY D 454 -9.47 -48.38 57.22
N GLU D 455 -8.80 -48.25 58.36
CA GLU D 455 -9.00 -47.11 59.24
C GLU D 455 -7.69 -46.36 59.41
N LEU D 456 -7.80 -45.08 59.74
CA LEU D 456 -6.65 -44.23 60.00
C LEU D 456 -6.82 -43.60 61.38
N ALA D 457 -5.88 -43.85 62.27
CA ALA D 457 -5.85 -43.25 63.60
C ALA D 457 -4.55 -42.46 63.74
N ILE D 458 -4.67 -41.21 64.17
CA ILE D 458 -3.53 -40.32 64.35
C ILE D 458 -3.44 -39.97 65.83
N PHE D 459 -2.37 -40.43 66.48
CA PHE D 459 -2.11 -40.12 67.87
C PHE D 459 -1.17 -38.92 67.95
N ILE D 460 -1.56 -37.92 68.74
CA ILE D 460 -0.90 -36.62 68.73
C ILE D 460 -0.29 -36.34 70.10
N GLY D 461 0.94 -35.83 70.09
CA GLY D 461 1.57 -35.33 71.29
C GLY D 461 1.17 -33.90 71.58
N ASP D 462 1.92 -32.94 71.01
CA ASP D 462 1.67 -31.52 71.24
C ASP D 462 0.65 -31.03 70.21
N ALA D 463 -0.63 -31.14 70.56
CA ALA D 463 -1.72 -30.63 69.73
C ALA D 463 -1.93 -29.15 70.09
N HIS D 464 -1.68 -28.27 69.13
CA HIS D 464 -1.65 -26.84 69.41
C HIS D 464 -2.26 -26.05 68.27
N ILE D 465 -2.57 -24.79 68.56
CA ILE D 465 -3.11 -23.83 67.60
C ILE D 465 -2.33 -22.53 67.73
N TYR D 466 -1.75 -22.08 66.62
CA TYR D 466 -1.00 -20.82 66.63
C TYR D 466 -1.95 -19.63 66.82
N GLU D 467 -1.49 -18.63 67.56
CA GLU D 467 -2.36 -17.53 67.96
C GLU D 467 -2.82 -16.68 66.79
N ASN D 468 -2.10 -16.71 65.66
CA ASN D 468 -2.52 -16.02 64.46
C ASN D 468 -3.49 -16.85 63.62
N HIS D 469 -3.92 -18.01 64.14
CA HIS D 469 -4.94 -18.83 63.50
C HIS D 469 -6.26 -18.80 64.26
N LEU D 470 -6.37 -17.95 65.30
CA LEU D 470 -7.53 -18.01 66.17
C LEU D 470 -8.79 -17.55 65.46
N THR D 471 -8.76 -16.35 64.85
CA THR D 471 -9.93 -15.86 64.13
C THR D 471 -10.26 -16.73 62.92
N GLN D 472 -9.24 -17.36 62.32
CA GLN D 472 -9.49 -18.21 61.16
C GLN D 472 -10.17 -19.51 61.57
N LEU D 473 -9.63 -20.19 62.59
CA LEU D 473 -10.18 -21.48 62.99
C LEU D 473 -11.55 -21.34 63.64
N LYS D 474 -11.81 -20.20 64.31
CA LYS D 474 -13.16 -19.96 64.80
C LYS D 474 -14.14 -19.77 63.65
N GLU D 475 -13.68 -19.20 62.53
CA GLU D 475 -14.52 -19.13 61.34
C GLU D 475 -14.80 -20.51 60.78
N GLN D 476 -13.80 -21.40 60.81
CA GLN D 476 -14.00 -22.75 60.32
C GLN D 476 -14.96 -23.55 61.20
N LEU D 477 -14.97 -23.29 62.51
CA LEU D 477 -15.85 -24.03 63.42
C LEU D 477 -17.31 -23.62 63.26
N SER D 478 -17.58 -22.49 62.63
CA SER D 478 -18.95 -22.05 62.39
C SER D 478 -19.60 -22.77 61.20
N ARG D 479 -18.89 -23.69 60.55
CA ARG D 479 -19.34 -24.34 59.33
C ARG D 479 -19.72 -25.78 59.64
N THR D 480 -20.99 -26.13 59.40
CA THR D 480 -21.44 -27.50 59.60
C THR D 480 -20.80 -28.40 58.56
N PRO D 481 -20.19 -29.51 58.96
CA PRO D 481 -19.45 -30.33 57.99
C PRO D 481 -20.34 -30.91 56.91
N ARG D 482 -19.73 -31.18 55.76
CA ARG D 482 -20.35 -31.82 54.62
C ARG D 482 -19.73 -33.19 54.40
N PRO D 483 -20.40 -34.09 53.67
CA PRO D 483 -19.87 -35.45 53.51
C PRO D 483 -18.48 -35.46 52.91
N PHE D 484 -17.65 -36.38 53.39
CA PHE D 484 -16.30 -36.54 52.87
C PHE D 484 -16.35 -36.87 51.38
N PRO D 485 -15.31 -36.52 50.62
CA PRO D 485 -15.29 -36.92 49.21
C PRO D 485 -14.87 -38.38 49.05
N GLN D 486 -14.64 -38.79 47.81
CA GLN D 486 -14.08 -40.11 47.51
C GLN D 486 -12.76 -39.93 46.78
N LEU D 487 -11.81 -40.83 47.05
CA LEU D 487 -10.51 -40.81 46.38
C LEU D 487 -10.28 -42.19 45.79
N LYS D 488 -10.25 -42.26 44.46
CA LYS D 488 -9.98 -43.49 43.74
C LYS D 488 -8.80 -43.29 42.80
N PHE D 489 -8.10 -44.39 42.53
CA PHE D 489 -6.96 -44.38 41.62
C PHE D 489 -7.42 -44.75 40.21
N LYS D 490 -6.84 -44.08 39.22
CA LYS D 490 -7.22 -44.33 37.84
C LYS D 490 -6.63 -45.63 37.30
N ARG D 491 -5.47 -46.05 37.82
CA ARG D 491 -4.80 -47.23 37.32
C ARG D 491 -4.09 -47.96 38.47
N LYS D 492 -3.85 -49.25 38.27
CA LYS D 492 -3.05 -50.04 39.20
C LYS D 492 -1.59 -49.94 38.79
N VAL D 493 -0.73 -49.67 39.76
CA VAL D 493 0.68 -49.39 39.50
C VAL D 493 1.54 -50.60 39.86
N GLU D 494 2.69 -50.69 39.20
CA GLU D 494 3.64 -51.75 39.51
C GLU D 494 4.47 -51.42 40.75
N ASN D 495 5.18 -50.30 40.73
CA ASN D 495 5.94 -49.83 41.87
C ASN D 495 5.29 -48.57 42.43
N ILE D 496 5.38 -48.41 43.75
CA ILE D 496 4.74 -47.29 44.44
C ILE D 496 5.30 -45.94 44.01
N GLU D 497 6.53 -45.89 43.50
CA GLU D 497 7.12 -44.62 43.11
C GLU D 497 6.49 -44.04 41.85
N ASP D 498 5.77 -44.84 41.08
CA ASP D 498 5.27 -44.43 39.77
C ASP D 498 3.97 -43.64 39.84
N PHE D 499 3.43 -43.40 41.03
CA PHE D 499 2.19 -42.65 41.15
C PHE D 499 2.37 -41.21 40.67
N LYS D 500 1.37 -40.71 39.95
CA LYS D 500 1.38 -39.34 39.44
C LYS D 500 0.07 -38.65 39.82
N TRP D 501 0.10 -37.31 39.79
CA TRP D 501 -1.07 -36.53 40.16
C TRP D 501 -2.24 -36.77 39.22
N GLU D 502 -1.95 -37.07 37.94
CA GLU D 502 -3.01 -37.37 36.99
C GLU D 502 -3.70 -38.69 37.30
N ASP D 503 -3.06 -39.55 38.10
CA ASP D 503 -3.63 -40.85 38.47
C ASP D 503 -4.64 -40.77 39.61
N ILE D 504 -4.99 -39.57 40.07
CA ILE D 504 -5.83 -39.39 41.24
C ILE D 504 -7.13 -38.71 40.83
N GLU D 505 -8.25 -39.32 41.22
CA GLU D 505 -9.58 -38.78 40.97
C GLU D 505 -10.23 -38.44 42.30
N LEU D 506 -10.54 -37.16 42.50
CA LEU D 506 -11.22 -36.69 43.70
C LEU D 506 -12.69 -36.46 43.34
N ILE D 507 -13.56 -37.32 43.85
CA ILE D 507 -14.96 -37.39 43.42
C ILE D 507 -15.83 -36.86 44.54
N GLY D 508 -16.62 -35.84 44.23
CA GLY D 508 -17.62 -35.35 45.16
C GLY D 508 -17.08 -34.53 46.31
N TYR D 509 -16.13 -33.64 46.04
CA TYR D 509 -15.54 -32.76 47.06
C TYR D 509 -16.16 -31.38 46.91
N TYR D 510 -17.07 -31.02 47.81
CA TYR D 510 -17.75 -29.73 47.79
C TYR D 510 -17.48 -29.01 49.11
N PRO D 511 -16.30 -28.43 49.26
CA PRO D 511 -15.91 -27.83 50.54
C PRO D 511 -16.37 -26.37 50.65
N TYR D 512 -16.21 -25.84 51.86
CA TYR D 512 -16.36 -24.42 52.10
C TYR D 512 -15.16 -23.66 51.56
N PRO D 513 -15.29 -22.34 51.35
CA PRO D 513 -14.17 -21.58 50.76
C PRO D 513 -12.90 -21.69 51.58
N THR D 514 -11.77 -21.50 50.89
CA THR D 514 -10.46 -21.63 51.52
C THR D 514 -10.27 -20.57 52.60
N ILE D 515 -9.41 -20.89 53.58
CA ILE D 515 -9.10 -20.00 54.69
C ILE D 515 -7.59 -19.82 54.73
N LYS D 516 -7.13 -18.59 54.52
CA LYS D 516 -5.70 -18.30 54.48
C LYS D 516 -5.12 -18.25 55.89
N MET D 517 -4.02 -18.97 56.11
CA MET D 517 -3.36 -19.00 57.41
C MET D 517 -1.85 -19.02 57.21
N ASP D 518 -1.17 -18.11 57.88
CA ASP D 518 0.27 -17.96 57.74
C ASP D 518 1.00 -19.07 58.52
N MET D 519 2.10 -19.55 57.95
CA MET D 519 2.92 -20.56 58.59
C MET D 519 3.97 -19.90 59.47
N ALA D 520 4.18 -20.47 60.66
CA ALA D 520 5.20 -20.00 61.58
C ALA D 520 6.54 -20.64 61.23
N VAL D 521 7.50 -19.81 60.85
CA VAL D 521 8.82 -20.29 60.45
C VAL D 521 9.69 -20.56 61.67
N GLU E 3 1.66 2.40 22.35
CA GLU E 3 1.31 3.55 21.52
C GLU E 3 2.06 3.61 20.18
N LYS E 4 1.30 3.92 19.13
CA LYS E 4 1.82 4.08 17.78
C LYS E 4 1.16 5.29 17.13
N ASN E 5 1.64 5.63 15.94
CA ASN E 5 1.26 6.88 15.29
C ASN E 5 -0.03 6.72 14.49
N VAL E 6 -0.86 7.76 14.52
CA VAL E 6 -2.13 7.81 13.81
C VAL E 6 -2.14 9.10 13.00
N SER E 7 -2.04 8.97 11.68
CA SER E 7 -1.95 10.12 10.79
C SER E 7 -3.20 10.22 9.91
N ILE E 8 -3.51 11.44 9.51
CA ILE E 8 -4.61 11.71 8.58
C ILE E 8 -4.01 11.99 7.21
N VAL E 9 -4.53 11.30 6.20
CA VAL E 9 -4.22 11.60 4.81
C VAL E 9 -5.48 12.15 4.17
N VAL E 10 -5.38 13.31 3.54
CA VAL E 10 -6.55 13.96 2.95
C VAL E 10 -6.09 14.88 1.83
N ALA E 11 -6.92 14.97 0.79
CA ALA E 11 -6.75 15.93 -0.29
C ALA E 11 -7.99 16.83 -0.30
N ALA E 12 -7.81 18.09 0.10
CA ALA E 12 -8.91 19.02 0.21
C ALA E 12 -8.64 20.25 -0.64
N SER E 13 -9.71 20.98 -0.92
CA SER E 13 -9.59 22.24 -1.66
C SER E 13 -8.82 23.26 -0.85
N VAL E 14 -8.31 24.28 -1.53
CA VAL E 14 -7.39 25.22 -0.90
C VAL E 14 -8.13 26.18 0.02
N LEU E 15 -9.35 26.59 -0.34
CA LEU E 15 -10.10 27.56 0.46
C LEU E 15 -11.17 26.90 1.31
N SER E 16 -12.18 26.30 0.67
CA SER E 16 -13.30 25.73 1.41
C SER E 16 -13.03 24.31 1.91
N SER E 17 -11.89 23.72 1.53
CA SER E 17 -11.48 22.39 1.99
C SER E 17 -12.49 21.32 1.60
N GLY E 18 -12.85 21.31 0.33
CA GLY E 18 -13.75 20.29 -0.21
C GLY E 18 -12.98 19.06 -0.64
N ILE E 19 -13.53 17.89 -0.33
CA ILE E 19 -12.86 16.63 -0.60
C ILE E 19 -13.63 15.69 -1.51
N GLY E 20 -14.92 15.96 -1.77
CA GLY E 20 -15.69 15.04 -2.59
C GLY E 20 -16.95 15.68 -3.14
N ILE E 21 -17.56 14.98 -4.09
CA ILE E 21 -18.79 15.43 -4.73
C ILE E 21 -19.49 14.23 -5.37
N ASN E 22 -20.75 14.00 -4.98
CA ASN E 22 -21.57 12.93 -5.55
C ASN E 22 -20.88 11.57 -5.45
N GLY E 23 -20.24 11.32 -4.31
CA GLY E 23 -19.62 10.04 -4.05
C GLY E 23 -18.30 9.78 -4.74
N GLN E 24 -17.67 10.80 -5.30
CA GLN E 24 -16.36 10.66 -5.93
C GLN E 24 -15.54 11.91 -5.65
N LEU E 25 -14.34 11.96 -6.22
CA LEU E 25 -13.48 13.11 -6.00
C LEU E 25 -13.87 14.26 -6.92
N PRO E 26 -13.61 15.50 -6.50
CA PRO E 26 -13.85 16.65 -7.39
C PRO E 26 -12.79 16.82 -8.47
N TRP E 27 -11.78 15.94 -8.51
CA TRP E 27 -10.66 16.07 -9.41
C TRP E 27 -10.09 14.69 -9.68
N SER E 28 -9.17 14.63 -10.65
CA SER E 28 -8.45 13.40 -10.99
C SER E 28 -6.97 13.74 -11.10
N ILE E 29 -6.25 13.58 -9.99
CA ILE E 29 -4.82 13.88 -9.92
C ILE E 29 -4.09 12.56 -9.68
N SER E 30 -3.34 12.11 -10.69
CA SER E 30 -2.68 10.81 -10.60
C SER E 30 -1.61 10.81 -9.53
N GLU E 31 -0.77 11.85 -9.49
CA GLU E 31 0.31 11.90 -8.53
C GLU E 31 -0.19 11.98 -7.09
N ASP E 32 -1.41 12.46 -6.87
CA ASP E 32 -1.95 12.51 -5.51
C ASP E 32 -2.26 11.11 -4.99
N LEU E 33 -2.84 10.26 -5.84
CA LEU E 33 -3.10 8.88 -5.43
C LEU E 33 -1.80 8.14 -5.17
N LYS E 34 -0.77 8.40 -5.98
CA LYS E 34 0.53 7.79 -5.74
C LYS E 34 1.10 8.23 -4.39
N PHE E 35 0.86 9.48 -4.01
CA PHE E 35 1.28 9.94 -2.69
C PHE E 35 0.53 9.20 -1.59
N PHE E 36 -0.79 9.07 -1.74
CA PHE E 36 -1.56 8.28 -0.79
C PHE E 36 -1.02 6.86 -0.68
N SER E 37 -0.61 6.28 -1.81
CA SER E 37 -0.09 4.91 -1.80
C SER E 37 1.23 4.83 -1.03
N LYS E 38 2.16 5.74 -1.34
CA LYS E 38 3.48 5.65 -0.73
C LYS E 38 3.46 6.06 0.73
N ILE E 39 2.59 7.00 1.11
CA ILE E 39 2.56 7.44 2.50
C ILE E 39 1.89 6.39 3.38
N THR E 40 0.95 5.63 2.83
CA THR E 40 0.26 4.59 3.58
C THR E 40 0.96 3.24 3.53
N ASN E 41 1.89 3.06 2.59
CA ASN E 41 2.71 1.85 2.56
C ASN E 41 4.04 2.02 3.28
N ASN E 42 4.38 3.25 3.68
CA ASN E 42 5.67 3.51 4.33
C ASN E 42 5.68 2.89 5.72
N LYS E 43 6.45 1.82 5.88
CA LYS E 43 6.54 1.11 7.15
C LYS E 43 7.99 0.68 7.37
N CYS E 44 8.31 0.36 8.62
CA CYS E 44 9.65 -0.06 9.00
C CYS E 44 9.80 -1.57 9.06
N ASP E 45 8.83 -2.28 9.63
CA ASP E 45 8.88 -3.72 9.80
C ASP E 45 8.16 -4.42 8.65
N SER E 46 8.86 -5.32 7.96
CA SER E 46 8.27 -6.00 6.83
C SER E 46 7.22 -7.03 7.24
N ASN E 47 7.26 -7.51 8.48
CA ASN E 47 6.27 -8.45 8.98
C ASN E 47 5.06 -7.78 9.60
N LYS E 48 4.92 -6.47 9.41
CA LYS E 48 3.76 -5.72 9.88
C LYS E 48 3.11 -5.00 8.70
N LYS E 49 1.88 -4.56 8.92
CA LYS E 49 1.11 -3.86 7.90
C LYS E 49 0.54 -2.57 8.48
N ASN E 50 0.19 -1.65 7.59
CA ASN E 50 -0.45 -0.40 7.98
C ASN E 50 -1.95 -0.53 7.85
N ALA E 51 -2.67 0.17 8.71
CA ALA E 51 -4.13 0.13 8.75
C ALA E 51 -4.70 1.43 8.20
N LEU E 52 -5.63 1.33 7.27
CA LEU E 52 -6.29 2.49 6.66
C LEU E 52 -7.75 2.49 7.08
N ILE E 53 -8.12 3.43 7.93
CA ILE E 53 -9.48 3.56 8.41
C ILE E 53 -10.26 4.44 7.45
N MET E 54 -11.48 4.02 7.10
CA MET E 54 -12.32 4.80 6.20
C MET E 54 -13.77 4.51 6.51
N GLY E 55 -14.64 5.48 6.19
CA GLY E 55 -16.06 5.27 6.32
C GLY E 55 -16.64 4.44 5.20
N ARG E 56 -17.92 4.05 5.37
CA ARG E 56 -18.57 3.17 4.41
C ARG E 56 -18.72 3.83 3.04
N LYS E 57 -19.22 5.07 3.01
CA LYS E 57 -19.40 5.74 1.73
C LYS E 57 -18.08 5.89 0.98
N THR E 58 -16.97 6.02 1.72
CA THR E 58 -15.66 6.03 1.08
C THR E 58 -15.29 4.63 0.61
N TRP E 59 -15.63 3.62 1.39
CA TRP E 59 -15.41 2.24 0.99
C TRP E 59 -16.16 1.90 -0.29
N ASP E 60 -17.34 2.52 -0.49
CA ASP E 60 -18.05 2.33 -1.76
C ASP E 60 -17.36 3.05 -2.90
N SER E 61 -16.82 4.24 -2.63
CA SER E 61 -16.23 5.06 -3.68
C SER E 61 -14.97 4.43 -4.26
N ILE E 62 -14.30 3.57 -3.53
CA ILE E 62 -13.12 2.89 -4.03
C ILE E 62 -13.44 1.48 -4.55
N GLY E 63 -14.72 1.21 -4.80
CA GLY E 63 -15.14 -0.04 -5.42
C GLY E 63 -15.24 -1.24 -4.50
N ARG E 64 -15.11 -1.04 -3.19
CA ARG E 64 -15.16 -2.14 -2.21
C ARG E 64 -14.13 -3.22 -2.53
N ARG E 65 -12.93 -2.80 -2.93
CA ARG E 65 -11.85 -3.72 -3.21
C ARG E 65 -10.63 -3.37 -2.37
N PRO E 66 -9.89 -4.37 -1.90
CA PRO E 66 -8.79 -4.11 -0.97
C PRO E 66 -7.64 -3.38 -1.66
N LEU E 67 -6.75 -2.85 -0.83
CA LEU E 67 -5.53 -2.18 -1.27
C LEU E 67 -4.34 -3.06 -0.91
N LYS E 68 -3.42 -3.23 -1.85
CA LYS E 68 -2.31 -4.15 -1.67
C LYS E 68 -1.46 -3.76 -0.47
N ASN E 69 -1.00 -4.78 0.27
CA ASN E 69 -0.06 -4.67 1.38
C ASN E 69 -0.61 -3.88 2.57
N ARG E 70 -1.90 -3.54 2.57
CA ARG E 70 -2.49 -2.77 3.64
C ARG E 70 -3.80 -3.42 4.08
N ILE E 71 -4.31 -2.95 5.21
CA ILE E 71 -5.54 -3.47 5.80
C ILE E 71 -6.53 -2.33 5.89
N ILE E 72 -7.64 -2.44 5.17
CA ILE E 72 -8.68 -1.42 5.20
C ILE E 72 -9.59 -1.68 6.39
N VAL E 73 -9.85 -0.63 7.16
CA VAL E 73 -10.78 -0.68 8.28
C VAL E 73 -11.97 0.19 7.93
N VAL E 74 -13.14 -0.43 7.80
CA VAL E 74 -14.36 0.27 7.41
C VAL E 74 -15.18 0.54 8.67
N ILE E 75 -15.63 1.78 8.81
CA ILE E 75 -16.52 2.17 9.91
C ILE E 75 -17.93 2.21 9.35
N SER E 76 -18.75 1.24 9.75
CA SER E 76 -20.12 1.15 9.26
C SER E 76 -20.99 0.51 10.33
N SER E 77 -22.23 0.99 10.43
CA SER E 77 -23.18 0.42 11.36
C SER E 77 -23.99 -0.72 10.75
N SER E 78 -23.90 -0.93 9.44
CA SER E 78 -24.73 -1.92 8.75
C SER E 78 -23.94 -3.03 8.07
N LEU E 79 -22.69 -2.81 7.67
CA LEU E 79 -21.95 -3.83 6.95
C LEU E 79 -21.74 -5.06 7.84
N PRO E 80 -21.93 -6.26 7.30
CA PRO E 80 -21.67 -7.48 8.09
C PRO E 80 -20.18 -7.66 8.31
N GLN E 81 -19.82 -8.08 9.53
CA GLN E 81 -18.42 -8.28 9.90
C GLN E 81 -17.94 -9.62 9.39
N ASP E 82 -17.77 -9.68 8.06
CA ASP E 82 -17.30 -10.90 7.42
C ASP E 82 -15.83 -11.13 7.73
N GLU E 83 -15.49 -12.37 8.09
CA GLU E 83 -14.12 -12.75 8.40
C GLU E 83 -13.41 -13.44 7.25
N ALA E 84 -14.07 -13.56 6.09
CA ALA E 84 -13.44 -14.25 4.97
C ALA E 84 -12.31 -13.42 4.37
N ASP E 85 -12.42 -12.10 4.43
CA ASP E 85 -11.38 -11.23 3.90
C ASP E 85 -10.51 -10.74 5.05
N PRO E 86 -9.25 -11.16 5.15
CA PRO E 86 -8.39 -10.67 6.24
C PRO E 86 -7.87 -9.25 6.01
N ASN E 87 -7.91 -8.76 4.77
CA ASN E 87 -7.44 -7.42 4.46
C ASN E 87 -8.53 -6.36 4.59
N VAL E 88 -9.73 -6.74 5.01
CA VAL E 88 -10.84 -5.81 5.20
C VAL E 88 -11.60 -6.22 6.44
N VAL E 89 -11.69 -5.32 7.42
CA VAL E 89 -12.39 -5.57 8.66
C VAL E 89 -13.34 -4.39 8.91
N VAL E 90 -14.49 -4.69 9.53
CA VAL E 90 -15.53 -3.71 9.76
C VAL E 90 -15.72 -3.50 11.26
N PHE E 91 -15.84 -2.23 11.67
CA PHE E 91 -16.10 -1.87 13.05
C PHE E 91 -17.32 -0.95 13.13
N ARG E 92 -18.02 -1.00 14.26
CA ARG E 92 -19.28 -0.30 14.40
C ARG E 92 -19.13 1.17 14.75
N ASN E 93 -17.98 1.58 15.30
CA ASN E 93 -17.73 2.98 15.59
C ASN E 93 -16.24 3.25 15.55
N LEU E 94 -15.89 4.54 15.50
CA LEU E 94 -14.50 4.93 15.37
C LEU E 94 -13.68 4.60 16.61
N GLU E 95 -14.30 4.65 17.81
CA GLU E 95 -13.55 4.40 19.03
C GLU E 95 -13.06 2.95 19.09
N ASP E 96 -13.93 1.99 18.77
CA ASP E 96 -13.54 0.59 18.79
C ASP E 96 -12.63 0.22 17.62
N SER E 97 -12.34 1.15 16.71
CA SER E 97 -11.46 0.89 15.59
C SER E 97 -10.03 1.37 15.82
N ILE E 98 -9.78 2.05 16.93
CA ILE E 98 -8.45 2.48 17.34
C ILE E 98 -7.87 1.40 18.24
N GLU E 99 -8.46 0.20 18.20
CA GLU E 99 -7.97 -0.92 18.99
C GLU E 99 -6.54 -1.33 18.63
N ASN E 100 -6.02 -0.88 17.49
CA ASN E 100 -4.69 -1.25 16.97
C ASN E 100 -3.51 -0.63 17.73
N LEU E 101 -3.73 0.33 18.63
CA LEU E 101 -2.60 1.07 19.19
C LEU E 101 -1.68 0.21 20.04
N MET E 102 -2.18 -0.35 21.12
CA MET E 102 -1.36 -1.18 21.99
C MET E 102 -1.41 -2.65 21.62
N ASN E 103 -2.48 -3.06 20.93
CA ASN E 103 -2.75 -4.46 20.63
C ASN E 103 -2.53 -4.69 19.15
N ASP E 104 -2.82 -5.93 18.71
CA ASP E 104 -2.56 -6.36 17.34
C ASP E 104 -1.23 -5.77 16.89
N ASP E 105 -0.13 -6.34 17.37
CA ASP E 105 1.20 -5.79 17.06
C ASP E 105 1.52 -5.87 15.57
N SER E 106 0.76 -6.68 14.82
CA SER E 106 0.97 -6.79 13.38
C SER E 106 0.68 -5.49 12.66
N ILE E 107 0.08 -4.52 13.33
CA ILE E 107 -0.17 -3.19 12.77
C ILE E 107 0.90 -2.25 13.29
N GLU E 108 1.58 -1.56 12.38
CA GLU E 108 2.65 -0.64 12.77
C GLU E 108 2.18 0.80 12.86
N ASN E 109 1.49 1.29 11.83
CA ASN E 109 0.99 2.65 11.79
C ASN E 109 -0.48 2.65 11.40
N ILE E 110 -1.17 3.72 11.75
CA ILE E 110 -2.60 3.86 11.49
C ILE E 110 -2.83 5.12 10.68
N PHE E 111 -3.70 5.02 9.67
CA PHE E 111 -4.03 6.15 8.81
C PHE E 111 -5.54 6.32 8.75
N VAL E 112 -6.00 7.54 8.99
CA VAL E 112 -7.41 7.90 8.88
C VAL E 112 -7.59 8.70 7.59
N CYS E 113 -8.54 8.27 6.76
CA CYS E 113 -8.68 8.86 5.44
C CYS E 113 -10.07 8.69 4.85
N GLY E 114 -11.08 8.61 5.72
CA GLY E 114 -12.38 8.14 5.27
C GLY E 114 -13.54 9.11 5.26
N GLY E 115 -13.35 10.29 4.68
CA GLY E 115 -14.45 11.20 4.47
C GLY E 115 -14.73 12.10 5.66
N GLU E 116 -15.67 13.03 5.45
CA GLU E 116 -15.95 14.06 6.44
C GLU E 116 -16.41 13.47 7.76
N SER E 117 -17.31 12.49 7.72
CA SER E 117 -17.85 11.94 8.96
C SER E 117 -16.78 11.28 9.81
N ILE E 118 -15.77 10.67 9.17
CA ILE E 118 -14.69 10.03 9.92
C ILE E 118 -13.60 11.04 10.27
N TYR E 119 -13.33 11.99 9.38
CA TYR E 119 -12.40 13.07 9.70
C TYR E 119 -12.87 13.87 10.89
N ARG E 120 -14.16 14.19 10.94
CA ARG E 120 -14.68 15.07 11.99
C ARG E 120 -14.61 14.38 13.35
N ASP E 121 -14.97 13.10 13.41
CA ASP E 121 -14.96 12.39 14.68
C ASP E 121 -13.56 11.95 15.09
N ALA E 122 -12.61 11.88 14.17
CA ALA E 122 -11.24 11.56 14.53
C ALA E 122 -10.53 12.73 15.18
N LEU E 123 -10.88 13.96 14.78
CA LEU E 123 -10.27 15.14 15.38
C LEU E 123 -10.98 15.53 16.67
N LYS E 124 -12.30 15.36 16.73
CA LYS E 124 -13.06 15.75 17.91
C LYS E 124 -12.66 14.92 19.13
N ASP E 125 -12.28 13.66 18.93
CA ASP E 125 -11.86 12.78 20.01
C ASP E 125 -10.36 12.76 20.21
N ASN E 126 -9.62 13.63 19.50
CA ASN E 126 -8.19 13.81 19.72
C ASN E 126 -7.44 12.50 19.51
N PHE E 127 -7.68 11.86 18.36
CA PHE E 127 -7.03 10.61 18.02
C PHE E 127 -5.89 10.78 17.04
N VAL E 128 -5.70 11.97 16.48
CA VAL E 128 -4.83 12.18 15.34
C VAL E 128 -3.53 12.82 15.80
N ASP E 129 -2.40 12.29 15.32
CA ASP E 129 -1.07 12.82 15.60
C ASP E 129 -0.54 13.69 14.46
N ARG E 130 -0.71 13.26 13.22
CA ARG E 130 -0.24 14.00 12.06
C ARG E 130 -1.36 14.16 11.04
N ILE E 131 -1.22 15.18 10.20
CA ILE E 131 -2.15 15.44 9.11
C ILE E 131 -1.34 15.66 7.84
N TYR E 132 -1.48 14.74 6.89
CA TYR E 132 -0.91 14.91 5.56
C TYR E 132 -1.97 15.52 4.66
N LEU E 133 -1.81 16.80 4.34
CA LEU E 133 -2.82 17.55 3.59
C LEU E 133 -2.30 17.83 2.18
N THR E 134 -3.13 17.51 1.19
CA THR E 134 -2.86 17.83 -0.21
C THR E 134 -3.83 18.94 -0.59
N ARG E 135 -3.32 20.17 -0.65
CA ARG E 135 -4.14 21.33 -0.98
C ARG E 135 -4.25 21.47 -2.49
N VAL E 136 -5.45 21.30 -3.02
CA VAL E 136 -5.71 21.37 -4.46
C VAL E 136 -6.32 22.72 -4.80
N ALA E 137 -5.79 23.36 -5.84
CA ALA E 137 -6.21 24.72 -6.23
C ALA E 137 -7.39 24.63 -7.19
N LEU E 138 -8.55 24.26 -6.63
CA LEU E 138 -9.79 24.17 -7.39
C LEU E 138 -10.93 24.60 -6.46
N GLU E 139 -11.57 25.74 -6.77
CA GLU E 139 -12.57 26.29 -5.88
C GLU E 139 -13.87 26.73 -6.55
N ASP E 140 -13.86 27.03 -7.84
CA ASP E 140 -15.10 27.43 -8.51
C ASP E 140 -15.87 26.22 -9.04
N ILE E 141 -15.87 25.13 -8.28
CA ILE E 141 -16.65 23.94 -8.60
C ILE E 141 -17.58 23.62 -7.43
N GLU E 142 -18.27 22.49 -7.50
CA GLU E 142 -19.28 22.12 -6.52
C GLU E 142 -18.75 21.01 -5.62
N PHE E 143 -18.93 21.17 -4.32
CA PHE E 143 -18.59 20.16 -3.33
C PHE E 143 -19.84 19.79 -2.53
N ASP E 144 -19.81 18.59 -1.94
CA ASP E 144 -20.85 18.19 -1.00
C ASP E 144 -20.32 17.63 0.31
N THR E 145 -19.05 17.22 0.38
CA THR E 145 -18.40 16.83 1.61
C THR E 145 -17.09 17.59 1.75
N TYR E 146 -16.84 18.13 2.94
CA TYR E 146 -15.67 18.97 3.17
C TYR E 146 -14.80 18.37 4.27
N PHE E 147 -13.54 18.81 4.30
CA PHE E 147 -12.61 18.46 5.37
C PHE E 147 -12.70 19.49 6.48
N PRO E 148 -12.86 19.09 7.74
CA PRO E 148 -13.06 20.07 8.81
C PRO E 148 -11.85 20.98 8.96
N GLU E 149 -12.09 22.14 9.57
CA GLU E 149 -11.00 23.07 9.86
C GLU E 149 -10.00 22.42 10.81
N ILE E 150 -8.72 22.58 10.49
CA ILE E 150 -7.68 21.95 11.30
C ILE E 150 -7.64 22.60 12.68
N PRO E 151 -7.71 21.83 13.77
CA PRO E 151 -7.72 22.44 15.11
C PRO E 151 -6.42 23.19 15.40
N GLU E 152 -6.52 24.13 16.35
CA GLU E 152 -5.37 24.94 16.73
C GLU E 152 -4.26 24.12 17.36
N THR E 153 -4.56 22.92 17.87
CA THR E 153 -3.53 22.07 18.46
C THR E 153 -2.55 21.54 17.42
N PHE E 154 -2.82 21.71 16.13
CA PHE E 154 -1.93 21.28 15.06
C PHE E 154 -1.17 22.48 14.50
N LEU E 155 0.11 22.26 14.21
CA LEU E 155 0.94 23.28 13.61
C LEU E 155 1.62 22.72 12.35
N PRO E 156 1.65 23.49 11.27
CA PRO E 156 2.32 23.01 10.06
C PRO E 156 3.83 22.93 10.24
N VAL E 157 4.40 21.82 9.77
CA VAL E 157 5.85 21.62 9.85
C VAL E 157 6.49 21.43 8.50
N TYR E 158 5.71 21.36 7.41
CA TYR E 158 6.26 21.16 6.08
C TYR E 158 5.26 21.66 5.05
N MET E 159 5.78 22.26 3.98
CA MET E 159 4.94 22.70 2.87
C MET E 159 5.76 22.53 1.59
N SER E 160 5.36 21.58 0.75
CA SER E 160 6.13 21.26 -0.44
C SER E 160 6.04 22.39 -1.47
N GLN E 161 6.83 22.24 -2.54
CA GLN E 161 6.70 23.12 -3.69
C GLN E 161 5.38 22.83 -4.39
N THR E 162 4.92 23.80 -5.18
CA THR E 162 3.69 23.63 -5.94
C THR E 162 3.95 22.74 -7.15
N PHE E 163 3.09 21.74 -7.32
CA PHE E 163 3.16 20.81 -8.44
C PHE E 163 2.00 21.07 -9.39
N CYS E 164 2.09 20.48 -10.58
CA CYS E 164 1.11 20.70 -11.64
C CYS E 164 0.70 19.38 -12.27
N THR E 165 -0.61 19.17 -12.41
CA THR E 165 -1.16 18.03 -13.12
C THR E 165 -2.38 18.50 -13.88
N LYS E 166 -2.31 18.45 -15.22
CA LYS E 166 -3.39 18.90 -16.09
C LYS E 166 -3.80 20.33 -15.74
N ASN E 167 -2.79 21.19 -15.59
CA ASN E 167 -2.94 22.62 -15.27
C ASN E 167 -3.60 22.84 -13.91
N ILE E 168 -3.49 21.88 -12.99
CA ILE E 168 -4.03 22.01 -11.65
C ILE E 168 -2.87 22.06 -10.67
N SER E 169 -2.84 23.12 -9.87
CA SER E 169 -1.78 23.31 -8.87
C SER E 169 -2.16 22.64 -7.56
N TYR E 170 -1.17 22.03 -6.91
CA TYR E 170 -1.42 21.43 -5.61
C TYR E 170 -0.15 21.39 -4.79
N ASP E 171 -0.32 21.39 -3.47
CA ASP E 171 0.75 21.38 -2.47
C ASP E 171 0.71 20.08 -1.67
N PHE E 172 1.72 19.91 -0.83
CA PHE E 172 1.75 18.83 0.15
C PHE E 172 2.22 19.41 1.47
N MET E 173 1.42 19.25 2.51
CA MET E 173 1.74 19.80 3.83
C MET E 173 1.68 18.71 4.88
N ILE E 174 2.46 18.89 5.95
CA ILE E 174 2.41 18.03 7.12
C ILE E 174 2.06 18.89 8.32
N PHE E 175 1.12 18.41 9.13
CA PHE E 175 0.70 19.09 10.35
C PHE E 175 0.98 18.19 11.54
N GLU E 176 1.69 18.71 12.53
CA GLU E 176 1.96 17.98 13.76
C GLU E 176 1.20 18.60 14.92
N LYS E 177 0.83 17.78 15.89
CA LYS E 177 0.13 18.24 17.08
C LYS E 177 1.18 18.50 18.17
N GLN E 178 1.39 19.76 18.51
CA GLN E 178 2.40 20.11 19.51
C GLN E 178 1.85 19.97 20.93
N LEU E 193 25.82 17.62 21.95
CA LEU E 193 24.86 17.76 20.86
C LEU E 193 24.79 19.21 20.40
N LYS E 194 24.10 20.04 21.19
CA LYS E 194 23.95 21.46 20.91
C LYS E 194 25.16 22.28 21.35
N SER E 195 26.33 21.64 21.45
CA SER E 195 27.55 22.37 21.79
C SER E 195 28.01 23.29 20.65
N ILE E 196 27.64 22.97 19.41
CA ILE E 196 27.96 23.84 18.30
C ILE E 196 27.19 25.16 18.42
N ASP E 197 25.89 25.08 18.71
CA ASP E 197 25.09 26.30 18.84
C ASP E 197 25.58 27.17 19.98
N ASP E 198 26.05 26.56 21.07
CA ASP E 198 26.56 27.35 22.19
C ASP E 198 27.87 28.04 21.83
N THR E 199 28.78 27.35 21.15
CA THR E 199 30.05 27.95 20.80
C THR E 199 29.87 29.09 19.81
N VAL E 200 28.93 28.95 18.87
CA VAL E 200 28.65 30.03 17.93
C VAL E 200 28.08 31.23 18.66
N ASP E 201 27.24 31.00 19.66
CA ASP E 201 26.73 32.10 20.48
C ASP E 201 27.86 32.79 21.24
N LEU E 202 28.77 32.02 21.84
CA LEU E 202 29.87 32.60 22.58
C LEU E 202 30.79 33.41 21.68
N LEU E 203 31.11 32.88 20.50
CA LEU E 203 31.88 33.66 19.54
C LEU E 203 31.11 34.91 19.10
N GLY E 204 29.78 34.83 19.11
CA GLY E 204 28.97 36.00 18.81
C GLY E 204 28.95 37.04 19.90
N GLU E 205 29.29 36.65 21.13
CA GLU E 205 29.43 37.62 22.21
C GLU E 205 30.78 38.31 22.18
N ILE E 206 31.84 37.55 21.91
CA ILE E 206 33.20 38.07 21.83
C ILE E 206 33.30 39.07 20.68
N PHE E 207 33.22 38.57 19.46
CA PHE E 207 33.19 39.45 18.30
C PHE E 207 31.78 39.98 18.10
N GLY E 208 31.66 41.30 17.99
CA GLY E 208 30.36 41.90 17.76
C GLY E 208 29.95 41.75 16.32
N ILE E 209 29.97 42.88 15.60
CA ILE E 209 29.71 42.87 14.17
C ILE E 209 30.88 42.26 13.40
N ARG E 210 31.97 41.96 14.09
CA ARG E 210 33.13 41.35 13.43
C ARG E 210 32.83 39.95 12.93
N LYS E 211 31.97 39.21 13.63
CA LYS E 211 31.54 37.90 13.17
C LYS E 211 30.41 38.07 12.16
N MET E 212 30.63 37.59 10.93
CA MET E 212 29.69 37.83 9.84
C MET E 212 28.30 37.26 10.15
N GLY E 213 28.25 36.19 10.96
CA GLY E 213 26.96 35.65 11.35
C GLY E 213 26.09 36.66 12.09
N ASN E 214 26.70 37.54 12.88
CA ASN E 214 25.93 38.58 13.56
C ASN E 214 25.41 39.64 12.60
N ARG E 215 26.06 39.81 11.45
CA ARG E 215 25.54 40.70 10.41
C ARG E 215 24.42 40.06 9.60
N HIS E 216 24.21 38.75 9.75
CA HIS E 216 23.13 38.03 9.08
C HIS E 216 22.35 37.23 10.10
N LYS E 217 21.84 37.93 11.12
CA LYS E 217 21.13 37.26 12.20
C LYS E 217 19.87 36.59 11.68
N PHE E 218 19.57 35.42 12.22
CA PHE E 218 18.35 34.71 11.84
C PHE E 218 17.14 35.51 12.31
N PRO E 219 16.13 35.68 11.45
CA PRO E 219 14.97 36.50 11.85
C PRO E 219 14.24 35.91 13.04
N LYS E 220 13.73 36.79 13.91
CA LYS E 220 12.98 36.37 15.07
C LYS E 220 11.63 35.80 14.64
N GLU E 221 11.03 35.04 15.55
CA GLU E 221 9.75 34.39 15.28
C GLU E 221 8.66 35.41 14.98
N GLU E 222 8.74 36.61 15.56
CA GLU E 222 7.68 37.60 15.39
C GLU E 222 7.57 38.12 13.96
N ILE E 223 8.62 37.97 13.16
CA ILE E 223 8.63 38.42 11.77
C ILE E 223 8.84 37.28 10.79
N TYR E 224 8.73 36.04 11.24
CA TYR E 224 8.94 34.87 10.42
C TYR E 224 7.59 34.33 9.97
N ASN E 225 7.40 34.21 8.66
CA ASN E 225 6.12 33.75 8.12
C ASN E 225 5.94 32.26 8.41
N THR E 226 4.82 31.91 9.07
CA THR E 226 4.49 30.55 9.45
C THR E 226 5.71 29.92 10.13
N PRO E 227 6.10 30.41 11.32
CA PRO E 227 7.36 29.98 11.92
C PRO E 227 7.38 28.53 12.36
N SER E 228 6.23 27.86 12.46
CA SER E 228 6.23 26.46 12.85
C SER E 228 6.82 25.56 11.77
N ILE E 229 6.89 26.04 10.53
CA ILE E 229 7.53 25.30 9.45
C ILE E 229 9.02 25.66 9.51
N ARG E 230 9.78 24.89 10.29
CA ARG E 230 11.19 25.17 10.47
C ARG E 230 12.06 24.53 9.39
N PHE E 231 11.87 23.22 9.17
CA PHE E 231 12.72 22.46 8.26
C PHE E 231 12.05 22.14 6.94
N GLY E 232 10.80 22.54 6.74
CA GLY E 232 10.06 22.17 5.54
C GLY E 232 9.62 23.34 4.69
N ARG E 233 10.51 24.32 4.54
CA ARG E 233 10.23 25.52 3.74
C ARG E 233 10.56 25.28 2.27
N GLU E 234 9.94 24.25 1.71
CA GLU E 234 10.21 23.89 0.33
C GLU E 234 9.46 24.77 -0.66
N HIS E 235 8.25 25.20 -0.32
CA HIS E 235 7.49 26.11 -1.17
C HIS E 235 8.33 27.36 -1.47
N TYR E 236 8.49 27.66 -2.76
CA TYR E 236 9.42 28.70 -3.17
C TYR E 236 8.87 30.11 -2.98
N GLU E 237 7.64 30.27 -2.49
CA GLU E 237 7.24 31.60 -2.05
C GLU E 237 7.96 32.01 -0.77
N PHE E 238 8.42 31.03 0.02
CA PHE E 238 9.25 31.36 1.19
C PHE E 238 10.55 32.02 0.79
N GLN E 239 11.02 31.81 -0.44
CA GLN E 239 12.23 32.49 -0.89
C GLN E 239 12.05 34.00 -0.88
N TYR E 240 10.80 34.47 -1.01
CA TYR E 240 10.50 35.89 -0.94
C TYR E 240 10.10 36.33 0.47
N LEU E 241 9.28 35.53 1.16
CA LEU E 241 8.84 35.91 2.50
C LEU E 241 9.98 35.88 3.50
N ASP E 242 10.92 34.94 3.34
CA ASP E 242 12.06 34.89 4.24
C ASP E 242 13.03 36.03 3.95
N LEU E 243 13.09 36.51 2.71
CA LEU E 243 13.87 37.69 2.41
C LEU E 243 13.28 38.92 3.08
N LEU E 244 11.94 39.00 3.14
CA LEU E 244 11.30 40.06 3.90
C LEU E 244 11.72 40.01 5.37
N SER E 245 11.63 38.82 5.98
CA SER E 245 12.03 38.68 7.37
C SER E 245 13.51 38.98 7.56
N ARG E 246 14.34 38.56 6.62
CA ARG E 246 15.77 38.81 6.71
C ARG E 246 16.08 40.30 6.65
N VAL E 247 15.25 41.08 5.94
CA VAL E 247 15.44 42.51 5.87
C VAL E 247 14.98 43.18 7.17
N LEU E 248 13.82 42.77 7.68
CA LEU E 248 13.31 43.32 8.93
C LEU E 248 14.22 43.00 10.11
N GLU E 249 15.10 42.00 9.98
CA GLU E 249 15.96 41.62 11.09
C GLU E 249 17.31 42.33 11.04
N ASN E 250 17.87 42.52 9.84
CA ASN E 250 19.21 43.07 9.67
C ASN E 250 19.24 44.38 8.89
N GLY E 251 18.10 44.91 8.48
CA GLY E 251 18.10 46.05 7.58
C GLY E 251 18.60 47.32 8.26
N ALA E 252 19.61 47.95 7.66
CA ALA E 252 20.12 49.22 8.15
C ALA E 252 19.24 50.37 7.68
N TYR E 253 18.82 51.21 8.61
CA TYR E 253 18.00 52.37 8.26
C TYR E 253 18.86 53.39 7.49
N ARG E 254 18.49 53.65 6.24
CA ARG E 254 19.30 54.46 5.34
C ARG E 254 18.41 55.42 4.56
N GLU E 255 18.93 56.62 4.31
CA GLU E 255 18.28 57.55 3.41
C GLU E 255 18.61 57.19 1.96
N ASN E 256 17.78 57.66 1.04
CA ASN E 256 18.00 57.40 -0.38
C ASN E 256 17.52 58.62 -1.18
N ARG E 257 17.53 58.49 -2.51
CA ARG E 257 17.22 59.62 -3.37
C ARG E 257 15.82 60.17 -3.14
N THR E 258 14.89 59.35 -2.65
CA THR E 258 13.56 59.81 -2.34
C THR E 258 13.51 60.31 -0.89
N GLY E 259 12.38 60.89 -0.52
CA GLY E 259 12.22 61.33 0.84
C GLY E 259 11.87 60.25 1.84
N ILE E 260 11.81 58.99 1.39
CA ILE E 260 11.35 57.87 2.19
C ILE E 260 12.53 56.94 2.41
N SER E 261 12.96 56.82 3.66
CA SER E 261 14.10 55.97 4.00
C SER E 261 13.72 54.49 3.91
N THR E 262 14.74 53.64 3.84
CA THR E 262 14.56 52.20 3.73
C THR E 262 15.39 51.47 4.78
N TYR E 263 14.99 50.22 5.04
CA TYR E 263 15.81 49.27 5.77
C TYR E 263 16.45 48.34 4.74
N SER E 264 17.77 48.41 4.61
CA SER E 264 18.47 47.83 3.47
C SER E 264 19.52 46.83 3.92
N ILE E 265 19.59 45.71 3.20
CA ILE E 265 20.70 44.78 3.29
C ILE E 265 21.26 44.59 1.88
N PHE E 266 22.43 43.96 1.80
CA PHE E 266 23.13 43.83 0.53
C PHE E 266 23.49 42.37 0.28
N GLY E 267 23.25 41.92 -0.95
CA GLY E 267 23.61 40.58 -1.36
C GLY E 267 22.61 39.51 -0.93
N GLN E 268 21.50 39.40 -1.65
CA GLN E 268 20.50 38.38 -1.35
C GLN E 268 20.03 37.74 -2.64
N MET E 269 19.44 36.56 -2.52
CA MET E 269 18.98 35.82 -3.69
C MET E 269 17.67 35.09 -3.38
N MET E 270 16.86 34.93 -4.43
CA MET E 270 15.64 34.14 -4.40
C MET E 270 15.62 33.25 -5.63
N ARG E 271 15.23 31.99 -5.45
CA ARG E 271 15.08 31.09 -6.58
C ARG E 271 13.69 30.49 -6.59
N PHE E 272 13.13 30.34 -7.79
CA PHE E 272 11.77 29.86 -7.96
C PHE E 272 11.74 28.80 -9.04
N ASP E 273 10.79 27.87 -8.91
CA ASP E 273 10.54 26.88 -9.95
C ASP E 273 9.51 27.44 -10.93
N MET E 274 9.70 27.13 -12.21
CA MET E 274 8.76 27.51 -13.26
C MET E 274 8.24 26.31 -14.05
N ARG E 275 8.72 25.11 -13.76
CA ARG E 275 8.24 23.93 -14.45
C ARG E 275 6.83 23.56 -14.02
N GLU E 276 6.61 23.43 -12.71
CA GLU E 276 5.35 22.94 -12.17
C GLU E 276 4.45 24.04 -11.65
N SER E 277 4.85 25.30 -11.75
CA SER E 277 4.04 26.40 -11.22
C SER E 277 4.58 27.71 -11.78
N PHE E 278 3.87 28.79 -11.47
CA PHE E 278 4.24 30.14 -11.88
C PHE E 278 4.46 31.00 -10.65
N PRO E 279 5.63 31.63 -10.49
CA PRO E 279 5.93 32.32 -9.23
C PRO E 279 5.16 33.62 -9.06
N LEU E 280 3.85 33.53 -8.87
CA LEU E 280 3.02 34.68 -8.57
C LEU E 280 2.62 34.59 -7.10
N LEU E 281 2.97 35.62 -6.32
CA LEU E 281 2.78 35.55 -4.87
C LEU E 281 1.31 35.37 -4.53
N THR E 282 1.05 34.46 -3.59
CA THR E 282 -0.30 34.20 -3.12
C THR E 282 -0.66 34.96 -1.84
N THR E 283 0.34 35.42 -1.08
CA THR E 283 0.07 36.18 0.13
C THR E 283 -0.48 37.57 -0.15
N LYS E 284 -0.66 37.94 -1.42
CA LYS E 284 -1.20 39.23 -1.81
C LYS E 284 -1.63 39.15 -3.27
N LYS E 285 -2.79 39.72 -3.58
CA LYS E 285 -3.28 39.74 -4.95
C LYS E 285 -2.37 40.64 -5.79
N VAL E 286 -1.50 40.01 -6.58
CA VAL E 286 -0.56 40.75 -7.42
C VAL E 286 -1.22 41.07 -8.75
N ALA E 287 -1.13 42.34 -9.17
CA ALA E 287 -1.72 42.80 -10.43
C ALA E 287 -0.97 42.17 -11.60
N ILE E 288 -1.38 40.96 -11.96
CA ILE E 288 -0.69 40.21 -13.01
C ILE E 288 -0.85 40.89 -14.36
N ARG E 289 -1.99 41.53 -14.61
CA ARG E 289 -2.21 42.19 -15.89
C ARG E 289 -1.24 43.35 -16.08
N SER E 290 -1.02 44.16 -15.05
CA SER E 290 -0.09 45.28 -15.15
C SER E 290 1.35 44.79 -15.36
N ILE E 291 1.70 43.66 -14.74
CA ILE E 291 3.04 43.09 -14.94
C ILE E 291 3.26 42.74 -16.40
N PHE E 292 2.27 42.09 -17.01
CA PHE E 292 2.39 41.69 -18.42
C PHE E 292 2.48 42.91 -19.32
N GLU E 293 1.55 43.85 -19.15
CA GLU E 293 1.50 45.01 -20.03
C GLU E 293 2.79 45.82 -19.96
N GLU E 294 3.47 45.79 -18.81
CA GLU E 294 4.77 46.43 -18.71
C GLU E 294 5.84 45.61 -19.44
N LEU E 295 5.73 44.29 -19.38
CA LEU E 295 6.74 43.43 -20.01
C LEU E 295 6.65 43.50 -21.53
N ILE E 296 5.44 43.41 -22.09
CA ILE E 296 5.29 43.53 -23.53
C ILE E 296 5.65 44.94 -23.97
N TRP E 297 5.47 45.92 -23.07
CA TRP E 297 5.91 47.28 -23.35
C TRP E 297 7.43 47.34 -23.48
N PHE E 298 8.14 46.56 -22.66
CA PHE E 298 9.59 46.46 -22.80
C PHE E 298 9.98 45.75 -24.09
N ILE E 299 9.31 44.64 -24.41
CA ILE E 299 9.72 43.81 -25.53
C ILE E 299 9.61 44.56 -26.85
N LYS E 300 8.53 45.34 -27.01
CA LYS E 300 8.36 46.15 -28.21
C LYS E 300 9.36 47.29 -28.32
N GLY E 301 10.25 47.46 -27.34
CA GLY E 301 11.19 48.55 -27.37
C GLY E 301 10.59 49.90 -27.07
N ASP E 302 9.42 49.92 -26.43
CA ASP E 302 8.65 51.14 -26.25
C ASP E 302 9.07 51.84 -24.95
N THR E 303 9.33 53.14 -25.05
CA THR E 303 9.62 53.96 -23.87
C THR E 303 8.58 55.04 -23.66
N ASN E 304 7.50 55.03 -24.44
CA ASN E 304 6.42 56.01 -24.30
C ASN E 304 5.58 55.63 -23.09
N GLY E 305 5.67 56.44 -22.03
CA GLY E 305 4.94 56.14 -20.82
C GLY E 305 3.43 56.26 -20.94
N ASN E 306 2.94 56.94 -21.99
CA ASN E 306 1.50 57.07 -22.16
C ASN E 306 0.87 55.76 -22.63
N HIS E 307 1.60 54.95 -23.39
CA HIS E 307 1.06 53.69 -23.87
C HIS E 307 0.70 52.74 -22.73
N LEU E 308 1.32 52.92 -21.57
CA LEU E 308 0.91 52.16 -20.40
C LEU E 308 -0.29 52.82 -19.70
N ILE E 309 -0.30 54.14 -19.63
CA ILE E 309 -1.43 54.83 -19.01
C ILE E 309 -2.69 54.68 -19.86
N GLU E 310 -2.54 54.62 -21.19
CA GLU E 310 -3.68 54.39 -22.06
C GLU E 310 -4.26 52.99 -21.89
N LYS E 311 -3.48 52.06 -21.35
CA LYS E 311 -3.95 50.72 -21.04
C LYS E 311 -4.26 50.54 -19.56
N LYS E 312 -4.52 51.65 -18.85
CA LYS E 312 -4.86 51.62 -17.42
C LYS E 312 -3.76 50.99 -16.59
N VAL E 313 -2.51 51.29 -16.93
CA VAL E 313 -1.34 50.85 -16.18
C VAL E 313 -0.58 52.12 -15.79
N TYR E 314 -0.57 52.44 -14.50
CA TYR E 314 -0.06 53.71 -14.02
C TYR E 314 1.20 53.56 -13.17
N ILE E 315 1.97 52.48 -13.39
CA ILE E 315 3.15 52.24 -12.57
C ILE E 315 4.30 53.18 -12.92
N TRP E 316 4.29 53.77 -14.11
CA TRP E 316 5.34 54.69 -14.52
C TRP E 316 4.87 56.14 -14.55
N SER E 317 3.79 56.46 -13.84
CA SER E 317 3.34 57.85 -13.78
C SER E 317 4.20 58.67 -12.82
N GLY E 318 4.62 58.07 -11.71
CA GLY E 318 5.41 58.80 -10.73
C GLY E 318 6.79 59.20 -11.24
N ASN E 319 7.51 58.23 -11.82
CA ASN E 319 8.84 58.47 -12.39
C ASN E 319 8.78 59.11 -13.77
N GLY E 320 7.65 59.65 -14.19
CA GLY E 320 7.57 60.24 -15.51
C GLY E 320 6.91 61.59 -15.58
N SER E 321 6.17 61.99 -14.53
CA SER E 321 5.49 63.28 -14.49
C SER E 321 6.43 64.45 -14.79
N LYS E 322 5.86 65.57 -15.25
CA LYS E 322 6.67 66.75 -15.57
C LYS E 322 7.43 67.25 -14.35
N GLU E 323 6.84 67.12 -13.15
CA GLU E 323 7.49 67.62 -11.95
C GLU E 323 8.70 66.77 -11.59
N TYR E 324 8.61 65.45 -11.78
CA TYR E 324 9.75 64.58 -11.51
C TYR E 324 10.83 64.72 -12.57
N LEU E 325 10.42 64.86 -13.84
CA LEU E 325 11.40 64.95 -14.92
C LEU E 325 12.21 66.24 -14.83
N GLU E 326 11.55 67.36 -14.49
CA GLU E 326 12.28 68.61 -14.29
C GLU E 326 13.18 68.53 -13.07
N ARG E 327 12.79 67.75 -12.06
CA ARG E 327 13.57 67.65 -10.84
C ARG E 327 14.94 67.02 -11.08
N ILE E 328 15.01 66.03 -11.97
CA ILE E 328 16.26 65.34 -12.26
C ILE E 328 16.97 65.91 -13.48
N GLY E 329 16.55 67.08 -13.95
CA GLY E 329 17.23 67.73 -15.05
C GLY E 329 16.81 67.29 -16.44
N LEU E 330 15.60 66.76 -16.58
CA LEU E 330 15.06 66.33 -17.87
C LEU E 330 13.79 67.10 -18.21
N GLY E 331 13.79 68.40 -17.93
CA GLY E 331 12.63 69.23 -18.21
C GLY E 331 12.33 69.43 -19.68
N HIS E 332 13.27 69.07 -20.57
CA HIS E 332 13.05 69.18 -22.00
C HIS E 332 12.21 68.04 -22.56
N ARG E 333 11.91 67.02 -21.76
CA ARG E 333 11.16 65.86 -22.22
C ARG E 333 9.65 66.14 -22.18
N GLU E 334 8.91 65.32 -22.92
CA GLU E 334 7.45 65.40 -22.92
C GLU E 334 6.91 64.87 -21.58
N GLU E 335 5.57 64.85 -21.47
CA GLU E 335 4.93 64.48 -20.22
C GLU E 335 5.35 63.11 -19.72
N ASN E 336 5.45 62.12 -20.62
CA ASN E 336 5.78 60.78 -20.18
C ASN E 336 6.92 60.18 -21.00
N ASP E 337 7.81 61.01 -21.53
CA ASP E 337 8.96 60.52 -22.29
C ASP E 337 10.00 60.02 -21.30
N LEU E 338 9.90 58.74 -20.96
CA LEU E 338 10.77 58.16 -19.94
C LEU E 338 12.23 58.06 -20.40
N GLY E 339 12.50 58.25 -21.68
CA GLY E 339 13.85 58.19 -22.19
C GLY E 339 14.29 56.76 -22.46
N PRO E 340 15.55 56.59 -22.85
CA PRO E 340 16.02 55.23 -23.18
C PRO E 340 16.18 54.36 -21.95
N ILE E 341 15.27 53.41 -21.77
CA ILE E 341 15.29 52.58 -20.57
C ILE E 341 15.15 51.13 -21.03
N TYR E 342 14.73 50.27 -20.11
CA TYR E 342 14.64 48.82 -20.35
C TYR E 342 14.25 48.48 -21.78
N GLY E 343 13.16 49.09 -22.27
CA GLY E 343 12.69 48.76 -23.60
C GLY E 343 13.65 49.19 -24.70
N PHE E 344 14.27 50.36 -24.53
CA PHE E 344 15.15 50.87 -25.58
C PHE E 344 16.46 50.09 -25.63
N GLN E 345 17.01 49.73 -24.47
CA GLN E 345 18.30 49.04 -24.45
C GLN E 345 18.18 47.58 -24.90
N TRP E 346 17.01 46.97 -24.74
CA TRP E 346 16.82 45.59 -25.17
C TRP E 346 16.83 45.48 -26.69
N ARG E 347 16.23 46.46 -27.38
CA ARG E 347 16.06 46.39 -28.83
C ARG E 347 16.97 47.34 -29.60
N HIS E 348 17.46 48.41 -28.97
CA HIS E 348 18.30 49.40 -29.62
C HIS E 348 19.41 49.85 -28.66
N TYR E 349 20.30 48.92 -28.30
CA TYR E 349 21.39 49.24 -27.39
C TYR E 349 22.38 50.19 -28.06
N ASN E 350 22.86 51.18 -27.29
CA ASN E 350 23.74 52.23 -27.81
C ASN E 350 23.07 53.02 -28.93
N GLY E 351 21.74 53.13 -28.88
CA GLY E 351 20.99 53.84 -29.90
C GLY E 351 20.84 55.31 -29.58
N GLU E 352 21.07 56.14 -30.60
CA GLU E 352 20.94 57.58 -30.45
C GLU E 352 19.51 57.95 -30.09
N TYR E 353 19.24 58.16 -28.81
CA TYR E 353 17.88 58.47 -28.38
C TYR E 353 17.56 59.92 -28.70
N LYS E 354 16.39 60.14 -29.32
CA LYS E 354 15.90 61.48 -29.56
C LYS E 354 14.68 61.69 -28.70
N THR E 355 13.48 61.30 -29.14
CA THR E 355 12.27 61.36 -28.34
C THR E 355 11.57 60.00 -28.39
N MET E 356 10.42 59.92 -27.74
CA MET E 356 9.63 58.69 -27.72
C MET E 356 8.73 58.54 -28.93
N HIS E 357 8.70 59.53 -29.82
CA HIS E 357 7.89 59.48 -31.03
C HIS E 357 8.71 59.16 -32.28
N ASP E 358 10.02 59.11 -32.16
CA ASP E 358 10.88 58.88 -33.32
C ASP E 358 10.91 57.40 -33.67
N ASP E 359 11.36 57.12 -34.89
CA ASP E 359 11.44 55.77 -35.42
C ASP E 359 12.85 55.25 -35.25
N TYR E 360 13.05 54.35 -34.29
CA TYR E 360 14.36 53.77 -34.00
C TYR E 360 14.56 52.42 -34.68
N THR E 361 13.85 52.16 -35.77
CA THR E 361 13.95 50.87 -36.46
C THR E 361 15.32 50.73 -37.09
N GLY E 362 16.05 49.68 -36.70
CA GLY E 362 17.37 49.38 -37.24
C GLY E 362 18.53 49.93 -36.43
N VAL E 363 18.33 51.02 -35.68
CA VAL E 363 19.41 51.62 -34.92
C VAL E 363 19.61 50.85 -33.62
N GLY E 364 20.85 50.80 -33.15
CA GLY E 364 21.19 50.10 -31.94
C GLY E 364 21.43 48.61 -32.17
N VAL E 365 21.71 47.92 -31.07
CA VAL E 365 21.97 46.49 -31.07
C VAL E 365 20.73 45.80 -30.49
N ASP E 366 20.05 45.01 -31.32
CA ASP E 366 18.86 44.30 -30.89
C ASP E 366 19.30 43.07 -30.09
N GLN E 367 19.42 43.25 -28.77
CA GLN E 367 19.82 42.14 -27.92
C GLN E 367 18.77 41.03 -27.90
N LEU E 368 17.48 41.40 -27.79
CA LEU E 368 16.44 40.39 -27.68
C LEU E 368 16.37 39.52 -28.92
N ALA E 369 16.53 40.11 -30.11
CA ALA E 369 16.56 39.31 -31.33
C ALA E 369 17.75 38.38 -31.34
N LYS E 370 18.95 38.92 -31.04
CA LYS E 370 20.13 38.07 -30.97
C LYS E 370 20.01 37.04 -29.85
N LEU E 371 19.34 37.39 -28.75
CA LEU E 371 19.14 36.44 -27.66
C LEU E 371 18.28 35.27 -28.13
N ILE E 372 17.16 35.56 -28.77
CA ILE E 372 16.30 34.51 -29.31
C ILE E 372 17.03 33.73 -30.39
N GLU E 373 17.81 34.44 -31.22
CA GLU E 373 18.55 33.77 -32.27
C GLU E 373 19.59 32.80 -31.72
N THR E 374 20.33 33.22 -30.69
CA THR E 374 21.36 32.36 -30.12
C THR E 374 20.78 31.26 -29.24
N LEU E 375 19.60 31.47 -28.66
CA LEU E 375 19.02 30.49 -27.75
C LEU E 375 18.70 29.18 -28.47
N LYS E 376 18.25 29.27 -29.72
CA LYS E 376 17.87 28.07 -30.45
C LYS E 376 18.94 27.56 -31.42
N ASN E 377 19.90 28.40 -31.82
CA ASN E 377 20.98 27.92 -32.68
C ASN E 377 22.18 27.42 -31.90
N ASN E 378 22.51 28.06 -30.77
CA ASN E 378 23.61 27.64 -29.91
C ASN E 378 23.09 27.58 -28.48
N PRO E 379 22.36 26.52 -28.13
CA PRO E 379 21.71 26.51 -26.80
C PRO E 379 22.69 26.40 -25.65
N LYS E 380 23.77 25.63 -25.80
CA LYS E 380 24.73 25.47 -24.71
C LYS E 380 25.73 26.62 -24.64
N ASP E 381 25.58 27.63 -25.48
CA ASP E 381 26.41 28.83 -25.40
C ASP E 381 26.11 29.55 -24.09
N ARG E 382 27.13 29.72 -23.26
CA ARG E 382 26.96 30.34 -21.95
C ARG E 382 27.13 31.87 -22.00
N ARG E 383 26.59 32.51 -23.05
CA ARG E 383 26.66 33.97 -23.20
C ARG E 383 25.29 34.56 -23.49
N HIS E 384 24.21 33.83 -23.23
CA HIS E 384 22.84 34.30 -23.45
C HIS E 384 22.53 35.37 -22.41
N ILE E 385 22.96 36.60 -22.70
CA ILE E 385 22.92 37.70 -21.75
C ILE E 385 22.10 38.84 -22.33
N LEU E 386 21.19 39.38 -21.53
CA LEU E 386 20.40 40.56 -21.88
C LEU E 386 20.66 41.63 -20.82
N THR E 387 21.40 42.67 -21.19
CA THR E 387 21.80 43.72 -20.26
C THR E 387 21.01 45.00 -20.52
N ALA E 388 20.88 45.82 -19.48
CA ALA E 388 20.22 47.10 -19.58
C ALA E 388 21.04 48.24 -18.96
N TRP E 389 22.25 47.95 -18.48
CA TRP E 389 23.08 48.96 -17.84
C TRP E 389 24.04 49.52 -18.89
N ASN E 390 23.71 50.69 -19.43
CA ASN E 390 24.53 51.39 -20.41
C ASN E 390 24.98 52.72 -19.81
N PRO E 391 26.23 52.83 -19.36
CA PRO E 391 26.66 54.09 -18.72
C PRO E 391 26.56 55.31 -19.62
N SER E 392 26.58 55.14 -20.94
CA SER E 392 26.50 56.27 -21.84
C SER E 392 25.11 56.88 -21.90
N ALA E 393 24.08 56.22 -21.35
CA ALA E 393 22.72 56.70 -21.43
C ALA E 393 22.05 56.90 -20.08
N LEU E 394 22.77 56.66 -18.97
CA LEU E 394 22.16 56.77 -17.65
C LEU E 394 21.63 58.18 -17.41
N SER E 395 22.37 59.21 -17.85
CA SER E 395 21.95 60.59 -17.63
C SER E 395 20.67 60.93 -18.39
N GLN E 396 20.37 60.22 -19.48
CA GLN E 396 19.15 60.46 -20.24
C GLN E 396 17.96 59.66 -19.73
N MET E 397 18.16 58.69 -18.85
CA MET E 397 17.06 57.87 -18.36
C MET E 397 16.28 58.57 -17.27
N ALA E 398 14.96 58.41 -17.30
CA ALA E 398 14.14 58.89 -16.18
C ALA E 398 14.45 58.13 -14.91
N LEU E 399 14.96 56.92 -15.03
CA LEU E 399 15.35 56.08 -13.90
C LEU E 399 16.30 55.01 -14.39
N PRO E 400 17.45 54.85 -13.74
CA PRO E 400 18.38 53.80 -14.16
C PRO E 400 17.76 52.44 -14.00
N PRO E 401 18.20 51.46 -14.79
CA PRO E 401 17.58 50.13 -14.72
C PRO E 401 17.80 49.49 -13.35
N CYS E 402 16.72 48.94 -12.79
CA CYS E 402 16.82 48.18 -11.55
C CYS E 402 17.23 46.73 -11.83
N HIS E 403 16.55 46.08 -12.75
CA HIS E 403 17.00 44.78 -13.25
C HIS E 403 17.98 45.04 -14.39
N VAL E 404 19.26 45.00 -14.07
CA VAL E 404 20.29 45.51 -14.99
C VAL E 404 20.74 44.47 -16.01
N LEU E 405 20.78 43.19 -15.63
CA LEU E 405 21.37 42.17 -16.49
C LEU E 405 20.73 40.83 -16.18
N SER E 406 20.34 40.12 -17.24
CA SER E 406 19.76 38.79 -17.11
C SER E 406 20.51 37.82 -18.01
N GLN E 407 20.65 36.58 -17.53
CA GLN E 407 21.30 35.52 -18.30
C GLN E 407 20.38 34.33 -18.39
N TYR E 408 20.45 33.63 -19.51
CA TYR E 408 19.56 32.51 -19.81
C TYR E 408 20.39 31.29 -20.16
N TYR E 409 19.81 30.12 -19.91
CA TYR E 409 20.54 28.86 -19.90
C TYR E 409 19.63 27.75 -20.38
N VAL E 410 20.10 26.97 -21.34
CA VAL E 410 19.33 25.84 -21.88
C VAL E 410 19.86 24.56 -21.25
N THR E 411 19.02 23.87 -20.50
CA THR E 411 19.42 22.64 -19.84
C THR E 411 19.42 21.48 -20.83
N ASN E 412 19.97 20.34 -20.40
CA ASN E 412 20.04 19.18 -21.27
C ASN E 412 18.67 18.58 -21.55
N ASP E 413 17.67 18.86 -20.71
CA ASP E 413 16.31 18.43 -20.96
C ASP E 413 15.44 19.53 -21.57
N ASN E 414 16.06 20.43 -22.32
CA ASN E 414 15.35 21.43 -23.14
C ASN E 414 14.46 22.33 -22.29
N CYS E 415 14.99 22.79 -21.16
CA CYS E 415 14.34 23.79 -20.32
C CYS E 415 15.18 25.05 -20.32
N LEU E 416 14.52 26.19 -20.13
CA LEU E 416 15.17 27.50 -20.18
C LEU E 416 15.15 28.12 -18.79
N SER E 417 16.31 28.16 -18.14
CA SER E 417 16.47 28.81 -16.86
C SER E 417 16.93 30.26 -17.04
N CYS E 418 16.69 31.08 -16.02
CA CYS E 418 16.98 32.51 -16.08
C CYS E 418 17.61 32.98 -14.79
N ASN E 419 18.68 33.76 -14.92
CA ASN E 419 19.32 34.44 -13.80
C ASN E 419 19.20 35.94 -14.00
N LEU E 420 18.75 36.65 -12.97
CA LEU E 420 18.61 38.10 -13.02
C LEU E 420 19.42 38.71 -11.90
N TYR E 421 20.19 39.75 -12.23
CA TYR E 421 20.82 40.57 -11.21
C TYR E 421 20.05 41.88 -11.09
N GLN E 422 19.64 42.20 -9.87
CA GLN E 422 18.86 43.40 -9.58
C GLN E 422 19.65 44.27 -8.62
N ARG E 423 20.04 45.46 -9.08
CA ARG E 423 20.86 46.33 -8.24
C ARG E 423 20.08 46.88 -7.06
N SER E 424 18.80 47.18 -7.27
CA SER E 424 17.96 47.78 -6.24
C SER E 424 16.60 47.12 -6.30
N CYS E 425 16.12 46.65 -5.15
CA CYS E 425 14.89 45.86 -5.09
C CYS E 425 13.96 46.46 -4.04
N ASP E 426 12.88 47.08 -4.51
CA ASP E 426 11.82 47.60 -3.64
C ASP E 426 10.91 46.43 -3.28
N LEU E 427 11.25 45.71 -2.22
CA LEU E 427 10.40 44.64 -1.73
C LEU E 427 9.04 45.21 -1.33
N GLY E 428 7.98 44.61 -1.86
CA GLY E 428 6.65 45.12 -1.60
C GLY E 428 5.99 45.62 -2.86
N LEU E 429 6.76 46.33 -3.71
CA LEU E 429 6.26 46.80 -4.99
C LEU E 429 7.08 46.21 -6.13
N GLY E 430 8.36 46.56 -6.25
CA GLY E 430 9.12 46.12 -7.41
C GLY E 430 9.39 44.63 -7.42
N SER E 431 9.66 44.05 -6.25
CA SER E 431 10.05 42.64 -6.20
C SER E 431 8.93 41.70 -6.66
N PRO E 432 7.70 41.80 -6.15
CA PRO E 432 6.65 40.91 -6.70
C PRO E 432 6.44 41.08 -8.19
N PHE E 433 6.66 42.28 -8.72
CA PHE E 433 6.57 42.48 -10.16
C PHE E 433 7.75 41.84 -10.88
N ASN E 434 8.97 42.05 -10.38
CA ASN E 434 10.14 41.49 -11.05
C ASN E 434 10.13 39.97 -11.02
N ILE E 435 9.54 39.37 -9.98
CA ILE E 435 9.45 37.91 -9.92
C ILE E 435 8.59 37.38 -11.05
N ALA E 436 7.40 37.95 -11.21
CA ALA E 436 6.49 37.48 -12.25
C ALA E 436 6.90 37.97 -13.63
N SER E 437 7.47 39.17 -13.73
CA SER E 437 7.84 39.70 -15.04
C SER E 437 8.89 38.83 -15.72
N TYR E 438 10.00 38.58 -15.03
CA TYR E 438 11.05 37.75 -15.63
C TYR E 438 10.66 36.28 -15.69
N ALA E 439 9.64 35.87 -14.93
CA ALA E 439 9.10 34.52 -15.13
C ALA E 439 8.32 34.44 -16.43
N ILE E 440 7.47 35.43 -16.69
CA ILE E 440 6.73 35.48 -17.95
C ILE E 440 7.70 35.60 -19.12
N LEU E 441 8.70 36.47 -18.99
CA LEU E 441 9.67 36.67 -20.07
C LEU E 441 10.38 35.37 -20.42
N THR E 442 10.78 34.59 -19.41
CA THR E 442 11.44 33.33 -19.68
C THR E 442 10.48 32.33 -20.35
N MET E 443 9.23 32.32 -19.91
CA MET E 443 8.24 31.45 -20.55
C MET E 443 8.00 31.86 -21.99
N MET E 444 7.94 33.17 -22.25
CA MET E 444 7.81 33.65 -23.62
C MET E 444 9.01 33.23 -24.46
N LEU E 445 10.23 33.41 -23.94
CA LEU E 445 11.41 32.97 -24.66
C LEU E 445 11.41 31.46 -24.85
N ALA E 446 10.83 30.71 -23.91
CA ALA E 446 10.82 29.26 -24.03
C ALA E 446 9.92 28.79 -25.17
N GLN E 447 8.79 29.46 -25.37
CA GLN E 447 7.88 29.05 -26.44
C GLN E 447 8.44 29.43 -27.80
N VAL E 448 8.95 30.65 -27.93
CA VAL E 448 9.48 31.11 -29.21
C VAL E 448 10.70 30.29 -29.63
N CYS E 449 11.48 29.83 -28.65
CA CYS E 449 12.67 29.03 -28.94
C CYS E 449 12.41 27.53 -28.92
N GLY E 450 11.22 27.10 -28.50
CA GLY E 450 10.89 25.68 -28.48
C GLY E 450 11.38 24.94 -27.26
N TYR E 451 11.40 25.58 -26.10
CA TYR E 451 11.80 24.94 -24.85
C TYR E 451 10.65 25.00 -23.84
N GLU E 452 10.91 24.43 -22.67
CA GLU E 452 10.00 24.47 -21.54
C GLU E 452 10.53 25.39 -20.45
N PRO E 453 9.68 25.88 -19.57
CA PRO E 453 10.16 26.73 -18.47
C PRO E 453 11.08 25.93 -17.55
N GLY E 454 12.08 26.62 -17.01
CA GLY E 454 13.02 25.99 -16.10
C GLY E 454 12.98 26.58 -14.71
N GLU E 455 14.07 27.23 -14.31
CA GLU E 455 14.19 27.85 -12.99
C GLU E 455 14.42 29.33 -13.15
N LEU E 456 14.05 30.09 -12.11
CA LEU E 456 14.26 31.53 -12.07
C LEU E 456 15.00 31.88 -10.78
N ALA E 457 16.19 32.45 -10.91
CA ALA E 457 16.97 32.92 -9.77
C ALA E 457 17.18 34.41 -9.89
N ILE E 458 16.90 35.14 -8.82
CA ILE E 458 17.02 36.60 -8.78
C ILE E 458 18.09 36.95 -7.76
N PHE E 459 19.21 37.48 -8.23
CA PHE E 459 20.27 37.95 -7.36
C PHE E 459 20.11 39.44 -7.15
N ILE E 460 20.12 39.87 -5.88
CA ILE E 460 19.74 41.23 -5.51
C ILE E 460 20.93 41.92 -4.86
N GLY E 461 21.16 43.16 -5.24
CA GLY E 461 22.12 43.99 -4.55
C GLY E 461 21.50 44.64 -3.33
N ASP E 462 20.91 45.81 -3.52
CA ASP E 462 20.31 46.57 -2.42
C ASP E 462 18.87 46.10 -2.25
N ALA E 463 18.70 45.07 -1.41
CA ALA E 463 17.38 44.58 -1.04
C ALA E 463 16.88 45.37 0.16
N HIS E 464 15.80 46.13 -0.02
CA HIS E 464 15.36 47.09 0.98
C HIS E 464 13.84 47.12 1.08
N ILE E 465 13.36 47.71 2.16
CA ILE E 465 11.93 47.90 2.43
C ILE E 465 11.72 49.35 2.81
N TYR E 466 10.83 50.03 2.09
CA TYR E 466 10.51 51.41 2.42
C TYR E 466 9.72 51.47 3.72
N GLU E 467 10.01 52.49 4.53
CA GLU E 467 9.48 52.55 5.90
C GLU E 467 7.97 52.71 5.95
N ASN E 468 7.35 53.18 4.88
CA ASN E 468 5.89 53.26 4.80
C ASN E 468 5.25 51.96 4.32
N HIS E 469 6.04 50.89 4.18
CA HIS E 469 5.53 49.56 3.85
C HIS E 469 5.62 48.60 5.03
N LEU E 470 6.00 49.09 6.21
CA LEU E 470 6.28 48.20 7.33
C LEU E 470 5.02 47.52 7.84
N THR E 471 3.98 48.30 8.14
CA THR E 471 2.74 47.70 8.63
C THR E 471 2.07 46.85 7.56
N GLN E 472 2.27 47.18 6.29
CA GLN E 472 1.68 46.40 5.21
C GLN E 472 2.40 45.06 5.05
N LEU E 473 3.73 45.09 4.98
CA LEU E 473 4.47 43.84 4.77
C LEU E 473 4.42 42.93 5.99
N LYS E 474 4.31 43.50 7.18
CA LYS E 474 4.09 42.66 8.36
C LYS E 474 2.72 42.00 8.32
N GLU E 475 1.72 42.68 7.74
CA GLU E 475 0.43 42.05 7.52
C GLU E 475 0.53 40.90 6.52
N GLN E 476 1.34 41.08 5.48
CA GLN E 476 1.52 40.02 4.48
C GLN E 476 2.24 38.82 5.06
N LEU E 477 3.14 39.04 6.03
CA LEU E 477 3.87 37.93 6.64
C LEU E 477 2.99 37.10 7.58
N SER E 478 1.82 37.61 7.97
CA SER E 478 0.91 36.88 8.82
C SER E 478 0.08 35.85 8.06
N ARG E 479 0.27 35.73 6.74
CA ARG E 479 -0.56 34.90 5.88
C ARG E 479 0.22 33.68 5.44
N THR E 480 -0.29 32.49 5.79
CA THR E 480 0.33 31.25 5.36
C THR E 480 0.19 31.10 3.85
N PRO E 481 1.28 30.85 3.12
CA PRO E 481 1.20 30.83 1.65
C PRO E 481 0.29 29.74 1.14
N ARG E 482 -0.25 29.97 -0.05
CA ARG E 482 -1.04 29.03 -0.81
C ARG E 482 -0.28 28.60 -2.06
N PRO E 483 -0.62 27.47 -2.66
CA PRO E 483 0.14 26.99 -3.82
C PRO E 483 0.15 28.01 -4.96
N PHE E 484 1.28 28.07 -5.65
CA PHE E 484 1.44 28.95 -6.80
C PHE E 484 0.41 28.60 -7.88
N PRO E 485 0.00 29.57 -8.69
CA PRO E 485 -0.90 29.26 -9.80
C PRO E 485 -0.17 28.63 -10.97
N GLN E 486 -0.87 28.49 -12.11
CA GLN E 486 -0.28 28.06 -13.35
C GLN E 486 -0.48 29.14 -14.40
N LEU E 487 0.51 29.31 -15.27
CA LEU E 487 0.45 30.27 -16.37
C LEU E 487 0.70 29.54 -17.67
N LYS E 488 -0.32 29.47 -18.52
CA LYS E 488 -0.20 28.85 -19.83
C LYS E 488 -0.59 29.86 -20.90
N PHE E 489 -0.01 29.70 -22.08
CA PHE E 489 -0.31 30.56 -23.21
C PHE E 489 -1.41 29.92 -24.05
N LYS E 490 -2.33 30.75 -24.53
CA LYS E 490 -3.47 30.25 -25.30
C LYS E 490 -3.06 29.84 -26.71
N ARG E 491 -2.03 30.46 -27.28
CA ARG E 491 -1.62 30.17 -28.65
C ARG E 491 -0.11 30.26 -28.77
N LYS E 492 0.42 29.62 -29.80
CA LYS E 492 1.84 29.73 -30.15
C LYS E 492 2.03 30.92 -31.09
N VAL E 493 3.03 31.74 -30.80
CA VAL E 493 3.19 33.01 -31.49
C VAL E 493 4.31 32.87 -32.51
N GLU E 494 4.26 33.70 -33.56
CA GLU E 494 5.34 33.72 -34.53
C GLU E 494 6.52 34.54 -34.02
N ASN E 495 6.28 35.81 -33.69
CA ASN E 495 7.27 36.68 -33.10
C ASN E 495 6.90 36.98 -31.65
N ILE E 496 7.92 37.14 -30.81
CA ILE E 496 7.70 37.36 -29.38
C ILE E 496 6.93 38.66 -29.12
N GLU E 497 6.97 39.61 -30.07
CA GLU E 497 6.25 40.86 -29.88
C GLU E 497 4.74 40.68 -30.02
N ASP E 498 4.27 39.56 -30.56
CA ASP E 498 2.86 39.36 -30.87
C ASP E 498 2.03 38.92 -29.68
N PHE E 499 2.64 38.77 -28.50
CA PHE E 499 1.89 38.35 -27.33
C PHE E 499 0.86 39.41 -26.95
N LYS E 500 -0.33 38.96 -26.58
CA LYS E 500 -1.40 39.84 -26.12
C LYS E 500 -1.93 39.34 -24.79
N TRP E 501 -2.58 40.24 -24.06
CA TRP E 501 -3.11 39.89 -22.74
C TRP E 501 -4.19 38.81 -22.83
N GLU E 502 -4.95 38.79 -23.93
CA GLU E 502 -5.96 37.77 -24.11
C GLU E 502 -5.34 36.38 -24.30
N ASP E 503 -4.06 36.32 -24.65
CA ASP E 503 -3.33 35.07 -24.85
C ASP E 503 -2.83 34.46 -23.54
N ILE E 504 -3.23 34.99 -22.38
CA ILE E 504 -2.69 34.59 -21.09
C ILE E 504 -3.80 33.92 -20.28
N GLU E 505 -3.52 32.71 -19.79
CA GLU E 505 -4.43 31.97 -18.92
C GLU E 505 -3.77 31.82 -17.56
N LEU E 506 -4.36 32.42 -16.54
CA LEU E 506 -3.89 32.28 -15.17
C LEU E 506 -4.81 31.30 -14.44
N ILE E 507 -4.30 30.10 -14.17
CA ILE E 507 -5.11 28.98 -13.71
C ILE E 507 -4.78 28.71 -12.25
N GLY E 508 -5.80 28.74 -11.40
CA GLY E 508 -5.63 28.34 -10.01
C GLY E 508 -4.94 29.36 -9.14
N TYR E 509 -5.24 30.64 -9.32
CA TYR E 509 -4.67 31.71 -8.52
C TYR E 509 -5.72 32.17 -7.51
N TYR E 510 -5.53 31.77 -6.25
CA TYR E 510 -6.44 32.12 -5.16
C TYR E 510 -5.64 32.86 -4.08
N PRO E 511 -5.33 34.13 -4.29
CA PRO E 511 -4.47 34.85 -3.36
C PRO E 511 -5.25 35.48 -2.21
N TYR E 512 -4.49 35.99 -1.24
CA TYR E 512 -5.07 36.80 -0.17
C TYR E 512 -5.41 38.19 -0.70
N PRO E 513 -6.28 38.93 -0.02
CA PRO E 513 -6.70 40.25 -0.54
C PRO E 513 -5.52 41.18 -0.77
N THR E 514 -5.73 42.12 -1.68
CA THR E 514 -4.67 43.06 -2.06
C THR E 514 -4.25 43.92 -0.89
N ILE E 515 -3.00 44.40 -0.94
CA ILE E 515 -2.43 45.25 0.10
C ILE E 515 -1.91 46.51 -0.56
N LYS E 516 -2.49 47.66 -0.22
CA LYS E 516 -2.12 48.93 -0.84
C LYS E 516 -0.81 49.45 -0.27
N MET E 517 0.11 49.83 -1.15
CA MET E 517 1.41 50.36 -0.77
C MET E 517 1.79 51.48 -1.74
N ASP E 518 2.12 52.65 -1.19
CA ASP E 518 2.49 53.81 -2.00
C ASP E 518 3.91 53.67 -2.53
N MET E 519 4.12 54.13 -3.76
CA MET E 519 5.44 54.10 -4.37
C MET E 519 6.21 55.38 -4.02
N ALA E 520 7.49 55.22 -3.71
CA ALA E 520 8.36 56.34 -3.42
C ALA E 520 8.97 56.86 -4.72
N VAL E 521 8.65 58.12 -5.05
CA VAL E 521 9.13 58.72 -6.29
C VAL E 521 10.55 59.25 -6.13
PA NDP F . 26.99 6.15 -30.49
O1A NDP F . 26.69 4.90 -31.31
O2A NDP F . 26.06 6.21 -29.32
O5B NDP F . 28.43 6.08 -29.96
C5B NDP F . 29.51 6.05 -30.85
C4B NDP F . 30.84 6.05 -30.25
O4B NDP F . 31.11 4.77 -29.72
C3B NDP F . 31.90 6.29 -31.23
O3B NDP F . 32.11 7.64 -31.42
C2B NDP F . 33.04 5.66 -30.60
O2B NDP F . 33.53 6.47 -29.56
C1B NDP F . 32.46 4.45 -30.03
N9A NDP F . 32.51 3.40 -30.98
C8A NDP F . 31.55 3.09 -31.88
N7A NDP F . 31.95 2.03 -32.61
C5A NDP F . 33.20 1.64 -32.16
C6A NDP F . 34.11 0.62 -32.52
N6A NDP F . 33.78 -0.31 -33.61
N1A NDP F . 35.31 0.52 -31.86
C2A NDP F . 35.60 1.39 -30.86
N3A NDP F . 34.76 2.36 -30.49
C4A NDP F . 33.55 2.51 -31.13
O3 NDP F . 26.81 7.48 -31.36
PN NDP F . 25.58 7.67 -32.35
O1N NDP F . 25.69 9.00 -33.09
O2N NDP F . 25.60 6.55 -33.38
O5D NDP F . 24.21 7.61 -31.49
C5D NDP F . 23.89 8.64 -30.59
C4D NDP F . 22.60 9.27 -30.80
O4D NDP F . 21.62 8.24 -30.76
C3D NDP F . 22.26 10.21 -29.72
O3D NDP F . 21.43 11.19 -30.23
C2D NDP F . 21.53 9.41 -28.79
O2D NDP F . 20.67 10.19 -28.03
C1D NDP F . 20.77 8.51 -29.70
N1N NDP F . 20.35 7.32 -29.04
C2N NDP F . 19.05 7.00 -29.08
C3N NDP F . 18.56 5.84 -28.46
C7N NDP F . 17.09 5.53 -28.54
O7N NDP F . 16.67 4.45 -28.10
N7N NDP F . 16.15 6.47 -29.11
C4N NDP F . 19.46 5.00 -27.78
C5N NDP F . 20.82 5.35 -27.76
C6N NDP F . 21.25 6.51 -28.39
P2B NDP F . 35.03 6.86 -29.50
O1X NDP F . 35.22 8.14 -30.35
O2X NDP F . 35.40 7.12 -28.10
O3X NDP F . 35.92 5.77 -30.02
N1 UFP G . -22.47 -1.29 -44.68
C2 UFP G . -21.86 -1.28 -43.46
N3 UFP G . -21.89 -0.17 -42.69
C4 UFP G . -22.50 0.96 -43.10
C5 UFP G . -23.13 0.97 -44.37
C6 UFP G . -23.08 -0.14 -45.13
O2 UFP G . -21.27 -2.24 -42.99
O4 UFP G . -22.51 1.94 -42.38
F5 UFP G . -23.77 2.06 -44.85
C1' UFP G . -22.52 -2.39 -45.66
C2' UFP G . -22.78 -3.81 -45.10
C3' UFP G . -23.41 -4.50 -46.33
C4' UFP G . -24.32 -3.38 -46.88
O3' UFP G . -22.42 -4.82 -47.31
O4' UFP G . -23.65 -2.14 -46.53
C5' UFP G . -25.69 -3.46 -46.22
O5' UFP G . -26.67 -3.74 -47.20
P UFP G . -27.50 -5.02 -46.69
O1P UFP G . -27.15 -6.27 -47.65
O2P UFP G . -27.12 -5.37 -45.30
O3P UFP G . -29.07 -4.70 -46.72
C13 OEA H . -18.65 3.76 -46.70
C12 OEA H . -17.51 3.93 -47.48
C11 OEA H . -17.60 4.01 -48.87
C10 OEA H . -18.85 3.91 -49.47
C14 OEA H . -16.34 4.17 -49.69
C15 OEA H . -13.88 4.72 -49.21
C21 OEA H . -14.08 7.19 -49.83
C3 OEA H . -21.97 1.40 -47.67
C4 OEA H . -20.87 0.43 -47.60
C5 OEA H . -22.14 2.72 -47.20
C6 OEA H . -23.41 3.13 -47.58
C2 OEA H . -23.14 1.05 -48.34
C1 OEA H . -22.41 -1.01 -48.89
C16 OEA H . -13.06 3.61 -49.04
C17 OEA H . -11.69 3.69 -49.28
C18 OEA H . -11.12 4.88 -49.69
C19 OEA H . -11.93 6.00 -49.86
C20 OEA H . -13.30 5.93 -49.61
C22 OEA H . -11.14 1.92 -47.91
C7 OEA H . -21.12 3.52 -46.43
C8 OEA H . -19.91 3.69 -47.30
C9 OEA H . -20.00 3.76 -48.69
N1 OEA H . -21.23 -0.73 -48.25
N2 OEA H . -23.37 -0.14 -48.95
N3 OEA H . -24.02 2.10 -48.28
N4 OEA H . -22.53 -2.33 -49.50
N5 OEA H . -15.31 4.50 -48.90
O1 OEA H . -19.78 0.54 -47.08
O2 OEA H . -16.26 4.02 -50.90
O3 OEA H . -13.22 8.19 -50.20
O4 OEA H . -15.29 7.36 -49.73
O5 OEA H . -10.91 2.57 -49.10
N1 MTX I . 14.20 4.36 -25.14
C2 MTX I . 14.09 3.00 -25.38
NA2 MTX I . 12.89 2.46 -25.54
N3 MTX I . 15.22 2.22 -25.45
C4 MTX I . 16.46 2.78 -25.28
NA4 MTX I . 17.55 2.00 -25.40
C4A MTX I . 16.58 4.14 -25.05
N5 MTX I . 17.82 4.70 -24.88
C6 MTX I . 17.95 6.06 -24.64
C7 MTX I . 16.81 6.84 -24.56
N8 MTX I . 15.55 6.28 -24.72
C8A MTX I . 15.44 4.93 -24.97
C9 MTX I . 19.31 6.67 -24.45
N10 MTX I . 19.92 6.08 -23.28
CM MTX I . 20.89 4.98 -23.49
C11 MTX I . 18.18 6.66 -19.47
C12 MTX I . 18.12 7.68 -20.42
C13 MTX I . 18.71 7.49 -21.68
C14 MTX I . 19.34 6.29 -21.99
C15 MTX I . 19.37 5.27 -21.04
C16 MTX I . 18.82 5.47 -19.77
C MTX I . 17.55 6.82 -18.11
O MTX I . 17.42 8.11 -17.58
N MTX I . 17.14 5.73 -17.47
CA MTX I . 16.52 5.70 -16.15
CT MTX I . 16.67 4.35 -15.53
O1 MTX I . 17.10 3.40 -16.22
O2 MTX I . 16.37 4.15 -14.33
CB MTX I . 15.03 6.01 -16.26
CG MTX I . 14.49 6.63 -14.98
CD MTX I . 13.00 6.79 -15.07
OE1 MTX I . 12.24 6.09 -14.36
OE2 MTX I . 12.49 7.63 -15.85
PA NDP J . -13.48 -56.70 -16.25
O1A NDP J . -12.82 -55.70 -15.33
O2A NDP J . -13.57 -56.11 -17.64
O5B NDP J . -12.65 -57.98 -16.33
C5B NDP J . -12.41 -58.76 -15.19
C4B NDP J . -11.67 -60.01 -15.38
O4B NDP J . -10.31 -59.77 -15.59
C3B NDP J . -11.75 -60.89 -14.21
O3B NDP J . -12.86 -61.72 -14.26
C2B NDP J . -10.53 -61.65 -14.30
O2B NDP J . -10.72 -62.67 -15.23
C1B NDP J . -9.57 -60.69 -14.81
N9A NDP J . -8.96 -60.01 -13.73
C8A NDP J . -9.40 -58.86 -13.17
N7A NDP J . -8.58 -58.50 -12.17
C5A NDP J . -7.58 -59.45 -12.07
C6A NDP J . -6.46 -59.61 -11.23
N6A NDP J . -6.17 -58.62 -10.17
N1A NDP J . -5.63 -60.69 -11.39
C2A NDP J . -5.92 -61.59 -12.37
N3A NDP J . -6.97 -61.48 -13.19
C4A NDP J . -7.83 -60.41 -13.06
O3 NDP J . -14.96 -57.03 -15.77
PN NDP J . -15.98 -55.89 -15.28
O1N NDP J . -17.30 -56.51 -14.80
O2N NDP J . -15.36 -55.14 -14.12
O5D NDP J . -16.25 -54.88 -16.52
C5D NDP J . -16.98 -55.31 -17.65
C4D NDP J . -18.15 -54.50 -18.00
O4D NDP J . -17.74 -53.15 -18.14
C3D NDP J . -18.69 -54.90 -19.31
O3D NDP J . -20.02 -54.52 -19.37
C2D NDP J . -17.94 -54.10 -20.21
O2D NDP J . -18.57 -53.99 -21.44
C1D NDP J . -17.93 -52.81 -19.48
N1N NDP J . -16.90 -51.95 -19.98
C2N NDP J . -17.21 -50.65 -20.17
C3N NDP J . -16.24 -49.76 -20.66
C7N NDP J . -16.64 -48.32 -20.85
O7N NDP J . -15.77 -47.48 -21.16
N7N NDP J . -18.00 -47.91 -20.68
C4N NDP J . -14.95 -50.22 -20.96
C5N NDP J . -14.67 -51.58 -20.76
C6N NDP J . -15.65 -52.43 -20.26
P2B NDP J . -10.41 -64.16 -14.86
O1X NDP J . -11.66 -64.75 -14.19
O2X NDP J . -10.11 -64.90 -16.10
O3X NDP J . -9.23 -64.25 -13.95
N1 UFP K . -32.74 -8.34 -16.76
C2 UFP K . -32.05 -9.12 -17.64
N3 UFP K . -32.71 -9.84 -18.57
C4 UFP K . -34.06 -9.82 -18.67
C5 UFP K . -34.79 -9.01 -17.76
C6 UFP K . -34.11 -8.32 -16.83
O2 UFP K . -30.83 -9.21 -17.65
O4 UFP K . -34.62 -10.47 -19.52
F5 UFP K . -36.13 -8.96 -17.81
C1' UFP K . -32.19 -7.49 -15.68
C2' UFP K . -30.90 -6.71 -16.00
C3' UFP K . -30.94 -5.69 -14.86
C4' UFP K . -32.42 -5.27 -14.89
O3' UFP K . -30.66 -6.30 -13.60
O4' UFP K . -33.13 -6.44 -15.40
C5' UFP K . -32.59 -4.08 -15.84
O5' UFP K . -33.08 -2.96 -15.11
P UFP K . -32.30 -1.67 -15.66
O1P UFP K . -31.41 -2.08 -16.93
O2P UFP K . -33.38 -0.57 -16.13
O3P UFP K . -31.43 -1.12 -14.60
C13 OEA L . -36.12 -13.59 -14.77
C12 OEA L . -35.99 -14.54 -13.75
C11 OEA L . -36.53 -14.30 -12.48
C10 OEA L . -37.16 -13.08 -12.24
C14 OEA L . -36.39 -15.32 -11.38
C15 OEA L . -35.62 -17.69 -11.05
C21 OEA L . -37.97 -18.69 -11.23
C3 OEA L . -35.78 -9.43 -14.31
C4 OEA L . -34.45 -9.91 -13.93
C5 OEA L . -36.85 -9.99 -15.04
C6 OEA L . -37.87 -9.04 -15.08
C2 OEA L . -36.17 -8.16 -13.92
C1 OEA L . -34.24 -7.69 -12.85
C16 OEA L . -34.32 -17.82 -10.60
C17 OEA L . -33.92 -18.92 -9.85
C18 OEA L . -34.82 -19.93 -9.57
C19 OEA L . -36.13 -19.82 -10.02
C20 OEA L . -36.54 -18.73 -10.76
C22 OEA L . -31.68 -18.93 -10.41
C7 OEA L . -36.89 -11.37 -15.64
C8 OEA L . -36.76 -12.39 -14.53
C9 OEA L . -37.29 -12.13 -13.26
N1 OEA L . -33.79 -8.95 -13.21
N2 OEA L . -35.42 -7.28 -13.19
N3 OEA L . -37.44 -7.93 -14.39
N4 OEA L . -33.33 -6.86 -12.08
N5 OEA L . -35.92 -16.49 -11.83
O1 OEA L . -33.93 -10.98 -14.18
O2 OEA L . -36.64 -15.13 -10.19
O3 OEA L . -38.60 -19.82 -10.80
O4 OEA L . -38.53 -17.84 -11.89
O5 OEA L . -32.62 -19.00 -9.40
N1 MTX M . -15.84 -45.81 -24.79
C2 MTX M . -14.81 -45.02 -24.31
NA2 MTX M . -14.90 -43.70 -24.40
N3 MTX M . -13.71 -45.61 -23.73
C4 MTX M . -13.62 -46.98 -23.62
NA4 MTX M . -12.56 -47.55 -23.04
C4A MTX M . -14.64 -47.77 -24.12
N5 MTX M . -14.56 -49.14 -24.03
C6 MTX M . -15.59 -49.93 -24.51
C7 MTX M . -16.70 -49.33 -25.09
N8 MTX M . -16.78 -47.96 -25.19
C8A MTX M . -15.76 -47.18 -24.70
C9 MTX M . -15.50 -51.43 -24.40
N10 MTX M . -14.38 -51.90 -25.19
CM MTX M . -13.10 -52.17 -24.51
C11 MTX M . -14.42 -51.41 -29.36
C12 MTX M . -15.60 -51.65 -28.67
C13 MTX M . -15.59 -51.82 -27.29
C14 MTX M . -14.40 -51.74 -26.60
C15 MTX M . -13.21 -51.50 -27.29
C16 MTX M . -13.22 -51.34 -28.66
C MTX M . -14.43 -51.23 -30.84
O MTX M . -15.43 -51.87 -31.58
N MTX M . -13.48 -50.49 -31.41
CA MTX M . -13.40 -50.26 -32.84
CT MTX M . -12.01 -49.90 -33.23
O1 MTX M . -11.14 -49.71 -32.35
O2 MTX M . -11.69 -49.80 -34.44
CB MTX M . -14.36 -49.11 -33.15
CG MTX M . -14.93 -49.19 -34.56
CD MTX M . -15.74 -47.94 -34.82
OE1 MTX M . -15.37 -47.09 -35.66
OE2 MTX M . -16.83 -47.76 -34.22
PA NDP N . 52.89 21.28 31.27
O1A NDP N . 52.40 20.12 30.44
O2A NDP N . 51.86 22.37 31.27
O5B NDP N . 53.11 20.84 32.72
C5B NDP N . 54.05 19.83 33.01
C4B NDP N . 54.27 19.51 34.42
O4B NDP N . 53.16 18.85 34.98
C3B NDP N . 55.37 18.56 34.59
O3B NDP N . 56.61 19.18 34.57
C2B NDP N . 55.08 17.99 35.88
O2B NDP N . 55.38 18.92 36.88
C1B NDP N . 53.65 17.81 35.81
N9A NDP N . 53.35 16.54 35.26
C8A NDP N . 53.35 16.21 33.95
N7A NDP N . 53.04 14.90 33.81
C5A NDP N . 52.83 14.38 35.07
C6A NDP N . 52.48 13.10 35.57
N6A NDP N . 52.24 11.96 34.64
N1A NDP N . 52.35 12.91 36.91
C2A NDP N . 52.55 13.95 37.75
N3A NDP N . 52.88 15.18 37.33
C4A NDP N . 53.03 15.41 35.98
O3 NDP N . 54.28 21.85 30.71
PN NDP N . 54.51 22.16 29.16
O1N NDP N . 55.96 22.60 28.90
O2N NDP N . 54.24 20.91 28.35
O5D NDP N . 53.51 23.36 28.72
C5D NDP N . 53.92 24.68 28.94
C4D NDP N . 53.94 25.58 27.80
O4D NDP N . 52.75 25.36 27.02
C3D NDP N . 53.90 26.99 28.20
O3D NDP N . 54.62 27.75 27.29
C2D NDP N . 52.53 27.34 28.13
O2D NDP N . 52.39 28.72 27.92
C1D NDP N . 52.06 26.55 26.97
N1N NDP N . 50.64 26.35 27.02
C2N NDP N . 49.93 26.64 25.91
C3N NDP N . 48.54 26.47 25.88
C7N NDP N . 47.80 26.81 24.59
O7N NDP N . 46.58 26.56 24.50
N7N NDP N . 48.48 27.40 23.49
C4N NDP N . 47.88 25.97 27.02
C5N NDP N . 48.65 25.68 28.15
C6N NDP N . 50.03 25.87 28.14
P2B NDP N . 56.00 18.46 38.25
O1X NDP N . 57.53 18.37 38.08
O2X NDP N . 55.66 19.45 39.27
O3X NDP N . 55.44 17.14 38.68
N1 UFP O . 36.75 32.22 -16.90
C2 UFP O . 36.37 32.60 -15.65
N3 UFP O . 36.80 33.77 -15.13
C4 UFP O . 37.60 34.59 -15.83
C5 UFP O . 38.00 34.22 -17.13
C6 UFP O . 37.57 33.04 -17.63
O2 UFP O . 35.64 31.92 -14.93
O4 UFP O . 37.98 35.64 -15.34
F5 UFP O . 38.81 34.98 -17.89
C1' UFP O . 36.37 30.99 -17.62
C2' UFP O . 34.86 30.65 -17.60
C3' UFP O . 34.72 29.77 -18.84
C4' UFP O . 35.69 30.43 -19.83
O3' UFP O . 35.15 28.43 -18.58
O4' UFP O . 36.62 31.22 -19.03
C5' UFP O . 34.94 31.28 -20.85
O5' UFP O . 34.20 30.38 -21.68
P UFP O . 32.88 31.10 -22.22
O1P UFP O . 32.39 30.29 -23.51
O2P UFP O . 31.81 31.04 -21.19
O3P UFP O . 33.15 32.64 -22.59
C13 OEA P . 42.92 32.42 -14.71
C12 OEA P . 43.88 31.53 -14.24
C11 OEA P . 44.66 30.78 -15.13
C10 OEA P . 44.46 30.95 -16.51
C14 OEA P . 45.69 29.82 -14.64
C15 OEA P . 46.78 29.15 -12.44
C21 OEA P . 48.77 30.72 -12.71
C3 OEA P . 40.50 31.84 -18.11
C4 OEA P . 40.07 30.74 -17.24
C5 OEA P . 41.17 33.05 -17.89
C6 OEA P . 41.28 33.68 -19.14
C2 OEA P . 40.20 31.76 -19.47
C1 OEA P . 39.18 29.75 -19.31
C16 OEA P . 46.26 27.99 -11.88
C17 OEA P . 47.03 27.18 -11.04
C18 OEA P . 48.35 27.54 -10.77
C19 OEA P . 48.88 28.69 -11.33
C20 OEA P . 48.11 29.49 -12.16
C22 OEA P . 45.18 26.18 -10.09
C7 OEA P . 41.69 33.55 -16.59
C8 OEA P . 42.73 32.59 -16.08
C9 OEA P . 43.50 31.85 -16.98
N1 OEA P . 39.44 29.77 -17.96
N2 OEA P . 39.56 30.73 -20.08
N3 OEA P . 40.69 32.88 -20.08
N4 OEA P . 38.48 28.58 -19.84
N5 OEA P . 45.89 29.92 -13.31
O1 OEA P . 40.24 30.62 -16.02
O2 OEA P . 46.29 29.02 -15.35
O3 OEA P . 50.06 30.76 -12.29
O4 OEA P . 48.28 31.58 -13.42
O5 OEA P . 46.49 26.05 -10.49
N1 MTX Q . 44.04 29.47 24.27
C2 MTX Q . 43.18 28.43 23.98
NA2 MTX Q . 42.41 28.49 22.90
N3 MTX Q . 43.11 27.32 24.81
C4 MTX Q . 43.91 27.26 25.94
NA4 MTX Q . 43.88 26.17 26.71
C4A MTX Q . 44.77 28.30 26.23
N5 MTX Q . 45.57 28.23 27.35
C6 MTX Q . 46.44 29.27 27.64
C7 MTX Q . 46.49 30.38 26.80
N8 MTX Q . 45.69 30.44 25.67
C8A MTX Q . 44.83 29.41 25.39
C9 MTX Q . 47.31 29.21 28.87
N10 MTX Q . 46.46 29.17 30.06
CM MTX Q . 46.17 27.87 30.68
C11 MTX Q . 44.10 32.50 31.03
C12 MTX Q . 45.34 32.69 30.43
C13 MTX Q . 46.13 31.58 30.11
C14 MTX Q . 45.66 30.30 30.38
C15 MTX Q . 44.42 30.12 30.97
C16 MTX Q . 43.64 31.21 31.31
C MTX Q . 43.23 33.67 31.37
O MTX Q . 43.86 34.89 31.66
N MTX Q . 41.92 33.51 31.40
CA MTX Q . 41.03 34.61 31.74
CT MTX Q . 39.73 34.04 32.22
O1 MTX Q . 39.53 32.81 32.13
O2 MTX Q . 38.84 34.79 32.71
CB MTX Q . 40.81 35.47 30.51
CG MTX Q . 40.56 36.92 30.87
CD MTX Q . 40.22 37.72 29.64
OE1 MTX Q . 39.07 38.20 29.49
OE2 MTX Q . 41.09 37.93 28.77
PA NDP R . -44.95 -33.67 44.01
O1A NDP R . -44.69 -32.69 45.13
O2A NDP R . -44.36 -35.00 44.37
O5B NDP R . -46.47 -33.84 43.80
C5B NDP R . -47.25 -32.74 43.43
C4B NDP R . -48.68 -32.97 43.18
O4B NDP R . -49.38 -33.12 44.41
C3B NDP R . -49.31 -31.84 42.53
O3B NDP R . -49.14 -31.88 41.16
C2B NDP R . -50.70 -32.03 42.89
O2B NDP R . -51.27 -33.07 42.14
C1B NDP R . -50.62 -32.44 44.27
N9A NDP R . -50.67 -31.31 45.13
C8A NDP R . -49.62 -30.59 45.57
N7A NDP R . -50.06 -29.60 46.37
C5A NDP R . -51.43 -29.67 46.44
C6A NDP R . -52.45 -28.93 47.10
N6A NDP R . -52.07 -27.77 47.95
N1A NDP R . -53.75 -29.28 46.97
C2A NDP R . -54.07 -30.35 46.20
N3A NDP R . -53.16 -31.08 45.55
C4A NDP R . -51.82 -30.77 45.66
O3 NDP R . -44.29 -33.18 42.64
PN NDP R . -42.78 -32.72 42.59
O1N NDP R . -42.42 -32.22 41.18
O2N NDP R . -42.57 -31.58 43.57
O5D NDP R . -41.81 -33.95 42.99
C5D NDP R . -41.44 -34.89 42.03
C4D NDP R . -40.01 -35.10 41.81
O4D NDP R . -39.34 -35.12 43.07
C3D NDP R . -39.72 -36.40 41.19
O3D NDP R . -38.55 -36.28 40.44
C2D NDP R . -39.50 -37.26 42.30
O2D NDP R . -38.74 -38.37 41.92
C1D NDP R . -38.75 -36.37 43.22
N1N NDP R . -38.81 -36.82 44.58
C2N NDP R . -37.66 -36.95 45.25
C3N NDP R . -37.64 -37.39 46.58
C7N NDP R . -36.31 -37.51 47.30
O7N NDP R . -36.30 -37.76 48.52
N7N NDP R . -35.06 -37.34 46.61
C4N NDP R . -38.85 -37.68 47.23
C5N NDP R . -40.03 -37.54 46.50
C6N NDP R . -40.01 -37.11 45.17
P2B NDP R . -52.54 -32.85 41.26
O1X NDP R . -52.08 -32.37 39.87
O2X NDP R . -53.28 -34.12 41.16
O3X NDP R . -53.43 -31.82 41.89
N1 UFP S . 3.88 -29.50 61.51
C2 UFP S . 2.97 -30.51 61.56
N3 UFP S . 2.99 -31.50 60.64
C4 UFP S . 3.91 -31.53 59.66
C5 UFP S . 4.87 -30.49 59.59
C6 UFP S . 4.83 -29.52 60.51
O2 UFP S . 2.09 -30.58 62.40
O4 UFP S . 3.91 -32.43 58.84
F5 UFP S . 5.82 -30.48 58.63
C1' UFP S . 3.99 -28.36 62.43
C2' UFP S . 3.88 -28.71 63.94
C3' UFP S . 4.68 -27.58 64.61
C4' UFP S . 5.82 -27.36 63.60
O3' UFP S . 3.89 -26.40 64.73
O4' UFP S . 5.34 -27.82 62.32
C5' UFP S . 7.07 -28.14 64.01
O5' UFP S . 7.94 -27.29 64.77
P UFP S . 8.33 -28.09 66.12
O1P UFP S . 8.51 -29.65 65.79
O2P UFP S . 9.70 -27.51 66.71
O3P UFP S . 7.24 -27.91 67.10
C13 OEA T . 1.68 -27.73 55.44
C12 OEA T . 0.84 -26.76 54.90
C11 OEA T . 1.31 -25.48 54.62
C10 OEA T . 2.64 -25.17 54.92
C14 OEA T . 0.36 -24.46 54.05
C15 OEA T . -1.95 -24.44 53.00
C21 OEA T . -1.04 -24.42 50.62
C3 OEA T . 4.68 -27.08 58.35
C4 OEA T . 3.47 -26.63 59.04
C5 OEA T . 4.92 -27.86 57.19
C6 OEA T . 6.31 -27.94 57.04
C2 OEA T . 5.91 -26.70 58.85
C1 OEA T . 5.05 -25.52 60.57
C16 OEA T . -2.99 -24.17 53.87
C17 OEA T . -4.19 -23.63 53.42
C18 OEA T . -4.35 -23.34 52.06
C19 OEA T . -3.31 -23.60 51.18
C20 OEA T . -2.11 -24.16 51.63
C22 OEA T . -5.26 -24.24 55.38
C7 OEA T . 3.89 -28.50 56.31
C8 OEA T . 3.00 -27.43 55.72
C9 OEA T . 3.48 -26.15 55.45
N1 OEA T . 3.79 -25.87 60.13
N2 OEA T . 6.12 -25.92 59.96
N3 OEA T . 6.89 -27.22 58.06
N4 OEA T . 5.13 -24.69 61.78
N5 OEA T . -0.76 -25.04 53.59
O1 OEA T . 2.28 -26.85 58.76
O2 OEA T . 0.57 -23.25 53.97
O3 OEA T . -1.49 -24.05 49.39
O4 OEA T . 0.08 -24.90 50.81
O5 OEA T . -5.21 -23.36 54.31
N1 MTX U . -34.57 -41.18 49.62
C2 MTX U . -34.71 -40.62 50.89
NA2 MTX U . -33.67 -40.59 51.71
N3 MTX U . -35.93 -40.11 51.29
C4 MTX U . -37.02 -40.15 50.44
NA4 MTX U . -38.17 -39.61 50.80
C4A MTX U . -36.87 -40.72 49.17
N5 MTX U . -37.95 -40.76 48.31
C6 MTX U . -37.82 -41.31 47.06
C7 MTX U . -36.59 -41.83 46.66
N8 MTX U . -35.51 -41.77 47.52
C8A MTX U . -35.64 -41.23 48.77
C9 MTX U . -39.01 -41.36 46.12
N10 MTX U . -40.07 -42.18 46.67
CM MTX U . -41.21 -41.54 47.34
C11 MTX U . -39.41 -46.30 47.19
C12 MTX U . -38.84 -45.64 46.10
C13 MTX U . -39.06 -44.27 45.94
C14 MTX U . -39.84 -43.58 46.84
C15 MTX U . -40.41 -44.25 47.92
C16 MTX U . -40.21 -45.61 48.09
C MTX U . -39.17 -47.76 47.39
O MTX U . -38.92 -48.56 46.27
N MTX U . -39.21 -48.24 48.63
CA MTX U . -38.98 -49.63 48.94
CT MTX U . -39.59 -49.95 50.28
O1 MTX U . -40.04 -49.01 50.96
O2 MTX U . -39.64 -51.13 50.70
CB MTX U . -37.47 -49.85 48.99
CG MTX U . -37.09 -51.27 48.60
CD MTX U . -35.60 -51.47 48.79
OE1 MTX U . -35.17 -52.22 49.68
OE2 MTX U . -34.80 -50.88 48.03
PA NDP V . -17.90 8.71 4.69
O1A NDP V . -17.35 9.56 5.82
O2A NDP V . -16.75 8.30 3.82
O5B NDP V . -18.58 7.46 5.25
C5B NDP V . -19.69 7.59 6.10
C4B NDP V . -20.34 6.36 6.55
O4B NDP V . -19.53 5.71 7.51
C3B NDP V . -21.59 6.61 7.25
O3B NDP V . -22.66 6.76 6.37
C2B NDP V . -21.72 5.44 8.07
O2B NDP V . -22.01 4.30 7.30
C1B NDP V . -20.37 5.27 8.56
N9A NDP V . -20.16 6.09 9.72
C8A NDP V . -19.68 7.35 9.72
N7A NDP V . -19.60 7.80 10.98
C5A NDP V . -20.04 6.81 11.82
C6A NDP V . -20.18 6.69 13.23
N6A NDP V . -19.81 7.84 14.09
N1A NDP V . -20.65 5.54 13.77
C2A NDP V . -20.98 4.51 12.95
N3A NDP V . -20.86 4.57 11.62
C4A NDP V . -20.38 5.72 11.02
O3 NDP V . -18.95 9.55 3.82
PN NDP V . -18.58 10.98 3.26
O1N NDP V . -19.78 11.59 2.52
O2N NDP V . -18.19 11.88 4.40
O5D NDP V . -17.34 10.82 2.23
C5D NDP V . -17.59 10.58 0.87
C4D NDP V . -17.01 11.51 -0.10
O4D NDP V . -15.77 11.99 0.40
C3D NDP V . -16.73 10.84 -1.38
O3D NDP V . -16.95 11.74 -2.40
C2D NDP V . -15.35 10.53 -1.30
O2D NDP V . -14.79 10.44 -2.58
C1D NDP V . -14.81 11.68 -0.56
N1N NDP V . -13.55 11.37 0.03
C2N NDP V . -12.51 12.17 -0.23
C3N NDP V . -11.25 11.93 0.31
C7N NDP V . -10.12 12.88 -0.03
O7N NDP V . -9.02 12.77 0.55
N7N NDP V . -10.29 13.90 -1.02
C4N NDP V . -11.05 10.83 1.16
C5N NDP V . -12.16 10.01 1.43
C6N NDP V . -13.40 10.29 0.86
P2B NDP V . -23.27 3.44 7.59
O1X NDP V . -24.46 4.00 6.78
O2X NDP V . -23.01 2.04 7.21
O3X NDP V . -23.59 3.47 9.04
N1 UFP W . 12.40 49.17 -8.40
C2 UFP W . 12.47 47.81 -8.38
N3 UFP W . 12.14 47.10 -9.48
C4 UFP W . 11.73 47.69 -10.62
C5 UFP W . 11.64 49.11 -10.65
C6 UFP W . 11.97 49.81 -9.53
O2 UFP W . 12.83 47.16 -7.41
O4 UFP W . 11.43 47.03 -11.59
F5 UFP W . 11.24 49.78 -11.75
C1' UFP W . 12.73 50.09 -7.28
C2' UFP W . 14.00 49.77 -6.47
C3' UFP W . 14.18 51.12 -5.75
C4' UFP W . 13.91 52.10 -6.90
O3' UFP W . 13.20 51.30 -4.73
O4' UFP W . 13.03 51.40 -7.82
C5' UFP W . 15.22 52.49 -7.59
O5' UFP W . 15.64 53.77 -7.12
P UFP W . 17.25 53.79 -7.12
O1P UFP W . 17.80 54.32 -8.54
O2P UFP W . 17.72 54.69 -6.03
O3P UFP W . 17.82 52.31 -6.88
C13 OEA X . 5.90 48.34 -9.87
C12 OEA X . 4.70 48.30 -9.15
C11 OEA X . 4.04 49.48 -8.81
C10 OEA X . 4.60 50.71 -9.20
C14 OEA X . 2.75 49.41 -8.04
C15 OEA X . 1.06 47.62 -7.41
C21 OEA X . -0.39 48.08 -9.46
C3 OEA X . 9.02 51.15 -9.43
C4 OEA X . 8.97 50.53 -8.10
C5 OEA X . 8.52 50.80 -10.70
C6 OEA X . 8.89 51.80 -11.59
C2 OEA X . 9.68 52.36 -9.58
C1 OEA X . 10.26 52.50 -7.40
C16 OEA X . 1.17 47.13 -6.12
C17 OEA X . 0.07 46.60 -5.46
C18 OEA X . -1.16 46.56 -6.10
C19 OEA X . -1.29 47.04 -7.39
C20 OEA X . -0.18 47.57 -8.06
C22 OEA X . 1.46 45.62 -3.89
C7 OEA X . 7.73 49.57 -11.02
C8 OEA X . 6.44 49.56 -10.25
C9 OEA X . 5.79 50.74 -9.92
N1 OEA X . 9.63 51.31 -7.19
N2 OEA X . 10.31 53.05 -8.58
N3 OEA X . 9.60 52.75 -10.89
N4 OEA X . 10.89 53.13 -6.24
N5 OEA X . 2.28 48.15 -8.04
O1 OEA X . 8.45 49.48 -7.76
O2 OEA X . 2.18 50.36 -7.51
O3 OEA X . -1.68 47.90 -9.82
O4 OEA X . 0.45 48.57 -10.22
O5 OEA X . 0.20 46.12 -4.18
N1 MTX Y . -5.76 11.97 -1.60
C2 MTX Y . -5.11 12.23 -0.41
NA2 MTX Y . -4.07 13.06 -0.37
N3 MTX Y . -5.54 11.62 0.76
C4 MTX Y . -6.62 10.76 0.74
NA4 MTX Y . -7.06 10.24 1.88
C4A MTX Y . -7.27 10.51 -0.47
N5 MTX Y . -8.36 9.64 -0.50
C6 MTX Y . -9.00 9.40 -1.70
C7 MTX Y . -8.55 10.01 -2.86
N8 MTX Y . -7.47 10.87 -2.83
C8A MTX Y . -6.84 11.12 -1.63
C9 MTX Y . -10.19 8.45 -1.74
N10 MTX Y . -9.77 7.12 -1.34
CM MTX Y . -9.98 6.71 0.06
C11 MTX Y . -7.05 4.95 -3.69
C12 MTX Y . -7.98 5.79 -4.31
C13 MTX Y . -8.89 6.50 -3.53
C14 MTX Y . -8.86 6.39 -2.14
C15 MTX Y . -7.91 5.57 -1.53
C16 MTX Y . -7.01 4.84 -2.31
C MTX Y . -6.07 4.18 -4.51
O MTX Y . -6.42 3.80 -5.81
N MTX Y . -4.89 3.86 -3.96
CA MTX Y . -3.89 3.11 -4.68
CT MTX Y . -2.92 2.50 -3.69
O1 MTX Y . -3.00 2.83 -2.49
O2 MTX Y . -2.06 1.67 -4.07
CB MTX Y . -3.09 4.06 -5.56
CG MTX Y . -2.55 3.38 -6.80
CD MTX Y . -1.65 4.38 -7.49
OE1 MTX Y . -0.42 4.17 -7.56
OE2 MTX Y . -2.12 5.43 -7.98
#